data_9QG1
#
_entry.id   9QG1
#
_cell.length_a   1.00
_cell.length_b   1.00
_cell.length_c   1.00
_cell.angle_alpha   90.00
_cell.angle_beta   90.00
_cell.angle_gamma   90.00
#
_symmetry.space_group_name_H-M   'P 1'
#
loop_
_entity.id
_entity.type
_entity.pdbx_description
1 polymer Rubrerythrin
2 non-polymer 'FE (III) ION'
#
_entity_poly.entity_id   1
_entity_poly.type   'polypeptide(L)'
_entity_poly.pdbx_seq_one_letter_code
;MVVKRTMTKKFLEEAFAGESMAHMRYLIFAEKAEQEGFPNIAKLFRAIAYAEFVHAKNHFIALGKLGKTPENLQMGIEGE
TFEVEEMYPVYNKAAEFQGEKEAVRTTHYALEAEKIHAELYRKAKEKAEKGEDIEIKKVYICPICGYTAVDEAPEYCPVC
GAPKEKFVVFE
;
_entity_poly.pdbx_strand_id   A,B,C,D,E,F,G,H,I,J,K,L,M,N,O,P
#
loop_
_chem_comp.id
_chem_comp.type
_chem_comp.name
_chem_comp.formula
FE non-polymer 'FE (III) ION' 'Fe 3'
#
# COMPACT_ATOMS: atom_id res chain seq x y z
N MET A 1 20.67 32.98 -61.54
CA MET A 1 20.58 31.53 -61.40
C MET A 1 19.19 31.09 -60.94
N VAL A 2 19.11 29.92 -60.33
CA VAL A 2 17.84 29.37 -59.88
C VAL A 2 17.73 29.55 -58.37
N VAL A 3 16.55 29.97 -57.91
CA VAL A 3 16.30 30.09 -56.47
C VAL A 3 16.35 28.71 -55.85
N LYS A 4 17.09 28.59 -54.74
CA LYS A 4 17.30 27.30 -54.09
C LYS A 4 16.72 27.22 -52.69
N ARG A 5 16.65 28.33 -51.96
CA ARG A 5 16.07 28.30 -50.62
C ARG A 5 14.57 28.01 -50.69
N THR A 6 14.10 27.23 -49.73
CA THR A 6 12.73 26.71 -49.80
C THR A 6 11.69 27.79 -49.50
N MET A 7 11.97 28.66 -48.52
CA MET A 7 10.97 29.63 -48.10
C MET A 7 10.68 30.66 -49.19
N THR A 8 11.73 31.24 -49.77
CA THR A 8 11.52 32.21 -50.84
C THR A 8 10.98 31.53 -52.10
N LYS A 9 11.30 30.25 -52.31
CA LYS A 9 10.70 29.52 -53.42
C LYS A 9 9.20 29.37 -53.23
N LYS A 10 8.77 29.02 -52.01
CA LYS A 10 7.35 28.95 -51.72
C LYS A 10 6.68 30.30 -51.90
N PHE A 11 7.33 31.37 -51.44
CA PHE A 11 6.77 32.71 -51.61
C PHE A 11 6.63 33.07 -53.08
N LEU A 12 7.62 32.72 -53.91
CA LEU A 12 7.53 32.98 -55.33
C LEU A 12 6.41 32.17 -55.98
N GLU A 13 6.23 30.92 -55.54
CA GLU A 13 5.12 30.10 -56.05
C GLU A 13 3.78 30.75 -55.76
N GLU A 14 3.59 31.21 -54.51
CA GLU A 14 2.34 31.85 -54.15
C GLU A 14 2.14 33.16 -54.92
N ALA A 15 3.22 33.92 -55.12
CA ALA A 15 3.14 35.14 -55.90
C ALA A 15 2.73 34.86 -57.34
N PHE A 16 3.31 33.82 -57.94
CA PHE A 16 2.95 33.44 -59.30
C PHE A 16 1.48 33.03 -59.39
N ALA A 17 1.02 32.25 -58.41
CA ALA A 17 -0.39 31.84 -58.40
C ALA A 17 -1.31 33.05 -58.30
N GLY A 18 -0.98 33.99 -57.40
CA GLY A 18 -1.80 35.19 -57.26
C GLY A 18 -1.80 36.04 -58.52
N GLU A 19 -0.64 36.16 -59.17
CA GLU A 19 -0.57 36.95 -60.39
C GLU A 19 -1.38 36.32 -61.52
N SER A 20 -1.32 35.00 -61.66
CA SER A 20 -2.11 34.32 -62.67
C SER A 20 -3.59 34.47 -62.40
N MET A 21 -4.01 34.32 -61.14
CA MET A 21 -5.42 34.50 -60.80
C MET A 21 -5.88 35.93 -61.08
N ALA A 22 -5.04 36.91 -60.76
CA ALA A 22 -5.39 38.30 -61.04
C ALA A 22 -5.52 38.54 -62.55
N HIS A 23 -4.62 37.98 -63.34
CA HIS A 23 -4.73 38.13 -64.79
C HIS A 23 -6.02 37.53 -65.32
N MET A 24 -6.37 36.33 -64.82
CA MET A 24 -7.63 35.71 -65.24
C MET A 24 -8.82 36.56 -64.86
N ARG A 25 -8.83 37.09 -63.63
CA ARG A 25 -9.96 37.89 -63.17
C ARG A 25 -10.10 39.17 -63.99
N TYR A 26 -8.98 39.82 -64.28
CA TYR A 26 -9.04 41.05 -65.09
C TYR A 26 -9.50 40.74 -66.51
N LEU A 27 -9.04 39.63 -67.09
CA LEU A 27 -9.49 39.26 -68.43
C LEU A 27 -10.98 38.97 -68.44
N ILE A 28 -11.48 38.29 -67.41
CA ILE A 28 -12.92 38.02 -67.33
C ILE A 28 -13.70 39.31 -67.19
N PHE A 29 -13.23 40.24 -66.35
CA PHE A 29 -13.95 41.50 -66.15
C PHE A 29 -13.93 42.36 -67.42
N ALA A 30 -12.87 42.27 -68.22
CA ALA A 30 -12.77 43.11 -69.41
C ALA A 30 -13.88 42.80 -70.41
N GLU A 31 -14.20 41.52 -70.59
CA GLU A 31 -15.25 41.16 -71.54
C GLU A 31 -16.61 41.70 -71.12
N LYS A 32 -16.94 41.59 -69.82
CA LYS A 32 -18.19 42.17 -69.34
C LYS A 32 -18.18 43.69 -69.45
N ALA A 33 -17.04 44.33 -69.19
CA ALA A 33 -16.96 45.77 -69.34
C ALA A 33 -17.22 46.19 -70.78
N GLU A 34 -16.63 45.47 -71.74
CA GLU A 34 -16.87 45.80 -73.14
C GLU A 34 -18.28 45.41 -73.59
N GLN A 35 -18.88 44.42 -72.93
CA GLN A 35 -20.25 44.04 -73.25
C GLN A 35 -21.25 45.12 -72.86
N GLU A 36 -20.95 45.81 -71.76
CA GLU A 36 -21.86 46.89 -71.29
C GLU A 36 -21.47 48.21 -71.98
N GLY A 37 -21.90 49.35 -71.42
CA GLY A 37 -21.59 50.65 -72.04
C GLY A 37 -20.28 51.23 -71.55
N PHE A 38 -19.21 50.42 -71.51
CA PHE A 38 -17.93 50.91 -70.94
C PHE A 38 -16.73 50.39 -71.75
N PRO A 39 -16.54 50.78 -73.03
CA PRO A 39 -15.44 50.25 -73.84
C PRO A 39 -14.05 50.62 -73.32
N ASN A 40 -13.90 51.81 -72.72
CA ASN A 40 -12.59 52.24 -72.24
C ASN A 40 -12.13 51.38 -71.06
N ILE A 41 -13.07 50.97 -70.21
CA ILE A 41 -12.73 50.13 -69.07
C ILE A 41 -12.15 48.80 -69.54
N ALA A 42 -12.60 48.31 -70.69
CA ALA A 42 -12.00 47.10 -71.27
C ALA A 42 -10.53 47.33 -71.61
N LYS A 43 -10.21 48.49 -72.19
CA LYS A 43 -8.82 48.79 -72.50
C LYS A 43 -7.97 48.88 -71.24
N LEU A 44 -8.50 49.54 -70.21
CA LEU A 44 -7.75 49.66 -68.96
C LEU A 44 -7.53 48.29 -68.32
N PHE A 45 -8.56 47.44 -68.34
CA PHE A 45 -8.43 46.09 -67.79
C PHE A 45 -7.42 45.28 -68.58
N ARG A 46 -7.42 45.41 -69.90
CA ARG A 46 -6.45 44.68 -70.71
C ARG A 46 -5.02 45.13 -70.43
N ALA A 47 -4.81 46.43 -70.28
CA ALA A 47 -3.47 46.92 -69.94
C ALA A 47 -3.02 46.42 -68.57
N ILE A 48 -3.92 46.46 -67.59
CA ILE A 48 -3.57 45.98 -66.25
C ILE A 48 -3.29 44.47 -66.28
N ALA A 49 -4.06 43.73 -67.06
CA ALA A 49 -3.84 42.29 -67.21
C ALA A 49 -2.48 42.02 -67.85
N TYR A 50 -2.10 42.83 -68.84
CA TYR A 50 -0.77 42.67 -69.44
C TYR A 50 0.32 42.95 -68.43
N ALA A 51 0.13 43.95 -67.57
CA ALA A 51 1.10 44.22 -66.52
C ALA A 51 1.21 43.04 -65.55
N GLU A 52 0.08 42.46 -65.17
CA GLU A 52 0.10 41.29 -64.29
C GLU A 52 0.79 40.12 -64.99
N PHE A 53 0.59 39.97 -66.29
CA PHE A 53 1.28 38.93 -67.05
C PHE A 53 2.78 39.16 -67.04
N VAL A 54 3.22 40.41 -67.15
CA VAL A 54 4.65 40.71 -67.09
C VAL A 54 5.21 40.34 -65.72
N HIS A 55 4.48 40.67 -64.65
CA HIS A 55 4.93 40.30 -63.31
C HIS A 55 5.02 38.79 -63.15
N ALA A 56 4.01 38.06 -63.65
CA ALA A 56 4.01 36.61 -63.54
C ALA A 56 5.14 36.00 -64.37
N LYS A 57 5.43 36.57 -65.54
CA LYS A 57 6.54 36.09 -66.35
C LYS A 57 7.87 36.31 -65.64
N ASN A 58 8.04 37.46 -64.98
CA ASN A 58 9.25 37.69 -64.20
C ASN A 58 9.38 36.68 -63.06
N HIS A 59 8.27 36.40 -62.38
CA HIS A 59 8.30 35.40 -61.31
C HIS A 59 8.66 34.02 -61.84
N PHE A 60 8.09 33.65 -63.01
CA PHE A 60 8.41 32.36 -63.62
C PHE A 60 9.87 32.28 -64.01
N ILE A 61 10.42 33.37 -64.56
CA ILE A 61 11.83 33.39 -64.94
C ILE A 61 12.71 33.23 -63.71
N ALA A 62 12.36 33.91 -62.62
CA ALA A 62 13.19 33.87 -61.41
C ALA A 62 13.30 32.46 -60.84
N LEU A 63 12.32 31.59 -61.12
CA LEU A 63 12.35 30.23 -60.62
C LEU A 63 13.12 29.27 -61.51
N GLY A 64 13.46 29.68 -62.74
CA GLY A 64 14.22 28.82 -63.61
C GLY A 64 13.44 27.68 -64.23
N LYS A 65 12.12 27.70 -64.15
CA LYS A 65 11.31 26.63 -64.72
C LYS A 65 11.25 26.68 -66.24
N LEU A 66 11.56 27.82 -66.85
CA LEU A 66 11.51 27.94 -68.30
C LEU A 66 12.68 27.20 -68.94
N GLY A 67 12.44 26.67 -70.13
CA GLY A 67 13.45 25.92 -70.85
C GLY A 67 13.15 25.87 -72.33
N LYS A 68 13.96 25.08 -73.03
CA LYS A 68 13.82 24.96 -74.47
C LYS A 68 12.52 24.25 -74.84
N THR A 69 12.02 24.56 -76.04
CA THR A 69 10.72 24.05 -76.46
C THR A 69 10.60 22.52 -76.40
N PRO A 70 11.60 21.72 -76.82
CA PRO A 70 11.46 20.25 -76.71
C PRO A 70 11.09 19.80 -75.29
N GLU A 71 11.89 20.19 -74.30
CA GLU A 71 11.56 19.86 -72.93
C GLU A 71 10.39 20.69 -72.39
N ASN A 72 10.10 21.82 -73.03
CA ASN A 72 8.98 22.65 -72.59
C ASN A 72 7.64 21.97 -72.86
N LEU A 73 7.53 21.27 -74.00
CA LEU A 73 6.27 20.63 -74.35
C LEU A 73 5.93 19.50 -73.38
N GLN A 74 6.93 18.93 -72.71
CA GLN A 74 6.67 17.84 -71.77
C GLN A 74 5.83 18.32 -70.59
N MET A 75 6.09 19.55 -70.13
CA MET A 75 5.29 20.10 -69.04
C MET A 75 3.83 20.22 -69.43
N GLY A 76 3.56 20.70 -70.64
CA GLY A 76 2.18 20.78 -71.11
C GLY A 76 1.54 19.42 -71.27
N ILE A 77 2.30 18.45 -71.78
CA ILE A 77 1.76 17.09 -71.93
C ILE A 77 1.39 16.52 -70.57
N GLU A 78 2.27 16.65 -69.59
CA GLU A 78 2.00 16.12 -68.26
C GLU A 78 0.83 16.83 -67.61
N GLY A 79 0.75 18.15 -67.74
CA GLY A 79 -0.36 18.88 -67.18
C GLY A 79 -1.70 18.47 -67.78
N GLU A 80 -1.74 18.36 -69.11
CA GLU A 80 -2.98 17.94 -69.76
C GLU A 80 -3.37 16.52 -69.35
N THR A 81 -2.39 15.62 -69.26
CA THR A 81 -2.68 14.24 -68.85
C THR A 81 -3.24 14.20 -67.44
N PHE A 82 -2.64 14.94 -66.52
CA PHE A 82 -3.14 14.96 -65.15
C PHE A 82 -4.52 15.58 -65.08
N GLU A 83 -4.76 16.64 -65.86
CA GLU A 83 -6.07 17.29 -65.85
C GLU A 83 -7.15 16.37 -66.39
N VAL A 84 -6.85 15.61 -67.43
CA VAL A 84 -7.89 14.81 -68.08
C VAL A 84 -8.07 13.44 -67.43
N GLU A 85 -7.06 12.92 -66.73
CA GLU A 85 -7.12 11.55 -66.24
C GLU A 85 -7.46 11.42 -64.76
N GLU A 86 -7.19 12.43 -63.96
CA GLU A 86 -7.38 12.27 -62.51
C GLU A 86 -8.26 13.34 -61.89
N MET A 87 -8.19 14.58 -62.37
CA MET A 87 -8.83 15.70 -61.70
C MET A 87 -10.31 15.83 -62.08
N TYR A 88 -10.58 16.05 -63.36
CA TYR A 88 -11.95 16.33 -63.80
C TYR A 88 -12.92 15.19 -63.54
N PRO A 89 -12.60 13.92 -63.80
CA PRO A 89 -13.55 12.86 -63.43
C PRO A 89 -13.93 12.86 -61.97
N VAL A 90 -12.97 13.08 -61.07
CA VAL A 90 -13.28 13.06 -59.64
C VAL A 90 -14.13 14.25 -59.26
N TYR A 91 -13.83 15.44 -59.80
CA TYR A 91 -14.67 16.59 -59.50
C TYR A 91 -16.07 16.41 -60.05
N ASN A 92 -16.20 15.81 -61.24
CA ASN A 92 -17.53 15.52 -61.78
C ASN A 92 -18.30 14.56 -60.91
N LYS A 93 -17.65 13.50 -60.42
CA LYS A 93 -18.33 12.55 -59.54
C LYS A 93 -18.76 13.23 -58.24
N ALA A 94 -17.90 14.07 -57.67
CA ALA A 94 -18.25 14.77 -56.44
C ALA A 94 -19.44 15.70 -56.66
N ALA A 95 -19.44 16.46 -57.77
CA ALA A 95 -20.54 17.38 -58.04
C ALA A 95 -21.83 16.63 -58.32
N GLU A 96 -21.75 15.46 -58.96
CA GLU A 96 -22.93 14.62 -59.13
C GLU A 96 -23.45 14.13 -57.79
N PHE A 97 -22.54 13.72 -56.90
CA PHE A 97 -22.95 13.23 -55.58
C PHE A 97 -23.62 14.32 -54.77
N GLN A 98 -23.08 15.53 -54.79
CA GLN A 98 -23.62 16.63 -53.99
C GLN A 98 -24.86 17.28 -54.61
N GLY A 99 -25.10 17.08 -55.90
CA GLY A 99 -26.33 17.55 -56.50
C GLY A 99 -26.32 19.00 -56.95
N GLU A 100 -25.25 19.43 -57.60
CA GLU A 100 -25.18 20.75 -58.23
C GLU A 100 -25.31 20.59 -59.74
N LYS A 101 -25.91 21.59 -60.38
CA LYS A 101 -26.11 21.53 -61.83
C LYS A 101 -25.01 22.28 -62.57
N GLU A 102 -24.67 23.48 -62.12
CA GLU A 102 -23.70 24.30 -62.82
C GLU A 102 -22.30 23.68 -62.78
N ALA A 103 -21.89 23.19 -61.61
CA ALA A 103 -20.58 22.55 -61.51
C ALA A 103 -20.51 21.30 -62.39
N VAL A 104 -21.58 20.50 -62.39
CA VAL A 104 -21.61 19.31 -63.24
C VAL A 104 -21.51 19.70 -64.71
N ARG A 105 -22.25 20.73 -65.12
CA ARG A 105 -22.20 21.16 -66.52
C ARG A 105 -20.82 21.67 -66.90
N THR A 106 -20.20 22.45 -66.02
CA THR A 106 -18.86 22.99 -66.32
C THR A 106 -17.84 21.87 -66.43
N THR A 107 -17.87 20.93 -65.48
CA THR A 107 -16.93 19.80 -65.56
C THR A 107 -17.18 18.96 -66.80
N HIS A 108 -18.45 18.71 -67.12
CA HIS A 108 -18.80 17.92 -68.30
C HIS A 108 -18.27 18.58 -69.57
N TYR A 109 -18.44 19.90 -69.68
CA TYR A 109 -17.80 20.63 -70.78
C TYR A 109 -16.28 20.50 -70.71
N ALA A 110 -15.73 20.32 -69.50
CA ALA A 110 -14.28 20.29 -69.36
C ALA A 110 -13.67 19.00 -69.89
N LEU A 111 -14.02 17.85 -69.29
CA LEU A 111 -13.36 16.57 -69.65
C LEU A 111 -13.57 16.21 -71.12
N GLU A 112 -14.71 16.55 -71.69
CA GLU A 112 -15.03 16.15 -73.06
C GLU A 112 -14.33 16.99 -74.11
N ALA A 113 -13.70 18.10 -73.73
CA ALA A 113 -13.00 18.96 -74.68
C ALA A 113 -11.52 19.13 -74.37
N GLU A 114 -11.01 18.48 -73.32
CA GLU A 114 -9.60 18.55 -72.97
C GLU A 114 -8.81 17.34 -73.42
N LYS A 115 -9.43 16.41 -74.15
CA LYS A 115 -8.74 15.18 -74.52
C LYS A 115 -7.74 15.38 -75.66
N ILE A 116 -8.04 16.28 -76.60
CA ILE A 116 -7.23 16.40 -77.80
C ILE A 116 -5.98 17.25 -77.57
N HIS A 117 -5.93 18.00 -76.47
CA HIS A 117 -4.75 18.82 -76.18
C HIS A 117 -3.50 17.96 -76.03
N ALA A 118 -3.61 16.83 -75.34
CA ALA A 118 -2.46 15.95 -75.16
C ALA A 118 -1.99 15.38 -76.50
N GLU A 119 -2.92 15.00 -77.37
CA GLU A 119 -2.54 14.51 -78.69
C GLU A 119 -1.83 15.58 -79.50
N LEU A 120 -2.35 16.81 -79.48
CA LEU A 120 -1.71 17.89 -80.23
C LEU A 120 -0.31 18.16 -79.69
N TYR A 121 -0.15 18.18 -78.36
CA TYR A 121 1.16 18.43 -77.78
C TYR A 121 2.14 17.31 -78.11
N ARG A 122 1.68 16.06 -78.07
CA ARG A 122 2.57 14.95 -78.40
C ARG A 122 3.00 14.98 -79.86
N LYS A 123 2.08 15.28 -80.77
CA LYS A 123 2.46 15.41 -82.17
C LYS A 123 3.43 16.57 -82.37
N ALA A 124 3.19 17.70 -81.70
CA ALA A 124 4.10 18.84 -81.82
C ALA A 124 5.48 18.50 -81.29
N LYS A 125 5.56 17.73 -80.20
CA LYS A 125 6.85 17.33 -79.66
C LYS A 125 7.56 16.36 -80.59
N GLU A 126 6.83 15.38 -81.14
CA GLU A 126 7.47 14.40 -82.00
C GLU A 126 7.91 15.02 -83.33
N LYS A 127 7.26 16.10 -83.75
CA LYS A 127 7.70 16.83 -84.93
C LYS A 127 8.56 18.04 -84.59
N ALA A 128 8.90 18.24 -83.32
CA ALA A 128 9.70 19.44 -82.93
C ALA A 128 11.17 19.06 -82.79
N GLU A 129 11.48 18.18 -81.84
CA GLU A 129 12.88 17.78 -81.55
C GLU A 129 13.67 17.64 -82.86
N LYS A 130 13.06 17.05 -83.89
CA LYS A 130 13.74 16.95 -85.21
C LYS A 130 14.43 18.29 -85.50
N GLY A 131 13.73 19.41 -85.29
CA GLY A 131 14.32 20.74 -85.49
C GLY A 131 13.40 21.60 -86.32
N GLU A 132 12.46 20.97 -87.03
CA GLU A 132 11.59 21.72 -87.95
C GLU A 132 10.37 22.28 -87.21
N ASP A 133 9.63 23.18 -87.85
CA ASP A 133 8.40 23.68 -87.26
C ASP A 133 7.23 22.79 -87.69
N ILE A 134 6.40 22.40 -86.71
CA ILE A 134 5.27 21.52 -87.01
C ILE A 134 4.28 22.23 -87.92
N GLU A 135 3.46 21.44 -88.61
CA GLU A 135 2.48 21.95 -89.56
C GLU A 135 1.10 21.90 -88.94
N ILE A 136 0.44 23.06 -88.89
CA ILE A 136 -0.94 23.17 -88.43
C ILE A 136 -1.51 24.49 -88.93
N LYS A 137 -2.74 24.48 -89.43
CA LYS A 137 -3.35 25.65 -90.04
C LYS A 137 -4.76 25.86 -89.51
N LYS A 138 -5.06 27.10 -89.14
CA LYS A 138 -6.43 27.57 -88.89
C LYS A 138 -7.11 26.74 -87.81
N VAL A 139 -6.57 26.86 -86.60
CA VAL A 139 -7.13 26.17 -85.44
C VAL A 139 -8.41 26.89 -85.01
N TYR A 140 -9.46 26.11 -84.77
CA TYR A 140 -10.75 26.64 -84.33
C TYR A 140 -10.99 26.28 -82.87
N ILE A 141 -11.53 27.23 -82.12
CA ILE A 141 -11.88 27.05 -80.71
C ILE A 141 -13.34 27.42 -80.52
N CYS A 142 -14.09 26.55 -79.88
CA CYS A 142 -15.48 26.88 -79.55
C CYS A 142 -15.50 27.96 -78.46
N PRO A 143 -16.41 28.94 -78.54
CA PRO A 143 -16.44 30.02 -77.58
C PRO A 143 -17.19 29.71 -76.29
N ILE A 144 -17.67 28.48 -76.13
CA ILE A 144 -18.50 28.11 -74.93
C ILE A 144 -17.95 26.85 -74.24
N CYS A 145 -17.22 25.99 -74.96
CA CYS A 145 -16.67 24.74 -74.38
C CYS A 145 -15.22 24.55 -74.85
N GLY A 146 -14.84 25.16 -75.99
CA GLY A 146 -13.45 25.09 -76.49
C GLY A 146 -13.06 23.72 -77.00
N TYR A 147 -13.42 23.35 -78.23
CA TYR A 147 -12.97 22.08 -78.80
C TYR A 147 -12.06 22.41 -79.98
N THR A 148 -10.79 22.06 -79.87
CA THR A 148 -9.78 22.51 -80.82
C THR A 148 -9.95 21.76 -82.14
N ALA A 149 -10.81 22.31 -83.00
CA ALA A 149 -10.95 21.80 -84.35
C ALA A 149 -9.69 22.13 -85.16
N VAL A 150 -9.23 21.15 -85.92
CA VAL A 150 -8.00 21.28 -86.70
C VAL A 150 -8.37 21.28 -88.19
N ASP A 151 -7.78 22.24 -88.91
CA ASP A 151 -8.03 22.39 -90.37
C ASP A 151 -9.50 22.67 -90.65
N GLU A 152 -10.35 21.65 -90.51
CA GLU A 152 -11.76 21.78 -90.86
C GLU A 152 -12.59 21.91 -89.60
N ALA A 153 -13.43 22.95 -89.57
CA ALA A 153 -14.32 23.17 -88.44
C ALA A 153 -15.61 22.38 -88.64
N PRO A 154 -16.03 21.57 -87.67
CA PRO A 154 -17.30 20.86 -87.80
C PRO A 154 -18.47 21.82 -87.89
N GLU A 155 -19.53 21.38 -88.58
CA GLU A 155 -20.70 22.25 -88.78
C GLU A 155 -21.29 22.68 -87.45
N TYR A 156 -21.45 21.74 -86.52
CA TYR A 156 -21.89 22.03 -85.16
C TYR A 156 -20.89 21.45 -84.18
N CYS A 157 -20.83 22.04 -82.99
CA CYS A 157 -19.95 21.54 -81.96
C CYS A 157 -20.49 20.23 -81.42
N PRO A 158 -19.70 19.15 -81.42
CA PRO A 158 -20.23 17.86 -80.95
C PRO A 158 -20.53 17.83 -79.46
N VAL A 159 -20.14 18.85 -78.70
CA VAL A 159 -20.35 18.88 -77.26
C VAL A 159 -21.49 19.80 -76.87
N CYS A 160 -21.51 21.03 -77.39
CA CYS A 160 -22.54 22.00 -77.05
C CYS A 160 -23.46 22.36 -78.20
N GLY A 161 -23.11 22.01 -79.43
CA GLY A 161 -23.97 22.30 -80.56
C GLY A 161 -24.01 23.75 -80.98
N ALA A 162 -22.99 24.53 -80.67
CA ALA A 162 -22.94 25.91 -81.11
C ALA A 162 -22.76 25.97 -82.63
N PRO A 163 -23.39 26.95 -83.27
CA PRO A 163 -23.22 27.08 -84.74
C PRO A 163 -21.78 27.40 -85.11
N LYS A 164 -21.45 27.10 -86.36
CA LYS A 164 -20.05 27.14 -86.79
C LYS A 164 -19.48 28.56 -86.75
N GLU A 165 -20.28 29.56 -87.13
CA GLU A 165 -19.76 30.92 -87.23
C GLU A 165 -19.37 31.50 -85.87
N LYS A 166 -19.83 30.89 -84.77
CA LYS A 166 -19.44 31.35 -83.44
C LYS A 166 -17.99 31.03 -83.11
N PHE A 167 -17.35 30.15 -83.87
CA PHE A 167 -15.98 29.76 -83.55
C PHE A 167 -15.03 30.94 -83.72
N VAL A 168 -14.11 31.08 -82.76
CA VAL A 168 -13.12 32.15 -82.82
C VAL A 168 -11.99 31.75 -83.74
N VAL A 169 -11.56 32.68 -84.58
CA VAL A 169 -10.53 32.42 -85.58
C VAL A 169 -9.15 32.57 -84.96
N PHE A 170 -8.17 31.85 -85.51
CA PHE A 170 -6.80 31.92 -85.05
C PHE A 170 -5.87 31.90 -86.25
N GLU A 171 -5.17 33.01 -86.48
CA GLU A 171 -4.22 33.09 -87.58
C GLU A 171 -3.26 34.26 -87.37
N MET B 1 -27.86 28.57 -60.31
CA MET B 1 -27.65 29.17 -59.00
C MET B 1 -26.20 29.04 -58.54
N VAL B 2 -25.84 29.81 -57.52
CA VAL B 2 -24.48 29.75 -56.96
C VAL B 2 -24.31 28.44 -56.21
N VAL B 3 -23.20 27.75 -56.47
CA VAL B 3 -22.88 26.53 -55.74
C VAL B 3 -22.68 26.88 -54.27
N LYS B 4 -23.50 26.29 -53.40
CA LYS B 4 -23.52 26.66 -51.99
C LYS B 4 -22.85 25.63 -51.09
N ARG B 5 -22.71 24.39 -51.53
CA ARG B 5 -22.07 23.36 -50.72
C ARG B 5 -20.56 23.61 -50.68
N THR B 6 -19.93 23.24 -49.56
CA THR B 6 -18.55 23.64 -49.32
C THR B 6 -17.56 22.87 -50.20
N MET B 7 -17.72 21.55 -50.31
CA MET B 7 -16.73 20.74 -51.01
C MET B 7 -16.69 21.08 -52.49
N THR B 8 -17.87 21.25 -53.11
CA THR B 8 -17.89 21.63 -54.52
C THR B 8 -17.31 23.02 -54.73
N LYS B 9 -17.53 23.94 -53.79
CA LYS B 9 -16.93 25.26 -53.86
C LYS B 9 -15.40 25.17 -53.84
N LYS B 10 -14.87 24.34 -52.93
CA LYS B 10 -13.42 24.15 -52.86
C LYS B 10 -12.90 23.56 -54.17
N PHE B 11 -13.58 22.55 -54.71
CA PHE B 11 -13.12 21.91 -55.93
C PHE B 11 -13.13 22.88 -57.10
N LEU B 12 -14.18 23.70 -57.21
CA LEU B 12 -14.26 24.66 -58.30
C LEU B 12 -13.22 25.77 -58.16
N GLU B 13 -12.95 26.22 -56.93
CA GLU B 13 -11.89 27.20 -56.73
C GLU B 13 -10.53 26.65 -57.14
N GLU B 14 -10.24 25.40 -56.76
CA GLU B 14 -8.98 24.78 -57.16
C GLU B 14 -8.90 24.64 -58.67
N ALA B 15 -10.02 24.28 -59.31
CA ALA B 15 -10.04 24.17 -60.76
C ALA B 15 -9.76 25.52 -61.42
N PHE B 16 -10.36 26.59 -60.88
CA PHE B 16 -10.14 27.93 -61.41
C PHE B 16 -8.68 28.31 -61.31
N ALA B 17 -8.06 28.05 -60.16
CA ALA B 17 -6.64 28.36 -59.99
C ALA B 17 -5.78 27.58 -60.96
N GLY B 18 -6.07 26.28 -61.11
CA GLY B 18 -5.31 25.46 -62.05
C GLY B 18 -5.43 25.94 -63.48
N GLU B 19 -6.63 26.32 -63.89
CA GLU B 19 -6.83 26.81 -65.25
C GLU B 19 -6.09 28.13 -65.48
N SER B 20 -6.12 29.02 -64.49
CA SER B 20 -5.38 30.28 -64.62
C SER B 20 -3.88 30.02 -64.75
N MET B 21 -3.35 29.11 -63.92
CA MET B 21 -1.94 28.75 -64.02
C MET B 21 -1.61 28.16 -65.38
N ALA B 22 -2.49 27.30 -65.90
CA ALA B 22 -2.26 26.71 -67.21
C ALA B 22 -2.23 27.77 -68.30
N HIS B 23 -3.16 28.73 -68.26
CA HIS B 23 -3.17 29.77 -69.27
C HIS B 23 -1.89 30.61 -69.21
N MET B 24 -1.45 30.98 -67.99
CA MET B 24 -0.23 31.75 -67.85
C MET B 24 0.97 30.99 -68.40
N ARG B 25 1.08 29.71 -68.05
CA ARG B 25 2.20 28.90 -68.53
C ARG B 25 2.19 28.79 -70.04
N TYR B 26 1.00 28.59 -70.63
CA TYR B 26 0.92 28.48 -72.09
C TYR B 26 1.29 29.80 -72.77
N LEU B 27 0.88 30.93 -72.20
CA LEU B 27 1.25 32.22 -72.77
C LEU B 27 2.76 32.43 -72.73
N ILE B 28 3.39 32.11 -71.59
CA ILE B 28 4.85 32.27 -71.49
C ILE B 28 5.55 31.34 -72.48
N PHE B 29 5.08 30.10 -72.58
CA PHE B 29 5.71 29.15 -73.50
C PHE B 29 5.55 29.60 -74.95
N ALA B 30 4.38 30.15 -75.30
CA ALA B 30 4.17 30.67 -76.65
C ALA B 30 5.10 31.84 -76.93
N GLU B 31 5.26 32.75 -75.95
CA GLU B 31 6.17 33.87 -76.14
C GLU B 31 7.59 33.39 -76.38
N LYS B 32 8.04 32.40 -75.60
CA LYS B 32 9.39 31.87 -75.81
C LYS B 32 9.51 31.17 -77.16
N ALA B 33 8.49 30.42 -77.56
CA ALA B 33 8.57 29.65 -78.80
C ALA B 33 8.58 30.56 -80.02
N GLU B 34 7.77 31.61 -80.00
CA GLU B 34 7.69 32.46 -81.22
C GLU B 34 9.07 33.07 -81.49
N GLN B 35 9.84 33.44 -80.45
CA GLN B 35 11.14 34.12 -80.71
C GLN B 35 12.09 33.12 -81.38
N GLU B 36 11.94 31.83 -81.10
CA GLU B 36 12.76 30.81 -81.81
C GLU B 36 12.09 30.56 -83.17
N GLY B 37 12.87 30.22 -84.20
CA GLY B 37 12.30 30.03 -85.55
C GLY B 37 10.83 29.66 -85.53
N PHE B 38 10.49 28.47 -85.01
CA PHE B 38 9.09 27.98 -84.99
C PHE B 38 8.06 29.11 -84.97
N PRO B 39 7.39 29.47 -86.08
CA PRO B 39 6.32 30.48 -86.01
C PRO B 39 4.91 29.92 -85.87
N ASN B 40 4.72 28.61 -86.01
CA ASN B 40 3.38 28.02 -85.98
C ASN B 40 3.04 27.38 -84.64
N ILE B 41 4.04 27.10 -83.80
CA ILE B 41 3.78 26.57 -82.47
C ILE B 41 3.04 27.60 -81.63
N ALA B 42 3.35 28.88 -81.83
CA ALA B 42 2.73 29.94 -81.03
C ALA B 42 1.22 29.98 -81.25
N LYS B 43 0.77 29.76 -82.49
CA LYS B 43 -0.66 29.78 -82.78
C LYS B 43 -1.39 28.68 -82.01
N LEU B 44 -0.83 27.46 -82.03
CA LEU B 44 -1.45 26.35 -81.31
C LEU B 44 -1.42 26.59 -79.80
N PHE B 45 -0.30 27.14 -79.32
CA PHE B 45 -0.18 27.43 -77.87
C PHE B 45 -1.27 28.45 -77.48
N ARG B 46 -1.45 29.51 -78.28
CA ARG B 46 -2.44 30.53 -77.95
C ARG B 46 -3.86 30.00 -78.07
N ALA B 47 -4.11 29.09 -79.02
CA ALA B 47 -5.43 28.47 -79.12
C ALA B 47 -5.74 27.65 -77.87
N ILE B 48 -4.78 26.83 -77.43
CA ILE B 48 -5.01 26.06 -76.21
C ILE B 48 -5.12 26.98 -75.01
N ALA B 49 -4.36 28.09 -74.98
CA ALA B 49 -4.47 29.04 -73.89
C ALA B 49 -5.85 29.68 -73.84
N TYR B 50 -6.41 30.01 -75.01
CA TYR B 50 -7.76 30.55 -75.04
C TYR B 50 -8.79 29.52 -74.61
N ALA B 51 -8.57 28.25 -74.96
CA ALA B 51 -9.46 27.20 -74.48
C ALA B 51 -9.42 27.09 -72.96
N GLU B 52 -8.22 27.14 -72.39
CA GLU B 52 -8.09 27.12 -70.93
C GLU B 52 -8.73 28.35 -70.31
N PHE B 53 -8.63 29.49 -70.98
CA PHE B 53 -9.31 30.70 -70.51
C PHE B 53 -10.82 30.52 -70.50
N VAL B 54 -11.36 29.87 -71.54
CA VAL B 54 -12.80 29.62 -71.59
C VAL B 54 -13.21 28.70 -70.45
N HIS B 55 -12.42 27.66 -70.19
CA HIS B 55 -12.72 26.77 -69.06
C HIS B 55 -12.68 27.53 -67.74
N ALA B 56 -11.68 28.40 -67.56
CA ALA B 56 -11.58 29.17 -66.33
C ALA B 56 -12.75 30.14 -66.19
N LYS B 57 -13.18 30.75 -67.28
CA LYS B 57 -14.32 31.65 -67.24
C LYS B 57 -15.59 30.90 -66.85
N ASN B 58 -15.78 29.70 -67.41
CA ASN B 58 -16.94 28.90 -67.03
C ASN B 58 -16.90 28.55 -65.55
N HIS B 59 -15.73 28.16 -65.05
CA HIS B 59 -15.60 27.84 -63.63
C HIS B 59 -15.87 29.05 -62.76
N PHE B 60 -15.41 30.23 -63.18
CA PHE B 60 -15.61 31.45 -62.41
C PHE B 60 -17.08 31.85 -62.38
N ILE B 61 -17.76 31.78 -63.53
CA ILE B 61 -19.18 32.11 -63.57
C ILE B 61 -19.99 31.11 -62.74
N ALA B 62 -19.54 29.84 -62.73
CA ALA B 62 -20.24 28.83 -61.95
C ALA B 62 -20.27 29.18 -60.46
N LEU B 63 -19.33 30.02 -60.02
CA LEU B 63 -19.29 30.39 -58.58
C LEU B 63 -20.02 31.72 -58.35
N GLY B 64 -20.62 32.31 -59.40
CA GLY B 64 -21.44 33.49 -59.21
C GLY B 64 -20.71 34.68 -58.62
N LYS B 65 -19.38 34.73 -58.75
CA LYS B 65 -18.61 35.85 -58.25
C LYS B 65 -18.69 37.08 -59.15
N LEU B 66 -19.27 36.94 -60.34
CA LEU B 66 -19.40 38.06 -61.26
C LEU B 66 -20.46 39.04 -60.78
N GLY B 67 -20.42 40.24 -61.32
CA GLY B 67 -21.38 41.26 -60.95
C GLY B 67 -21.27 42.46 -61.85
N LYS B 68 -21.99 43.52 -61.47
CA LYS B 68 -21.97 44.76 -62.23
C LYS B 68 -20.60 45.44 -62.08
N THR B 69 -20.27 46.26 -63.07
CA THR B 69 -18.94 46.87 -63.11
C THR B 69 -18.63 47.72 -61.86
N PRO B 70 -19.55 48.57 -61.34
CA PRO B 70 -19.25 49.26 -60.07
C PRO B 70 -18.80 48.31 -58.97
N GLU B 71 -19.59 47.27 -58.71
CA GLU B 71 -19.20 46.28 -57.71
C GLU B 71 -18.04 45.41 -58.19
N ASN B 72 -17.90 45.22 -59.50
CA ASN B 72 -16.79 44.43 -60.02
C ASN B 72 -15.45 45.07 -59.69
N LEU B 73 -15.36 46.39 -59.79
CA LEU B 73 -14.11 47.09 -59.53
C LEU B 73 -13.69 47.00 -58.06
N GLN B 74 -14.63 46.71 -57.15
CA GLN B 74 -14.27 46.61 -55.74
C GLN B 74 -13.32 45.44 -55.49
N MET B 75 -13.55 44.30 -56.15
CA MET B 75 -12.68 43.16 -55.97
C MET B 75 -11.27 43.46 -56.48
N GLY B 76 -11.17 44.13 -57.63
CA GLY B 76 -9.86 44.55 -58.12
C GLY B 76 -9.16 45.52 -57.19
N ILE B 77 -9.92 46.47 -56.64
CA ILE B 77 -9.34 47.43 -55.69
C ILE B 77 -8.78 46.70 -54.48
N GLU B 78 -9.57 45.79 -53.90
CA GLU B 78 -9.14 45.06 -52.72
C GLU B 78 -7.93 44.18 -53.03
N GLY B 79 -7.93 43.53 -54.19
CA GLY B 79 -6.80 42.69 -54.55
C GLY B 79 -5.52 43.49 -54.72
N GLU B 80 -5.61 44.63 -55.39
CA GLU B 80 -4.42 45.47 -55.57
C GLU B 80 -3.94 46.01 -54.23
N THR B 81 -4.86 46.43 -53.37
CA THR B 81 -4.46 46.93 -52.05
C THR B 81 -3.74 45.85 -51.24
N PHE B 82 -4.29 44.63 -51.25
CA PHE B 82 -3.64 43.54 -50.51
C PHE B 82 -2.28 43.20 -51.11
N GLU B 83 -2.18 43.21 -52.44
CA GLU B 83 -0.92 42.86 -53.09
C GLU B 83 0.17 43.88 -52.76
N VAL B 84 -0.16 45.16 -52.82
CA VAL B 84 0.85 46.19 -52.60
C VAL B 84 1.19 46.31 -51.12
N GLU B 85 0.18 46.33 -50.25
CA GLU B 85 0.41 46.67 -48.85
C GLU B 85 1.13 45.56 -48.10
N GLU B 86 0.66 44.33 -48.23
CA GLU B 86 1.06 43.25 -47.32
C GLU B 86 2.02 42.25 -47.95
N MET B 87 1.63 41.63 -49.07
CA MET B 87 2.37 40.47 -49.57
C MET B 87 3.77 40.85 -50.04
N TYR B 88 3.86 41.87 -50.89
CA TYR B 88 5.14 42.14 -51.56
C TYR B 88 6.21 42.68 -50.62
N PRO B 89 5.93 43.60 -49.69
CA PRO B 89 6.98 43.98 -48.72
C PRO B 89 7.49 42.81 -47.89
N VAL B 90 6.61 41.92 -47.45
CA VAL B 90 7.04 40.78 -46.66
C VAL B 90 7.91 39.84 -47.50
N TYR B 91 7.52 39.62 -48.76
CA TYR B 91 8.34 38.80 -49.63
C TYR B 91 9.70 39.44 -49.88
N ASN B 92 9.73 40.77 -50.03
CA ASN B 92 11.00 41.47 -50.20
C ASN B 92 11.89 41.29 -48.98
N LYS B 93 11.31 41.43 -47.78
CA LYS B 93 12.10 41.25 -46.57
C LYS B 93 12.63 39.83 -46.45
N ALA B 94 11.80 38.84 -46.76
CA ALA B 94 12.25 37.45 -46.70
C ALA B 94 13.36 37.17 -47.69
N ALA B 95 13.22 37.66 -48.92
CA ALA B 95 14.25 37.43 -49.94
C ALA B 95 15.54 38.14 -49.59
N GLU B 96 15.45 39.34 -49.00
CA GLU B 96 16.65 40.04 -48.57
C GLU B 96 17.33 39.31 -47.42
N PHE B 97 16.55 38.81 -46.46
CA PHE B 97 17.12 38.10 -45.31
C PHE B 97 17.80 36.81 -45.75
N GLN B 98 17.17 36.06 -46.65
CA GLN B 98 17.75 34.80 -47.10
C GLN B 98 18.79 34.98 -48.20
N GLY B 99 18.88 36.16 -48.79
CA GLY B 99 19.93 36.45 -49.75
C GLY B 99 19.73 35.82 -51.12
N GLU B 100 18.66 36.19 -51.81
CA GLU B 100 18.40 35.77 -53.19
C GLU B 100 18.27 37.01 -54.06
N LYS B 101 19.13 37.13 -55.06
CA LYS B 101 19.17 38.34 -55.87
C LYS B 101 17.98 38.43 -56.83
N GLU B 102 17.63 37.31 -57.47
CA GLU B 102 16.56 37.33 -58.47
C GLU B 102 15.21 37.62 -57.83
N ALA B 103 14.92 36.99 -56.69
CA ALA B 103 13.66 37.25 -56.01
C ALA B 103 13.57 38.69 -55.54
N VAL B 104 14.67 39.22 -55.02
CA VAL B 104 14.70 40.62 -54.60
C VAL B 104 14.44 41.53 -55.79
N ARG B 105 15.06 41.25 -56.93
CA ARG B 105 14.88 42.08 -58.12
C ARG B 105 13.43 42.05 -58.58
N THR B 106 12.84 40.86 -58.67
CA THR B 106 11.46 40.76 -59.15
C THR B 106 10.49 41.45 -58.19
N THR B 107 10.68 41.25 -56.88
CA THR B 107 9.77 41.86 -55.91
C THR B 107 9.95 43.38 -55.88
N HIS B 108 11.19 43.86 -56.04
CA HIS B 108 11.42 45.30 -56.12
C HIS B 108 10.76 45.90 -57.36
N TYR B 109 10.80 45.18 -58.49
CA TYR B 109 10.06 45.61 -59.67
C TYR B 109 8.56 45.67 -59.37
N ALA B 110 8.04 44.67 -58.66
CA ALA B 110 6.62 44.65 -58.34
C ALA B 110 6.23 45.82 -57.42
N LEU B 111 7.08 46.14 -56.45
CA LEU B 111 6.76 47.18 -55.47
C LEU B 111 6.61 48.55 -56.13
N GLU B 112 7.50 48.89 -57.06
CA GLU B 112 7.53 50.22 -57.66
C GLU B 112 6.68 50.32 -58.91
N ALA B 113 5.81 49.33 -59.17
CA ALA B 113 4.98 49.34 -60.36
C ALA B 113 3.51 49.03 -60.11
N GLU B 114 3.17 48.37 -59.01
CA GLU B 114 1.79 47.98 -58.72
C GLU B 114 1.05 49.00 -57.85
N LYS B 115 1.70 50.09 -57.45
CA LYS B 115 1.05 51.06 -56.56
C LYS B 115 0.02 51.90 -57.30
N ILE B 116 0.16 52.06 -58.62
CA ILE B 116 -0.72 52.94 -59.38
C ILE B 116 -2.01 52.24 -59.82
N HIS B 117 -2.05 50.91 -59.75
CA HIS B 117 -3.24 50.18 -60.18
C HIS B 117 -4.45 50.53 -59.32
N ALA B 118 -4.27 50.60 -58.00
CA ALA B 118 -5.37 50.96 -57.13
C ALA B 118 -5.84 52.38 -57.38
N GLU B 119 -4.90 53.30 -57.62
CA GLU B 119 -5.27 54.67 -57.96
C GLU B 119 -6.11 54.71 -59.23
N LEU B 120 -5.69 53.98 -60.25
CA LEU B 120 -6.45 53.92 -61.50
C LEU B 120 -7.84 53.33 -61.26
N TYR B 121 -7.92 52.29 -60.43
CA TYR B 121 -9.21 51.66 -60.18
C TYR B 121 -10.17 52.59 -59.45
N ARG B 122 -9.70 53.34 -58.45
CA ARG B 122 -10.60 54.28 -57.80
C ARG B 122 -11.00 55.40 -58.74
N LYS B 123 -10.06 55.89 -59.56
CA LYS B 123 -10.39 56.92 -60.53
C LYS B 123 -11.45 56.44 -61.51
N ALA B 124 -11.35 55.17 -61.92
CA ALA B 124 -12.36 54.61 -62.83
C ALA B 124 -13.71 54.45 -62.13
N LYS B 125 -13.70 53.90 -60.92
CA LYS B 125 -14.95 53.62 -60.22
C LYS B 125 -15.70 54.90 -59.88
N GLU B 126 -14.99 55.93 -59.42
CA GLU B 126 -15.66 57.18 -59.09
C GLU B 126 -16.26 57.85 -60.32
N LYS B 127 -15.75 57.54 -61.50
CA LYS B 127 -16.28 58.04 -62.76
C LYS B 127 -17.19 57.02 -63.45
N ALA B 128 -17.43 55.87 -62.81
CA ALA B 128 -18.27 54.83 -63.40
C ALA B 128 -19.56 54.57 -62.64
N GLU B 129 -19.71 55.16 -61.44
CA GLU B 129 -20.93 54.97 -60.62
C GLU B 129 -21.95 56.06 -60.97
N LYS B 130 -22.11 56.36 -62.27
CA LYS B 130 -23.04 57.43 -62.73
C LYS B 130 -23.61 57.12 -64.13
N GLY B 131 -23.27 55.97 -64.73
CA GLY B 131 -23.84 55.57 -66.00
C GLY B 131 -23.05 55.98 -67.22
N GLU B 132 -21.91 56.63 -67.04
CA GLU B 132 -21.08 57.08 -68.16
C GLU B 132 -19.67 56.53 -68.02
N ASP B 133 -18.96 56.48 -69.15
CA ASP B 133 -17.61 55.93 -69.22
C ASP B 133 -16.60 56.96 -68.74
N ILE B 134 -15.39 56.44 -68.46
CA ILE B 134 -14.27 57.34 -68.06
C ILE B 134 -13.46 57.67 -69.32
N GLU B 135 -12.54 58.61 -69.22
CA GLU B 135 -11.73 59.07 -70.34
C GLU B 135 -10.26 58.76 -70.07
N ILE B 136 -9.74 57.75 -70.75
CA ILE B 136 -8.32 57.43 -70.73
C ILE B 136 -7.91 56.98 -72.13
N LYS B 137 -6.85 57.58 -72.67
CA LYS B 137 -6.34 57.26 -73.99
C LYS B 137 -4.85 56.97 -73.91
N LYS B 138 -4.41 55.98 -74.68
CA LYS B 138 -2.99 55.64 -74.85
C LYS B 138 -2.34 55.32 -73.50
N VAL B 139 -2.80 54.22 -72.91
CA VAL B 139 -2.21 53.70 -71.69
C VAL B 139 -0.94 52.93 -72.05
N TYR B 140 0.17 53.28 -71.39
CA TYR B 140 1.47 52.69 -71.68
C TYR B 140 1.86 51.73 -70.56
N ILE B 141 2.31 50.53 -70.94
CA ILE B 141 2.79 49.52 -70.02
C ILE B 141 4.21 49.14 -70.42
N CYS B 142 5.14 49.18 -69.45
CA CYS B 142 6.50 48.75 -69.75
C CYS B 142 6.55 47.24 -69.94
N PRO B 143 7.44 46.73 -70.79
CA PRO B 143 7.50 45.29 -71.04
C PRO B 143 8.28 44.51 -70.00
N ILE B 144 8.97 45.20 -69.09
CA ILE B 144 9.84 44.50 -68.08
C ILE B 144 9.40 44.82 -66.65
N CYS B 145 8.78 45.99 -66.41
CA CYS B 145 8.34 46.40 -65.05
C CYS B 145 6.95 47.04 -65.13
N GLY B 146 6.09 46.55 -66.03
CA GLY B 146 4.72 47.09 -66.22
C GLY B 146 4.40 48.31 -65.37
N TYR B 147 4.69 49.52 -65.85
CA TYR B 147 4.27 50.75 -65.12
C TYR B 147 3.20 51.43 -65.97
N THR B 148 2.09 51.85 -65.37
CA THR B 148 0.95 52.41 -66.10
C THR B 148 1.06 53.92 -66.11
N ALA B 149 1.57 54.46 -67.21
CA ALA B 149 1.62 55.90 -67.42
C ALA B 149 0.47 56.29 -68.34
N VAL B 150 -0.54 56.95 -67.79
CA VAL B 150 -1.74 57.27 -68.63
C VAL B 150 -1.33 58.39 -69.60
N ASP B 151 -1.61 58.21 -70.89
CA ASP B 151 -1.22 59.21 -71.91
C ASP B 151 0.27 59.54 -71.75
N GLU B 152 0.59 60.80 -71.41
CA GLU B 152 2.01 61.23 -71.27
C GLU B 152 2.95 60.12 -70.78
N ALA B 153 3.82 59.62 -71.67
CA ALA B 153 4.73 58.55 -71.29
C ALA B 153 6.12 59.10 -71.03
N PRO B 154 6.76 58.72 -69.93
CA PRO B 154 8.12 59.20 -69.67
C PRO B 154 9.09 58.77 -70.77
N GLU B 155 10.08 59.63 -71.04
CA GLU B 155 11.08 59.31 -72.05
C GLU B 155 11.89 58.08 -71.66
N TYR B 156 12.18 57.92 -70.38
CA TYR B 156 12.89 56.75 -69.87
C TYR B 156 12.08 56.13 -68.75
N CYS B 157 12.23 54.82 -68.58
CA CYS B 157 11.49 54.12 -67.54
C CYS B 157 12.00 54.54 -66.17
N PRO B 158 11.11 55.00 -65.27
CA PRO B 158 11.57 55.45 -63.95
C PRO B 158 12.16 54.34 -63.09
N VAL B 159 11.91 53.07 -63.43
CA VAL B 159 12.34 51.95 -62.61
C VAL B 159 13.50 51.18 -63.26
N CYS B 160 13.28 50.65 -64.47
CA CYS B 160 14.29 49.85 -65.15
C CYS B 160 15.14 50.64 -66.12
N GLY B 161 14.78 51.89 -66.42
CA GLY B 161 15.60 52.72 -67.28
C GLY B 161 15.50 52.42 -68.75
N ALA B 162 14.46 51.70 -69.18
CA ALA B 162 14.29 51.43 -70.60
C ALA B 162 13.72 52.66 -71.30
N PRO B 163 14.19 52.97 -72.50
CA PRO B 163 13.67 54.14 -73.22
C PRO B 163 12.24 53.92 -73.68
N LYS B 164 11.64 55.01 -74.15
CA LYS B 164 10.23 54.99 -74.56
C LYS B 164 9.98 54.09 -75.76
N GLU B 165 11.02 53.75 -76.52
CA GLU B 165 10.84 52.96 -77.74
C GLU B 165 10.34 51.55 -77.47
N LYS B 166 10.78 50.92 -76.38
CA LYS B 166 10.36 49.55 -76.09
C LYS B 166 9.02 49.48 -75.36
N PHE B 167 8.38 50.61 -75.07
CA PHE B 167 7.08 50.59 -74.43
C PHE B 167 6.04 49.97 -75.37
N VAL B 168 5.04 49.35 -74.72
CA VAL B 168 3.90 48.77 -75.48
C VAL B 168 2.79 49.81 -75.53
N VAL B 169 2.01 49.81 -76.60
CA VAL B 169 0.97 50.82 -76.80
C VAL B 169 -0.40 50.14 -76.77
N PHE B 170 -1.31 50.74 -76.02
CA PHE B 170 -2.70 50.28 -75.92
C PHE B 170 -3.61 51.33 -76.52
N GLU B 171 -4.49 50.91 -77.43
CA GLU B 171 -5.42 51.82 -78.07
C GLU B 171 -6.80 51.19 -78.20
N MET C 1 -1.41 -2.17 -49.22
CA MET C 1 -0.41 -1.54 -50.05
C MET C 1 -0.54 -0.02 -50.03
N VAL C 2 0.47 0.68 -50.55
CA VAL C 2 0.44 2.13 -50.56
C VAL C 2 -0.59 2.63 -51.57
N VAL C 3 -1.16 3.80 -51.30
CA VAL C 3 -2.12 4.42 -52.21
C VAL C 3 -1.34 5.20 -53.26
N LYS C 4 -1.55 4.85 -54.53
CA LYS C 4 -0.75 5.41 -55.62
C LYS C 4 -1.50 6.47 -56.43
N ARG C 5 -2.83 6.45 -56.43
CA ARG C 5 -3.58 7.43 -57.21
C ARG C 5 -3.46 8.81 -56.58
N THR C 6 -3.41 9.83 -57.44
CA THR C 6 -3.04 11.17 -56.98
C THR C 6 -4.14 11.80 -56.12
N MET C 7 -5.39 11.76 -56.60
CA MET C 7 -6.46 12.48 -55.90
C MET C 7 -6.80 11.82 -54.57
N THR C 8 -6.77 10.49 -54.53
CA THR C 8 -6.98 9.79 -53.27
C THR C 8 -5.88 10.14 -52.27
N LYS C 9 -4.63 10.23 -52.75
CA LYS C 9 -3.53 10.62 -51.87
C LYS C 9 -3.73 12.04 -51.34
N LYS C 10 -4.16 12.96 -52.21
CA LYS C 10 -4.41 14.33 -51.76
C LYS C 10 -5.50 14.37 -50.71
N PHE C 11 -6.59 13.65 -50.93
CA PHE C 11 -7.69 13.64 -49.96
C PHE C 11 -7.24 13.02 -48.64
N LEU C 12 -6.46 11.95 -48.70
CA LEU C 12 -5.97 11.33 -47.47
C LEU C 12 -5.04 12.26 -46.71
N GLU C 13 -4.18 12.99 -47.41
CA GLU C 13 -3.31 13.96 -46.75
C GLU C 13 -4.11 15.07 -46.09
N GLU C 14 -5.14 15.58 -46.79
CA GLU C 14 -5.98 16.62 -46.21
C GLU C 14 -6.71 16.12 -44.98
N ALA C 15 -7.24 14.89 -45.03
CA ALA C 15 -7.92 14.32 -43.88
C ALA C 15 -6.95 14.12 -42.71
N PHE C 16 -5.72 13.69 -42.99
CA PHE C 16 -4.72 13.54 -41.94
C PHE C 16 -4.44 14.88 -41.27
N ALA C 17 -4.24 15.93 -42.07
CA ALA C 17 -4.00 17.25 -41.49
C ALA C 17 -5.18 17.72 -40.65
N GLY C 18 -6.40 17.52 -41.16
CA GLY C 18 -7.57 17.93 -40.41
C GLY C 18 -7.73 17.21 -39.09
N GLU C 19 -7.53 15.88 -39.10
CA GLU C 19 -7.66 15.11 -37.87
C GLU C 19 -6.57 15.49 -36.87
N SER C 20 -5.33 15.71 -37.35
CA SER C 20 -4.28 16.14 -36.43
C SER C 20 -4.61 17.49 -35.81
N MET C 21 -5.10 18.43 -36.61
CA MET C 21 -5.44 19.75 -36.08
C MET C 21 -6.58 19.65 -35.08
N ALA C 22 -7.59 18.82 -35.36
CA ALA C 22 -8.70 18.65 -34.43
C ALA C 22 -8.24 18.01 -33.12
N HIS C 23 -7.35 17.02 -33.20
CA HIS C 23 -6.82 16.39 -32.00
C HIS C 23 -6.07 17.41 -31.15
N MET C 24 -5.23 18.22 -31.79
CA MET C 24 -4.51 19.26 -31.05
C MET C 24 -5.48 20.27 -30.44
N ARG C 25 -6.51 20.64 -31.18
CA ARG C 25 -7.48 21.61 -30.67
C ARG C 25 -8.19 21.09 -29.43
N TYR C 26 -8.61 19.82 -29.46
CA TYR C 26 -9.29 19.28 -28.28
C TYR C 26 -8.33 19.06 -27.12
N LEU C 27 -7.07 18.72 -27.41
CA LEU C 27 -6.08 18.66 -26.33
C LEU C 27 -5.90 20.03 -25.68
N ILE C 28 -5.89 21.09 -26.48
CA ILE C 28 -5.81 22.44 -25.93
C ILE C 28 -7.05 22.76 -25.11
N PHE C 29 -8.22 22.39 -25.61
CA PHE C 29 -9.46 22.73 -24.93
C PHE C 29 -9.60 21.98 -23.60
N ALA C 30 -9.04 20.78 -23.51
CA ALA C 30 -9.17 19.99 -22.28
C ALA C 30 -8.50 20.68 -21.10
N GLU C 31 -7.32 21.26 -21.31
CA GLU C 31 -6.60 21.89 -20.20
C GLU C 31 -7.34 23.10 -19.66
N LYS C 32 -8.04 23.84 -20.53
CA LYS C 32 -8.86 24.94 -20.05
C LYS C 32 -10.15 24.43 -19.42
N ALA C 33 -10.71 23.34 -19.92
CA ALA C 33 -11.92 22.78 -19.32
C ALA C 33 -11.66 22.32 -17.90
N GLU C 34 -10.55 21.64 -17.67
CA GLU C 34 -10.22 21.18 -16.32
C GLU C 34 -9.73 22.30 -15.41
N GLN C 35 -9.34 23.44 -15.98
CA GLN C 35 -8.90 24.60 -15.21
C GLN C 35 -10.07 25.48 -14.77
N GLU C 36 -11.29 24.95 -14.78
CA GLU C 36 -12.49 25.70 -14.45
C GLU C 36 -13.34 24.84 -13.52
N GLY C 37 -14.59 25.26 -13.34
CA GLY C 37 -15.50 24.53 -12.47
C GLY C 37 -16.14 23.33 -13.15
N PHE C 38 -15.59 22.92 -14.30
CA PHE C 38 -16.11 21.81 -15.08
C PHE C 38 -14.99 20.80 -15.31
N PRO C 39 -14.68 19.98 -14.29
CA PRO C 39 -13.54 19.06 -14.39
C PRO C 39 -13.85 17.74 -15.07
N ASN C 40 -15.05 17.55 -15.63
CA ASN C 40 -15.40 16.32 -16.31
C ASN C 40 -15.50 16.48 -17.83
N ILE C 41 -15.68 17.71 -18.33
CA ILE C 41 -15.65 17.93 -19.77
C ILE C 41 -14.28 17.61 -20.33
N ALA C 42 -13.23 17.71 -19.51
CA ALA C 42 -11.90 17.33 -19.95
C ALA C 42 -11.83 15.85 -20.30
N LYS C 43 -12.61 15.02 -19.61
CA LYS C 43 -12.67 13.60 -19.96
C LYS C 43 -13.20 13.40 -21.36
N LEU C 44 -14.30 14.08 -21.69
CA LEU C 44 -14.84 14.02 -23.05
C LEU C 44 -13.83 14.54 -24.07
N PHE C 45 -13.18 15.65 -23.76
CA PHE C 45 -12.22 16.24 -24.69
C PHE C 45 -11.08 15.27 -24.96
N ARG C 46 -10.56 14.62 -23.92
CA ARG C 46 -9.43 13.70 -24.11
C ARG C 46 -9.86 12.43 -24.82
N ALA C 47 -11.07 11.93 -24.54
CA ALA C 47 -11.55 10.73 -25.22
C ALA C 47 -11.74 11.00 -26.72
N ILE C 48 -12.34 12.15 -27.06
CA ILE C 48 -12.51 12.49 -28.46
C ILE C 48 -11.16 12.77 -29.12
N ALA C 49 -10.21 13.35 -28.38
CA ALA C 49 -8.86 13.52 -28.90
C ALA C 49 -8.23 12.18 -29.24
N TYR C 50 -8.41 11.18 -28.37
CA TYR C 50 -7.89 9.85 -28.67
C TYR C 50 -8.57 9.24 -29.89
N ALA C 51 -9.88 9.44 -30.01
CA ALA C 51 -10.59 8.92 -31.18
C ALA C 51 -10.06 9.54 -32.47
N GLU C 52 -9.84 10.86 -32.47
CA GLU C 52 -9.27 11.50 -33.65
C GLU C 52 -7.83 11.08 -33.87
N PHE C 53 -7.10 10.76 -32.80
CA PHE C 53 -5.76 10.19 -32.96
C PHE C 53 -5.83 8.86 -33.68
N VAL C 54 -6.82 8.03 -33.33
CA VAL C 54 -6.99 6.74 -34.03
C VAL C 54 -7.31 6.96 -35.50
N HIS C 55 -8.20 7.91 -35.80
CA HIS C 55 -8.53 8.19 -37.19
C HIS C 55 -7.31 8.70 -37.97
N ALA C 56 -6.54 9.61 -37.36
CA ALA C 56 -5.35 10.13 -38.02
C ALA C 56 -4.31 9.04 -38.22
N LYS C 57 -4.16 8.14 -37.24
CA LYS C 57 -3.25 7.01 -37.40
C LYS C 57 -3.69 6.10 -38.55
N ASN C 58 -4.99 5.86 -38.66
CA ASN C 58 -5.49 5.04 -39.77
C ASN C 58 -5.16 5.69 -41.10
N HIS C 59 -5.39 7.00 -41.22
CA HIS C 59 -5.06 7.69 -42.47
C HIS C 59 -3.55 7.65 -42.73
N PHE C 60 -2.74 7.80 -41.68
CA PHE C 60 -1.29 7.79 -41.84
C PHE C 60 -0.79 6.44 -42.34
N ILE C 61 -1.30 5.35 -41.75
CA ILE C 61 -0.91 4.02 -42.20
C ILE C 61 -1.42 3.75 -43.60
N ALA C 62 -2.60 4.27 -43.95
CA ALA C 62 -3.13 4.08 -45.29
C ALA C 62 -2.17 4.63 -46.35
N LEU C 63 -1.50 5.74 -46.04
CA LEU C 63 -0.51 6.29 -46.94
C LEU C 63 0.78 5.48 -47.00
N GLY C 64 0.97 4.55 -46.06
CA GLY C 64 2.20 3.77 -46.03
C GLY C 64 3.44 4.55 -45.66
N LYS C 65 3.34 5.46 -44.69
CA LYS C 65 4.48 6.25 -44.26
C LYS C 65 5.20 5.67 -43.05
N LEU C 66 4.58 4.76 -42.31
CA LEU C 66 5.22 4.18 -41.13
C LEU C 66 6.21 3.11 -41.55
N GLY C 67 7.41 3.17 -40.97
CA GLY C 67 8.45 2.20 -41.25
C GLY C 67 9.21 1.81 -39.99
N LYS C 68 10.39 1.23 -40.17
CA LYS C 68 11.20 0.85 -39.02
C LYS C 68 11.71 2.08 -38.29
N THR C 69 12.32 1.85 -37.12
CA THR C 69 12.75 2.95 -36.27
C THR C 69 13.80 3.85 -36.91
N PRO C 70 14.85 3.34 -37.58
CA PRO C 70 15.80 4.27 -38.22
C PRO C 70 15.16 5.21 -39.23
N GLU C 71 14.21 4.71 -40.03
CA GLU C 71 13.54 5.56 -41.01
C GLU C 71 12.68 6.61 -40.35
N ASN C 72 11.99 6.24 -39.27
CA ASN C 72 11.19 7.21 -38.52
C ASN C 72 12.07 8.30 -37.93
N LEU C 73 13.23 7.90 -37.38
CA LEU C 73 14.15 8.89 -36.82
C LEU C 73 14.72 9.80 -37.91
N GLN C 74 15.01 9.24 -39.09
CA GLN C 74 15.49 10.07 -40.19
C GLN C 74 14.42 11.07 -40.63
N MET C 75 13.17 10.63 -40.70
CA MET C 75 12.07 11.55 -41.04
C MET C 75 11.94 12.66 -40.01
N GLY C 76 12.04 12.30 -38.72
CA GLY C 76 12.02 13.32 -37.68
C GLY C 76 13.19 14.29 -37.80
N ILE C 77 14.37 13.78 -38.15
CA ILE C 77 15.53 14.64 -38.32
C ILE C 77 15.30 15.64 -39.45
N GLU C 78 14.78 15.16 -40.58
CA GLU C 78 14.52 16.06 -41.71
C GLU C 78 13.47 17.10 -41.35
N GLY C 79 12.39 16.67 -40.68
CA GLY C 79 11.36 17.61 -40.29
C GLY C 79 11.87 18.67 -39.34
N GLU C 80 12.67 18.27 -38.35
CA GLU C 80 13.21 19.22 -37.39
C GLU C 80 14.19 20.18 -38.06
N THR C 81 15.02 19.66 -38.97
CA THR C 81 15.96 20.52 -39.69
C THR C 81 15.22 21.58 -40.51
N PHE C 82 14.17 21.17 -41.22
CA PHE C 82 13.38 22.13 -41.98
C PHE C 82 12.70 23.13 -41.05
N GLU C 83 12.19 22.66 -39.91
CA GLU C 83 11.49 23.54 -38.99
C GLU C 83 12.41 24.61 -38.43
N VAL C 84 13.65 24.25 -38.10
CA VAL C 84 14.54 25.19 -37.45
C VAL C 84 15.32 26.07 -38.42
N GLU C 85 15.84 25.50 -39.50
CA GLU C 85 16.75 26.25 -40.36
C GLU C 85 16.05 27.29 -41.22
N GLU C 86 14.89 26.94 -41.81
CA GLU C 86 14.27 27.77 -42.83
C GLU C 86 13.00 28.47 -42.37
N MET C 87 12.12 27.77 -41.67
CA MET C 87 10.78 28.32 -41.39
C MET C 87 10.83 29.41 -40.34
N TYR C 88 11.27 29.06 -39.14
CA TYR C 88 11.16 29.99 -38.01
C TYR C 88 11.97 31.27 -38.15
N PRO C 89 13.21 31.27 -38.66
CA PRO C 89 13.89 32.56 -38.87
C PRO C 89 13.11 33.50 -39.78
N VAL C 90 12.54 32.99 -40.86
CA VAL C 90 11.78 33.85 -41.77
C VAL C 90 10.49 34.33 -41.10
N TYR C 91 9.82 33.44 -40.36
CA TYR C 91 8.60 33.86 -39.67
C TYR C 91 8.90 34.95 -38.64
N ASN C 92 9.99 34.79 -37.88
CA ASN C 92 10.38 35.81 -36.91
C ASN C 92 10.73 37.12 -37.60
N LYS C 93 11.46 37.07 -38.70
CA LYS C 93 11.81 38.30 -39.41
C LYS C 93 10.57 39.01 -39.93
N ALA C 94 9.62 38.26 -40.48
CA ALA C 94 8.38 38.85 -40.97
C ALA C 94 7.57 39.46 -39.82
N ALA C 95 7.48 38.75 -38.69
CA ALA C 95 6.74 39.27 -37.54
C ALA C 95 7.38 40.55 -37.01
N GLU C 96 8.71 40.59 -36.96
CA GLU C 96 9.40 41.81 -36.53
C GLU C 96 9.17 42.94 -37.51
N PHE C 97 9.16 42.64 -38.81
CA PHE C 97 8.89 43.67 -39.81
C PHE C 97 7.49 44.25 -39.66
N GLN C 98 6.49 43.39 -39.46
CA GLN C 98 5.12 43.88 -39.35
C GLN C 98 4.90 44.60 -38.03
N GLY C 99 5.42 44.06 -36.93
CA GLY C 99 5.39 44.76 -35.66
C GLY C 99 4.42 44.21 -34.64
N GLU C 100 4.28 42.89 -34.59
CA GLU C 100 3.43 42.23 -33.60
C GLU C 100 4.30 41.63 -32.51
N LYS C 101 4.03 41.98 -31.26
CA LYS C 101 4.86 41.51 -30.15
C LYS C 101 4.60 40.04 -29.85
N GLU C 102 3.34 39.61 -29.96
CA GLU C 102 3.00 38.22 -29.62
C GLU C 102 3.65 37.23 -30.58
N ALA C 103 3.58 37.50 -31.88
CA ALA C 103 4.20 36.60 -32.86
C ALA C 103 5.71 36.55 -32.68
N VAL C 104 6.33 37.71 -32.45
CA VAL C 104 7.77 37.75 -32.23
C VAL C 104 8.15 36.96 -30.99
N ARG C 105 7.38 37.12 -29.91
CA ARG C 105 7.64 36.37 -28.68
C ARG C 105 7.51 34.86 -28.91
N THR C 106 6.46 34.45 -29.62
CA THR C 106 6.24 33.02 -29.85
C THR C 106 7.36 32.43 -30.71
N THR C 107 7.74 33.12 -31.78
CA THR C 107 8.80 32.60 -32.65
C THR C 107 10.15 32.62 -31.91
N HIS C 108 10.38 33.62 -31.07
CA HIS C 108 11.60 33.68 -30.29
C HIS C 108 11.68 32.49 -29.33
N TYR C 109 10.57 32.18 -28.65
CA TYR C 109 10.55 31.00 -27.78
C TYR C 109 10.76 29.72 -28.58
N ALA C 110 10.20 29.66 -29.79
CA ALA C 110 10.27 28.44 -30.58
C ALA C 110 11.67 28.18 -31.12
N LEU C 111 12.32 29.20 -31.68
CA LEU C 111 13.56 28.95 -32.40
C LEU C 111 14.75 28.74 -31.45
N GLU C 112 14.63 29.18 -30.20
CA GLU C 112 15.68 28.96 -29.23
C GLU C 112 15.48 27.69 -28.40
N ALA C 113 14.39 26.97 -28.63
CA ALA C 113 14.15 25.70 -27.96
C ALA C 113 14.08 24.51 -28.90
N GLU C 114 13.90 24.74 -30.20
CA GLU C 114 13.83 23.67 -31.18
C GLU C 114 15.19 23.25 -31.70
N LYS C 115 16.27 23.88 -31.25
CA LYS C 115 17.60 23.57 -31.77
C LYS C 115 18.20 22.32 -31.15
N ILE C 116 17.61 21.79 -30.08
CA ILE C 116 18.20 20.66 -29.37
C ILE C 116 17.64 19.32 -29.82
N HIS C 117 16.60 19.29 -30.63
CA HIS C 117 15.96 18.04 -31.03
C HIS C 117 16.76 17.29 -32.08
N ALA C 118 17.40 18.01 -33.01
CA ALA C 118 18.06 17.35 -34.14
C ALA C 118 19.21 16.47 -33.67
N GLU C 119 20.03 16.96 -32.73
CA GLU C 119 21.15 16.16 -32.26
C GLU C 119 20.67 14.97 -31.42
N LEU C 120 19.59 15.15 -30.65
CA LEU C 120 19.02 14.02 -29.92
C LEU C 120 18.57 12.93 -30.87
N TYR C 121 17.89 13.32 -31.96
CA TYR C 121 17.44 12.33 -32.92
C TYR C 121 18.61 11.67 -33.64
N ARG C 122 19.65 12.45 -33.97
CA ARG C 122 20.82 11.85 -34.63
C ARG C 122 21.51 10.85 -33.72
N LYS C 123 21.66 11.18 -32.44
CA LYS C 123 22.27 10.25 -31.49
C LYS C 123 21.41 8.99 -31.34
N ALA C 124 20.09 9.16 -31.26
CA ALA C 124 19.20 8.02 -31.14
C ALA C 124 19.27 7.12 -32.36
N LYS C 125 19.36 7.71 -33.56
CA LYS C 125 19.47 6.90 -34.77
C LYS C 125 20.80 6.19 -34.83
N GLU C 126 21.89 6.85 -34.42
CA GLU C 126 23.18 6.20 -34.41
C GLU C 126 23.20 5.02 -33.44
N LYS C 127 22.59 5.19 -32.27
CA LYS C 127 22.51 4.11 -31.30
C LYS C 127 21.39 3.13 -31.57
N ALA C 128 20.61 3.31 -32.64
CA ALA C 128 19.43 2.42 -32.89
C ALA C 128 19.62 1.53 -34.12
N GLU C 129 20.71 1.70 -34.87
CA GLU C 129 20.96 0.77 -36.00
C GLU C 129 21.82 -0.38 -35.47
N LYS C 130 21.65 -0.73 -34.18
CA LYS C 130 22.47 -1.81 -33.56
C LYS C 130 21.60 -2.58 -32.55
N GLY C 131 20.31 -2.77 -32.85
CA GLY C 131 19.42 -3.56 -31.96
C GLY C 131 19.33 -2.99 -30.56
N GLU C 132 20.20 -2.05 -30.21
CA GLU C 132 20.21 -1.53 -28.85
C GLU C 132 19.45 -0.22 -28.77
N ASP C 133 19.13 0.19 -27.55
CA ASP C 133 18.39 1.42 -27.27
C ASP C 133 19.33 2.52 -26.81
N ILE C 134 18.86 3.76 -26.94
CA ILE C 134 19.55 4.90 -26.35
C ILE C 134 19.36 4.88 -24.84
N GLU C 135 20.27 5.53 -24.12
CA GLU C 135 20.25 5.54 -22.66
C GLU C 135 19.97 6.95 -22.17
N ILE C 136 18.67 7.22 -21.98
CA ILE C 136 18.23 8.53 -21.47
C ILE C 136 17.31 8.24 -20.29
N LYS C 137 16.99 9.25 -19.50
CA LYS C 137 16.09 9.08 -18.37
C LYS C 137 15.64 10.44 -17.86
N LYS C 138 14.36 10.53 -17.47
CA LYS C 138 13.80 11.69 -16.77
C LYS C 138 13.99 12.97 -17.58
N VAL C 139 13.30 13.01 -18.72
CA VAL C 139 13.33 14.19 -19.58
C VAL C 139 12.41 15.25 -19.02
N TYR C 140 12.93 16.48 -18.90
CA TYR C 140 12.19 17.61 -18.38
C TYR C 140 11.74 18.50 -19.53
N ILE C 141 10.51 19.01 -19.46
CA ILE C 141 9.96 19.90 -20.47
C ILE C 141 9.40 21.13 -19.77
N CYS C 142 9.75 22.32 -20.26
CA CYS C 142 9.20 23.58 -19.77
C CYS C 142 7.73 23.68 -20.17
N PRO C 143 6.87 24.29 -19.34
CA PRO C 143 5.44 24.38 -19.69
C PRO C 143 5.07 25.60 -20.53
N ILE C 144 5.95 26.60 -20.56
CA ILE C 144 5.63 27.88 -21.25
C ILE C 144 6.58 28.19 -22.43
N CYS C 145 7.36 27.24 -22.93
CA CYS C 145 8.33 27.55 -24.02
C CYS C 145 8.92 26.25 -24.58
N GLY C 146 8.56 25.11 -24.01
CA GLY C 146 9.02 23.82 -24.54
C GLY C 146 10.53 23.71 -24.63
N TYR C 147 11.23 23.66 -23.48
CA TYR C 147 12.70 23.50 -23.46
C TYR C 147 13.02 22.06 -23.10
N THR C 148 13.58 21.31 -24.05
CA THR C 148 13.91 19.91 -23.82
C THR C 148 15.25 19.84 -23.09
N ALA C 149 15.19 19.42 -21.82
CA ALA C 149 16.37 19.24 -20.99
C ALA C 149 16.56 17.75 -20.72
N VAL C 150 17.75 17.25 -21.02
CA VAL C 150 18.06 15.82 -20.90
C VAL C 150 18.68 15.56 -19.55
N ASP C 151 18.17 14.52 -18.88
CA ASP C 151 18.67 14.10 -17.53
C ASP C 151 18.61 15.27 -16.56
N GLU C 152 19.76 15.90 -16.29
CA GLU C 152 19.80 16.98 -15.31
C GLU C 152 19.03 18.19 -15.81
N ALA C 153 18.29 18.82 -14.90
CA ALA C 153 17.42 19.95 -15.23
C ALA C 153 17.97 21.21 -14.58
N PRO C 154 18.10 22.30 -15.32
CA PRO C 154 18.59 23.55 -14.73
C PRO C 154 17.63 24.08 -13.68
N GLU C 155 18.19 24.83 -12.72
CA GLU C 155 17.37 25.40 -11.65
C GLU C 155 16.32 26.35 -12.21
N TYR C 156 16.68 27.12 -13.23
CA TYR C 156 15.76 28.03 -13.89
C TYR C 156 15.82 27.82 -15.39
N CYS C 157 14.82 28.35 -16.08
CA CYS C 157 14.76 28.21 -17.53
C CYS C 157 15.71 29.21 -18.19
N PRO C 158 16.68 28.75 -18.98
CA PRO C 158 17.57 29.72 -19.66
C PRO C 158 16.87 30.57 -20.70
N VAL C 159 15.67 30.17 -21.14
CA VAL C 159 14.94 30.91 -22.24
C VAL C 159 13.93 31.90 -21.64
N CYS C 160 13.08 31.44 -20.72
CA CYS C 160 12.03 32.31 -20.12
C CYS C 160 12.37 32.67 -18.66
N GLY C 161 12.81 31.70 -17.86
CA GLY C 161 13.19 31.96 -16.45
C GLY C 161 12.16 31.39 -15.49
N ALA C 162 11.36 30.42 -15.91
CA ALA C 162 10.41 29.78 -15.01
C ALA C 162 11.15 28.85 -14.05
N PRO C 163 10.71 28.77 -12.79
CA PRO C 163 11.39 27.89 -11.83
C PRO C 163 11.35 26.43 -12.25
N LYS C 164 12.17 25.63 -11.56
CA LYS C 164 12.34 24.23 -11.95
C LYS C 164 11.09 23.40 -11.66
N GLU C 165 10.37 23.72 -10.59
CA GLU C 165 9.22 22.89 -10.21
C GLU C 165 8.07 22.97 -11.19
N LYS C 166 8.09 23.92 -12.12
CA LYS C 166 7.05 24.00 -13.15
C LYS C 166 7.30 23.04 -14.31
N PHE C 167 8.47 22.41 -14.36
CA PHE C 167 8.78 21.47 -15.43
C PHE C 167 7.92 20.23 -15.30
N VAL C 168 7.64 19.61 -16.44
CA VAL C 168 6.95 18.32 -16.48
C VAL C 168 7.97 17.24 -16.81
N VAL C 169 7.93 16.15 -16.05
CA VAL C 169 8.93 15.09 -16.13
C VAL C 169 8.35 13.90 -16.86
N PHE C 170 9.16 13.27 -17.70
CA PHE C 170 8.79 12.04 -18.39
C PHE C 170 9.86 11.00 -18.12
N GLU C 171 9.46 9.91 -17.46
CA GLU C 171 10.40 8.84 -17.11
C GLU C 171 9.72 7.47 -17.21
N MET D 1 -0.97 41.24 -27.37
CA MET D 1 -2.19 41.51 -28.12
C MET D 1 -2.34 40.53 -29.28
N VAL D 2 -3.59 40.31 -29.71
CA VAL D 2 -3.84 39.39 -30.80
C VAL D 2 -3.28 39.96 -32.10
N VAL D 3 -2.90 39.07 -33.01
CA VAL D 3 -2.32 39.46 -34.29
C VAL D 3 -3.44 39.86 -35.24
N LYS D 4 -3.28 41.01 -35.88
CA LYS D 4 -4.28 41.52 -36.81
C LYS D 4 -3.80 41.60 -38.25
N ARG D 5 -2.50 41.72 -38.48
CA ARG D 5 -2.00 41.78 -39.84
C ARG D 5 -2.19 40.44 -40.54
N THR D 6 -2.43 40.51 -41.85
CA THR D 6 -2.86 39.33 -42.59
C THR D 6 -1.75 38.28 -42.70
N MET D 7 -0.56 38.71 -43.10
CA MET D 7 0.51 37.74 -43.35
C MET D 7 1.02 37.12 -42.06
N THR D 8 1.03 37.88 -40.97
CA THR D 8 1.37 37.30 -39.67
C THR D 8 0.37 36.23 -39.28
N LYS D 9 -0.91 36.48 -39.57
CA LYS D 9 -1.97 35.51 -39.21
C LYS D 9 -1.80 34.27 -40.06
N LYS D 10 -1.49 34.43 -41.35
CA LYS D 10 -1.28 33.29 -42.23
C LYS D 10 -0.09 32.46 -41.78
N PHE D 11 1.02 33.13 -41.43
CA PHE D 11 2.21 32.41 -40.98
C PHE D 11 1.94 31.66 -39.69
N LEU D 12 1.20 32.28 -38.76
CA LEU D 12 0.89 31.62 -37.50
C LEU D 12 0.00 30.41 -37.72
N GLU D 13 -0.97 30.52 -38.63
CA GLU D 13 -1.84 29.37 -38.94
C GLU D 13 -1.04 28.23 -39.55
N GLU D 14 -0.13 28.55 -40.48
CA GLU D 14 0.69 27.51 -41.08
C GLU D 14 1.60 26.85 -40.03
N ALA D 15 2.15 27.66 -39.12
CA ALA D 15 2.97 27.10 -38.05
C ALA D 15 2.16 26.20 -37.13
N PHE D 16 0.93 26.59 -36.82
CA PHE D 16 0.05 25.75 -36.01
C PHE D 16 -0.20 24.42 -36.69
N ALA D 17 -0.50 24.45 -37.99
CA ALA D 17 -0.73 23.20 -38.72
C ALA D 17 0.51 22.32 -38.71
N GLY D 18 1.69 22.93 -38.92
CA GLY D 18 2.92 22.16 -38.91
C GLY D 18 3.21 21.53 -37.56
N GLU D 19 3.02 22.30 -36.48
CA GLU D 19 3.25 21.77 -35.15
C GLU D 19 2.28 20.63 -34.83
N SER D 20 1.01 20.76 -35.23
CA SER D 20 0.05 19.70 -34.99
C SER D 20 0.43 18.43 -35.74
N MET D 21 0.82 18.57 -37.01
CA MET D 21 1.24 17.40 -37.77
C MET D 21 2.48 16.76 -37.16
N ALA D 22 3.44 17.56 -36.72
CA ALA D 22 4.64 17.02 -36.09
C ALA D 22 4.31 16.27 -34.81
N HIS D 23 3.40 16.82 -34.00
CA HIS D 23 2.99 16.13 -32.77
C HIS D 23 2.32 14.79 -33.09
N MET D 24 1.45 14.77 -34.09
CA MET D 24 0.81 13.51 -34.47
C MET D 24 1.84 12.50 -34.95
N ARG D 25 2.79 12.93 -35.78
CA ARG D 25 3.82 12.02 -36.28
C ARG D 25 4.65 11.46 -35.13
N TYR D 26 5.00 12.30 -34.16
CA TYR D 26 5.80 11.83 -33.04
C TYR D 26 5.01 10.85 -32.17
N LEU D 27 3.71 11.09 -31.99
CA LEU D 27 2.90 10.13 -31.24
C LEU D 27 2.86 8.78 -31.95
N ILE D 28 2.65 8.79 -33.27
CA ILE D 28 2.62 7.53 -34.02
C ILE D 28 3.96 6.83 -33.95
N PHE D 29 5.06 7.58 -34.08
CA PHE D 29 6.38 6.97 -34.02
C PHE D 29 6.66 6.37 -32.64
N ALA D 30 6.25 7.05 -31.57
CA ALA D 30 6.40 6.49 -30.23
C ALA D 30 5.60 5.21 -30.07
N GLU D 31 4.36 5.21 -30.57
CA GLU D 31 3.54 3.99 -30.46
C GLU D 31 4.16 2.84 -31.22
N LYS D 32 4.74 3.11 -32.40
CA LYS D 32 5.45 2.06 -33.12
C LYS D 32 6.69 1.60 -32.36
N ALA D 33 7.41 2.54 -31.75
CA ALA D 33 8.63 2.19 -31.02
C ALA D 33 8.34 1.26 -29.84
N GLU D 34 7.25 1.52 -29.11
CA GLU D 34 6.91 0.66 -27.99
C GLU D 34 6.68 -0.79 -28.43
N GLN D 35 6.27 -0.99 -29.67
CA GLN D 35 6.05 -2.33 -30.23
C GLN D 35 7.33 -3.01 -30.68
N GLU D 36 8.49 -2.51 -30.26
CA GLU D 36 9.77 -3.10 -30.59
C GLU D 36 10.63 -3.13 -29.33
N GLY D 37 11.91 -3.43 -29.50
CA GLY D 37 12.81 -3.57 -28.38
C GLY D 37 13.43 -2.29 -27.85
N PHE D 38 12.91 -1.13 -28.24
CA PHE D 38 13.48 0.14 -27.80
C PHE D 38 12.45 0.93 -26.99
N PRO D 39 12.39 0.75 -25.67
CA PRO D 39 11.37 1.46 -24.88
C PRO D 39 11.71 2.90 -24.56
N ASN D 40 12.99 3.26 -24.57
CA ASN D 40 13.40 4.62 -24.23
C ASN D 40 13.26 5.60 -25.39
N ILE D 41 13.41 5.12 -26.63
CA ILE D 41 13.15 5.96 -27.79
C ILE D 41 11.71 6.45 -27.76
N ALA D 42 10.80 5.61 -27.29
CA ALA D 42 9.41 6.03 -27.11
C ALA D 42 9.29 7.16 -26.10
N LYS D 43 10.06 7.09 -25.02
CA LYS D 43 10.05 8.17 -24.03
C LYS D 43 10.55 9.47 -24.65
N LEU D 44 11.62 9.39 -25.43
CA LEU D 44 12.12 10.59 -26.11
C LEU D 44 11.08 11.16 -27.06
N PHE D 45 10.42 10.29 -27.82
CA PHE D 45 9.39 10.73 -28.74
C PHE D 45 8.23 11.39 -28.02
N ARG D 46 7.81 10.83 -26.89
CA ARG D 46 6.71 11.42 -26.13
C ARG D 46 7.09 12.79 -25.57
N ALA D 47 8.31 12.92 -25.04
CA ALA D 47 8.73 14.22 -24.51
C ALA D 47 8.80 15.27 -25.61
N ILE D 48 9.37 14.91 -26.77
CA ILE D 48 9.44 15.88 -27.86
C ILE D 48 8.05 16.19 -28.41
N ALA D 49 7.14 15.21 -28.40
CA ALA D 49 5.76 15.47 -28.79
C ALA D 49 5.10 16.47 -27.84
N TYR D 50 5.38 16.34 -26.55
CA TYR D 50 4.85 17.32 -25.60
C TYR D 50 5.42 18.71 -25.88
N ALA D 51 6.71 18.78 -26.22
CA ALA D 51 7.29 20.08 -26.58
C ALA D 51 6.60 20.68 -27.81
N GLU D 52 6.35 19.86 -28.83
CA GLU D 52 5.63 20.32 -30.01
C GLU D 52 4.22 20.78 -29.63
N PHE D 53 3.58 20.09 -28.68
CA PHE D 53 2.27 20.51 -28.20
C PHE D 53 2.33 21.87 -27.55
N VAL D 54 3.38 22.13 -26.75
CA VAL D 54 3.52 23.44 -26.12
C VAL D 54 3.67 24.52 -27.17
N HIS D 55 4.50 24.26 -28.19
CA HIS D 55 4.67 25.24 -29.27
C HIS D 55 3.36 25.49 -30.00
N ALA D 56 2.61 24.41 -30.28
CA ALA D 56 1.33 24.56 -30.97
C ALA D 56 0.33 25.34 -30.13
N LYS D 57 0.31 25.11 -28.82
CA LYS D 57 -0.57 25.86 -27.94
C LYS D 57 -0.21 27.33 -27.93
N ASN D 58 1.09 27.64 -27.91
CA ASN D 58 1.51 29.04 -27.97
C ASN D 58 1.06 29.68 -29.27
N HIS D 59 1.23 28.99 -30.40
CA HIS D 59 0.79 29.52 -31.68
C HIS D 59 -0.72 29.73 -31.70
N PHE D 60 -1.48 28.78 -31.15
CA PHE D 60 -2.93 28.87 -31.17
C PHE D 60 -3.43 30.02 -30.29
N ILE D 61 -2.86 30.17 -29.09
CA ILE D 61 -3.29 31.24 -28.21
C ILE D 61 -2.89 32.60 -28.76
N ALA D 62 -1.72 32.69 -29.42
CA ALA D 62 -1.28 33.95 -29.99
C ALA D 62 -2.27 34.48 -31.03
N LEU D 63 -3.07 33.60 -31.62
CA LEU D 63 -4.09 34.02 -32.58
C LEU D 63 -5.37 34.51 -31.91
N GLY D 64 -5.47 34.39 -30.58
CA GLY D 64 -6.67 34.79 -29.88
C GLY D 64 -7.89 33.93 -30.20
N LYS D 65 -7.70 32.61 -30.28
CA LYS D 65 -8.78 31.69 -30.60
C LYS D 65 -9.22 30.86 -29.39
N LEU D 66 -8.69 31.18 -28.19
CA LEU D 66 -9.05 30.42 -26.97
C LEU D 66 -10.03 31.23 -26.13
N GLY D 67 -11.26 30.73 -25.95
CA GLY D 67 -12.26 31.39 -25.14
C GLY D 67 -12.77 30.49 -24.04
N LYS D 68 -13.85 30.90 -23.38
CA LYS D 68 -14.45 30.08 -22.33
C LYS D 68 -15.02 28.80 -22.93
N THR D 69 -15.43 27.89 -22.05
CA THR D 69 -15.90 26.58 -22.48
C THR D 69 -17.07 26.61 -23.46
N PRO D 70 -18.09 27.47 -23.31
CA PRO D 70 -19.17 27.50 -24.32
C PRO D 70 -18.67 27.72 -25.75
N GLU D 71 -17.81 28.72 -25.96
CA GLU D 71 -17.34 29.00 -27.32
C GLU D 71 -16.45 27.89 -27.85
N ASN D 72 -15.63 27.29 -26.99
CA ASN D 72 -14.81 26.17 -27.41
C ASN D 72 -15.67 24.98 -27.82
N LEU D 73 -16.73 24.70 -27.05
CA LEU D 73 -17.63 23.63 -27.41
C LEU D 73 -18.36 23.94 -28.72
N GLN D 74 -18.72 25.20 -28.93
CA GLN D 74 -19.35 25.58 -30.20
C GLN D 74 -18.40 25.36 -31.37
N MET D 75 -17.13 25.72 -31.20
CA MET D 75 -16.15 25.49 -32.26
C MET D 75 -15.98 24.01 -32.54
N GLY D 76 -15.92 23.19 -31.49
CA GLY D 76 -15.89 21.75 -31.69
C GLY D 76 -17.13 21.23 -32.39
N ILE D 77 -18.28 21.80 -32.08
CA ILE D 77 -19.53 21.40 -32.74
C ILE D 77 -19.46 21.70 -34.23
N GLU D 78 -19.00 22.89 -34.59
CA GLU D 78 -18.89 23.25 -36.01
C GLU D 78 -17.91 22.34 -36.72
N GLY D 79 -16.75 22.08 -36.08
CA GLY D 79 -15.77 21.21 -36.70
C GLY D 79 -16.29 19.80 -36.93
N GLU D 80 -16.96 19.24 -35.93
CA GLU D 80 -17.50 17.89 -36.06
C GLU D 80 -18.60 17.84 -37.11
N THR D 81 -19.47 18.85 -37.14
CA THR D 81 -20.52 18.88 -38.14
C THR D 81 -19.94 18.93 -39.54
N PHE D 82 -18.92 19.76 -39.76
CA PHE D 82 -18.30 19.82 -41.08
C PHE D 82 -17.61 18.50 -41.41
N GLU D 83 -16.97 17.86 -40.43
CA GLU D 83 -16.29 16.60 -40.68
C GLU D 83 -17.27 15.51 -41.09
N VAL D 84 -18.43 15.45 -40.45
CA VAL D 84 -19.36 14.34 -40.70
C VAL D 84 -20.29 14.60 -41.88
N GLU D 85 -20.63 15.85 -42.16
CA GLU D 85 -21.66 16.13 -43.16
C GLU D 85 -21.11 16.34 -44.57
N GLU D 86 -19.91 16.89 -44.72
CA GLU D 86 -19.41 17.31 -46.02
C GLU D 86 -18.17 16.56 -46.48
N MET D 87 -17.14 16.48 -45.63
CA MET D 87 -15.84 15.98 -46.08
C MET D 87 -15.87 14.48 -46.34
N TYR D 88 -16.18 13.70 -45.31
CA TYR D 88 -16.03 12.25 -45.40
C TYR D 88 -16.92 11.59 -46.44
N PRO D 89 -18.19 11.96 -46.62
CA PRO D 89 -18.97 11.35 -47.72
C PRO D 89 -18.32 11.53 -49.09
N VAL D 90 -17.85 12.73 -49.40
CA VAL D 90 -17.23 12.97 -50.70
C VAL D 90 -15.91 12.23 -50.81
N TYR D 91 -15.12 12.21 -49.73
CA TYR D 91 -13.86 11.48 -49.76
C TYR D 91 -14.10 9.99 -50.00
N ASN D 92 -15.11 9.43 -49.32
CA ASN D 92 -15.44 8.02 -49.51
C ASN D 92 -15.89 7.74 -50.93
N LYS D 93 -16.74 8.62 -51.49
CA LYS D 93 -17.20 8.41 -52.86
C LYS D 93 -16.04 8.45 -53.85
N ALA D 94 -15.14 9.42 -53.69
CA ALA D 94 -13.99 9.52 -54.59
C ALA D 94 -13.08 8.31 -54.45
N ALA D 95 -12.84 7.86 -53.22
CA ALA D 95 -11.99 6.70 -53.00
C ALA D 95 -12.61 5.45 -53.61
N GLU D 96 -13.93 5.28 -53.47
CA GLU D 96 -14.59 4.13 -54.06
C GLU D 96 -14.54 4.17 -55.58
N PHE D 97 -14.71 5.36 -56.16
CA PHE D 97 -14.59 5.50 -57.61
C PHE D 97 -13.19 5.14 -58.09
N GLN D 98 -12.16 5.64 -57.38
CA GLN D 98 -10.79 5.34 -57.78
C GLN D 98 -10.47 3.85 -57.62
N GLY D 99 -10.94 3.23 -56.55
CA GLY D 99 -10.75 1.80 -56.37
C GLY D 99 -9.59 1.39 -55.48
N GLU D 100 -9.50 2.00 -54.31
CA GLU D 100 -8.55 1.58 -53.28
C GLU D 100 -9.35 1.12 -52.06
N LYS D 101 -9.08 -0.11 -51.62
CA LYS D 101 -9.86 -0.67 -50.52
C LYS D 101 -9.49 -0.05 -49.18
N GLU D 102 -8.22 0.31 -49.01
CA GLU D 102 -7.78 0.89 -47.74
C GLU D 102 -8.40 2.26 -47.51
N ALA D 103 -8.43 3.10 -48.55
CA ALA D 103 -9.03 4.42 -48.41
C ALA D 103 -10.53 4.32 -48.11
N VAL D 104 -11.22 3.40 -48.81
CA VAL D 104 -12.64 3.20 -48.55
C VAL D 104 -12.87 2.72 -47.13
N ARG D 105 -12.04 1.78 -46.66
CA ARG D 105 -12.18 1.27 -45.29
C ARG D 105 -11.98 2.37 -44.27
N THR D 106 -10.90 3.16 -44.43
CA THR D 106 -10.61 4.22 -43.47
C THR D 106 -11.72 5.27 -43.46
N THR D 107 -12.17 5.69 -44.64
CA THR D 107 -13.22 6.71 -44.69
C THR D 107 -14.54 6.16 -44.18
N HIS D 108 -14.82 4.87 -44.41
CA HIS D 108 -16.03 4.26 -43.88
C HIS D 108 -16.02 4.27 -42.36
N TYR D 109 -14.90 3.86 -41.76
CA TYR D 109 -14.79 3.93 -40.30
C TYR D 109 -14.94 5.36 -39.80
N ALA D 110 -14.30 6.30 -40.48
CA ALA D 110 -14.35 7.69 -40.04
C ALA D 110 -15.76 8.26 -40.09
N LEU D 111 -16.51 7.97 -41.16
CA LEU D 111 -17.85 8.52 -41.28
C LEU D 111 -18.90 7.68 -40.57
N GLU D 112 -18.53 6.50 -40.05
CA GLU D 112 -19.45 5.71 -39.23
C GLU D 112 -19.26 5.95 -37.75
N ALA D 113 -18.05 6.29 -37.30
CA ALA D 113 -17.78 6.42 -35.88
C ALA D 113 -17.70 7.86 -35.38
N GLU D 114 -17.85 8.85 -36.25
CA GLU D 114 -17.74 10.25 -35.86
C GLU D 114 -19.10 10.91 -35.66
N LYS D 115 -20.18 10.15 -35.64
CA LYS D 115 -21.52 10.73 -35.64
C LYS D 115 -21.98 11.16 -34.25
N ILE D 116 -21.39 10.56 -33.20
CA ILE D 116 -21.85 10.82 -31.80
C ILE D 116 -21.16 12.04 -31.20
N HIS D 117 -19.96 12.36 -31.67
CA HIS D 117 -19.18 13.42 -31.04
C HIS D 117 -19.96 14.73 -31.01
N ALA D 118 -20.67 15.04 -32.10
CA ALA D 118 -21.46 16.27 -32.14
C ALA D 118 -22.58 16.26 -31.10
N GLU D 119 -23.28 15.13 -30.97
CA GLU D 119 -24.35 15.06 -29.98
C GLU D 119 -23.80 15.17 -28.57
N LEU D 120 -22.65 14.52 -28.31
CA LEU D 120 -22.03 14.64 -26.99
C LEU D 120 -21.62 16.09 -26.70
N TYR D 121 -21.04 16.77 -27.68
CA TYR D 121 -20.61 18.15 -27.48
C TYR D 121 -21.80 19.08 -27.25
N ARG D 122 -22.89 18.89 -28.00
CA ARG D 122 -24.04 19.77 -27.81
C ARG D 122 -24.73 19.50 -26.48
N LYS D 123 -24.79 18.24 -26.05
CA LYS D 123 -25.32 17.94 -24.73
C LYS D 123 -24.45 18.56 -23.64
N ALA D 124 -23.13 18.46 -23.78
CA ALA D 124 -22.22 19.07 -22.81
C ALA D 124 -22.39 20.59 -22.78
N LYS D 125 -22.55 21.21 -23.94
CA LYS D 125 -22.76 22.66 -23.98
C LYS D 125 -24.08 23.05 -23.32
N GLU D 126 -25.13 22.26 -23.54
CA GLU D 126 -26.42 22.56 -22.91
C GLU D 126 -26.33 22.42 -21.39
N LYS D 127 -25.60 21.42 -20.91
CA LYS D 127 -25.41 21.24 -19.48
C LYS D 127 -24.28 22.11 -18.92
N ALA D 128 -23.53 22.86 -19.75
CA ALA D 128 -22.36 23.61 -19.21
C ALA D 128 -22.43 25.10 -19.59
N GLU D 129 -23.64 25.65 -19.69
CA GLU D 129 -23.80 27.09 -20.00
C GLU D 129 -24.47 27.75 -18.79
N LYS D 130 -25.14 26.96 -17.96
CA LYS D 130 -25.86 27.51 -16.77
C LYS D 130 -24.83 27.71 -15.64
N GLY D 131 -23.90 26.78 -15.48
CA GLY D 131 -22.84 26.96 -14.48
C GLY D 131 -22.52 25.67 -13.76
N GLU D 132 -22.84 24.54 -14.39
CA GLU D 132 -22.64 23.24 -13.70
C GLU D 132 -21.89 22.27 -14.62
N ASP D 133 -21.39 21.17 -14.05
CA ASP D 133 -20.69 20.19 -14.85
C ASP D 133 -21.64 19.05 -15.22
N ILE D 134 -21.27 18.30 -16.25
CA ILE D 134 -22.10 17.22 -16.79
C ILE D 134 -21.66 15.89 -16.17
N GLU D 135 -22.61 15.15 -15.61
CA GLU D 135 -22.32 13.88 -14.97
C GLU D 135 -22.01 12.83 -16.04
N ILE D 136 -20.77 12.34 -16.04
CA ILE D 136 -20.34 11.34 -17.02
C ILE D 136 -19.08 10.68 -16.48
N LYS D 137 -18.99 9.36 -16.66
CA LYS D 137 -17.84 8.59 -16.18
C LYS D 137 -17.52 7.48 -17.17
N LYS D 138 -16.24 7.09 -17.21
CA LYS D 138 -15.78 5.86 -17.84
C LYS D 138 -16.16 5.79 -19.31
N VAL D 139 -15.54 6.69 -20.09
CA VAL D 139 -15.73 6.70 -21.54
C VAL D 139 -14.86 5.61 -22.16
N TYR D 140 -15.31 5.04 -23.27
CA TYR D 140 -14.59 3.97 -23.95
C TYR D 140 -14.28 4.38 -25.38
N ILE D 141 -13.07 4.06 -25.84
CA ILE D 141 -12.65 4.32 -27.22
C ILE D 141 -12.04 3.05 -27.79
N CYS D 142 -12.47 2.68 -29.00
CA CYS D 142 -11.93 1.52 -29.72
C CYS D 142 -10.55 1.85 -30.28
N PRO D 143 -9.64 0.88 -30.30
CA PRO D 143 -8.26 1.15 -30.78
C PRO D 143 -8.01 0.81 -32.24
N ILE D 144 -9.07 0.50 -33.01
CA ILE D 144 -8.91 0.09 -34.45
C ILE D 144 -9.91 0.81 -35.36
N CYS D 145 -10.74 1.69 -34.83
CA CYS D 145 -11.79 2.33 -35.66
C CYS D 145 -12.36 3.55 -34.94
N GLY D 146 -11.84 3.88 -33.77
CA GLY D 146 -12.29 5.09 -33.09
C GLY D 146 -13.78 5.10 -32.82
N TYR D 147 -14.30 4.12 -32.07
CA TYR D 147 -15.74 4.08 -31.70
C TYR D 147 -15.93 4.62 -30.27
N THR D 148 -16.77 5.63 -30.09
CA THR D 148 -17.00 6.25 -28.79
C THR D 148 -18.13 5.53 -28.07
N ALA D 149 -17.87 5.12 -26.83
CA ALA D 149 -18.88 4.50 -25.97
C ALA D 149 -18.92 5.28 -24.66
N VAL D 150 -20.07 5.84 -24.32
CA VAL D 150 -20.17 6.69 -23.10
C VAL D 150 -20.76 5.88 -21.94
N ASP D 151 -20.23 6.05 -20.73
CA ASP D 151 -20.71 5.29 -19.53
C ASP D 151 -20.60 3.79 -19.78
N GLU D 152 -21.59 3.19 -20.41
CA GLU D 152 -21.58 1.73 -20.64
C GLU D 152 -20.69 1.37 -21.83
N ALA D 153 -20.30 0.10 -21.96
CA ALA D 153 -19.52 -0.30 -23.11
C ALA D 153 -20.14 -1.52 -23.76
N PRO D 154 -20.41 -1.50 -25.06
CA PRO D 154 -20.98 -2.68 -25.73
C PRO D 154 -20.03 -3.87 -25.66
N GLU D 155 -20.61 -5.07 -25.66
CA GLU D 155 -19.82 -6.28 -25.56
C GLU D 155 -18.84 -6.42 -26.72
N TYR D 156 -19.25 -6.00 -27.91
CA TYR D 156 -18.41 -6.06 -29.10
C TYR D 156 -18.48 -4.74 -29.84
N CYS D 157 -17.59 -4.59 -30.82
CA CYS D 157 -17.58 -3.38 -31.63
C CYS D 157 -18.59 -3.51 -32.76
N PRO D 158 -19.60 -2.65 -32.83
CA PRO D 158 -20.58 -2.76 -33.93
C PRO D 158 -20.01 -2.40 -35.29
N VAL D 159 -18.81 -1.83 -35.35
CA VAL D 159 -18.22 -1.39 -36.61
C VAL D 159 -17.18 -2.36 -37.13
N CYS D 160 -16.32 -2.89 -36.25
CA CYS D 160 -15.28 -3.82 -36.68
C CYS D 160 -15.30 -5.14 -35.93
N GLY D 161 -16.10 -5.27 -34.87
CA GLY D 161 -16.14 -6.53 -34.14
C GLY D 161 -14.96 -6.79 -33.24
N ALA D 162 -14.28 -5.74 -32.78
CA ALA D 162 -13.19 -5.94 -31.84
C ALA D 162 -13.73 -6.31 -30.47
N PRO D 163 -13.13 -7.30 -29.79
CA PRO D 163 -13.63 -7.72 -28.47
C PRO D 163 -13.63 -6.58 -27.48
N LYS D 164 -14.35 -6.80 -26.37
CA LYS D 164 -14.53 -5.76 -25.36
C LYS D 164 -13.23 -5.39 -24.68
N GLU D 165 -12.38 -6.38 -24.43
CA GLU D 165 -11.13 -6.11 -23.66
C GLU D 165 -10.27 -5.07 -24.37
N LYS D 166 -10.32 -4.96 -25.69
CA LYS D 166 -9.43 -4.07 -26.42
C LYS D 166 -9.81 -2.60 -26.29
N PHE D 167 -10.99 -2.29 -25.76
CA PHE D 167 -11.39 -0.90 -25.60
C PHE D 167 -10.50 -0.21 -24.56
N VAL D 168 -10.06 1.00 -24.90
CA VAL D 168 -9.33 1.82 -23.95
C VAL D 168 -10.34 2.65 -23.16
N VAL D 169 -10.01 2.80 -21.87
CA VAL D 169 -10.97 3.46 -20.95
C VAL D 169 -10.40 4.78 -20.42
N PHE D 170 -11.21 5.82 -20.49
CA PHE D 170 -10.85 7.13 -19.97
C PHE D 170 -11.73 7.46 -18.77
N GLU D 171 -11.10 7.79 -17.65
CA GLU D 171 -11.82 8.15 -16.43
C GLU D 171 -10.92 8.95 -15.50
N MET E 1 -19.16 -29.16 -23.46
CA MET E 1 -19.64 -30.39 -22.85
C MET E 1 -21.09 -30.26 -22.39
N VAL E 2 -21.81 -31.39 -22.37
CA VAL E 2 -23.22 -31.37 -21.97
C VAL E 2 -23.33 -31.01 -20.50
N VAL E 3 -24.46 -30.43 -20.13
CA VAL E 3 -24.70 -30.01 -18.75
C VAL E 3 -25.00 -31.23 -17.90
N LYS E 4 -24.28 -31.36 -16.79
CA LYS E 4 -24.40 -32.54 -15.93
C LYS E 4 -25.04 -32.25 -14.58
N ARG E 5 -24.88 -31.05 -14.04
CA ARG E 5 -25.45 -30.72 -12.75
C ARG E 5 -26.98 -30.75 -12.83
N THR E 6 -27.61 -31.28 -11.77
CA THR E 6 -29.05 -31.50 -11.81
C THR E 6 -29.84 -30.20 -11.71
N MET E 7 -29.46 -29.31 -10.79
CA MET E 7 -30.26 -28.11 -10.55
C MET E 7 -30.25 -27.18 -11.76
N THR E 8 -29.07 -26.97 -12.36
CA THR E 8 -29.01 -26.12 -13.54
C THR E 8 -29.63 -26.80 -14.75
N LYS E 9 -29.62 -28.14 -14.81
CA LYS E 9 -30.36 -28.84 -15.85
C LYS E 9 -31.85 -28.58 -15.74
N LYS E 10 -32.38 -28.63 -14.52
CA LYS E 10 -33.78 -28.29 -14.30
C LYS E 10 -34.08 -26.84 -14.67
N PHE E 11 -33.16 -25.93 -14.32
CA PHE E 11 -33.33 -24.53 -14.67
C PHE E 11 -33.40 -24.34 -16.19
N LEU E 12 -32.50 -25.00 -16.91
CA LEU E 12 -32.49 -24.87 -18.37
C LEU E 12 -33.72 -25.50 -19.00
N GLU E 13 -34.19 -26.63 -18.44
CA GLU E 13 -35.42 -27.24 -18.95
C GLU E 13 -36.62 -26.32 -18.76
N GLU E 14 -36.73 -25.70 -17.59
CA GLU E 14 -37.83 -24.77 -17.36
C GLU E 14 -37.73 -23.55 -18.28
N ALA E 15 -36.51 -23.05 -18.51
CA ALA E 15 -36.32 -21.94 -19.44
C ALA E 15 -36.72 -22.32 -20.84
N PHE E 16 -36.35 -23.52 -21.28
CA PHE E 16 -36.77 -24.00 -22.60
C PHE E 16 -38.28 -24.07 -22.70
N ALA E 17 -38.94 -24.58 -21.67
CA ALA E 17 -40.40 -24.64 -21.68
C ALA E 17 -41.00 -23.25 -21.80
N GLY E 18 -40.48 -22.30 -21.04
CA GLY E 18 -40.99 -20.94 -21.10
C GLY E 18 -40.79 -20.30 -22.46
N GLU E 19 -39.63 -20.53 -23.07
CA GLU E 19 -39.36 -19.97 -24.39
C GLU E 19 -40.30 -20.56 -25.43
N SER E 20 -40.55 -21.87 -25.35
CA SER E 20 -41.48 -22.50 -26.29
C SER E 20 -42.89 -21.95 -26.13
N MET E 21 -43.34 -21.79 -24.88
CA MET E 21 -44.66 -21.22 -24.64
C MET E 21 -44.74 -19.80 -25.17
N ALA E 22 -43.70 -18.99 -24.96
CA ALA E 22 -43.69 -17.62 -25.45
C ALA E 22 -43.72 -17.57 -26.97
N HIS E 23 -42.97 -18.45 -27.63
CA HIS E 23 -42.96 -18.49 -29.08
C HIS E 23 -44.33 -18.88 -29.62
N MET E 24 -44.97 -19.87 -29.01
CA MET E 24 -46.33 -20.23 -29.41
C MET E 24 -47.29 -19.07 -29.22
N ARG E 25 -47.19 -18.37 -28.09
CA ARG E 25 -48.07 -17.25 -27.82
C ARG E 25 -47.90 -16.14 -28.84
N TYR E 26 -46.65 -15.84 -29.20
CA TYR E 26 -46.40 -14.79 -30.19
C TYR E 26 -46.91 -15.20 -31.57
N LEU E 27 -46.72 -16.47 -31.94
CA LEU E 27 -47.23 -16.93 -33.23
C LEU E 27 -48.75 -16.85 -33.28
N ILE E 28 -49.42 -17.16 -32.16
CA ILE E 28 -50.87 -17.04 -32.10
C ILE E 28 -51.29 -15.58 -32.17
N PHE E 29 -50.55 -14.70 -31.48
CA PHE E 29 -50.89 -13.28 -31.49
C PHE E 29 -50.80 -12.69 -32.89
N ALA E 30 -49.78 -13.09 -33.65
CA ALA E 30 -49.58 -12.52 -34.98
C ALA E 30 -50.77 -12.79 -35.90
N GLU E 31 -51.37 -13.98 -35.80
CA GLU E 31 -52.49 -14.33 -36.68
C GLU E 31 -53.67 -13.39 -36.45
N LYS E 32 -53.99 -13.10 -35.19
CA LYS E 32 -55.06 -12.15 -34.91
C LYS E 32 -54.65 -10.73 -35.27
N ALA E 33 -53.37 -10.39 -35.10
CA ALA E 33 -52.91 -9.06 -35.46
C ALA E 33 -53.09 -8.78 -36.95
N GLU E 34 -52.77 -9.77 -37.79
CA GLU E 34 -52.99 -9.60 -39.23
C GLU E 34 -54.46 -9.71 -39.62
N GLN E 35 -55.29 -10.30 -38.76
CA GLN E 35 -56.73 -10.37 -39.02
C GLN E 35 -57.41 -9.03 -38.87
N GLU E 36 -56.78 -8.12 -38.11
CA GLU E 36 -57.40 -6.80 -37.89
C GLU E 36 -56.86 -5.84 -38.96
N GLY E 37 -56.52 -4.61 -38.57
CA GLY E 37 -56.06 -3.63 -39.57
C GLY E 37 -54.59 -3.33 -39.38
N PHE E 38 -53.86 -4.20 -38.68
CA PHE E 38 -52.43 -3.93 -38.38
C PHE E 38 -51.58 -5.00 -39.03
N PRO E 39 -51.14 -4.84 -40.29
CA PRO E 39 -50.26 -5.82 -40.94
C PRO E 39 -48.80 -5.72 -40.52
N ASN E 40 -48.39 -4.66 -39.82
CA ASN E 40 -47.00 -4.53 -39.41
C ASN E 40 -46.77 -5.13 -38.03
N ILE E 41 -47.77 -5.05 -37.14
CA ILE E 41 -47.64 -5.66 -35.83
C ILE E 41 -47.48 -7.17 -35.96
N ALA E 42 -48.10 -7.77 -36.97
CA ALA E 42 -47.88 -9.19 -37.24
C ALA E 42 -46.43 -9.46 -37.61
N LYS E 43 -45.82 -8.56 -38.39
CA LYS E 43 -44.40 -8.68 -38.71
C LYS E 43 -43.55 -8.62 -37.45
N LEU E 44 -43.86 -7.67 -36.56
CA LEU E 44 -43.12 -7.56 -35.30
C LEU E 44 -43.26 -8.83 -34.47
N PHE E 45 -44.47 -9.36 -34.39
CA PHE E 45 -44.70 -10.59 -33.64
C PHE E 45 -43.92 -11.76 -34.24
N ARG E 46 -43.90 -11.87 -35.57
CA ARG E 46 -43.15 -12.94 -36.21
C ARG E 46 -41.67 -12.83 -35.91
N ALA E 47 -41.11 -11.61 -35.99
CA ALA E 47 -39.69 -11.44 -35.72
C ALA E 47 -39.35 -11.78 -34.27
N ILE E 48 -40.18 -11.33 -33.33
CA ILE E 48 -39.92 -11.63 -31.92
C ILE E 48 -40.08 -13.12 -31.65
N ALA E 49 -41.03 -13.77 -32.32
CA ALA E 49 -41.17 -15.21 -32.18
C ALA E 49 -39.94 -15.94 -32.70
N TYR E 50 -39.36 -15.47 -33.80
CA TYR E 50 -38.12 -16.08 -34.27
C TYR E 50 -36.99 -15.87 -33.27
N ALA E 51 -36.95 -14.70 -32.62
CA ALA E 51 -35.96 -14.48 -31.58
C ALA E 51 -36.12 -15.48 -30.44
N GLU E 52 -37.38 -15.69 -30.00
CA GLU E 52 -37.63 -16.69 -28.97
C GLU E 52 -37.24 -18.09 -29.43
N PHE E 53 -37.45 -18.38 -30.72
CA PHE E 53 -37.03 -19.66 -31.26
C PHE E 53 -35.51 -19.83 -31.17
N VAL E 54 -34.77 -18.75 -31.47
CA VAL E 54 -33.32 -18.82 -31.36
C VAL E 54 -32.90 -19.07 -29.91
N HIS E 55 -33.53 -18.36 -28.97
CA HIS E 55 -33.23 -18.58 -27.56
C HIS E 55 -33.47 -20.04 -27.16
N ALA E 56 -34.65 -20.57 -27.51
CA ALA E 56 -34.98 -21.94 -27.13
C ALA E 56 -34.07 -22.94 -27.82
N LYS E 57 -33.65 -22.66 -29.06
CA LYS E 57 -32.72 -23.56 -29.73
C LYS E 57 -31.36 -23.58 -29.04
N ASN E 58 -30.89 -22.41 -28.59
CA ASN E 58 -29.64 -22.38 -27.84
C ASN E 58 -29.77 -23.17 -26.54
N HIS E 59 -30.90 -23.01 -25.84
CA HIS E 59 -31.11 -23.79 -24.61
C HIS E 59 -31.14 -25.29 -24.90
N PHE E 60 -31.78 -25.69 -26.00
CA PHE E 60 -31.82 -27.09 -26.38
C PHE E 60 -30.43 -27.63 -26.69
N ILE E 61 -29.62 -26.84 -27.41
CA ILE E 61 -28.27 -27.27 -27.76
C ILE E 61 -27.41 -27.41 -26.51
N ALA E 62 -27.62 -26.53 -25.52
CA ALA E 62 -26.82 -26.59 -24.30
C ALA E 62 -27.05 -27.91 -23.56
N LEU E 63 -28.30 -28.36 -23.49
CA LEU E 63 -28.61 -29.57 -22.74
C LEU E 63 -28.14 -30.83 -23.46
N GLY E 64 -27.96 -30.76 -24.78
CA GLY E 64 -27.35 -31.85 -25.52
C GLY E 64 -28.26 -32.94 -26.00
N LYS E 65 -29.53 -32.64 -26.22
CA LYS E 65 -30.50 -33.68 -26.64
C LYS E 65 -30.63 -33.75 -28.18
N LEU E 66 -29.87 -32.96 -28.95
CA LEU E 66 -30.01 -32.92 -30.44
C LEU E 66 -28.79 -33.59 -31.10
N GLY E 67 -29.02 -34.55 -32.02
CA GLY E 67 -27.90 -35.28 -32.65
C GLY E 67 -28.28 -35.73 -34.05
N LYS E 68 -27.81 -36.92 -34.47
CA LYS E 68 -28.05 -37.32 -35.85
C LYS E 68 -29.53 -37.67 -36.05
N THR E 69 -30.02 -37.43 -37.27
CA THR E 69 -31.44 -37.64 -37.56
C THR E 69 -31.91 -39.08 -37.33
N PRO E 70 -31.17 -40.14 -37.72
CA PRO E 70 -31.67 -41.50 -37.48
C PRO E 70 -32.04 -41.77 -36.02
N GLU E 71 -31.23 -41.30 -35.07
CA GLU E 71 -31.60 -41.39 -33.67
C GLU E 71 -32.49 -40.24 -33.23
N ASN E 72 -32.55 -39.16 -34.00
CA ASN E 72 -33.35 -38.01 -33.60
C ASN E 72 -34.84 -38.28 -33.83
N LEU E 73 -35.17 -39.09 -34.83
CA LEU E 73 -36.56 -39.40 -35.11
C LEU E 73 -37.21 -40.20 -33.99
N GLN E 74 -36.41 -40.90 -33.17
CA GLN E 74 -36.96 -41.73 -32.11
C GLN E 74 -37.66 -40.89 -31.04
N MET E 75 -37.10 -39.72 -30.72
CA MET E 75 -37.74 -38.85 -29.72
C MET E 75 -39.11 -38.39 -30.21
N GLY E 76 -39.21 -38.01 -31.49
CA GLY E 76 -40.51 -37.66 -32.04
C GLY E 76 -41.48 -38.82 -32.04
N ILE E 77 -40.99 -40.02 -32.37
CA ILE E 77 -41.85 -41.20 -32.37
C ILE E 77 -42.40 -41.44 -30.97
N GLU E 78 -41.54 -41.39 -29.96
CA GLU E 78 -41.96 -41.61 -28.58
C GLU E 78 -42.95 -40.54 -28.12
N GLY E 79 -42.68 -39.28 -28.47
CA GLY E 79 -43.60 -38.21 -28.09
C GLY E 79 -44.97 -38.39 -28.71
N GLU E 80 -45.01 -38.74 -30.00
CA GLU E 80 -46.30 -38.97 -30.66
C GLU E 80 -47.03 -40.15 -30.04
N THR E 81 -46.31 -41.23 -29.75
CA THR E 81 -46.94 -42.40 -29.13
C THR E 81 -47.52 -42.04 -27.77
N PHE E 82 -46.77 -41.29 -26.96
CA PHE E 82 -47.28 -40.89 -25.65
C PHE E 82 -48.51 -39.99 -25.78
N GLU E 83 -48.48 -39.05 -26.73
CA GLU E 83 -49.62 -38.15 -26.89
C GLU E 83 -50.88 -38.89 -27.34
N VAL E 84 -50.74 -39.84 -28.26
CA VAL E 84 -51.93 -40.49 -28.79
C VAL E 84 -52.45 -41.57 -27.84
N GLU E 85 -51.56 -42.35 -27.24
CA GLU E 85 -51.99 -43.53 -26.50
C GLU E 85 -52.52 -43.19 -25.11
N GLU E 86 -51.75 -42.44 -24.33
CA GLU E 86 -52.04 -42.26 -22.91
C GLU E 86 -52.65 -40.92 -22.54
N MET E 87 -51.99 -39.81 -22.92
CA MET E 87 -52.37 -38.50 -22.39
C MET E 87 -53.77 -38.08 -22.87
N TYR E 88 -54.06 -38.29 -24.14
CA TYR E 88 -55.27 -37.70 -24.72
C TYR E 88 -56.56 -38.44 -24.33
N PRO E 89 -56.59 -39.77 -24.32
CA PRO E 89 -57.82 -40.43 -23.84
C PRO E 89 -58.22 -40.05 -22.42
N VAL E 90 -57.23 -39.89 -21.53
CA VAL E 90 -57.53 -39.52 -20.16
C VAL E 90 -58.11 -38.12 -20.09
N TYR E 91 -57.54 -37.17 -20.84
CA TYR E 91 -58.07 -35.82 -20.86
C TYR E 91 -59.47 -35.79 -21.46
N ASN E 92 -59.71 -36.56 -22.51
CA ASN E 92 -61.05 -36.63 -23.08
C ASN E 92 -62.05 -37.18 -22.09
N LYS E 93 -61.69 -38.24 -21.36
CA LYS E 93 -62.59 -38.81 -20.37
C LYS E 93 -62.86 -37.81 -19.25
N ALA E 94 -61.83 -37.11 -18.78
CA ALA E 94 -62.02 -36.13 -17.71
C ALA E 94 -62.91 -34.98 -18.17
N ALA E 95 -62.71 -34.49 -19.39
CA ALA E 95 -63.53 -33.40 -19.90
C ALA E 95 -64.97 -33.84 -20.12
N GLU E 96 -65.17 -35.09 -20.52
CA GLU E 96 -66.52 -35.64 -20.60
C GLU E 96 -67.17 -35.71 -19.23
N PHE E 97 -66.40 -36.14 -18.22
CA PHE E 97 -66.94 -36.26 -16.87
C PHE E 97 -67.33 -34.90 -16.30
N GLN E 98 -66.47 -33.89 -16.47
CA GLN E 98 -66.78 -32.55 -15.96
C GLN E 98 -67.82 -31.83 -16.81
N GLY E 99 -67.88 -32.13 -18.11
CA GLY E 99 -68.93 -31.58 -18.95
C GLY E 99 -68.65 -30.21 -19.56
N GLU E 100 -67.55 -30.10 -20.30
CA GLU E 100 -67.24 -28.90 -21.07
C GLU E 100 -67.27 -29.25 -22.55
N LYS E 101 -68.07 -28.52 -23.32
CA LYS E 101 -68.16 -28.79 -24.75
C LYS E 101 -66.84 -28.49 -25.46
N GLU E 102 -66.21 -27.38 -25.09
CA GLU E 102 -65.01 -26.94 -25.81
C GLU E 102 -63.85 -27.90 -25.60
N ALA E 103 -63.62 -28.32 -24.35
CA ALA E 103 -62.51 -29.24 -24.08
C ALA E 103 -62.71 -30.57 -24.76
N VAL E 104 -63.93 -31.11 -24.71
CA VAL E 104 -64.22 -32.38 -25.36
C VAL E 104 -64.03 -32.27 -26.87
N ARG E 105 -64.52 -31.18 -27.47
CA ARG E 105 -64.37 -30.98 -28.90
C ARG E 105 -62.90 -30.89 -29.29
N THR E 106 -62.12 -30.12 -28.53
CA THR E 106 -60.71 -29.95 -28.85
C THR E 106 -59.95 -31.26 -28.70
N THR E 107 -60.21 -32.01 -27.63
CA THR E 107 -59.54 -33.30 -27.47
C THR E 107 -59.93 -34.28 -28.56
N HIS E 108 -61.21 -34.27 -28.96
CA HIS E 108 -61.66 -35.15 -30.05
C HIS E 108 -60.97 -34.80 -31.36
N TYR E 109 -60.84 -33.51 -31.64
CA TYR E 109 -60.06 -33.09 -32.81
C TYR E 109 -58.60 -33.50 -32.68
N ALA E 110 -58.10 -33.55 -31.45
CA ALA E 110 -56.68 -33.84 -31.24
C ALA E 110 -56.36 -35.31 -31.48
N LEU E 111 -57.00 -36.20 -30.73
CA LEU E 111 -56.63 -37.64 -30.78
C LEU E 111 -56.88 -38.27 -32.16
N GLU E 112 -57.88 -37.79 -32.89
CA GLU E 112 -58.23 -38.40 -34.17
C GLU E 112 -57.31 -37.98 -35.29
N ALA E 113 -56.51 -36.92 -35.11
CA ALA E 113 -55.61 -36.44 -36.15
C ALA E 113 -54.14 -36.67 -35.85
N GLU E 114 -53.80 -37.05 -34.63
CA GLU E 114 -52.41 -37.25 -34.22
C GLU E 114 -51.91 -38.67 -34.47
N LYS E 115 -52.75 -39.53 -35.08
CA LYS E 115 -52.39 -40.94 -35.21
C LYS E 115 -51.37 -41.19 -36.31
N ILE E 116 -51.35 -40.34 -37.34
CA ILE E 116 -50.52 -40.62 -38.51
C ILE E 116 -49.07 -40.21 -38.31
N HIS E 117 -48.78 -39.35 -37.35
CA HIS E 117 -47.43 -38.85 -37.17
C HIS E 117 -46.46 -39.97 -36.80
N ALA E 118 -46.88 -40.87 -35.90
CA ALA E 118 -46.00 -41.96 -35.49
C ALA E 118 -45.69 -42.88 -36.67
N GLU E 119 -46.69 -43.22 -37.47
CA GLU E 119 -46.47 -44.08 -38.63
C GLU E 119 -45.54 -43.40 -39.63
N LEU E 120 -45.77 -42.12 -39.92
CA LEU E 120 -44.91 -41.41 -40.86
C LEU E 120 -43.47 -41.37 -40.36
N TYR E 121 -43.28 -41.09 -39.07
CA TYR E 121 -41.93 -41.00 -38.53
C TYR E 121 -41.24 -42.37 -38.50
N ARG E 122 -41.99 -43.43 -38.21
CA ARG E 122 -41.40 -44.76 -38.25
C ARG E 122 -40.96 -45.13 -39.65
N LYS E 123 -41.81 -44.84 -40.65
CA LYS E 123 -41.42 -45.10 -42.03
C LYS E 123 -40.19 -44.28 -42.42
N ALA E 124 -40.16 -43.01 -42.03
CA ALA E 124 -39.02 -42.16 -42.35
C ALA E 124 -37.75 -42.67 -41.69
N LYS E 125 -37.84 -43.14 -40.45
CA LYS E 125 -36.65 -43.65 -39.77
C LYS E 125 -36.15 -44.93 -40.40
N GLU E 126 -37.04 -45.88 -40.69
CA GLU E 126 -36.59 -47.13 -41.27
C GLU E 126 -36.20 -47.00 -42.73
N LYS E 127 -36.58 -45.92 -43.41
CA LYS E 127 -36.04 -45.60 -44.72
C LYS E 127 -34.85 -44.66 -44.66
N ALA E 128 -34.47 -44.16 -43.49
CA ALA E 128 -33.38 -43.15 -43.45
C ALA E 128 -32.26 -43.50 -42.48
N GLU E 129 -31.75 -44.74 -42.52
CA GLU E 129 -30.57 -45.11 -41.69
C GLU E 129 -29.52 -45.68 -42.66
N LYS E 130 -29.68 -45.40 -43.96
CA LYS E 130 -28.77 -45.97 -44.99
C LYS E 130 -28.17 -44.85 -45.85
N GLY E 131 -28.59 -43.61 -45.64
CA GLY E 131 -27.96 -42.53 -46.36
C GLY E 131 -28.80 -41.95 -47.48
N GLU E 132 -30.04 -42.40 -47.64
CA GLU E 132 -30.92 -41.93 -48.70
C GLU E 132 -32.09 -41.14 -48.11
N ASP E 133 -32.52 -40.12 -48.85
CA ASP E 133 -33.64 -39.29 -48.44
C ASP E 133 -34.94 -39.85 -48.98
N ILE E 134 -35.99 -39.78 -48.16
CA ILE E 134 -37.26 -40.39 -48.53
C ILE E 134 -37.92 -39.60 -49.66
N GLU E 135 -38.79 -40.29 -50.39
CA GLU E 135 -39.50 -39.70 -51.53
C GLU E 135 -40.90 -39.30 -51.07
N ILE E 136 -41.07 -38.01 -50.79
CA ILE E 136 -42.39 -37.48 -50.35
C ILE E 136 -42.57 -36.10 -51.01
N LYS E 137 -43.81 -35.75 -51.35
CA LYS E 137 -44.10 -34.48 -51.98
C LYS E 137 -45.50 -34.01 -51.60
N LYS E 138 -45.64 -32.69 -51.43
CA LYS E 138 -46.94 -32.03 -51.27
C LYS E 138 -47.73 -32.60 -50.09
N VAL E 139 -47.18 -32.38 -48.90
CA VAL E 139 -47.87 -32.74 -47.67
C VAL E 139 -48.91 -31.68 -47.36
N TYR E 140 -50.17 -32.11 -47.19
CA TYR E 140 -51.29 -31.21 -46.95
C TYR E 140 -51.68 -31.24 -45.48
N ILE E 141 -52.29 -30.14 -45.03
CA ILE E 141 -52.67 -29.96 -43.62
C ILE E 141 -53.95 -29.16 -43.57
N CYS E 142 -54.90 -29.62 -42.74
CA CYS E 142 -56.11 -28.85 -42.50
C CYS E 142 -55.78 -27.67 -41.58
N PRO E 143 -56.39 -26.50 -41.80
CA PRO E 143 -56.06 -25.33 -40.98
C PRO E 143 -56.84 -25.23 -39.68
N ILE E 144 -57.82 -26.11 -39.44
CA ILE E 144 -58.66 -26.06 -38.25
C ILE E 144 -58.28 -27.14 -37.24
N CYS E 145 -58.19 -28.38 -37.69
CA CYS E 145 -57.93 -29.55 -36.86
C CYS E 145 -56.87 -30.42 -37.50
N GLY E 146 -55.72 -29.82 -37.80
CA GLY E 146 -54.78 -30.31 -38.80
C GLY E 146 -54.59 -31.80 -38.91
N TYR E 147 -54.93 -32.31 -40.09
CA TYR E 147 -54.87 -33.73 -40.42
C TYR E 147 -53.84 -33.89 -41.53
N THR E 148 -52.72 -34.54 -41.22
CA THR E 148 -51.57 -34.59 -42.12
C THR E 148 -51.91 -35.49 -43.30
N ALA E 149 -52.40 -34.88 -44.37
CA ALA E 149 -52.65 -35.59 -45.62
C ALA E 149 -51.39 -35.60 -46.48
N VAL E 150 -51.01 -36.79 -46.92
CA VAL E 150 -49.76 -37.00 -47.64
C VAL E 150 -50.05 -37.07 -49.13
N ASP E 151 -49.24 -36.37 -49.92
CA ASP E 151 -49.34 -36.36 -51.38
C ASP E 151 -50.73 -35.89 -51.82
N GLU E 152 -51.62 -36.85 -52.09
CA GLU E 152 -52.96 -36.50 -52.54
C GLU E 152 -53.74 -35.82 -51.43
N ALA E 153 -54.77 -35.06 -51.83
CA ALA E 153 -55.57 -34.28 -50.91
C ALA E 153 -57.03 -34.66 -51.02
N PRO E 154 -57.67 -35.08 -49.93
CA PRO E 154 -59.11 -35.39 -50.00
C PRO E 154 -59.93 -34.15 -50.30
N GLU E 155 -61.09 -34.35 -50.92
CA GLU E 155 -61.97 -33.23 -51.25
C GLU E 155 -62.45 -32.53 -49.99
N TYR E 156 -62.82 -33.28 -48.96
CA TYR E 156 -63.25 -32.72 -47.69
C TYR E 156 -62.52 -33.43 -46.56
N CYS E 157 -62.28 -32.69 -45.48
CA CYS E 157 -61.60 -33.25 -44.32
C CYS E 157 -62.50 -34.28 -43.64
N PRO E 158 -62.03 -35.52 -43.45
CA PRO E 158 -62.90 -36.52 -42.81
C PRO E 158 -63.27 -36.19 -41.37
N VAL E 159 -62.51 -35.34 -40.70
CA VAL E 159 -62.76 -35.03 -39.29
C VAL E 159 -63.73 -33.87 -39.14
N CYS E 160 -63.49 -32.76 -39.81
CA CYS E 160 -64.29 -31.55 -39.65
C CYS E 160 -65.12 -31.20 -40.88
N GLY E 161 -64.80 -31.75 -42.05
CA GLY E 161 -65.57 -31.44 -43.24
C GLY E 161 -65.23 -30.14 -43.91
N ALA E 162 -64.03 -29.61 -43.70
CA ALA E 162 -63.63 -28.38 -44.36
C ALA E 162 -63.39 -28.62 -45.85
N PRO E 163 -63.60 -27.61 -46.68
CA PRO E 163 -63.34 -27.76 -48.12
C PRO E 163 -61.86 -27.89 -48.40
N LYS E 164 -61.55 -28.40 -49.59
CA LYS E 164 -60.17 -28.70 -49.95
C LYS E 164 -59.33 -27.44 -50.09
N GLU E 165 -59.93 -26.34 -50.57
CA GLU E 165 -59.17 -25.13 -50.85
C GLU E 165 -58.57 -24.51 -49.61
N LYS E 166 -59.03 -24.88 -48.42
CA LYS E 166 -58.50 -24.31 -47.18
C LYS E 166 -57.22 -24.99 -46.72
N PHE E 167 -56.85 -26.13 -47.32
CA PHE E 167 -55.66 -26.85 -46.88
C PHE E 167 -54.41 -26.03 -47.12
N VAL E 168 -53.52 -26.01 -46.12
CA VAL E 168 -52.24 -25.32 -46.24
C VAL E 168 -51.23 -26.31 -46.81
N VAL E 169 -50.73 -25.98 -48.00
CA VAL E 169 -49.82 -26.93 -48.69
C VAL E 169 -48.37 -26.65 -48.30
N PHE E 170 -47.55 -27.69 -48.28
CA PHE E 170 -46.13 -27.61 -47.97
C PHE E 170 -45.35 -28.23 -49.11
N GLU E 171 -44.43 -27.47 -49.68
CA GLU E 171 -43.61 -27.96 -50.79
C GLU E 171 -42.31 -27.17 -50.90
N MET F 1 -67.39 -20.85 -24.66
CA MET F 1 -67.28 -20.38 -23.29
C MET F 1 -65.97 -20.85 -22.66
N VAL F 2 -65.32 -19.96 -21.90
CA VAL F 2 -64.05 -20.31 -21.27
C VAL F 2 -64.25 -21.44 -20.27
N VAL F 3 -63.21 -22.25 -20.10
CA VAL F 3 -63.26 -23.34 -19.14
C VAL F 3 -63.13 -22.78 -17.72
N LYS F 4 -64.06 -23.17 -16.85
CA LYS F 4 -64.11 -22.66 -15.49
C LYS F 4 -63.69 -23.68 -14.44
N ARG F 5 -63.98 -24.96 -14.64
CA ARG F 5 -63.58 -25.97 -13.67
C ARG F 5 -62.06 -26.10 -13.64
N THR F 6 -61.53 -26.37 -12.44
CA THR F 6 -60.08 -26.27 -12.23
C THR F 6 -59.34 -27.42 -12.91
N MET F 7 -59.84 -28.65 -12.81
CA MET F 7 -59.10 -29.80 -13.33
C MET F 7 -58.97 -29.74 -14.85
N THR F 8 -60.05 -29.36 -15.53
CA THR F 8 -59.98 -29.21 -16.99
C THR F 8 -59.02 -28.10 -17.38
N LYS F 9 -59.00 -27.02 -16.59
CA LYS F 9 -58.05 -25.94 -16.84
C LYS F 9 -56.61 -26.44 -16.74
N LYS F 10 -56.31 -27.20 -15.69
CA LYS F 10 -54.97 -27.74 -15.53
C LYS F 10 -54.60 -28.66 -16.68
N PHE F 11 -55.52 -29.54 -17.07
CA PHE F 11 -55.25 -30.49 -18.15
C PHE F 11 -55.00 -29.76 -19.46
N LEU F 12 -55.81 -28.75 -19.77
CA LEU F 12 -55.63 -28.03 -21.03
C LEU F 12 -54.34 -27.21 -21.03
N GLU F 13 -53.97 -26.63 -19.88
CA GLU F 13 -52.70 -25.92 -19.80
C GLU F 13 -51.52 -26.86 -20.02
N GLU F 14 -51.58 -28.05 -19.43
CA GLU F 14 -50.51 -29.03 -19.65
C GLU F 14 -50.45 -29.45 -21.11
N ALA F 15 -51.62 -29.63 -21.74
CA ALA F 15 -51.65 -29.99 -23.15
C ALA F 15 -51.03 -28.89 -24.01
N PHE F 16 -51.35 -27.63 -23.71
CA PHE F 16 -50.77 -26.52 -24.46
C PHE F 16 -49.25 -26.49 -24.32
N ALA F 17 -48.74 -26.69 -23.10
CA ALA F 17 -47.29 -26.72 -22.90
C ALA F 17 -46.65 -27.85 -23.69
N GLY F 18 -47.27 -29.03 -23.66
CA GLY F 18 -46.73 -30.16 -24.41
C GLY F 18 -46.70 -29.90 -25.90
N GLU F 19 -47.77 -29.32 -26.43
CA GLU F 19 -47.81 -29.03 -27.87
C GLU F 19 -46.77 -28.00 -28.26
N SER F 20 -46.56 -26.98 -27.43
CA SER F 20 -45.51 -26.00 -27.72
C SER F 20 -44.13 -26.66 -27.72
N MET F 21 -43.88 -27.53 -26.74
CA MET F 21 -42.60 -28.25 -26.71
C MET F 21 -42.43 -29.08 -27.96
N ALA F 22 -43.48 -29.78 -28.39
CA ALA F 22 -43.41 -30.59 -29.59
C ALA F 22 -43.09 -29.74 -30.82
N HIS F 23 -43.75 -28.58 -30.95
CA HIS F 23 -43.51 -27.72 -32.09
C HIS F 23 -42.06 -27.25 -32.14
N MET F 24 -41.53 -26.82 -30.99
CA MET F 24 -40.15 -26.33 -30.97
C MET F 24 -39.16 -27.45 -31.29
N ARG F 25 -39.37 -28.63 -30.70
CA ARG F 25 -38.47 -29.75 -30.99
C ARG F 25 -38.51 -30.11 -32.46
N TYR F 26 -39.70 -30.13 -33.06
CA TYR F 26 -39.82 -30.48 -34.47
C TYR F 26 -39.15 -29.44 -35.35
N LEU F 27 -39.25 -28.16 -34.98
CA LEU F 27 -38.56 -27.12 -35.74
C LEU F 27 -37.06 -27.32 -35.70
N ILE F 28 -36.51 -27.59 -34.51
CA ILE F 28 -35.06 -27.79 -34.40
C ILE F 28 -34.62 -29.01 -35.19
N PHE F 29 -35.41 -30.09 -35.12
CA PHE F 29 -35.07 -31.29 -35.88
C PHE F 29 -35.10 -31.02 -37.37
N ALA F 30 -36.07 -30.22 -37.83
CA ALA F 30 -36.12 -29.86 -39.25
C ALA F 30 -34.90 -29.06 -39.67
N GLU F 31 -34.48 -28.09 -38.85
CA GLU F 31 -33.30 -27.30 -39.19
C GLU F 31 -32.06 -28.18 -39.27
N LYS F 32 -31.93 -29.14 -38.36
CA LYS F 32 -30.80 -30.07 -38.47
C LYS F 32 -30.92 -30.95 -39.71
N ALA F 33 -32.13 -31.42 -40.02
CA ALA F 33 -32.32 -32.33 -41.14
C ALA F 33 -31.96 -31.65 -42.47
N GLU F 34 -32.38 -30.40 -42.65
CA GLU F 34 -32.05 -29.70 -43.89
C GLU F 34 -30.56 -29.39 -44.00
N GLN F 35 -29.81 -29.49 -42.92
CA GLN F 35 -28.37 -29.23 -42.93
C GLN F 35 -27.56 -30.40 -43.45
N GLU F 36 -28.20 -31.54 -43.72
CA GLU F 36 -27.48 -32.72 -44.21
C GLU F 36 -28.14 -33.29 -45.46
N GLY F 37 -27.74 -34.50 -45.84
CA GLY F 37 -28.04 -35.05 -47.16
C GLY F 37 -29.50 -35.36 -47.43
N PHE F 38 -30.39 -35.19 -46.45
CA PHE F 38 -31.81 -35.47 -46.66
C PHE F 38 -32.61 -34.19 -46.68
N PRO F 39 -33.01 -33.69 -47.86
CA PRO F 39 -33.79 -32.45 -47.91
C PRO F 39 -35.27 -32.64 -47.59
N ASN F 40 -35.84 -33.77 -48.02
CA ASN F 40 -37.29 -33.95 -47.95
C ASN F 40 -37.78 -34.33 -46.56
N ILE F 41 -36.88 -34.73 -45.65
CA ILE F 41 -37.29 -35.02 -44.28
C ILE F 41 -37.72 -33.74 -43.57
N ALA F 42 -37.02 -32.63 -43.85
CA ALA F 42 -37.36 -31.36 -43.23
C ALA F 42 -38.76 -30.90 -43.61
N LYS F 43 -39.21 -31.24 -44.83
CA LYS F 43 -40.57 -30.90 -45.22
C LYS F 43 -41.59 -31.58 -44.32
N LEU F 44 -41.42 -32.89 -44.08
CA LEU F 44 -42.31 -33.61 -43.19
C LEU F 44 -42.23 -33.05 -41.77
N PHE F 45 -41.02 -32.75 -41.31
CA PHE F 45 -40.85 -32.20 -39.96
C PHE F 45 -41.60 -30.89 -39.82
N ARG F 46 -41.46 -30.00 -40.79
CA ARG F 46 -42.13 -28.70 -40.72
C ARG F 46 -43.64 -28.84 -40.83
N ALA F 47 -44.11 -29.77 -41.67
CA ALA F 47 -45.55 -30.01 -41.77
C ALA F 47 -46.13 -30.47 -40.44
N ILE F 48 -45.48 -31.46 -39.81
CA ILE F 48 -46.01 -31.94 -38.54
C ILE F 48 -45.84 -30.89 -37.45
N ALA F 49 -44.82 -30.04 -37.54
CA ALA F 49 -44.69 -28.92 -36.62
C ALA F 49 -45.85 -27.95 -36.78
N TYR F 50 -46.27 -27.69 -38.01
CA TYR F 50 -47.44 -26.86 -38.23
C TYR F 50 -48.69 -27.51 -37.65
N ALA F 51 -48.80 -28.83 -37.76
CA ALA F 51 -49.92 -29.53 -37.13
C ALA F 51 -49.92 -29.34 -35.62
N GLU F 52 -48.75 -29.47 -34.99
CA GLU F 52 -48.65 -29.23 -33.55
C GLU F 52 -49.02 -27.80 -33.21
N PHE F 53 -48.62 -26.85 -34.05
CA PHE F 53 -49.01 -25.46 -33.84
C PHE F 53 -50.52 -25.30 -33.87
N VAL F 54 -51.18 -25.96 -34.83
CA VAL F 54 -52.64 -25.88 -34.90
C VAL F 54 -53.27 -26.44 -33.64
N HIS F 55 -52.77 -27.57 -33.16
CA HIS F 55 -53.31 -28.16 -31.93
C HIS F 55 -53.11 -27.21 -30.74
N ALA F 56 -51.92 -26.62 -30.64
CA ALA F 56 -51.66 -25.69 -29.54
C ALA F 56 -52.55 -24.47 -29.62
N LYS F 57 -52.80 -23.96 -30.83
CA LYS F 57 -53.68 -22.82 -31.00
C LYS F 57 -55.11 -23.17 -30.58
N ASN F 58 -55.57 -24.36 -30.94
CA ASN F 58 -56.91 -24.77 -30.51
C ASN F 58 -56.99 -24.85 -29.00
N HIS F 59 -55.97 -25.42 -28.35
CA HIS F 59 -55.96 -25.49 -26.89
C HIS F 59 -55.94 -24.09 -26.27
N PHE F 60 -55.17 -23.18 -26.86
CA PHE F 60 -55.08 -21.82 -26.33
C PHE F 60 -56.40 -21.08 -26.46
N ILE F 61 -57.09 -21.24 -27.60
CA ILE F 61 -58.40 -20.62 -27.76
C ILE F 61 -59.41 -21.24 -26.82
N ALA F 62 -59.27 -22.53 -26.52
CA ALA F 62 -60.21 -23.20 -25.62
C ALA F 62 -60.22 -22.54 -24.24
N LEU F 63 -59.07 -22.13 -23.74
CA LEU F 63 -59.02 -21.47 -22.40
C LEU F 63 -59.41 -19.99 -22.54
N GLY F 64 -59.70 -19.50 -23.76
CA GLY F 64 -60.15 -18.12 -23.91
C GLY F 64 -59.15 -17.09 -23.42
N LYS F 65 -57.87 -17.27 -23.75
CA LYS F 65 -56.82 -16.33 -23.36
C LYS F 65 -56.56 -15.28 -24.42
N LEU F 66 -57.35 -15.24 -25.49
CA LEU F 66 -57.11 -14.35 -26.61
C LEU F 66 -58.14 -13.23 -26.62
N GLY F 67 -57.66 -12.00 -26.81
CA GLY F 67 -58.52 -10.85 -26.96
C GLY F 67 -58.06 -9.96 -28.09
N LYS F 68 -58.43 -8.68 -28.06
CA LYS F 68 -58.00 -7.76 -29.09
C LYS F 68 -56.50 -7.46 -28.94
N THR F 69 -55.93 -6.85 -29.97
CA THR F 69 -54.51 -6.55 -29.97
C THR F 69 -54.07 -5.65 -28.82
N PRO F 70 -54.81 -4.57 -28.45
CA PRO F 70 -54.42 -3.80 -27.25
C PRO F 70 -54.18 -4.66 -26.02
N GLU F 71 -55.16 -5.50 -25.67
CA GLU F 71 -54.98 -6.40 -24.54
C GLU F 71 -54.04 -7.56 -24.83
N ASN F 72 -53.89 -7.92 -26.12
CA ASN F 72 -52.96 -8.98 -26.48
C ASN F 72 -51.52 -8.57 -26.17
N LEU F 73 -51.18 -7.31 -26.42
CA LEU F 73 -49.81 -6.84 -26.19
C LEU F 73 -49.44 -6.80 -24.71
N GLN F 74 -50.43 -6.69 -23.82
CA GLN F 74 -50.14 -6.64 -22.39
C GLN F 74 -49.53 -7.95 -21.91
N MET F 75 -50.02 -9.09 -22.40
CA MET F 75 -49.46 -10.37 -22.00
C MET F 75 -47.99 -10.48 -22.42
N GLY F 76 -47.68 -10.04 -23.64
CA GLY F 76 -46.29 -10.04 -24.08
C GLY F 76 -45.42 -9.10 -23.25
N ILE F 77 -45.97 -7.94 -22.88
CA ILE F 77 -45.22 -6.99 -22.06
C ILE F 77 -44.88 -7.62 -20.71
N GLU F 78 -45.88 -8.23 -20.06
CA GLU F 78 -45.64 -8.86 -18.77
C GLU F 78 -44.67 -10.04 -18.88
N GLY F 79 -44.81 -10.84 -19.94
CA GLY F 79 -43.91 -11.96 -20.12
C GLY F 79 -42.47 -11.52 -20.31
N GLU F 80 -42.25 -10.48 -21.12
CA GLU F 80 -40.90 -9.97 -21.32
C GLU F 80 -40.35 -9.36 -20.03
N THR F 81 -41.19 -8.66 -19.28
CA THR F 81 -40.74 -8.08 -18.00
C THR F 81 -40.30 -9.17 -17.04
N PHE F 82 -41.09 -10.24 -16.91
CA PHE F 82 -40.71 -11.33 -16.03
C PHE F 82 -39.46 -12.04 -16.54
N GLU F 83 -39.34 -12.20 -17.86
CA GLU F 83 -38.19 -12.91 -18.41
C GLU F 83 -36.90 -12.13 -18.20
N VAL F 84 -36.97 -10.80 -18.24
CA VAL F 84 -35.76 -9.99 -18.16
C VAL F 84 -35.44 -9.49 -16.76
N GLU F 85 -36.40 -9.55 -15.83
CA GLU F 85 -36.16 -9.08 -14.48
C GLU F 85 -35.85 -10.18 -13.48
N GLU F 86 -36.68 -11.23 -13.44
CA GLU F 86 -36.62 -12.23 -12.38
C GLU F 86 -35.89 -13.51 -12.80
N MET F 87 -36.29 -14.12 -13.90
CA MET F 87 -35.84 -15.47 -14.22
C MET F 87 -34.37 -15.50 -14.61
N TYR F 88 -34.03 -14.81 -15.69
CA TYR F 88 -32.70 -14.97 -16.28
C TYR F 88 -31.55 -14.52 -15.37
N PRO F 89 -31.62 -13.41 -14.64
CA PRO F 89 -30.52 -13.10 -13.71
C PRO F 89 -30.27 -14.20 -12.68
N VAL F 90 -31.33 -14.76 -12.11
CA VAL F 90 -31.17 -15.82 -11.11
C VAL F 90 -30.59 -17.07 -11.76
N TYR F 91 -31.07 -17.43 -12.95
CA TYR F 91 -30.55 -18.60 -13.63
C TYR F 91 -29.07 -18.42 -13.98
N ASN F 92 -28.70 -17.21 -14.41
CA ASN F 92 -27.29 -16.93 -14.74
C ASN F 92 -26.43 -17.03 -13.49
N LYS F 93 -26.89 -16.49 -12.36
CA LYS F 93 -26.10 -16.59 -11.14
C LYS F 93 -25.95 -18.03 -10.67
N ALA F 94 -27.03 -18.81 -10.79
CA ALA F 94 -26.94 -20.22 -10.42
C ALA F 94 -25.95 -20.97 -11.31
N ALA F 95 -25.99 -20.69 -12.62
CA ALA F 95 -25.06 -21.34 -13.53
C ALA F 95 -23.62 -20.92 -13.25
N GLU F 96 -23.42 -19.66 -12.86
CA GLU F 96 -22.10 -19.21 -12.46
C GLU F 96 -21.63 -19.94 -11.20
N PHE F 97 -22.53 -20.12 -10.24
CA PHE F 97 -22.17 -20.81 -9.00
C PHE F 97 -21.78 -22.26 -9.27
N GLN F 98 -22.58 -22.98 -10.05
CA GLN F 98 -22.28 -24.38 -10.31
C GLN F 98 -21.12 -24.55 -11.27
N GLY F 99 -20.78 -23.53 -12.05
CA GLY F 99 -19.59 -23.56 -12.87
C GLY F 99 -19.67 -24.43 -14.11
N GLU F 100 -20.55 -24.08 -15.05
CA GLU F 100 -20.65 -24.72 -16.34
C GLU F 100 -20.67 -23.64 -17.42
N LYS F 101 -19.95 -23.87 -18.51
CA LYS F 101 -19.77 -22.83 -19.52
C LYS F 101 -21.02 -22.64 -20.38
N GLU F 102 -21.66 -23.72 -20.79
CA GLU F 102 -22.74 -23.62 -21.77
C GLU F 102 -23.94 -22.87 -21.20
N ALA F 103 -24.34 -23.19 -19.97
CA ALA F 103 -25.49 -22.52 -19.38
C ALA F 103 -25.23 -21.03 -19.19
N VAL F 104 -24.03 -20.69 -18.71
CA VAL F 104 -23.67 -19.28 -18.54
C VAL F 104 -23.68 -18.55 -19.87
N ARG F 105 -23.13 -19.17 -20.90
CA ARG F 105 -23.10 -18.55 -22.23
C ARG F 105 -24.52 -18.31 -22.76
N THR F 106 -25.38 -19.33 -22.68
CA THR F 106 -26.74 -19.19 -23.19
C THR F 106 -27.52 -18.14 -22.41
N THR F 107 -27.41 -18.14 -21.09
CA THR F 107 -28.12 -17.14 -20.30
C THR F 107 -27.57 -15.74 -20.55
N HIS F 108 -26.26 -15.63 -20.77
CA HIS F 108 -25.66 -14.33 -21.07
C HIS F 108 -26.18 -13.79 -22.39
N TYR F 109 -26.28 -14.65 -23.41
CA TYR F 109 -26.89 -14.22 -24.66
C TYR F 109 -28.35 -13.82 -24.45
N ALA F 110 -29.07 -14.59 -23.63
CA ALA F 110 -30.51 -14.39 -23.51
C ALA F 110 -30.86 -13.10 -22.77
N LEU F 111 -30.18 -12.84 -21.65
CA LEU F 111 -30.57 -11.71 -20.75
C LEU F 111 -30.17 -10.34 -21.31
N GLU F 112 -29.27 -10.29 -22.27
CA GLU F 112 -28.80 -9.02 -22.83
C GLU F 112 -29.60 -8.58 -24.05
N ALA F 113 -30.53 -9.40 -24.54
CA ALA F 113 -31.27 -9.11 -25.75
C ALA F 113 -32.77 -8.96 -25.54
N GLU F 114 -33.29 -9.25 -24.35
CA GLU F 114 -34.72 -9.21 -24.11
C GLU F 114 -35.20 -7.86 -23.58
N LYS F 115 -34.32 -6.88 -23.43
CA LYS F 115 -34.73 -5.58 -22.90
C LYS F 115 -35.47 -4.74 -23.94
N ILE F 116 -35.17 -4.95 -25.22
CA ILE F 116 -35.77 -4.11 -26.26
C ILE F 116 -37.17 -4.60 -26.61
N HIS F 117 -37.49 -5.87 -26.32
CA HIS F 117 -38.79 -6.40 -26.68
C HIS F 117 -39.91 -5.70 -25.92
N ALA F 118 -39.70 -5.44 -24.64
CA ALA F 118 -40.72 -4.73 -23.86
C ALA F 118 -40.94 -3.32 -24.39
N GLU F 119 -39.87 -2.62 -24.76
CA GLU F 119 -40.01 -1.29 -25.33
C GLU F 119 -40.76 -1.34 -26.66
N LEU F 120 -40.44 -2.32 -27.51
CA LEU F 120 -41.14 -2.45 -28.78
C LEU F 120 -42.62 -2.71 -28.57
N TYR F 121 -42.96 -3.60 -27.63
CA TYR F 121 -44.36 -3.89 -27.37
C TYR F 121 -45.09 -2.69 -26.80
N ARG F 122 -44.45 -1.94 -25.91
CA ARG F 122 -45.09 -0.74 -25.36
C ARG F 122 -45.32 0.30 -26.45
N LYS F 123 -44.33 0.48 -27.33
CA LYS F 123 -44.48 1.43 -28.43
C LYS F 123 -45.62 1.02 -29.37
N ALA F 124 -45.73 -0.28 -29.65
CA ALA F 124 -46.82 -0.76 -30.49
C ALA F 124 -48.17 -0.56 -29.79
N LYS F 125 -48.22 -0.81 -28.48
CA LYS F 125 -49.49 -0.70 -27.75
C LYS F 125 -49.97 0.74 -27.69
N GLU F 126 -49.07 1.70 -27.47
CA GLU F 126 -49.57 3.09 -27.34
C GLU F 126 -50.18 3.50 -28.68
N LYS F 127 -49.65 2.99 -29.79
CA LYS F 127 -50.21 3.32 -31.09
C LYS F 127 -51.41 2.46 -31.46
N ALA F 128 -51.66 1.36 -30.73
CA ALA F 128 -52.72 0.43 -31.10
C ALA F 128 -54.07 0.76 -30.48
N GLU F 129 -54.08 1.33 -29.28
CA GLU F 129 -55.34 1.65 -28.62
C GLU F 129 -56.04 2.86 -29.24
N LYS F 130 -55.35 3.60 -30.13
CA LYS F 130 -55.95 4.74 -30.79
C LYS F 130 -56.63 4.37 -32.12
N GLY F 131 -56.16 3.33 -32.80
CA GLY F 131 -56.79 2.85 -34.01
C GLY F 131 -55.91 2.76 -35.24
N GLU F 132 -54.60 3.02 -35.14
CA GLU F 132 -53.72 2.99 -36.29
C GLU F 132 -52.58 2.01 -36.07
N ASP F 133 -51.88 1.69 -37.16
CA ASP F 133 -50.78 0.75 -37.16
C ASP F 133 -49.46 1.50 -37.15
N ILE F 134 -48.46 0.90 -36.51
CA ILE F 134 -47.12 1.48 -36.49
C ILE F 134 -46.44 1.30 -37.84
N GLU F 135 -45.36 2.02 -38.04
CA GLU F 135 -44.57 1.94 -39.26
C GLU F 135 -43.23 1.28 -38.94
N ILE F 136 -42.93 0.19 -39.63
CA ILE F 136 -41.70 -0.57 -39.40
C ILE F 136 -41.39 -1.36 -40.65
N LYS F 137 -40.10 -1.61 -40.89
CA LYS F 137 -39.67 -2.34 -42.06
C LYS F 137 -38.24 -2.84 -41.83
N LYS F 138 -37.90 -3.96 -42.47
CA LYS F 138 -36.56 -4.53 -42.43
C LYS F 138 -36.09 -4.79 -41.00
N VAL F 139 -36.79 -5.72 -40.35
CA VAL F 139 -36.42 -6.16 -39.01
C VAL F 139 -35.44 -7.32 -39.13
N TYR F 140 -34.26 -7.16 -38.54
CA TYR F 140 -33.20 -8.16 -38.59
C TYR F 140 -33.12 -8.89 -37.26
N ILE F 141 -32.89 -10.21 -37.33
CA ILE F 141 -32.72 -11.06 -36.15
C ILE F 141 -31.43 -11.84 -36.30
N CYS F 142 -30.57 -11.78 -35.30
CA CYS F 142 -29.34 -12.56 -35.33
C CYS F 142 -29.66 -14.04 -35.19
N PRO F 143 -29.05 -14.90 -36.00
CA PRO F 143 -29.31 -16.36 -35.91
C PRO F 143 -28.40 -17.11 -34.95
N ILE F 144 -27.70 -16.39 -34.07
CA ILE F 144 -26.76 -17.04 -33.10
C ILE F 144 -26.74 -16.28 -31.76
N CYS F 145 -27.81 -15.55 -31.42
CA CYS F 145 -27.87 -14.79 -30.15
C CYS F 145 -29.23 -14.08 -30.02
N GLY F 146 -30.11 -14.25 -31.00
CA GLY F 146 -31.43 -13.61 -30.97
C GLY F 146 -31.36 -12.15 -30.62
N TYR F 147 -31.02 -11.26 -31.57
CA TYR F 147 -30.90 -9.86 -31.16
C TYR F 147 -31.70 -9.03 -32.13
N THR F 148 -32.74 -8.36 -31.63
CA THR F 148 -33.70 -7.68 -32.48
C THR F 148 -33.10 -6.35 -32.95
N ALA F 149 -32.90 -6.21 -34.25
CA ALA F 149 -32.44 -4.97 -34.86
C ALA F 149 -33.59 -4.34 -35.62
N VAL F 150 -33.85 -3.06 -35.30
CA VAL F 150 -34.99 -2.35 -35.93
C VAL F 150 -34.47 -1.48 -37.07
N ASP F 151 -35.10 -1.62 -38.25
CA ASP F 151 -34.71 -0.85 -39.46
C ASP F 151 -33.23 -1.06 -39.75
N GLU F 152 -32.39 -0.10 -39.35
CA GLU F 152 -30.96 -0.21 -39.61
C GLU F 152 -30.36 -1.40 -38.87
N ALA F 153 -29.35 -2.01 -39.49
CA ALA F 153 -28.69 -3.17 -38.93
C ALA F 153 -27.19 -2.86 -38.77
N PRO F 154 -26.62 -3.05 -37.59
CA PRO F 154 -25.20 -2.77 -37.40
C PRO F 154 -24.33 -3.68 -38.26
N GLU F 155 -23.14 -3.19 -38.61
CA GLU F 155 -22.22 -3.96 -39.44
C GLU F 155 -21.82 -5.27 -38.75
N TYR F 156 -21.54 -5.22 -37.45
CA TYR F 156 -21.20 -6.39 -36.67
C TYR F 156 -22.11 -6.48 -35.45
N CYS F 157 -22.38 -7.70 -35.02
CA CYS F 157 -23.31 -7.92 -33.92
C CYS F 157 -22.69 -7.48 -32.60
N PRO F 158 -23.35 -6.59 -31.84
CA PRO F 158 -22.78 -6.14 -30.57
C PRO F 158 -22.89 -7.14 -29.43
N VAL F 159 -23.26 -8.39 -29.71
CA VAL F 159 -23.38 -9.42 -28.69
C VAL F 159 -22.47 -10.61 -28.97
N CYS F 160 -22.55 -11.18 -30.17
CA CYS F 160 -21.69 -12.28 -30.57
C CYS F 160 -20.55 -11.85 -31.49
N GLY F 161 -20.71 -10.78 -32.26
CA GLY F 161 -19.70 -10.37 -33.20
C GLY F 161 -19.85 -10.95 -34.59
N ALA F 162 -21.06 -11.28 -35.00
CA ALA F 162 -21.28 -11.83 -36.32
C ALA F 162 -21.45 -10.71 -37.36
N PRO F 163 -21.03 -10.94 -38.60
CA PRO F 163 -21.20 -9.91 -39.64
C PRO F 163 -22.66 -9.69 -39.98
N LYS F 164 -22.97 -8.54 -40.59
CA LYS F 164 -24.38 -8.20 -40.92
C LYS F 164 -24.89 -9.05 -42.07
N GLU F 165 -24.00 -9.76 -42.77
CA GLU F 165 -24.49 -10.65 -43.82
C GLU F 165 -25.24 -11.86 -43.27
N LYS F 166 -24.92 -12.29 -42.05
CA LYS F 166 -25.50 -13.51 -41.48
C LYS F 166 -26.93 -13.33 -41.00
N PHE F 167 -27.40 -12.10 -40.83
CA PHE F 167 -28.72 -11.86 -40.27
C PHE F 167 -29.81 -12.39 -41.18
N VAL F 168 -31.04 -12.43 -40.66
CA VAL F 168 -32.22 -12.82 -41.41
C VAL F 168 -33.18 -11.65 -41.44
N VAL F 169 -33.81 -11.43 -42.59
CA VAL F 169 -34.64 -10.26 -42.84
C VAL F 169 -36.10 -10.65 -42.67
N PHE F 170 -36.85 -9.86 -41.91
CA PHE F 170 -38.28 -10.05 -41.70
C PHE F 170 -38.99 -8.78 -42.16
N GLU F 171 -39.42 -8.77 -43.41
CA GLU F 171 -40.10 -7.60 -43.98
C GLU F 171 -41.58 -7.90 -44.24
N MET G 1 -50.33 -54.56 -6.69
CA MET G 1 -49.20 -54.41 -7.61
C MET G 1 -49.01 -52.94 -7.96
N VAL G 2 -47.76 -52.53 -8.16
CA VAL G 2 -47.47 -51.15 -8.50
C VAL G 2 -48.16 -50.77 -9.80
N VAL G 3 -48.59 -49.53 -9.90
CA VAL G 3 -49.21 -49.03 -11.12
C VAL G 3 -48.15 -48.84 -12.19
N LYS G 4 -48.53 -49.04 -13.44
CA LYS G 4 -47.54 -48.93 -14.55
C LYS G 4 -47.94 -47.77 -15.48
N ARG G 5 -49.24 -47.62 -15.77
CA ARG G 5 -49.64 -46.57 -16.69
C ARG G 5 -49.19 -45.22 -16.17
N THR G 6 -48.69 -44.38 -17.09
CA THR G 6 -48.01 -43.16 -16.68
C THR G 6 -48.98 -42.14 -16.05
N MET G 7 -50.17 -42.00 -16.62
CA MET G 7 -51.07 -40.94 -16.17
C MET G 7 -51.56 -41.18 -14.75
N THR G 8 -51.93 -42.43 -14.43
CA THR G 8 -52.35 -42.73 -13.07
C THR G 8 -51.19 -42.60 -12.09
N LYS G 9 -49.97 -42.90 -12.54
CA LYS G 9 -48.79 -42.69 -11.69
C LYS G 9 -48.62 -41.21 -11.36
N LYS G 10 -48.76 -40.35 -12.36
CA LYS G 10 -48.66 -38.91 -12.14
C LYS G 10 -49.76 -38.42 -11.21
N PHE G 11 -50.97 -38.92 -11.40
CA PHE G 11 -52.09 -38.50 -10.54
C PHE G 11 -51.85 -38.92 -9.10
N LEU G 12 -51.38 -40.15 -8.88
CA LEU G 12 -51.12 -40.62 -7.53
C LEU G 12 -49.98 -39.84 -6.87
N GLU G 13 -48.94 -39.51 -7.65
CA GLU G 13 -47.85 -38.70 -7.09
C GLU G 13 -48.35 -37.33 -6.68
N GLU G 14 -49.18 -36.69 -7.51
CA GLU G 14 -49.73 -35.39 -7.15
C GLU G 14 -50.61 -35.49 -5.92
N ALA G 15 -51.40 -36.58 -5.82
CA ALA G 15 -52.24 -36.77 -4.64
C ALA G 15 -51.40 -36.92 -3.38
N PHE G 16 -50.31 -37.68 -3.46
CA PHE G 16 -49.43 -37.84 -2.31
C PHE G 16 -48.83 -36.50 -1.89
N ALA G 17 -48.37 -35.70 -2.86
CA ALA G 17 -47.82 -34.39 -2.53
C ALA G 17 -48.86 -33.51 -1.86
N GLY G 18 -50.09 -33.50 -2.39
CA GLY G 18 -51.13 -32.69 -1.80
C GLY G 18 -51.47 -33.10 -0.38
N GLU G 19 -51.56 -34.42 -0.14
CA GLU G 19 -51.87 -34.91 1.19
C GLU G 19 -50.77 -34.57 2.19
N SER G 20 -49.50 -34.68 1.76
CA SER G 20 -48.40 -34.28 2.63
C SER G 20 -48.47 -32.80 2.96
N MET G 21 -48.75 -31.96 1.97
CA MET G 21 -48.90 -30.53 2.21
C MET G 21 -50.00 -30.25 3.22
N ALA G 22 -51.14 -30.92 3.05
CA ALA G 22 -52.27 -30.73 3.96
C ALA G 22 -51.91 -31.13 5.38
N HIS G 23 -51.26 -32.29 5.54
CA HIS G 23 -50.90 -32.75 6.87
C HIS G 23 -49.93 -31.78 7.55
N MET G 24 -48.93 -31.30 6.81
CA MET G 24 -47.98 -30.36 7.41
C MET G 24 -48.65 -29.05 7.78
N ARG G 25 -49.55 -28.55 6.92
CA ARG G 25 -50.25 -27.32 7.24
C ARG G 25 -51.11 -27.48 8.49
N TYR G 26 -51.79 -28.62 8.62
CA TYR G 26 -52.60 -28.86 9.80
C TYR G 26 -51.75 -28.94 11.05
N LEU G 27 -50.59 -29.59 10.96
CA LEU G 27 -49.68 -29.63 12.10
C LEU G 27 -49.23 -28.24 12.50
N ILE G 28 -48.92 -27.39 11.52
CA ILE G 28 -48.49 -26.02 11.83
C ILE G 28 -49.62 -25.23 12.49
N PHE G 29 -50.85 -25.42 12.00
CA PHE G 29 -51.98 -24.70 12.58
C PHE G 29 -52.26 -25.16 14.00
N ALA G 30 -52.02 -26.44 14.30
CA ALA G 30 -52.33 -26.97 15.63
C ALA G 30 -51.53 -26.26 16.72
N GLU G 31 -50.26 -25.98 16.44
CA GLU G 31 -49.39 -25.35 17.46
C GLU G 31 -49.99 -23.98 17.84
N LYS G 32 -50.33 -23.16 16.84
CA LYS G 32 -50.93 -21.86 17.13
C LYS G 32 -52.30 -22.01 17.78
N ALA G 33 -53.04 -23.06 17.43
CA ALA G 33 -54.33 -23.29 18.07
C ALA G 33 -54.18 -23.54 19.56
N GLU G 34 -53.20 -24.37 19.94
CA GLU G 34 -52.96 -24.64 21.36
C GLU G 34 -52.26 -23.51 22.08
N GLN G 35 -51.63 -22.59 21.34
CA GLN G 35 -50.98 -21.42 21.92
C GLN G 35 -51.98 -20.32 22.29
N GLU G 36 -53.20 -20.43 21.80
CA GLU G 36 -54.23 -19.43 22.06
C GLU G 36 -55.22 -20.02 23.05
N GLY G 37 -56.30 -19.29 23.34
CA GLY G 37 -57.26 -19.72 24.38
C GLY G 37 -58.25 -20.78 23.91
N PHE G 38 -57.90 -21.61 22.92
CA PHE G 38 -58.77 -22.67 22.43
C PHE G 38 -58.01 -23.99 22.47
N PRO G 39 -57.89 -24.61 23.65
CA PRO G 39 -57.13 -25.86 23.76
C PRO G 39 -57.71 -27.04 22.97
N ASN G 40 -59.01 -27.04 22.67
CA ASN G 40 -59.65 -28.20 22.07
C ASN G 40 -59.69 -28.15 20.55
N ILE G 41 -59.26 -27.05 19.93
CA ILE G 41 -59.18 -27.02 18.48
C ILE G 41 -57.94 -27.76 17.98
N ALA G 42 -56.86 -27.74 18.76
CA ALA G 42 -55.67 -28.49 18.39
C ALA G 42 -55.95 -29.99 18.36
N LYS G 43 -56.87 -30.48 19.18
CA LYS G 43 -57.26 -31.88 19.13
C LYS G 43 -57.83 -32.24 17.77
N LEU G 44 -58.79 -31.44 17.29
CA LEU G 44 -59.37 -31.68 15.97
C LEU G 44 -58.32 -31.54 14.88
N PHE G 45 -57.45 -30.53 15.00
CA PHE G 45 -56.41 -30.33 13.99
C PHE G 45 -55.49 -31.55 13.91
N ARG G 46 -55.06 -32.07 15.05
CA ARG G 46 -54.16 -33.21 15.07
C ARG G 46 -54.85 -34.47 14.57
N ALA G 47 -56.13 -34.65 14.92
CA ALA G 47 -56.86 -35.83 14.45
C ALA G 47 -56.99 -35.81 12.92
N ILE G 48 -57.37 -34.66 12.36
CA ILE G 48 -57.51 -34.59 10.91
C ILE G 48 -56.15 -34.67 10.23
N ALA G 49 -55.09 -34.17 10.88
CA ALA G 49 -53.75 -34.34 10.35
C ALA G 49 -53.37 -35.82 10.29
N TYR G 50 -53.75 -36.59 11.32
CA TYR G 50 -53.52 -38.03 11.29
C TYR G 50 -54.30 -38.67 10.15
N ALA G 51 -55.53 -38.20 9.92
CA ALA G 51 -56.31 -38.72 8.79
C ALA G 51 -55.62 -38.47 7.46
N GLU G 52 -55.10 -37.25 7.26
CA GLU G 52 -54.36 -36.96 6.04
C GLU G 52 -53.09 -37.80 5.95
N PHE G 53 -52.44 -38.07 7.09
CA PHE G 53 -51.29 -38.97 7.07
C PHE G 53 -51.68 -40.36 6.59
N VAL G 54 -52.83 -40.86 7.05
CA VAL G 54 -53.31 -42.17 6.61
C VAL G 54 -53.55 -42.17 5.11
N HIS G 55 -54.19 -41.10 4.60
CA HIS G 55 -54.43 -41.01 3.16
C HIS G 55 -53.12 -40.99 2.38
N ALA G 56 -52.15 -40.20 2.84
CA ALA G 56 -50.87 -40.12 2.15
C ALA G 56 -50.14 -41.47 2.18
N LYS G 57 -50.23 -42.18 3.31
CA LYS G 57 -49.60 -43.49 3.40
C LYS G 57 -50.25 -44.47 2.44
N ASN G 58 -51.58 -44.42 2.33
CA ASN G 58 -52.26 -45.28 1.37
C ASN G 58 -51.82 -44.98 -0.06
N HIS G 59 -51.71 -43.69 -0.40
CA HIS G 59 -51.24 -43.33 -1.74
C HIS G 59 -49.81 -43.80 -1.97
N PHE G 60 -48.96 -43.68 -0.95
CA PHE G 60 -47.56 -44.09 -1.07
C PHE G 60 -47.44 -45.60 -1.26
N ILE G 61 -48.23 -46.37 -0.51
CA ILE G 61 -48.21 -47.83 -0.68
C ILE G 61 -48.77 -48.21 -2.04
N ALA G 62 -49.76 -47.46 -2.54
CA ALA G 62 -50.35 -47.79 -3.84
C ALA G 62 -49.31 -47.73 -4.95
N LEU G 63 -48.41 -46.73 -4.91
CA LEU G 63 -47.33 -46.65 -5.88
C LEU G 63 -46.27 -47.73 -5.68
N GLY G 64 -46.28 -48.42 -4.55
CA GLY G 64 -45.29 -49.44 -4.28
C GLY G 64 -43.87 -48.91 -4.11
N LYS G 65 -43.71 -47.82 -3.38
CA LYS G 65 -42.40 -47.24 -3.12
C LYS G 65 -41.78 -47.74 -1.83
N LEU G 66 -42.44 -48.65 -1.11
CA LEU G 66 -41.97 -49.13 0.18
C LEU G 66 -41.39 -50.53 0.03
N GLY G 67 -40.20 -50.72 0.60
CA GLY G 67 -39.53 -52.00 0.64
C GLY G 67 -39.03 -52.29 2.04
N LYS G 68 -37.93 -53.04 2.09
CA LYS G 68 -37.32 -53.38 3.37
C LYS G 68 -36.61 -52.16 3.95
N THR G 69 -36.08 -52.33 5.16
CA THR G 69 -35.40 -51.23 5.85
C THR G 69 -34.15 -50.73 5.12
N PRO G 70 -33.25 -51.60 4.62
CA PRO G 70 -32.08 -51.05 3.91
C PRO G 70 -32.43 -50.19 2.71
N GLU G 71 -33.46 -50.56 1.94
CA GLU G 71 -33.84 -49.75 0.79
C GLU G 71 -34.45 -48.43 1.23
N ASN G 72 -35.22 -48.43 2.31
CA ASN G 72 -35.74 -47.18 2.86
C ASN G 72 -34.60 -46.27 3.29
N LEU G 73 -33.59 -46.83 3.95
CA LEU G 73 -32.44 -46.03 4.36
C LEU G 73 -31.67 -45.51 3.16
N GLN G 74 -31.56 -46.30 2.10
CA GLN G 74 -30.91 -45.83 0.88
C GLN G 74 -31.66 -44.66 0.27
N MET G 75 -33.00 -44.76 0.22
CA MET G 75 -33.81 -43.66 -0.31
C MET G 75 -33.65 -42.41 0.53
N GLY G 76 -33.62 -42.57 1.87
CA GLY G 76 -33.38 -41.43 2.73
C GLY G 76 -32.01 -40.82 2.51
N ILE G 77 -31.00 -41.67 2.28
CA ILE G 77 -29.65 -41.18 2.01
C ILE G 77 -29.64 -40.33 0.74
N GLU G 78 -30.27 -40.84 -0.32
CA GLU G 78 -30.31 -40.08 -1.58
C GLU G 78 -31.04 -38.76 -1.40
N GLY G 79 -32.18 -38.79 -0.71
CA GLY G 79 -32.93 -37.57 -0.47
C GLY G 79 -32.14 -36.53 0.31
N GLU G 80 -31.45 -36.98 1.36
CA GLU G 80 -30.63 -36.08 2.16
C GLU G 80 -29.47 -35.52 1.36
N THR G 81 -28.84 -36.36 0.53
CA THR G 81 -27.74 -35.89 -0.29
C THR G 81 -28.20 -34.81 -1.26
N PHE G 82 -29.34 -35.02 -1.91
CA PHE G 82 -29.87 -33.99 -2.79
C PHE G 82 -30.24 -32.74 -2.02
N GLU G 83 -30.68 -32.83 -0.78
CA GLU G 83 -31.18 -31.61 -0.11
C GLU G 83 -30.06 -30.68 0.39
N VAL G 84 -28.82 -31.15 0.53
CA VAL G 84 -27.76 -30.28 1.14
C VAL G 84 -26.57 -30.12 0.18
N GLU G 85 -26.64 -30.72 -1.00
CA GLU G 85 -25.57 -30.55 -2.01
C GLU G 85 -26.09 -29.69 -3.18
N GLU G 86 -27.35 -29.88 -3.62
CA GLU G 86 -27.71 -29.08 -4.80
C GLU G 86 -28.76 -28.01 -4.51
N MET G 87 -29.81 -28.33 -3.76
CA MET G 87 -30.97 -27.44 -3.67
C MET G 87 -30.70 -26.26 -2.75
N TYR G 88 -30.39 -26.53 -1.48
CA TYR G 88 -30.29 -25.47 -0.49
C TYR G 88 -29.19 -24.45 -0.77
N PRO G 89 -27.96 -24.83 -1.18
CA PRO G 89 -26.98 -23.79 -1.51
C PRO G 89 -27.45 -22.85 -2.62
N VAL G 90 -28.08 -23.38 -3.66
CA VAL G 90 -28.55 -22.55 -4.76
C VAL G 90 -29.67 -21.63 -4.28
N TYR G 91 -30.59 -22.17 -3.47
CA TYR G 91 -31.67 -21.33 -2.94
C TYR G 91 -31.12 -20.21 -2.06
N ASN G 92 -30.14 -20.53 -1.22
CA ASN G 92 -29.53 -19.51 -0.36
C ASN G 92 -28.84 -18.43 -1.18
N LYS G 93 -28.10 -18.83 -2.22
CA LYS G 93 -27.41 -17.84 -3.03
C LYS G 93 -28.39 -16.97 -3.82
N ALA G 94 -29.46 -17.57 -4.34
CA ALA G 94 -30.49 -16.77 -5.02
C ALA G 94 -31.14 -15.78 -4.06
N ALA G 95 -31.43 -16.24 -2.84
CA ALA G 95 -32.03 -15.35 -1.84
C ALA G 95 -31.08 -14.21 -1.48
N GLU G 96 -29.78 -14.51 -1.42
CA GLU G 96 -28.79 -13.46 -1.18
C GLU G 96 -28.77 -12.46 -2.33
N PHE G 97 -28.85 -12.96 -3.57
CA PHE G 97 -28.85 -12.08 -4.73
C PHE G 97 -30.06 -11.15 -4.74
N GLN G 98 -31.24 -11.69 -4.41
CA GLN G 98 -32.45 -10.88 -4.42
C GLN G 98 -32.59 -10.00 -3.19
N GLY G 99 -31.83 -10.27 -2.13
CA GLY G 99 -31.76 -9.36 -1.00
C GLY G 99 -32.97 -9.35 -0.09
N GLU G 100 -33.25 -10.47 0.56
CA GLU G 100 -34.31 -10.57 1.56
C GLU G 100 -33.79 -11.32 2.77
N LYS G 101 -34.08 -10.80 3.97
CA LYS G 101 -33.43 -11.31 5.17
C LYS G 101 -34.02 -12.66 5.59
N GLU G 102 -35.35 -12.80 5.56
CA GLU G 102 -35.97 -13.98 6.14
C GLU G 102 -35.64 -15.24 5.36
N ALA G 103 -35.67 -15.19 4.03
CA ALA G 103 -35.35 -16.36 3.23
C ALA G 103 -33.89 -16.78 3.43
N VAL G 104 -32.99 -15.80 3.48
CA VAL G 104 -31.58 -16.12 3.70
C VAL G 104 -31.38 -16.75 5.08
N ARG G 105 -32.03 -16.20 6.10
CA ARG G 105 -31.90 -16.76 7.45
C ARG G 105 -32.43 -18.18 7.52
N THR G 106 -33.60 -18.43 6.91
CA THR G 106 -34.19 -19.76 6.96
C THR G 106 -33.33 -20.77 6.20
N THR G 107 -32.80 -20.38 5.05
CA THR G 107 -31.99 -21.37 4.34
C THR G 107 -30.68 -21.54 5.08
N HIS G 108 -30.17 -20.50 5.74
CA HIS G 108 -28.95 -20.67 6.52
C HIS G 108 -29.15 -21.67 7.64
N TYR G 109 -30.28 -21.57 8.35
CA TYR G 109 -30.60 -22.55 9.38
C TYR G 109 -30.70 -23.95 8.79
N ALA G 110 -31.40 -24.08 7.65
CA ALA G 110 -31.63 -25.40 7.09
C ALA G 110 -30.39 -25.97 6.40
N LEU G 111 -29.44 -25.12 6.01
CA LEU G 111 -28.30 -25.59 5.24
C LEU G 111 -27.27 -26.28 6.13
N GLU G 112 -27.09 -25.80 7.36
CA GLU G 112 -26.04 -26.30 8.23
C GLU G 112 -26.46 -27.48 9.07
N ALA G 113 -27.74 -27.86 9.06
CA ALA G 113 -28.24 -28.93 9.92
C ALA G 113 -28.49 -30.24 9.20
N GLU G 114 -28.44 -30.25 7.87
CA GLU G 114 -28.75 -31.45 7.10
C GLU G 114 -27.53 -32.32 6.82
N LYS G 115 -26.35 -31.87 7.24
CA LYS G 115 -25.12 -32.62 6.86
C LYS G 115 -24.99 -33.90 7.70
N ILE G 116 -25.65 -33.95 8.85
CA ILE G 116 -25.50 -35.12 9.77
C ILE G 116 -26.50 -36.23 9.36
N HIS G 117 -27.71 -35.86 8.96
CA HIS G 117 -28.74 -36.88 8.67
C HIS G 117 -28.18 -37.99 7.76
N ALA G 118 -27.45 -37.66 6.71
CA ALA G 118 -26.90 -38.66 5.79
C ALA G 118 -25.96 -39.60 6.52
N GLU G 119 -25.11 -39.07 7.40
CA GLU G 119 -24.21 -39.92 8.16
C GLU G 119 -24.97 -40.88 9.07
N LEU G 120 -26.00 -40.37 9.76
CA LEU G 120 -26.81 -41.23 10.61
C LEU G 120 -27.48 -42.33 9.81
N TYR G 121 -28.04 -42.00 8.65
CA TYR G 121 -28.69 -43.00 7.81
C TYR G 121 -27.69 -44.02 7.28
N ARG G 122 -26.48 -43.58 6.91
CA ARG G 122 -25.47 -44.52 6.45
C ARG G 122 -25.05 -45.47 7.56
N LYS G 123 -24.89 -44.96 8.79
CA LYS G 123 -24.57 -45.83 9.92
C LYS G 123 -25.69 -46.84 10.16
N ALA G 124 -26.94 -46.37 10.10
CA ALA G 124 -28.08 -47.27 10.30
C ALA G 124 -28.14 -48.33 9.22
N LYS G 125 -27.84 -47.96 7.97
CA LYS G 125 -27.87 -48.94 6.89
C LYS G 125 -26.73 -49.96 7.02
N GLU G 126 -25.54 -49.49 7.42
CA GLU G 126 -24.43 -50.41 7.60
C GLU G 126 -24.72 -51.40 8.73
N LYS G 127 -25.34 -50.92 9.80
CA LYS G 127 -25.73 -51.82 10.89
C LYS G 127 -27.04 -52.55 10.62
N ALA G 128 -27.78 -52.28 9.55
CA ALA G 128 -29.11 -52.94 9.41
C ALA G 128 -29.14 -54.01 8.32
N GLU G 129 -28.06 -54.13 7.54
CA GLU G 129 -28.08 -55.09 6.41
C GLU G 129 -27.60 -56.47 6.90
N LYS G 130 -27.77 -56.77 8.19
CA LYS G 130 -27.24 -58.05 8.75
C LYS G 130 -28.25 -58.72 9.67
N GLY G 131 -29.11 -57.96 10.36
CA GLY G 131 -30.04 -58.54 11.30
C GLY G 131 -29.97 -57.98 12.70
N GLU G 132 -29.32 -56.83 12.88
CA GLU G 132 -29.13 -56.23 14.20
C GLU G 132 -29.59 -54.78 14.19
N ASP G 133 -30.02 -54.31 15.35
CA ASP G 133 -30.45 -52.93 15.53
C ASP G 133 -29.32 -52.10 16.12
N ILE G 134 -29.35 -50.81 15.79
CA ILE G 134 -28.35 -49.87 16.32
C ILE G 134 -28.70 -49.53 17.78
N GLU G 135 -27.75 -48.92 18.50
CA GLU G 135 -27.96 -48.47 19.87
C GLU G 135 -28.01 -46.95 19.87
N ILE G 136 -29.08 -46.40 20.43
CA ILE G 136 -29.29 -44.97 20.48
C ILE G 136 -30.28 -44.67 21.60
N LYS G 137 -30.16 -43.47 22.17
CA LYS G 137 -31.02 -43.08 23.29
C LYS G 137 -31.02 -41.57 23.43
N LYS G 138 -32.20 -41.01 23.67
CA LYS G 138 -32.39 -39.60 24.04
C LYS G 138 -31.80 -38.67 22.98
N VAL G 139 -32.44 -38.71 21.80
CA VAL G 139 -32.05 -37.81 20.72
C VAL G 139 -32.72 -36.46 20.92
N TYR G 140 -31.91 -35.40 20.94
CA TYR G 140 -32.40 -34.04 21.13
C TYR G 140 -32.59 -33.35 19.79
N ILE G 141 -33.69 -32.62 19.65
CA ILE G 141 -34.00 -31.84 18.46
C ILE G 141 -34.31 -30.41 18.87
N CYS G 142 -33.77 -29.46 18.11
CA CYS G 142 -34.09 -28.06 18.39
C CYS G 142 -35.50 -27.73 17.88
N PRO G 143 -36.19 -26.76 18.53
CA PRO G 143 -37.49 -26.30 18.05
C PRO G 143 -37.35 -24.95 17.36
N ILE G 144 -36.14 -24.56 16.93
CA ILE G 144 -35.91 -23.22 16.30
C ILE G 144 -35.03 -23.37 15.06
N CYS G 145 -34.28 -24.46 14.94
CA CYS G 145 -33.31 -24.59 13.82
C CYS G 145 -33.24 -26.03 13.33
N GLY G 146 -34.02 -26.93 13.92
CA GLY G 146 -33.97 -28.35 13.55
C GLY G 146 -32.55 -28.87 13.59
N TYR G 147 -31.99 -29.14 14.77
CA TYR G 147 -30.59 -29.55 14.77
C TYR G 147 -30.49 -30.86 15.54
N THR G 148 -30.11 -31.93 14.84
CA THR G 148 -30.12 -33.27 15.42
C THR G 148 -28.93 -33.42 16.35
N ALA G 149 -29.21 -33.51 17.65
CA ALA G 149 -28.20 -33.80 18.66
C ALA G 149 -28.37 -35.24 19.12
N VAL G 150 -27.30 -36.02 19.03
CA VAL G 150 -27.34 -37.44 19.35
C VAL G 150 -26.75 -37.65 20.74
N ASP G 151 -27.44 -38.49 21.53
CA ASP G 151 -27.03 -38.79 22.92
C ASP G 151 -26.80 -37.49 23.68
N GLU G 152 -25.55 -37.07 23.81
CA GLU G 152 -25.23 -35.86 24.56
C GLU G 152 -25.83 -34.63 23.87
N ALA G 153 -26.24 -33.67 24.69
CA ALA G 153 -26.85 -32.44 24.21
C ALA G 153 -25.99 -31.24 24.60
N PRO G 154 -25.55 -30.42 23.66
CA PRO G 154 -24.74 -29.25 24.01
C PRO G 154 -25.52 -28.29 24.91
N GLU G 155 -24.79 -27.59 25.77
CA GLU G 155 -25.42 -26.64 26.68
C GLU G 155 -26.15 -25.53 25.92
N TYR G 156 -25.53 -25.01 24.87
CA TYR G 156 -26.14 -23.98 24.04
C TYR G 156 -26.10 -24.41 22.59
N CYS G 157 -27.04 -23.88 21.81
CA CYS G 157 -27.17 -24.28 20.42
C CYS G 157 -26.02 -23.70 19.58
N PRO G 158 -25.27 -24.53 18.85
CA PRO G 158 -24.21 -23.99 17.99
C PRO G 158 -24.74 -23.39 16.68
N VAL G 159 -26.05 -23.18 16.56
CA VAL G 159 -26.64 -22.63 15.35
C VAL G 159 -27.42 -21.34 15.65
N CYS G 160 -28.36 -21.41 16.59
CA CYS G 160 -29.12 -20.24 17.00
C CYS G 160 -28.72 -19.69 18.36
N GLY G 161 -28.23 -20.53 19.25
CA GLY G 161 -27.86 -20.10 20.58
C GLY G 161 -28.89 -20.34 21.66
N ALA G 162 -29.82 -21.26 21.44
CA ALA G 162 -30.83 -21.55 22.45
C ALA G 162 -30.25 -22.42 23.55
N PRO G 163 -30.76 -22.28 24.78
CA PRO G 163 -30.26 -23.12 25.88
C PRO G 163 -30.67 -24.57 25.72
N LYS G 164 -29.98 -25.44 26.47
CA LYS G 164 -30.24 -26.87 26.39
C LYS G 164 -31.61 -27.23 26.90
N GLU G 165 -32.19 -26.42 27.79
CA GLU G 165 -33.49 -26.73 28.36
C GLU G 165 -34.61 -26.66 27.33
N LYS G 166 -34.40 -25.89 26.24
CA LYS G 166 -35.46 -25.66 25.27
C LYS G 166 -35.64 -26.82 24.30
N PHE G 167 -34.67 -27.71 24.20
CA PHE G 167 -34.69 -28.81 23.24
C PHE G 167 -35.89 -29.73 23.49
N VAL G 168 -36.15 -30.62 22.53
CA VAL G 168 -37.17 -31.65 22.68
C VAL G 168 -36.48 -33.01 22.58
N VAL G 169 -36.95 -33.96 23.40
CA VAL G 169 -36.28 -35.25 23.59
C VAL G 169 -37.12 -36.35 22.96
N PHE G 170 -36.49 -37.19 22.16
CA PHE G 170 -37.09 -38.40 21.62
C PHE G 170 -36.32 -39.59 22.17
N GLU G 171 -36.96 -40.38 23.03
CA GLU G 171 -36.31 -41.52 23.66
C GLU G 171 -37.15 -42.78 23.51
N MET H 1 -39.77 -9.15 7.20
CA MET H 1 -40.92 -8.88 6.33
C MET H 1 -41.25 -10.10 5.48
N VAL H 2 -42.49 -10.16 5.00
CA VAL H 2 -42.90 -11.29 4.17
C VAL H 2 -42.17 -11.22 2.83
N VAL H 3 -42.00 -12.39 2.21
CA VAL H 3 -41.30 -12.48 0.93
C VAL H 3 -42.23 -11.96 -0.17
N LYS H 4 -41.73 -10.98 -0.94
CA LYS H 4 -42.51 -10.39 -2.01
C LYS H 4 -41.96 -10.67 -3.40
N ARG H 5 -40.67 -10.96 -3.53
CA ARG H 5 -40.10 -11.31 -4.81
C ARG H 5 -40.67 -12.64 -5.30
N THR H 6 -40.87 -12.75 -6.62
CA THR H 6 -41.54 -13.91 -7.17
C THR H 6 -40.63 -15.15 -7.14
N MET H 7 -39.36 -15.00 -7.55
CA MET H 7 -38.49 -16.15 -7.66
C MET H 7 -38.19 -16.76 -6.30
N THR H 8 -37.92 -15.93 -5.29
CA THR H 8 -37.69 -16.44 -3.95
C THR H 8 -38.94 -17.10 -3.39
N LYS H 9 -40.11 -16.53 -3.67
CA LYS H 9 -41.36 -17.15 -3.21
C LYS H 9 -41.55 -18.53 -3.83
N LYS H 10 -41.28 -18.66 -5.13
CA LYS H 10 -41.36 -19.96 -5.78
C LYS H 10 -40.38 -20.95 -5.19
N PHE H 11 -39.14 -20.50 -4.94
CA PHE H 11 -38.13 -21.37 -4.35
C PHE H 11 -38.56 -21.86 -2.98
N LEU H 12 -39.08 -20.97 -2.15
CA LEU H 12 -39.51 -21.35 -0.80
C LEU H 12 -40.73 -22.27 -0.84
N GLU H 13 -41.64 -22.05 -1.79
CA GLU H 13 -42.78 -22.95 -1.93
C GLU H 13 -42.33 -24.36 -2.31
N GLU H 14 -41.40 -24.46 -3.26
CA GLU H 14 -40.90 -25.78 -3.64
C GLU H 14 -40.15 -26.43 -2.48
N ALA H 15 -39.38 -25.65 -1.72
CA ALA H 15 -38.69 -26.19 -0.56
C ALA H 15 -39.67 -26.69 0.49
N PHE H 16 -40.74 -25.95 0.72
CA PHE H 16 -41.78 -26.39 1.65
C PHE H 16 -42.40 -27.70 1.19
N ALA H 17 -42.70 -27.81 -0.10
CA ALA H 17 -43.26 -29.05 -0.63
C ALA H 17 -42.31 -30.23 -0.42
N GLY H 18 -41.02 -30.01 -0.71
CA GLY H 18 -40.05 -31.07 -0.53
C GLY H 18 -39.90 -31.50 0.92
N GLU H 19 -39.91 -30.53 1.84
CA GLU H 19 -39.79 -30.85 3.25
C GLU H 19 -41.01 -31.63 3.74
N SER H 20 -42.21 -31.25 3.30
CA SER H 20 -43.41 -31.98 3.68
C SER H 20 -43.36 -33.41 3.16
N MET H 21 -42.95 -33.58 1.89
CA MET H 21 -42.85 -34.93 1.34
C MET H 21 -41.82 -35.76 2.10
N ALA H 22 -40.68 -35.16 2.45
CA ALA H 22 -39.65 -35.88 3.19
C ALA H 22 -40.14 -36.27 4.58
N HIS H 23 -40.87 -35.37 5.25
CA HIS H 23 -41.42 -35.69 6.57
C HIS H 23 -42.40 -36.84 6.50
N MET H 24 -43.29 -36.82 5.49
CA MET H 24 -44.23 -37.92 5.34
C MET H 24 -43.52 -39.23 5.07
N ARG H 25 -42.50 -39.20 4.20
CA ARG H 25 -41.75 -40.41 3.89
C ARG H 25 -41.05 -40.95 5.13
N TYR H 26 -40.49 -40.06 5.95
CA TYR H 26 -39.82 -40.51 7.17
C TYR H 26 -40.81 -41.11 8.16
N LEU H 27 -42.01 -40.53 8.27
CA LEU H 27 -43.01 -41.11 9.15
C LEU H 27 -43.41 -42.51 8.68
N ILE H 28 -43.60 -42.68 7.37
CA ILE H 28 -43.94 -44.00 6.84
C ILE H 28 -42.79 -44.98 7.10
N PHE H 29 -41.55 -44.53 6.92
CA PHE H 29 -40.40 -45.39 7.17
C PHE H 29 -40.34 -45.83 8.63
N ALA H 30 -40.61 -44.92 9.56
CA ALA H 30 -40.65 -45.28 10.97
C ALA H 30 -41.76 -46.28 11.25
N GLU H 31 -42.94 -46.08 10.64
CA GLU H 31 -44.04 -47.02 10.83
C GLU H 31 -43.65 -48.41 10.35
N LYS H 32 -42.97 -48.50 9.21
CA LYS H 32 -42.50 -49.80 8.74
C LYS H 32 -41.43 -50.38 9.67
N ALA H 33 -40.53 -49.53 10.18
CA ALA H 33 -39.45 -50.02 11.03
C ALA H 33 -39.97 -50.56 12.36
N GLU H 34 -41.08 -50.03 12.87
CA GLU H 34 -41.66 -50.58 14.09
C GLU H 34 -42.12 -52.02 13.88
N GLN H 35 -42.56 -52.35 12.66
CA GLN H 35 -43.05 -53.69 12.36
C GLN H 35 -41.95 -54.75 12.33
N GLU H 36 -40.70 -54.30 12.19
CA GLU H 36 -39.57 -55.26 12.19
C GLU H 36 -38.84 -55.13 13.52
N GLY H 37 -37.82 -55.95 13.75
CA GLY H 37 -37.11 -55.92 15.05
C GLY H 37 -36.08 -54.81 15.08
N PHE H 38 -36.52 -53.56 14.87
CA PHE H 38 -35.58 -52.42 14.94
C PHE H 38 -36.27 -51.25 15.65
N PRO H 39 -36.57 -51.34 16.97
CA PRO H 39 -37.30 -50.26 17.65
C PRO H 39 -36.55 -48.94 17.68
N ASN H 40 -35.23 -48.95 17.54
CA ASN H 40 -34.45 -47.72 17.65
C ASN H 40 -34.42 -46.94 16.35
N ILE H 41 -34.38 -47.65 15.22
CA ILE H 41 -34.38 -46.96 13.92
C ILE H 41 -35.69 -46.19 13.74
N ALA H 42 -36.78 -46.69 14.30
CA ALA H 42 -38.03 -45.94 14.28
C ALA H 42 -37.89 -44.64 15.05
N LYS H 43 -37.20 -44.67 16.19
CA LYS H 43 -36.93 -43.45 16.94
C LYS H 43 -36.10 -42.47 16.12
N LEU H 44 -35.08 -42.97 15.43
CA LEU H 44 -34.26 -42.10 14.58
C LEU H 44 -35.10 -41.47 13.48
N PHE H 45 -35.96 -42.26 12.82
CA PHE H 45 -36.81 -41.73 11.77
C PHE H 45 -37.77 -40.68 12.31
N ARG H 46 -38.36 -40.93 13.49
CA ARG H 46 -39.29 -39.96 14.07
C ARG H 46 -38.57 -38.65 14.40
N ALA H 47 -37.37 -38.73 14.98
CA ALA H 47 -36.63 -37.52 15.32
C ALA H 47 -36.26 -36.74 14.06
N ILE H 48 -35.81 -37.43 13.02
CA ILE H 48 -35.47 -36.74 11.77
C ILE H 48 -36.71 -36.15 11.13
N ALA H 49 -37.85 -36.82 11.24
CA ALA H 49 -39.11 -36.27 10.73
C ALA H 49 -39.50 -35.01 11.48
N TYR H 50 -39.28 -34.97 12.80
CA TYR H 50 -39.54 -33.74 13.54
C TYR H 50 -38.61 -32.63 13.11
N ALA H 51 -37.35 -32.96 12.80
CA ALA H 51 -36.43 -31.95 12.27
C ALA H 51 -36.95 -31.39 10.93
N GLU H 52 -37.41 -32.27 10.05
CA GLU H 52 -37.99 -31.82 8.80
C GLU H 52 -39.23 -30.96 9.03
N PHE H 53 -40.02 -31.30 10.05
CA PHE H 53 -41.17 -30.49 10.40
C PHE H 53 -40.75 -29.09 10.83
N VAL H 54 -39.68 -28.99 11.62
CA VAL H 54 -39.18 -27.68 12.02
C VAL H 54 -38.73 -26.88 10.81
N HIS H 55 -38.00 -27.52 9.89
CA HIS H 55 -37.57 -26.84 8.67
C HIS H 55 -38.76 -26.31 7.88
N ALA H 56 -39.75 -27.17 7.65
CA ALA H 56 -40.92 -26.76 6.88
C ALA H 56 -41.74 -25.69 7.60
N LYS H 57 -41.79 -25.73 8.93
CA LYS H 57 -42.48 -24.68 9.66
C LYS H 57 -41.78 -23.34 9.50
N ASN H 58 -40.44 -23.34 9.54
CA ASN H 58 -39.72 -22.10 9.30
C ASN H 58 -39.99 -21.57 7.89
N HIS H 59 -39.99 -22.47 6.90
CA HIS H 59 -40.29 -22.05 5.53
C HIS H 59 -41.69 -21.46 5.43
N PHE H 60 -42.67 -22.10 6.08
CA PHE H 60 -44.04 -21.60 6.06
C PHE H 60 -44.15 -20.24 6.72
N ILE H 61 -43.45 -20.05 7.85
CA ILE H 61 -43.50 -18.77 8.56
C ILE H 61 -42.85 -17.68 7.72
N ALA H 62 -41.81 -18.02 6.96
CA ALA H 62 -41.15 -17.02 6.12
C ALA H 62 -42.11 -16.45 5.08
N LEU H 63 -42.95 -17.30 4.49
CA LEU H 63 -43.89 -16.85 3.46
C LEU H 63 -45.01 -15.97 4.02
N GLY H 64 -45.20 -15.95 5.33
CA GLY H 64 -46.24 -15.12 5.91
C GLY H 64 -47.65 -15.62 5.72
N LYS H 65 -47.84 -16.92 5.50
CA LYS H 65 -49.16 -17.50 5.30
C LYS H 65 -49.89 -17.76 6.60
N LEU H 66 -49.24 -17.61 7.75
CA LEU H 66 -49.81 -17.97 9.04
C LEU H 66 -50.34 -16.72 9.74
N GLY H 67 -51.51 -16.86 10.36
CA GLY H 67 -52.14 -15.75 11.09
C GLY H 67 -52.93 -16.27 12.25
N LYS H 68 -54.09 -15.66 12.49
CA LYS H 68 -54.96 -16.09 13.57
C LYS H 68 -55.73 -17.34 13.19
N THR H 69 -56.44 -17.90 14.17
CA THR H 69 -57.17 -19.14 13.95
C THR H 69 -58.27 -19.06 12.89
N PRO H 70 -59.10 -18.01 12.82
CA PRO H 70 -60.12 -17.99 11.77
C PRO H 70 -59.55 -18.09 10.36
N GLU H 71 -58.42 -17.43 10.09
CA GLU H 71 -57.89 -17.40 8.73
C GLU H 71 -57.36 -18.77 8.30
N ASN H 72 -56.58 -19.42 9.15
CA ASN H 72 -56.09 -20.74 8.78
C ASN H 72 -57.20 -21.78 8.82
N LEU H 73 -58.22 -21.58 9.66
CA LEU H 73 -59.40 -22.44 9.59
C LEU H 73 -60.08 -22.31 8.23
N GLN H 74 -60.23 -21.08 7.73
CA GLN H 74 -60.83 -20.88 6.41
C GLN H 74 -59.96 -21.50 5.31
N MET H 75 -58.63 -21.39 5.45
CA MET H 75 -57.74 -22.02 4.48
C MET H 75 -57.91 -23.53 4.49
N GLY H 76 -58.04 -24.14 5.67
CA GLY H 76 -58.31 -25.56 5.73
C GLY H 76 -59.63 -25.93 5.11
N ILE H 77 -60.66 -25.10 5.32
CA ILE H 77 -61.96 -25.35 4.69
C ILE H 77 -61.84 -25.33 3.18
N GLU H 78 -61.14 -24.33 2.64
CA GLU H 78 -60.98 -24.24 1.19
C GLU H 78 -60.23 -25.45 0.65
N GLY H 79 -59.14 -25.85 1.33
CA GLY H 79 -58.40 -27.01 0.89
C GLY H 79 -59.23 -28.28 0.90
N GLU H 80 -60.00 -28.49 1.97
CA GLU H 80 -60.85 -29.67 2.05
C GLU H 80 -61.92 -29.67 0.98
N THR H 81 -62.54 -28.52 0.73
CA THR H 81 -63.55 -28.43 -0.32
C THR H 81 -62.96 -28.75 -1.69
N PHE H 82 -61.78 -28.19 -1.98
CA PHE H 82 -61.14 -28.48 -3.27
C PHE H 82 -60.80 -29.96 -3.39
N GLU H 83 -60.27 -30.56 -2.32
CA GLU H 83 -59.90 -31.97 -2.38
C GLU H 83 -61.12 -32.86 -2.60
N VAL H 84 -62.22 -32.58 -1.89
CA VAL H 84 -63.39 -33.45 -1.99
C VAL H 84 -64.13 -33.26 -3.31
N GLU H 85 -64.35 -32.02 -3.74
CA GLU H 85 -65.28 -31.76 -4.82
C GLU H 85 -64.70 -32.02 -6.21
N GLU H 86 -63.50 -31.54 -6.49
CA GLU H 86 -62.97 -31.53 -7.84
C GLU H 86 -61.93 -32.61 -8.13
N MET H 87 -60.82 -32.61 -7.38
CA MET H 87 -59.69 -33.52 -7.71
C MET H 87 -60.05 -35.00 -7.58
N TYR H 88 -60.62 -35.41 -6.45
CA TYR H 88 -60.82 -36.83 -6.22
C TYR H 88 -61.79 -37.49 -7.19
N PRO H 89 -62.95 -36.92 -7.53
CA PRO H 89 -63.78 -37.56 -8.56
C PRO H 89 -63.07 -37.71 -9.89
N VAL H 90 -62.28 -36.73 -10.29
CA VAL H 90 -61.56 -36.82 -11.56
C VAL H 90 -60.51 -37.92 -11.51
N TYR H 91 -59.77 -38.00 -10.41
CA TYR H 91 -58.77 -39.06 -10.27
C TYR H 91 -59.42 -40.43 -10.26
N ASN H 92 -60.56 -40.56 -9.57
CA ASN H 92 -61.27 -41.84 -9.55
C ASN H 92 -61.75 -42.22 -10.95
N LYS H 93 -62.29 -41.26 -11.70
CA LYS H 93 -62.74 -41.55 -13.06
C LYS H 93 -61.57 -41.98 -13.94
N ALA H 94 -60.43 -41.29 -13.83
CA ALA H 94 -59.27 -41.65 -14.64
C ALA H 94 -58.75 -43.03 -14.29
N ALA H 95 -58.68 -43.36 -12.99
CA ALA H 95 -58.20 -44.67 -12.58
C ALA H 95 -59.17 -45.77 -13.00
N GLU H 96 -60.48 -45.49 -12.97
CA GLU H 96 -61.45 -46.45 -13.46
C GLU H 96 -61.30 -46.66 -14.96
N PHE H 97 -61.06 -45.58 -15.71
CA PHE H 97 -60.89 -45.70 -17.15
C PHE H 97 -59.65 -46.51 -17.50
N GLN H 98 -58.54 -46.26 -16.80
CA GLN H 98 -57.32 -47.02 -17.08
C GLN H 98 -57.38 -48.44 -16.52
N GLY H 99 -58.07 -48.64 -15.41
CA GLY H 99 -58.26 -49.98 -14.89
C GLY H 99 -57.20 -50.47 -13.93
N GLU H 100 -56.96 -49.73 -12.86
CA GLU H 100 -56.09 -50.16 -11.77
C GLU H 100 -56.96 -50.36 -10.53
N LYS H 101 -56.90 -51.56 -9.94
CA LYS H 101 -57.69 -51.84 -8.76
C LYS H 101 -57.24 -51.00 -7.57
N GLU H 102 -55.92 -50.89 -7.37
CA GLU H 102 -55.39 -50.22 -6.19
C GLU H 102 -55.71 -48.73 -6.20
N ALA H 103 -55.49 -48.07 -7.34
CA ALA H 103 -55.77 -46.64 -7.41
C ALA H 103 -57.25 -46.35 -7.22
N VAL H 104 -58.11 -47.16 -7.83
CA VAL H 104 -59.55 -46.97 -7.68
C VAL H 104 -59.97 -47.15 -6.22
N ARG H 105 -59.45 -48.21 -5.57
CA ARG H 105 -59.81 -48.46 -4.18
C ARG H 105 -59.34 -47.33 -3.27
N THR H 106 -58.10 -46.87 -3.47
CA THR H 106 -57.57 -45.80 -2.63
C THR H 106 -58.33 -44.51 -2.84
N THR H 107 -58.65 -44.17 -4.09
CA THR H 107 -59.41 -42.95 -4.36
C THR H 107 -60.83 -43.05 -3.80
N HIS H 108 -61.43 -44.25 -3.85
CA HIS H 108 -62.74 -44.44 -3.26
C HIS H 108 -62.70 -44.20 -1.76
N TYR H 109 -61.71 -44.78 -1.08
CA TYR H 109 -61.56 -44.55 0.36
C TYR H 109 -61.37 -43.07 0.66
N ALA H 110 -60.54 -42.40 -0.14
CA ALA H 110 -60.25 -40.98 0.09
C ALA H 110 -61.51 -40.13 -0.08
N LEU H 111 -62.27 -40.36 -1.16
CA LEU H 111 -63.42 -39.51 -1.43
C LEU H 111 -64.60 -39.86 -0.53
N GLU H 112 -64.60 -41.06 0.06
CA GLU H 112 -65.66 -41.40 0.99
C GLU H 112 -65.33 -41.05 2.44
N ALA H 113 -64.06 -40.83 2.78
CA ALA H 113 -63.69 -40.53 4.15
C ALA H 113 -63.37 -39.05 4.39
N GLU H 114 -63.18 -38.26 3.33
CA GLU H 114 -62.77 -36.87 3.46
C GLU H 114 -63.94 -35.89 3.52
N LYS H 115 -65.17 -36.38 3.55
CA LYS H 115 -66.33 -35.51 3.39
C LYS H 115 -66.69 -34.75 4.68
N ILE H 116 -66.20 -35.20 5.84
CA ILE H 116 -66.64 -34.61 7.10
C ILE H 116 -65.71 -33.53 7.61
N HIS H 117 -64.47 -33.46 7.11
CA HIS H 117 -63.51 -32.48 7.60
C HIS H 117 -63.99 -31.07 7.30
N ALA H 118 -64.53 -30.84 6.10
CA ALA H 118 -64.99 -29.51 5.73
C ALA H 118 -66.14 -29.05 6.64
N GLU H 119 -67.09 -29.95 6.91
CA GLU H 119 -68.19 -29.59 7.80
C GLU H 119 -67.70 -29.29 9.21
N LEU H 120 -66.80 -30.13 9.73
CA LEU H 120 -66.27 -29.90 11.08
C LEU H 120 -65.56 -28.54 11.16
N TYR H 121 -64.70 -28.25 10.18
CA TYR H 121 -63.97 -26.99 10.18
C TYR H 121 -64.91 -25.81 10.02
N ARG H 122 -65.93 -25.93 9.16
CA ARG H 122 -66.87 -24.84 8.97
C ARG H 122 -67.62 -24.53 10.25
N LYS H 123 -68.10 -25.57 10.95
CA LYS H 123 -68.78 -25.33 12.22
C LYS H 123 -67.84 -24.69 13.24
N ALA H 124 -66.62 -25.23 13.34
CA ALA H 124 -65.66 -24.74 14.32
C ALA H 124 -65.32 -23.27 14.07
N LYS H 125 -65.22 -22.87 12.82
CA LYS H 125 -64.80 -21.46 12.58
C LYS H 125 -65.76 -20.49 13.28
N GLU H 126 -67.08 -20.67 13.17
CA GLU H 126 -68.06 -19.68 13.71
C GLU H 126 -68.12 -19.72 15.25
N LYS H 127 -67.04 -20.12 15.90
CA LYS H 127 -67.00 -20.10 17.39
C LYS H 127 -65.59 -19.65 17.77
N ALA H 128 -64.67 -19.67 16.82
CA ALA H 128 -63.26 -19.34 17.14
C ALA H 128 -62.95 -17.91 16.71
N GLU H 129 -63.97 -17.11 16.43
CA GLU H 129 -63.74 -15.67 16.11
C GLU H 129 -64.40 -14.83 17.21
N LYS H 130 -65.20 -15.48 18.06
CA LYS H 130 -65.92 -14.77 19.14
C LYS H 130 -65.14 -14.93 20.45
N GLY H 131 -64.33 -15.98 20.59
CA GLY H 131 -63.50 -16.05 21.78
C GLY H 131 -63.64 -17.32 22.61
N GLU H 132 -64.46 -18.29 22.23
CA GLU H 132 -64.66 -19.50 23.02
C GLU H 132 -63.93 -20.68 22.40
N ASP H 133 -63.98 -21.80 23.12
CA ASP H 133 -63.29 -23.03 22.72
C ASP H 133 -64.31 -24.12 22.43
N ILE H 134 -64.01 -24.92 21.41
CA ILE H 134 -64.95 -25.93 20.91
C ILE H 134 -65.08 -27.05 21.94
N GLU H 135 -66.30 -27.58 22.08
CA GLU H 135 -66.57 -28.66 23.04
C GLU H 135 -66.66 -29.99 22.29
N ILE H 136 -65.50 -30.56 21.99
CA ILE H 136 -65.39 -31.87 21.38
C ILE H 136 -64.30 -32.65 22.10
N LYS H 137 -64.61 -33.90 22.46
CA LYS H 137 -63.71 -34.74 23.22
C LYS H 137 -63.61 -36.12 22.60
N LYS H 138 -62.44 -36.75 22.73
CA LYS H 138 -62.24 -38.17 22.45
C LYS H 138 -62.64 -38.49 21.01
N VAL H 139 -61.83 -37.96 20.10
CA VAL H 139 -62.04 -38.14 18.66
C VAL H 139 -61.46 -39.49 18.23
N TYR H 140 -62.13 -40.15 17.29
CA TYR H 140 -61.69 -41.43 16.77
C TYR H 140 -61.29 -41.31 15.30
N ILE H 141 -60.22 -42.01 14.93
CA ILE H 141 -59.75 -42.05 13.56
C ILE H 141 -59.47 -43.51 13.19
N CYS H 142 -59.98 -43.93 12.03
CA CYS H 142 -59.70 -45.28 11.55
C CYS H 142 -58.24 -45.38 11.12
N PRO H 143 -57.60 -46.54 11.29
CA PRO H 143 -56.18 -46.66 10.92
C PRO H 143 -55.93 -47.14 9.51
N ILE H 144 -56.99 -47.57 8.82
CA ILE H 144 -56.88 -48.09 7.41
C ILE H 144 -57.42 -47.03 6.44
N CYS H 145 -58.69 -46.63 6.56
CA CYS H 145 -59.28 -45.68 5.60
C CYS H 145 -59.11 -44.26 6.12
N GLY H 146 -59.46 -44.03 7.38
CA GLY H 146 -59.27 -42.70 8.02
C GLY H 146 -60.57 -41.92 8.13
N TYR H 147 -61.54 -42.40 8.91
CA TYR H 147 -62.82 -41.65 8.88
C TYR H 147 -62.96 -41.02 10.22
N THR H 148 -63.05 -39.70 10.27
CA THR H 148 -63.10 -38.97 11.52
C THR H 148 -64.44 -39.19 12.20
N ALA H 149 -64.46 -39.98 13.26
CA ALA H 149 -65.64 -40.21 14.07
C ALA H 149 -65.56 -39.36 15.33
N VAL H 150 -66.46 -38.39 15.46
CA VAL H 150 -66.33 -37.43 16.60
C VAL H 150 -66.99 -38.00 17.86
N ASP H 151 -66.40 -37.72 19.03
CA ASP H 151 -66.95 -38.23 20.32
C ASP H 151 -67.24 -39.73 20.20
N GLU H 152 -68.52 -40.12 20.13
CA GLU H 152 -68.90 -41.55 20.09
C GLU H 152 -68.26 -42.24 18.87
N ALA H 153 -68.06 -43.55 18.94
CA ALA H 153 -67.44 -44.27 17.84
C ALA H 153 -68.29 -45.47 17.43
N PRO H 154 -68.48 -45.67 16.13
CA PRO H 154 -69.28 -46.83 15.68
C PRO H 154 -68.59 -48.15 16.00
N GLU H 155 -69.40 -49.20 16.12
CA GLU H 155 -68.86 -50.52 16.41
C GLU H 155 -67.97 -51.02 15.28
N TYR H 156 -68.38 -50.78 14.03
CA TYR H 156 -67.60 -51.15 12.86
C TYR H 156 -67.50 -49.97 11.92
N CYS H 157 -66.40 -49.91 11.18
CA CYS H 157 -66.19 -48.82 10.23
C CYS H 157 -67.15 -48.97 9.06
N PRO H 158 -67.99 -47.97 8.76
CA PRO H 158 -68.92 -48.11 7.64
C PRO H 158 -68.25 -48.25 6.29
N VAL H 159 -67.01 -47.80 6.15
CA VAL H 159 -66.34 -47.83 4.85
C VAL H 159 -65.62 -49.15 4.61
N CYS H 160 -64.82 -49.60 5.59
CA CYS H 160 -64.00 -50.79 5.42
C CYS H 160 -64.41 -51.95 6.32
N GLY H 161 -65.23 -51.72 7.35
CA GLY H 161 -65.64 -52.79 8.22
C GLY H 161 -64.62 -53.22 9.25
N ALA H 162 -63.72 -52.32 9.64
CA ALA H 162 -62.74 -52.65 10.66
C ALA H 162 -63.39 -52.73 12.03
N PRO H 163 -62.85 -53.55 12.95
CA PRO H 163 -63.41 -53.63 14.30
C PRO H 163 -63.19 -52.34 15.08
N LYS H 164 -63.95 -52.23 16.17
CA LYS H 164 -63.91 -51.01 16.98
C LYS H 164 -62.54 -50.82 17.63
N GLU H 165 -61.92 -51.90 18.11
CA GLU H 165 -60.68 -51.78 18.87
C GLU H 165 -59.52 -51.25 18.03
N LYS H 166 -59.61 -51.30 16.70
CA LYS H 166 -58.54 -50.83 15.84
C LYS H 166 -58.47 -49.30 15.77
N PHE H 167 -59.51 -48.60 16.21
CA PHE H 167 -59.55 -47.15 16.07
C PHE H 167 -58.47 -46.50 16.92
N VAL H 168 -57.87 -45.42 16.40
CA VAL H 168 -56.83 -44.67 17.15
C VAL H 168 -57.50 -43.43 17.77
N VAL H 169 -57.63 -43.39 19.10
CA VAL H 169 -58.37 -42.26 19.74
C VAL H 169 -57.46 -41.06 19.97
N PHE H 170 -58.07 -39.87 20.09
CA PHE H 170 -57.30 -38.62 20.38
C PHE H 170 -58.01 -37.91 21.52
N GLU H 171 -57.32 -37.63 22.63
CA GLU H 171 -57.94 -37.02 23.80
C GLU H 171 -56.89 -36.36 24.69
N MET I 1 25.65 -25.47 34.48
CA MET I 1 25.13 -26.84 34.50
C MET I 1 23.72 -26.89 35.09
N VAL I 2 23.04 -28.02 34.89
CA VAL I 2 21.71 -28.19 35.45
C VAL I 2 21.80 -28.26 36.97
N VAL I 3 20.88 -27.55 37.64
CA VAL I 3 20.89 -27.50 39.10
C VAL I 3 20.54 -28.87 39.66
N LYS I 4 21.34 -29.35 40.61
CA LYS I 4 21.14 -30.66 41.22
C LYS I 4 20.86 -30.60 42.72
N ARG I 5 21.37 -29.60 43.43
CA ARG I 5 21.12 -29.51 44.86
C ARG I 5 19.64 -29.25 45.13
N THR I 6 19.14 -29.80 46.24
CA THR I 6 17.71 -29.81 46.48
C THR I 6 17.16 -28.42 46.79
N MET I 7 17.82 -27.68 47.69
CA MET I 7 17.25 -26.44 48.18
C MET I 7 17.26 -25.36 47.10
N THR I 8 18.34 -25.28 46.32
CA THR I 8 18.34 -24.33 45.21
C THR I 8 17.32 -24.70 44.14
N LYS I 9 17.08 -26.01 43.96
CA LYS I 9 16.02 -26.44 43.05
C LYS I 9 14.66 -25.97 43.54
N LYS I 10 14.39 -26.12 44.84
CA LYS I 10 13.14 -25.64 45.41
C LYS I 10 13.00 -24.13 45.25
N PHE I 11 14.09 -23.39 45.50
CA PHE I 11 14.07 -21.94 45.35
C PHE I 11 13.78 -21.54 43.92
N LEU I 12 14.40 -22.23 42.96
CA LEU I 12 14.16 -21.91 41.55
C LEU I 12 12.73 -22.22 41.14
N GLU I 13 12.17 -23.32 41.65
CA GLU I 13 10.76 -23.63 41.36
C GLU I 13 9.84 -22.56 41.93
N GLU I 14 10.09 -22.12 43.16
CA GLU I 14 9.28 -21.06 43.75
C GLU I 14 9.41 -19.77 42.96
N ALA I 15 10.62 -19.44 42.51
CA ALA I 15 10.82 -18.24 41.69
C ALA I 15 10.07 -18.34 40.38
N PHE I 16 10.08 -19.52 39.75
CA PHE I 16 9.33 -19.72 38.51
C PHE I 16 7.84 -19.49 38.74
N ALA I 17 7.30 -20.06 39.82
CA ALA I 17 5.88 -19.87 40.11
C ALA I 17 5.57 -18.39 40.34
N GLY I 18 6.42 -17.70 41.10
CA GLY I 18 6.18 -16.28 41.35
C GLY I 18 6.24 -15.44 40.09
N GLU I 19 7.21 -15.70 39.22
CA GLU I 19 7.31 -14.96 37.97
C GLU I 19 6.11 -15.22 37.07
N SER I 20 5.65 -16.47 37.02
CA SER I 20 4.47 -16.78 36.21
C SER I 20 3.24 -16.06 36.73
N MET I 21 3.04 -16.07 38.05
CA MET I 21 1.89 -15.35 38.62
C MET I 21 1.99 -13.85 38.37
N ALA I 22 3.20 -13.29 38.48
CA ALA I 22 3.37 -11.87 38.22
C ALA I 22 3.06 -11.53 36.77
N HIS I 23 3.50 -12.36 35.83
CA HIS I 23 3.20 -12.14 34.41
C HIS I 23 1.71 -12.20 34.16
N MET I 24 1.02 -13.19 34.75
CA MET I 24 -0.43 -13.27 34.58
C MET I 24 -1.12 -12.03 35.14
N ARG I 25 -0.70 -11.59 36.33
CA ARG I 25 -1.31 -10.41 36.94
C ARG I 25 -1.10 -9.17 36.08
N TYR I 26 0.10 -9.01 35.52
CA TYR I 26 0.36 -7.84 34.69
C TYR I 26 -0.44 -7.89 33.39
N LEU I 27 -0.60 -9.07 32.80
CA LEU I 27 -1.46 -9.18 31.61
C LEU I 27 -2.89 -8.81 31.93
N ILE I 28 -3.42 -9.31 33.05
CA ILE I 28 -4.78 -8.99 33.45
C ILE I 28 -4.94 -7.49 33.69
N PHE I 29 -3.96 -6.88 34.37
CA PHE I 29 -4.03 -5.44 34.62
C PHE I 29 -3.96 -4.63 33.34
N ALA I 30 -3.13 -5.05 32.37
CA ALA I 30 -3.07 -4.36 31.10
C ALA I 30 -4.41 -4.45 30.37
N GLU I 31 -5.06 -5.61 30.41
CA GLU I 31 -6.34 -5.76 29.75
C GLU I 31 -7.37 -4.78 30.33
N LYS I 32 -7.40 -4.63 31.65
CA LYS I 32 -8.30 -3.66 32.28
C LYS I 32 -7.91 -2.23 31.93
N ALA I 33 -6.60 -1.95 31.90
CA ALA I 33 -6.15 -0.59 31.60
C ALA I 33 -6.58 -0.16 30.21
N GLU I 34 -6.47 -1.06 29.23
CA GLU I 34 -6.92 -0.72 27.88
C GLU I 34 -8.41 -0.41 27.85
N GLN I 35 -9.21 -1.18 28.58
CA GLN I 35 -10.65 -0.91 28.65
C GLN I 35 -10.94 0.45 29.26
N GLU I 36 -10.12 0.90 30.21
CA GLU I 36 -10.28 2.22 30.80
C GLU I 36 -9.67 3.28 29.89
N GLY I 37 -9.52 4.50 30.40
CA GLY I 37 -9.10 5.62 29.56
C GLY I 37 -7.61 5.81 29.43
N PHE I 38 -6.78 4.95 30.01
CA PHE I 38 -5.34 5.13 29.97
C PHE I 38 -4.69 4.04 29.12
N PRO I 39 -4.31 4.32 27.88
CA PRO I 39 -3.76 3.26 27.02
C PRO I 39 -2.26 3.03 27.22
N ASN I 40 -1.53 4.06 27.66
CA ASN I 40 -0.09 3.94 27.80
C ASN I 40 0.27 3.03 28.97
N ILE I 41 -0.52 3.07 30.04
CA ILE I 41 -0.30 2.19 31.18
C ILE I 41 -0.37 0.74 30.75
N ALA I 42 -1.26 0.43 29.79
CA ALA I 42 -1.33 -0.92 29.25
C ALA I 42 -0.03 -1.30 28.53
N LYS I 43 0.56 -0.37 27.79
CA LYS I 43 1.84 -0.64 27.13
C LYS I 43 2.94 -0.90 28.15
N LEU I 44 2.99 -0.09 29.21
CA LEU I 44 3.98 -0.31 30.26
C LEU I 44 3.78 -1.68 30.91
N PHE I 45 2.53 -2.05 31.19
CA PHE I 45 2.23 -3.34 31.77
C PHE I 45 2.66 -4.47 30.85
N ARG I 46 2.43 -4.33 29.55
CA ARG I 46 2.82 -5.37 28.61
C ARG I 46 4.33 -5.52 28.55
N ALA I 47 5.06 -4.41 28.54
CA ALA I 47 6.52 -4.49 28.50
C ALA I 47 7.07 -5.14 29.78
N ILE I 48 6.53 -4.74 30.94
CA ILE I 48 7.01 -5.33 32.18
C ILE I 48 6.63 -6.81 32.25
N ALA I 49 5.47 -7.18 31.70
CA ALA I 49 5.08 -8.58 31.64
C ALA I 49 6.03 -9.38 30.77
N TYR I 50 6.50 -8.79 29.66
CA TYR I 50 7.50 -9.46 28.85
C TYR I 50 8.80 -9.64 29.62
N ALA I 51 9.18 -8.64 30.41
CA ALA I 51 10.37 -8.80 31.26
C ALA I 51 10.21 -9.94 32.26
N GLU I 52 9.02 -10.01 32.89
CA GLU I 52 8.74 -11.11 33.80
C GLU I 52 8.80 -12.45 33.08
N PHE I 53 8.32 -12.49 31.83
CA PHE I 53 8.40 -13.72 31.05
C PHE I 53 9.84 -14.11 30.78
N VAL I 54 10.70 -13.13 30.50
CA VAL I 54 12.12 -13.44 30.29
C VAL I 54 12.73 -14.02 31.55
N HIS I 55 12.42 -13.43 32.71
CA HIS I 55 12.94 -13.96 33.97
C HIS I 55 12.44 -15.38 34.23
N ALA I 56 11.15 -15.62 33.96
CA ALA I 56 10.58 -16.94 34.16
C ALA I 56 11.22 -17.96 33.23
N LYS I 57 11.48 -17.58 31.97
CA LYS I 57 12.14 -18.47 31.05
C LYS I 57 13.56 -18.79 31.51
N ASN I 58 14.28 -17.79 32.03
CA ASN I 58 15.61 -18.05 32.57
C ASN I 58 15.55 -19.03 33.72
N HIS I 59 14.60 -18.85 34.63
CA HIS I 59 14.44 -19.79 35.75
C HIS I 59 14.10 -21.20 35.24
N PHE I 60 13.24 -21.28 34.22
CA PHE I 60 12.85 -22.57 33.67
C PHE I 60 14.04 -23.28 33.02
N ILE I 61 14.86 -22.54 32.28
CA ILE I 61 16.04 -23.12 31.65
C ILE I 61 17.04 -23.57 32.70
N ALA I 62 17.21 -22.78 33.76
CA ALA I 62 18.21 -23.10 34.78
C ALA I 62 17.94 -24.47 35.41
N LEU I 63 16.67 -24.83 35.55
CA LEU I 63 16.33 -26.15 36.07
C LEU I 63 16.66 -27.26 35.08
N GLY I 64 16.55 -27.01 33.79
CA GLY I 64 16.82 -28.04 32.79
C GLY I 64 15.58 -28.80 32.36
N LYS I 65 14.48 -28.10 32.11
CA LYS I 65 13.22 -28.73 31.75
C LYS I 65 12.81 -28.48 30.30
N LEU I 66 13.69 -27.90 29.49
CA LEU I 66 13.41 -27.67 28.08
C LEU I 66 14.20 -28.67 27.24
N GLY I 67 13.50 -29.38 26.36
CA GLY I 67 14.15 -30.34 25.49
C GLY I 67 13.57 -30.33 24.09
N LYS I 68 13.77 -31.42 23.35
CA LYS I 68 13.22 -31.54 22.01
C LYS I 68 11.70 -31.49 22.04
N THR I 69 11.11 -31.03 20.94
CA THR I 69 9.66 -30.93 20.85
C THR I 69 8.92 -32.25 21.10
N PRO I 70 9.38 -33.42 20.59
CA PRO I 70 8.70 -34.68 20.95
C PRO I 70 8.49 -34.85 22.44
N GLU I 71 9.57 -34.77 23.23
CA GLU I 71 9.43 -34.86 24.68
C GLU I 71 8.89 -33.60 25.30
N ASN I 72 8.92 -32.47 24.59
CA ASN I 72 8.33 -31.24 25.11
C ASN I 72 6.82 -31.33 25.17
N LEU I 73 6.21 -31.97 24.16
CA LEU I 73 4.76 -32.11 24.13
C LEU I 73 4.24 -33.05 25.21
N GLN I 74 5.10 -33.95 25.72
CA GLN I 74 4.66 -34.89 26.76
C GLN I 74 4.30 -34.17 28.05
N MET I 75 5.04 -33.12 28.39
CA MET I 75 4.72 -32.35 29.59
C MET I 75 3.34 -31.71 29.48
N GLY I 76 3.03 -31.12 28.32
CA GLY I 76 1.70 -30.57 28.12
C GLY I 76 0.62 -31.63 28.15
N ILE I 77 0.92 -32.81 27.58
CA ILE I 77 -0.05 -33.91 27.60
C ILE I 77 -0.37 -34.29 29.05
N GLU I 78 0.67 -34.49 29.86
CA GLU I 78 0.46 -34.89 31.25
C GLU I 78 -0.27 -33.80 32.02
N GLY I 79 0.10 -32.53 31.81
CA GLY I 79 -0.58 -31.45 32.50
C GLY I 79 -2.05 -31.37 32.15
N GLU I 80 -2.39 -31.49 30.87
CA GLU I 80 -3.78 -31.46 30.46
C GLU I 80 -4.55 -32.65 31.01
N THR I 81 -3.95 -33.84 30.98
CA THR I 81 -4.62 -35.02 31.52
C THR I 81 -4.92 -34.85 33.00
N PHE I 82 -3.94 -34.36 33.76
CA PHE I 82 -4.15 -34.14 35.19
C PHE I 82 -5.20 -33.06 35.42
N GLU I 83 -5.19 -32.01 34.61
CA GLU I 83 -6.16 -30.92 34.78
C GLU I 83 -7.59 -31.38 34.53
N VAL I 84 -7.79 -32.24 33.54
CA VAL I 84 -9.16 -32.61 33.16
C VAL I 84 -9.67 -33.84 33.92
N GLU I 85 -8.78 -34.77 34.30
CA GLU I 85 -9.22 -36.04 34.85
C GLU I 85 -9.35 -36.06 36.37
N GLU I 86 -8.55 -35.27 37.09
CA GLU I 86 -8.49 -35.40 38.54
C GLU I 86 -8.78 -34.10 39.29
N MET I 87 -8.30 -32.97 38.78
CA MET I 87 -8.34 -31.73 39.56
C MET I 87 -9.70 -31.04 39.48
N TYR I 88 -10.11 -30.67 38.27
CA TYR I 88 -11.32 -29.87 38.10
C TYR I 88 -12.59 -30.57 38.57
N PRO I 89 -12.81 -31.88 38.34
CA PRO I 89 -14.01 -32.51 38.93
C PRO I 89 -14.08 -32.37 40.44
N VAL I 90 -12.97 -32.57 41.15
CA VAL I 90 -12.98 -32.45 42.60
C VAL I 90 -13.22 -31.00 43.01
N TYR I 91 -12.59 -30.05 42.32
CA TYR I 91 -12.83 -28.65 42.62
C TYR I 91 -14.30 -28.28 42.42
N ASN I 92 -14.90 -28.77 41.34
CA ASN I 92 -16.31 -28.50 41.08
C ASN I 92 -17.20 -29.09 42.17
N LYS I 93 -16.92 -30.32 42.58
CA LYS I 93 -17.73 -30.94 43.63
C LYS I 93 -17.61 -30.17 44.93
N ALA I 94 -16.39 -29.76 45.30
CA ALA I 94 -16.20 -29.00 46.53
C ALA I 94 -16.92 -27.65 46.46
N ALA I 95 -16.82 -26.97 45.32
CA ALA I 95 -17.49 -25.68 45.17
C ALA I 95 -19.00 -25.83 45.24
N GLU I 96 -19.55 -26.88 44.61
CA GLU I 96 -20.99 -27.11 44.68
C GLU I 96 -21.43 -27.43 46.09
N PHE I 97 -20.65 -28.23 46.83
CA PHE I 97 -20.98 -28.52 48.21
C PHE I 97 -20.96 -27.25 49.06
N GLN I 98 -19.95 -26.40 48.87
CA GLN I 98 -19.87 -25.17 49.64
C GLN I 98 -21.00 -24.20 49.30
N GLY I 99 -21.37 -24.11 48.03
CA GLY I 99 -22.48 -23.26 47.63
C GLY I 99 -22.08 -21.88 47.15
N GLU I 100 -21.13 -21.81 46.22
CA GLU I 100 -20.77 -20.57 45.56
C GLU I 100 -21.06 -20.71 44.07
N LYS I 101 -21.81 -19.75 43.52
CA LYS I 101 -22.20 -19.85 42.11
C LYS I 101 -21.03 -19.51 41.19
N GLU I 102 -20.20 -18.54 41.57
CA GLU I 102 -19.11 -18.11 40.70
C GLU I 102 -18.05 -19.20 40.56
N ALA I 103 -17.68 -19.85 41.67
CA ALA I 103 -16.70 -20.92 41.61
C ALA I 103 -17.20 -22.09 40.77
N VAL I 104 -18.47 -22.46 40.95
CA VAL I 104 -19.04 -23.56 40.17
C VAL I 104 -19.07 -23.18 38.69
N ARG I 105 -19.46 -21.95 38.37
CA ARG I 105 -19.49 -21.51 36.97
C ARG I 105 -18.10 -21.56 36.35
N THR I 106 -17.10 -21.04 37.06
CA THR I 106 -15.74 -21.03 36.51
C THR I 106 -15.21 -22.44 36.31
N THR I 107 -15.41 -23.31 37.29
CA THR I 107 -14.91 -24.68 37.16
C THR I 107 -15.67 -25.44 36.07
N HIS I 108 -16.98 -25.18 35.93
CA HIS I 108 -17.76 -25.80 34.88
C HIS I 108 -17.25 -25.39 33.51
N TYR I 109 -16.97 -24.10 33.32
CA TYR I 109 -16.37 -23.65 32.07
C TYR I 109 -15.00 -24.26 31.87
N ALA I 110 -14.28 -24.52 32.97
CA ALA I 110 -12.93 -25.06 32.86
C ALA I 110 -12.93 -26.51 32.38
N LEU I 111 -13.77 -27.35 32.97
CA LEU I 111 -13.74 -28.77 32.61
C LEU I 111 -14.57 -29.09 31.38
N GLU I 112 -15.27 -28.12 30.81
CA GLU I 112 -16.05 -28.34 29.60
C GLU I 112 -15.31 -27.94 28.34
N ALA I 113 -14.18 -27.22 28.48
CA ALA I 113 -13.43 -26.74 27.33
C ALA I 113 -11.97 -27.17 27.31
N GLU I 114 -11.48 -27.80 28.37
CA GLU I 114 -10.09 -28.25 28.43
C GLU I 114 -9.91 -29.68 27.94
N LYS I 115 -10.98 -30.32 27.44
CA LYS I 115 -10.92 -31.73 27.08
C LYS I 115 -10.20 -31.98 25.76
N ILE I 116 -10.22 -31.01 24.84
CA ILE I 116 -9.68 -31.24 23.51
C ILE I 116 -8.21 -30.84 23.36
N HIS I 117 -7.66 -30.12 24.33
CA HIS I 117 -6.24 -29.81 24.27
C HIS I 117 -5.39 -31.06 24.30
N ALA I 118 -5.80 -32.05 25.09
CA ALA I 118 -5.05 -33.30 25.17
C ALA I 118 -5.02 -34.03 23.83
N GLU I 119 -6.17 -34.13 23.16
CA GLU I 119 -6.18 -34.80 21.86
C GLU I 119 -5.44 -34.00 20.80
N LEU I 120 -5.51 -32.66 20.87
CA LEU I 120 -4.74 -31.85 19.94
C LEU I 120 -3.25 -32.09 20.11
N TYR I 121 -2.78 -32.13 21.36
CA TYR I 121 -1.37 -32.38 21.61
C TYR I 121 -0.98 -33.80 21.21
N ARG I 122 -1.87 -34.77 21.42
CA ARG I 122 -1.57 -36.14 21.01
C ARG I 122 -1.41 -36.24 19.50
N LYS I 123 -2.31 -35.60 18.74
CA LYS I 123 -2.19 -35.58 17.29
C LYS I 123 -0.92 -34.87 16.85
N ALA I 124 -0.61 -33.74 17.49
CA ALA I 124 0.60 -32.99 17.14
C ALA I 124 1.85 -33.82 17.40
N LYS I 125 1.89 -34.55 18.50
CA LYS I 125 3.06 -35.40 18.78
C LYS I 125 3.13 -36.56 17.81
N GLU I 126 2.00 -37.14 17.45
CA GLU I 126 2.00 -38.26 16.51
C GLU I 126 2.51 -37.81 15.14
N LYS I 127 2.11 -36.62 14.70
CA LYS I 127 2.57 -36.08 13.42
C LYS I 127 3.88 -35.33 13.52
N ALA I 128 4.47 -35.16 14.72
CA ALA I 128 5.71 -34.34 14.82
C ALA I 128 6.85 -35.13 15.45
N GLU I 129 6.87 -36.44 15.22
CA GLU I 129 7.97 -37.29 15.74
C GLU I 129 8.66 -37.95 14.55
N LYS I 130 8.23 -37.60 13.33
CA LYS I 130 8.78 -38.26 12.12
C LYS I 130 9.68 -37.30 11.34
N GLY I 131 9.59 -35.99 11.60
CA GLY I 131 10.39 -35.09 10.81
C GLY I 131 9.62 -34.01 10.06
N GLU I 132 8.30 -33.95 10.20
CA GLU I 132 7.49 -32.95 9.52
C GLU I 132 6.50 -32.33 10.50
N ASP I 133 5.93 -31.20 10.10
CA ASP I 133 5.09 -30.39 10.95
C ASP I 133 3.63 -30.58 10.52
N ILE I 134 2.72 -30.36 11.46
CA ILE I 134 1.29 -30.66 11.26
C ILE I 134 0.61 -29.46 10.60
N GLU I 135 -0.22 -29.75 9.59
CA GLU I 135 -0.87 -28.71 8.80
C GLU I 135 -2.19 -28.34 9.48
N ILE I 136 -2.21 -27.19 10.16
CA ILE I 136 -3.42 -26.62 10.75
C ILE I 136 -3.41 -25.11 10.49
N LYS I 137 -4.61 -24.53 10.47
CA LYS I 137 -4.77 -23.09 10.32
C LYS I 137 -6.02 -22.64 11.06
N LYS I 138 -6.06 -21.34 11.37
CA LYS I 138 -7.27 -20.62 11.77
C LYS I 138 -7.90 -21.24 13.02
N VAL I 139 -7.18 -21.14 14.13
CA VAL I 139 -7.65 -21.61 15.43
C VAL I 139 -8.41 -20.48 16.11
N TYR I 140 -9.57 -20.81 16.68
CA TYR I 140 -10.43 -19.83 17.33
C TYR I 140 -10.49 -20.11 18.83
N ILE I 141 -10.40 -19.06 19.64
CA ILE I 141 -10.50 -19.16 21.10
C ILE I 141 -11.59 -18.21 21.57
N CYS I 142 -12.50 -18.74 22.39
CA CYS I 142 -13.57 -17.93 22.97
C CYS I 142 -12.99 -16.99 24.03
N PRO I 143 -13.51 -15.77 24.16
CA PRO I 143 -12.94 -14.83 25.14
C PRO I 143 -13.67 -14.79 26.47
N ILE I 144 -14.61 -15.72 26.69
CA ILE I 144 -15.41 -15.69 27.91
C ILE I 144 -15.15 -16.93 28.74
N CYS I 145 -15.22 -18.09 28.09
CA CYS I 145 -15.05 -19.40 28.72
C CYS I 145 -14.13 -20.26 27.86
N GLY I 146 -12.95 -19.73 27.56
CA GLY I 146 -12.23 -20.04 26.33
C GLY I 146 -12.37 -21.44 25.78
N TYR I 147 -12.84 -21.50 24.54
CA TYR I 147 -13.22 -22.73 23.86
C TYR I 147 -12.42 -22.84 22.58
N THR I 148 -11.74 -23.97 22.39
CA THR I 148 -10.80 -24.13 21.29
C THR I 148 -11.53 -24.65 20.06
N ALA I 149 -11.53 -23.87 18.99
CA ALA I 149 -12.08 -24.28 17.70
C ALA I 149 -10.94 -24.38 16.69
N VAL I 150 -10.71 -25.58 16.17
CA VAL I 150 -9.56 -25.77 15.25
C VAL I 150 -10.05 -25.70 13.80
N ASP I 151 -9.33 -25.00 12.92
CA ASP I 151 -9.71 -24.87 11.48
C ASP I 151 -11.05 -24.15 11.34
N GLU I 152 -12.15 -24.83 11.63
CA GLU I 152 -13.50 -24.23 11.43
C GLU I 152 -13.93 -23.48 12.69
N ALA I 153 -14.89 -22.56 12.57
CA ALA I 153 -15.42 -21.88 13.73
C ALA I 153 -16.92 -22.10 13.83
N PRO I 154 -17.42 -22.71 14.91
CA PRO I 154 -18.86 -22.86 15.06
C PRO I 154 -19.56 -21.51 15.11
N GLU I 155 -20.80 -21.49 14.63
CA GLU I 155 -21.53 -20.23 14.54
C GLU I 155 -21.75 -19.60 15.91
N TYR I 156 -21.95 -20.42 16.93
CA TYR I 156 -22.14 -19.95 18.29
C TYR I 156 -21.30 -20.79 19.24
N CYS I 157 -21.19 -20.32 20.48
CA CYS I 157 -20.45 -21.06 21.49
C CYS I 157 -21.33 -22.12 22.11
N PRO I 158 -20.97 -23.40 22.00
CA PRO I 158 -21.78 -24.46 22.63
C PRO I 158 -21.79 -24.41 24.14
N VAL I 159 -20.90 -23.65 24.77
CA VAL I 159 -20.77 -23.62 26.21
C VAL I 159 -21.45 -22.39 26.83
N CYS I 160 -21.27 -21.21 26.22
CA CYS I 160 -21.86 -20.00 26.75
C CYS I 160 -22.74 -19.25 25.76
N GLY I 161 -22.74 -19.63 24.49
CA GLY I 161 -23.56 -18.95 23.50
C GLY I 161 -23.06 -17.59 23.08
N ALA I 162 -21.75 -17.39 23.03
CA ALA I 162 -21.21 -16.13 22.55
C ALA I 162 -21.19 -16.11 21.02
N PRO I 163 -21.65 -15.03 20.40
CA PRO I 163 -21.65 -14.96 18.94
C PRO I 163 -20.24 -15.09 18.37
N LYS I 164 -20.16 -15.64 17.16
CA LYS I 164 -18.87 -15.95 16.55
C LYS I 164 -18.04 -14.71 16.26
N GLU I 165 -18.65 -13.52 16.28
CA GLU I 165 -17.88 -12.29 16.06
C GLU I 165 -16.96 -11.98 17.23
N LYS I 166 -17.13 -12.63 18.38
CA LYS I 166 -16.27 -12.42 19.54
C LYS I 166 -15.05 -13.31 19.55
N PHE I 167 -15.02 -14.37 18.75
CA PHE I 167 -13.88 -15.29 18.76
C PHE I 167 -12.63 -14.58 18.26
N VAL I 168 -11.52 -14.80 18.96
CA VAL I 168 -10.23 -14.27 18.55
C VAL I 168 -9.58 -15.25 17.60
N VAL I 169 -8.84 -14.74 16.62
CA VAL I 169 -8.25 -15.54 15.55
C VAL I 169 -6.75 -15.57 15.74
N PHE I 170 -6.18 -16.79 15.73
CA PHE I 170 -4.73 -17.00 15.82
C PHE I 170 -4.26 -17.58 14.49
N GLU I 171 -3.63 -16.73 13.67
CA GLU I 171 -3.13 -17.17 12.37
C GLU I 171 -1.80 -16.49 12.06
N MET J 1 -20.17 -12.04 43.11
CA MET J 1 -19.72 -11.75 44.47
C MET J 1 -18.47 -12.58 44.80
N VAL J 2 -17.52 -11.96 45.50
CA VAL J 2 -16.28 -12.63 45.85
C VAL J 2 -16.57 -13.85 46.72
N VAL J 3 -15.73 -14.87 46.58
CA VAL J 3 -15.88 -16.10 47.36
C VAL J 3 -15.32 -15.87 48.75
N LYS J 4 -16.12 -16.21 49.77
CA LYS J 4 -15.75 -15.96 51.16
C LYS J 4 -15.31 -17.21 51.92
N ARG J 5 -15.76 -18.40 51.51
CA ARG J 5 -15.41 -19.61 52.22
C ARG J 5 -13.94 -19.98 51.97
N THR J 6 -13.32 -20.56 52.97
CA THR J 6 -11.86 -20.72 52.98
C THR J 6 -11.40 -21.75 51.95
N MET J 7 -12.03 -22.93 51.94
CA MET J 7 -11.53 -24.02 51.09
C MET J 7 -11.75 -23.72 49.62
N THR J 8 -12.86 -23.07 49.27
CA THR J 8 -13.08 -22.64 47.90
C THR J 8 -12.00 -21.63 47.48
N LYS J 9 -11.65 -20.71 48.39
CA LYS J 9 -10.60 -19.75 48.10
C LYS J 9 -9.26 -20.46 47.86
N LYS J 10 -8.94 -21.45 48.69
CA LYS J 10 -7.69 -22.19 48.51
C LYS J 10 -7.66 -22.90 47.17
N PHE J 11 -8.76 -23.57 46.81
CA PHE J 11 -8.81 -24.30 45.55
C PHE J 11 -8.71 -23.34 44.37
N LEU J 12 -9.39 -22.20 44.44
CA LEU J 12 -9.32 -21.23 43.35
C LEU J 12 -7.91 -20.65 43.21
N GLU J 13 -7.24 -20.38 44.33
CA GLU J 13 -5.86 -19.90 44.27
C GLU J 13 -4.94 -20.92 43.63
N GLU J 14 -5.09 -22.19 44.02
CA GLU J 14 -4.26 -23.24 43.43
C GLU J 14 -4.52 -23.38 41.93
N ALA J 15 -5.78 -23.30 41.52
CA ALA J 15 -6.11 -23.37 40.10
C ALA J 15 -5.52 -22.18 39.35
N PHE J 16 -5.57 -21.00 39.96
CA PHE J 16 -4.98 -19.81 39.33
C PHE J 16 -3.48 -19.99 39.12
N ALA J 17 -2.79 -20.49 40.14
CA ALA J 17 -1.35 -20.72 40.01
C ALA J 17 -1.06 -21.77 38.93
N GLY J 18 -1.85 -22.84 38.89
CA GLY J 18 -1.64 -23.86 37.88
C GLY J 18 -1.86 -23.34 36.46
N GLU J 19 -2.91 -22.54 36.27
CA GLU J 19 -3.18 -21.99 34.94
C GLU J 19 -2.08 -21.02 34.52
N SER J 20 -1.58 -20.19 35.45
CA SER J 20 -0.48 -19.29 35.11
C SER J 20 0.77 -20.06 34.72
N MET J 21 1.09 -21.11 35.49
CA MET J 21 2.26 -21.92 35.16
C MET J 21 2.11 -22.59 33.81
N ALA J 22 0.91 -23.10 33.50
CA ALA J 22 0.67 -23.73 32.21
C ALA J 22 0.81 -22.72 31.08
N HIS J 23 0.30 -21.49 31.28
CA HIS J 23 0.46 -20.45 30.27
C HIS J 23 1.93 -20.18 30.00
N MET J 24 2.73 -20.02 31.05
CA MET J 24 4.17 -19.77 30.86
C MET J 24 4.84 -20.94 30.15
N ARG J 25 4.49 -22.17 30.53
CA ARG J 25 5.11 -23.34 29.91
C ARG J 25 4.78 -23.41 28.43
N TYR J 26 3.52 -23.13 28.06
CA TYR J 26 3.16 -23.20 26.65
C TYR J 26 3.77 -22.04 25.86
N LEU J 27 3.93 -20.87 26.49
CA LEU J 27 4.64 -19.79 25.81
C LEU J 27 6.08 -20.18 25.51
N ILE J 28 6.77 -20.78 26.48
CA ILE J 28 8.15 -21.20 26.27
C ILE J 28 8.21 -22.27 25.18
N PHE J 29 7.26 -23.22 25.21
CA PHE J 29 7.25 -24.27 24.21
C PHE J 29 6.98 -23.71 22.81
N ALA J 30 6.10 -22.71 22.71
CA ALA J 30 5.85 -22.06 21.43
C ALA J 30 7.11 -21.36 20.92
N GLU J 31 7.81 -20.67 21.81
CA GLU J 31 9.05 -20.00 21.41
C GLU J 31 10.06 -21.02 20.89
N LYS J 32 10.21 -22.15 21.57
CA LYS J 32 11.15 -23.17 21.10
C LYS J 32 10.69 -23.78 19.78
N ALA J 33 9.39 -24.03 19.64
CA ALA J 33 8.89 -24.70 18.44
C ALA J 33 9.05 -23.82 17.20
N GLU J 34 8.59 -22.57 17.27
CA GLU J 34 8.68 -21.71 16.10
C GLU J 34 10.11 -21.44 15.68
N GLN J 35 11.05 -21.46 16.65
CA GLN J 35 12.45 -21.28 16.32
C GLN J 35 13.01 -22.49 15.59
N GLU J 36 12.51 -23.69 15.91
CA GLU J 36 12.99 -24.92 15.30
C GLU J 36 12.29 -25.15 13.96
N GLY J 37 12.42 -26.37 13.43
CA GLY J 37 11.96 -26.65 12.08
C GLY J 37 10.45 -26.61 11.89
N PHE J 38 9.68 -26.73 12.96
CA PHE J 38 8.23 -26.79 12.84
C PHE J 38 7.63 -25.44 13.23
N PRO J 39 7.18 -24.63 12.28
CA PRO J 39 6.63 -23.30 12.62
C PRO J 39 5.12 -23.23 12.76
N ASN J 40 4.40 -24.35 12.65
CA ASN J 40 2.95 -24.36 12.77
C ASN J 40 2.44 -24.85 14.12
N ILE J 41 3.23 -25.66 14.83
CA ILE J 41 2.87 -26.05 16.18
C ILE J 41 2.85 -24.85 17.12
N ALA J 42 3.58 -23.79 16.76
CA ALA J 42 3.57 -22.57 17.57
C ALA J 42 2.18 -21.95 17.64
N LYS J 43 1.41 -22.03 16.55
CA LYS J 43 0.04 -21.52 16.57
C LYS J 43 -0.81 -22.29 17.58
N LEU J 44 -0.69 -23.62 17.58
CA LEU J 44 -1.39 -24.44 18.56
C LEU J 44 -0.99 -24.07 19.98
N PHE J 45 0.32 -23.94 20.21
CA PHE J 45 0.80 -23.62 21.54
C PHE J 45 0.28 -22.26 22.00
N ARG J 46 0.27 -21.27 21.12
CA ARG J 46 -0.17 -19.93 21.50
C ARG J 46 -1.67 -19.88 21.73
N ALA J 47 -2.45 -20.60 20.90
CA ALA J 47 -3.89 -20.65 21.12
C ALA J 47 -4.24 -21.32 22.44
N ILE J 48 -3.57 -22.44 22.74
CA ILE J 48 -3.82 -23.09 24.03
C ILE J 48 -3.35 -22.21 25.18
N ALA J 49 -2.25 -21.47 25.00
CA ALA J 49 -1.81 -20.52 26.02
C ALA J 49 -2.84 -19.44 26.26
N TYR J 50 -3.47 -18.95 25.19
CA TYR J 50 -4.54 -17.97 25.37
C TYR J 50 -5.73 -18.57 26.09
N ALA J 51 -6.06 -19.84 25.80
CA ALA J 51 -7.14 -20.50 26.53
C ALA J 51 -6.82 -20.61 28.02
N GLU J 52 -5.59 -20.99 28.35
CA GLU J 52 -5.17 -21.03 29.75
C GLU J 52 -5.24 -19.64 30.38
N PHE J 53 -4.89 -18.61 29.60
CA PHE J 53 -5.00 -17.25 30.10
C PHE J 53 -6.45 -16.89 30.41
N VAL J 54 -7.38 -17.30 29.56
CA VAL J 54 -8.79 -17.01 29.80
C VAL J 54 -9.26 -17.71 31.07
N HIS J 55 -8.87 -18.97 31.25
CA HIS J 55 -9.24 -19.69 32.47
C HIS J 55 -8.65 -19.03 33.71
N ALA J 56 -7.37 -18.63 33.64
CA ALA J 56 -6.73 -17.97 34.77
C ALA J 56 -7.40 -16.64 35.08
N LYS J 57 -7.77 -15.89 34.04
CA LYS J 57 -8.49 -14.64 34.25
C LYS J 57 -9.83 -14.86 34.91
N ASN J 58 -10.56 -15.91 34.49
CA ASN J 58 -11.83 -16.23 35.13
C ASN J 58 -11.65 -16.52 36.61
N HIS J 59 -10.65 -17.35 36.94
CA HIS J 59 -10.37 -17.65 38.34
C HIS J 59 -9.97 -16.40 39.11
N PHE J 60 -9.13 -15.56 38.51
CA PHE J 60 -8.67 -14.34 39.18
C PHE J 60 -9.83 -13.39 39.47
N ILE J 61 -10.72 -13.20 38.51
CA ILE J 61 -11.89 -12.34 38.72
C ILE J 61 -12.81 -12.96 39.76
N ALA J 62 -12.91 -14.29 39.77
CA ALA J 62 -13.74 -14.95 40.78
C ALA J 62 -13.30 -14.62 42.19
N LEU J 63 -11.99 -14.46 42.42
CA LEU J 63 -11.49 -14.05 43.72
C LEU J 63 -11.89 -12.62 44.06
N GLY J 64 -12.17 -11.78 43.06
CA GLY J 64 -12.48 -10.39 43.32
C GLY J 64 -11.26 -9.53 43.57
N LYS J 65 -10.13 -9.83 42.92
CA LYS J 65 -8.90 -9.08 43.13
C LYS J 65 -8.72 -7.93 42.14
N LEU J 66 -9.58 -7.82 41.14
CA LEU J 66 -9.45 -6.73 40.17
C LEU J 66 -10.17 -5.48 40.65
N GLY J 67 -9.56 -4.34 40.38
CA GLY J 67 -10.11 -3.06 40.79
C GLY J 67 -9.64 -1.95 39.88
N LYS J 68 -9.86 -0.72 40.34
CA LYS J 68 -9.47 0.44 39.57
C LYS J 68 -7.94 0.52 39.46
N THR J 69 -7.48 1.22 38.42
CA THR J 69 -6.04 1.32 38.18
C THR J 69 -5.26 1.94 39.34
N PRO J 70 -5.74 3.00 40.03
CA PRO J 70 -4.99 3.50 41.20
C PRO J 70 -4.74 2.41 42.23
N GLU J 71 -5.73 1.54 42.45
CA GLU J 71 -5.54 0.43 43.37
C GLU J 71 -4.94 -0.79 42.70
N ASN J 72 -5.00 -0.86 41.37
CA ASN J 72 -4.36 -1.97 40.66
C ASN J 72 -2.84 -1.84 40.68
N LEU J 73 -2.33 -0.61 40.65
CA LEU J 73 -0.89 -0.41 40.61
C LEU J 73 -0.25 -0.65 41.98
N GLN J 74 -1.01 -0.49 43.07
CA GLN J 74 -0.44 -0.65 44.40
C GLN J 74 0.00 -2.09 44.66
N MET J 75 -0.81 -3.06 44.24
CA MET J 75 -0.44 -4.46 44.42
C MET J 75 0.79 -4.81 43.58
N GLY J 76 0.88 -4.26 42.38
CA GLY J 76 2.10 -4.44 41.59
C GLY J 76 3.31 -3.85 42.26
N ILE J 77 3.18 -2.67 42.85
CA ILE J 77 4.29 -2.05 43.57
C ILE J 77 4.74 -2.94 44.72
N GLU J 78 3.77 -3.45 45.50
CA GLU J 78 4.10 -4.29 46.63
C GLU J 78 4.76 -5.59 46.19
N GLY J 79 4.24 -6.21 45.13
CA GLY J 79 4.87 -7.41 44.61
C GLY J 79 6.30 -7.17 44.15
N GLU J 80 6.53 -6.05 43.45
CA GLU J 80 7.87 -5.74 42.97
C GLU J 80 8.83 -5.50 44.13
N THR J 81 8.41 -4.73 45.14
CA THR J 81 9.32 -4.45 46.24
C THR J 81 9.61 -5.71 47.05
N PHE J 82 8.61 -6.59 47.21
CA PHE J 82 8.87 -7.88 47.87
C PHE J 82 9.82 -8.72 47.04
N GLU J 83 9.66 -8.71 45.71
CA GLU J 83 10.52 -9.52 44.86
C GLU J 83 11.97 -9.06 44.92
N VAL J 84 12.21 -7.75 44.95
CA VAL J 84 13.58 -7.26 44.89
C VAL J 84 14.23 -7.13 46.26
N GLU J 85 13.46 -6.84 47.31
CA GLU J 85 14.08 -6.55 48.61
C GLU J 85 14.37 -7.82 49.41
N GLU J 86 13.45 -8.77 49.45
CA GLU J 86 13.56 -9.92 50.34
C GLU J 86 13.86 -11.23 49.64
N MET J 87 13.25 -11.49 48.48
CA MET J 87 13.35 -12.81 47.87
C MET J 87 14.68 -13.02 47.17
N TYR J 88 14.98 -12.21 46.16
CA TYR J 88 16.14 -12.45 45.32
C TYR J 88 17.48 -12.35 46.04
N PRO J 89 17.73 -11.39 46.94
CA PRO J 89 19.00 -11.43 47.67
C PRO J 89 19.22 -12.73 48.44
N VAL J 90 18.19 -13.26 49.08
CA VAL J 90 18.34 -14.51 49.82
C VAL J 90 18.54 -15.68 48.86
N TYR J 91 17.81 -15.70 47.75
CA TYR J 91 17.99 -16.77 46.78
C TYR J 91 19.41 -16.76 46.21
N ASN J 92 19.92 -15.57 45.89
CA ASN J 92 21.29 -15.46 45.38
C ASN J 92 22.30 -15.89 46.42
N LYS J 93 22.11 -15.49 47.68
CA LYS J 93 23.04 -15.90 48.73
C LYS J 93 23.05 -17.42 48.91
N ALA J 94 21.87 -18.03 48.89
CA ALA J 94 21.80 -19.48 49.01
C ALA J 94 22.45 -20.18 47.82
N ALA J 95 22.20 -19.69 46.61
CA ALA J 95 22.80 -20.28 45.42
C ALA J 95 24.33 -20.17 45.46
N GLU J 96 24.83 -19.02 45.91
CA GLU J 96 26.28 -18.88 46.07
C GLU J 96 26.83 -19.81 47.14
N PHE J 97 26.07 -20.01 48.22
CA PHE J 97 26.49 -20.94 49.27
C PHE J 97 26.60 -22.36 48.74
N GLN J 98 25.60 -22.81 47.98
CA GLN J 98 25.63 -24.17 47.46
C GLN J 98 26.59 -24.34 46.29
N GLY J 99 26.81 -23.30 45.50
CA GLY J 99 27.80 -23.36 44.45
C GLY J 99 27.27 -23.77 43.10
N GLU J 100 26.12 -23.24 42.71
CA GLU J 100 25.54 -23.48 41.39
C GLU J 100 25.72 -22.23 40.54
N LYS J 101 26.47 -22.36 39.44
CA LYS J 101 26.74 -21.21 38.59
C LYS J 101 25.48 -20.73 37.88
N GLU J 102 24.64 -21.67 37.44
CA GLU J 102 23.44 -21.29 36.70
C GLU J 102 22.46 -20.50 37.57
N ALA J 103 22.21 -20.97 38.79
CA ALA J 103 21.30 -20.26 39.68
C ALA J 103 21.85 -18.89 40.05
N VAL J 104 23.15 -18.80 40.32
CA VAL J 104 23.76 -17.52 40.65
C VAL J 104 23.65 -16.56 39.48
N ARG J 105 23.92 -17.05 38.27
CA ARG J 105 23.80 -16.21 37.08
C ARG J 105 22.37 -15.71 36.89
N THR J 106 21.40 -16.61 37.06
CA THR J 106 20.00 -16.23 36.86
C THR J 106 19.56 -15.19 37.89
N THR J 107 19.91 -15.40 39.17
CA THR J 107 19.53 -14.44 40.19
C THR J 107 20.26 -13.11 40.01
N HIS J 108 21.52 -13.17 39.59
CA HIS J 108 22.26 -11.94 39.33
C HIS J 108 21.63 -11.13 38.21
N TYR J 109 21.19 -11.81 37.15
CA TYR J 109 20.48 -11.10 36.09
C TYR J 109 19.15 -10.57 36.59
N ALA J 110 18.49 -11.31 37.49
CA ALA J 110 17.16 -10.91 37.96
C ALA J 110 17.23 -9.66 38.82
N LEU J 111 18.14 -9.63 39.80
CA LEU J 111 18.13 -8.51 40.75
C LEU J 111 18.79 -7.26 40.20
N GLU J 112 19.51 -7.35 39.08
CA GLU J 112 20.11 -6.17 38.48
C GLU J 112 19.19 -5.47 37.50
N ALA J 113 18.00 -6.02 37.24
CA ALA J 113 17.06 -5.43 36.30
C ALA J 113 15.68 -5.17 36.88
N GLU J 114 15.39 -5.64 38.09
CA GLU J 114 14.08 -5.49 38.69
C GLU J 114 13.98 -4.28 39.62
N LYS J 115 15.04 -3.45 39.70
CA LYS J 115 15.02 -2.32 40.61
C LYS J 115 14.17 -1.16 40.09
N ILE J 116 14.05 -1.03 38.78
CA ILE J 116 13.39 0.15 38.21
C ILE J 116 11.86 0.02 38.17
N HIS J 117 11.34 -1.21 38.27
CA HIS J 117 9.91 -1.41 38.12
C HIS J 117 9.12 -0.73 39.23
N ALA J 118 9.63 -0.80 40.46
CA ALA J 118 8.85 -0.24 41.58
C ALA J 118 8.60 1.24 41.33
N GLU J 119 9.66 1.98 41.01
CA GLU J 119 9.53 3.45 40.80
C GLU J 119 8.70 3.70 39.52
N LEU J 120 8.92 2.89 38.49
CA LEU J 120 8.09 3.06 37.30
C LEU J 120 6.61 3.04 37.66
N TYR J 121 6.20 2.03 38.44
CA TYR J 121 4.80 1.97 38.85
C TYR J 121 4.44 3.12 39.79
N ARG J 122 5.36 3.53 40.67
CA ARG J 122 5.05 4.64 41.56
C ARG J 122 4.80 5.93 40.76
N LYS J 123 5.67 6.22 39.78
CA LYS J 123 5.49 7.39 38.94
C LYS J 123 4.21 7.30 38.13
N ALA J 124 3.89 6.11 37.61
CA ALA J 124 2.65 5.94 36.86
C ALA J 124 1.43 6.17 37.75
N LYS J 125 1.46 5.65 38.97
CA LYS J 125 0.31 5.77 39.87
C LYS J 125 0.13 7.21 40.34
N GLU J 126 1.22 7.94 40.54
CA GLU J 126 1.11 9.34 40.95
C GLU J 126 0.34 10.15 39.92
N LYS J 127 0.62 9.94 38.64
CA LYS J 127 -0.07 10.63 37.57
C LYS J 127 -1.34 9.91 37.12
N ALA J 128 -1.66 8.76 37.71
CA ALA J 128 -2.88 8.03 37.34
C ALA J 128 -4.07 8.38 38.23
N GLU J 129 -3.82 9.01 39.38
CA GLU J 129 -4.90 9.38 40.32
C GLU J 129 -5.41 10.79 39.99
N LYS J 130 -5.51 11.10 38.70
CA LYS J 130 -5.94 12.45 38.24
C LYS J 130 -6.65 12.36 36.88
N GLY J 131 -7.26 11.20 36.55
CA GLY J 131 -7.99 11.10 35.31
C GLY J 131 -7.14 11.20 34.06
N GLU J 132 -5.84 11.42 34.22
CA GLU J 132 -4.91 11.55 33.12
C GLU J 132 -3.99 10.33 33.05
N ASP J 133 -3.39 10.12 31.87
CA ASP J 133 -2.49 8.97 31.67
C ASP J 133 -1.07 9.48 31.43
N ILE J 134 -0.06 8.79 31.97
CA ILE J 134 1.34 9.18 31.83
C ILE J 134 1.77 9.06 30.37
N GLU J 135 2.89 9.71 30.05
CA GLU J 135 3.36 9.84 28.67
C GLU J 135 4.76 9.25 28.55
N ILE J 136 4.83 7.96 28.20
CA ILE J 136 6.09 7.30 27.84
C ILE J 136 5.84 6.50 26.57
N LYS J 137 6.88 6.38 25.75
CA LYS J 137 6.78 5.66 24.49
C LYS J 137 8.04 4.83 24.27
N LYS J 138 7.89 3.78 23.46
CA LYS J 138 9.01 3.01 22.92
C LYS J 138 9.87 2.40 24.03
N VAL J 139 9.25 1.49 24.76
CA VAL J 139 9.93 0.76 25.82
C VAL J 139 10.72 -0.40 25.21
N TYR J 140 11.95 -0.58 25.68
CA TYR J 140 12.83 -1.64 25.19
C TYR J 140 13.04 -2.68 26.28
N ILE J 141 13.11 -3.95 25.89
CA ILE J 141 13.32 -5.07 26.80
C ILE J 141 14.41 -5.96 26.21
N CYS J 142 15.44 -6.23 27.01
CA CYS J 142 16.50 -7.16 26.63
C CYS J 142 15.95 -8.58 26.57
N PRO J 143 16.45 -9.43 25.66
CA PRO J 143 15.93 -10.80 25.56
C PRO J 143 16.60 -11.83 26.43
N ILE J 144 17.78 -11.49 26.98
CA ILE J 144 18.58 -12.48 27.78
C ILE J 144 18.73 -12.06 29.25
N CYS J 145 17.98 -11.05 29.72
CA CYS J 145 18.15 -10.57 31.11
C CYS J 145 16.98 -9.65 31.46
N GLY J 146 16.13 -9.35 30.49
CA GLY J 146 14.94 -8.52 30.73
C GLY J 146 15.27 -7.19 31.38
N TYR J 147 15.73 -6.21 30.61
CA TYR J 147 16.14 -4.96 31.23
C TYR J 147 15.29 -3.84 30.64
N THR J 148 14.47 -3.24 31.51
CA THR J 148 13.51 -2.24 31.02
C THR J 148 14.17 -0.92 30.71
N ALA J 149 14.16 -0.50 29.45
CA ALA J 149 14.68 0.79 29.03
C ALA J 149 13.52 1.69 28.64
N VAL J 150 13.39 2.82 29.33
CA VAL J 150 12.26 3.73 29.04
C VAL J 150 12.71 4.73 27.96
N ASP J 151 11.89 4.93 26.93
CA ASP J 151 12.22 5.89 25.83
C ASP J 151 13.52 5.49 25.12
N GLU J 152 14.64 6.09 25.47
CA GLU J 152 15.90 5.81 24.72
C GLU J 152 16.65 4.63 25.32
N ALA J 153 17.12 3.73 24.47
CA ALA J 153 17.85 2.53 24.95
C ALA J 153 19.34 2.71 24.70
N PRO J 154 20.23 2.19 25.56
CA PRO J 154 21.68 2.27 25.32
C PRO J 154 22.11 1.37 24.17
N GLU J 155 23.30 1.70 23.64
CA GLU J 155 23.83 0.94 22.52
C GLU J 155 24.13 -0.50 22.91
N TYR J 156 24.50 -0.73 24.16
CA TYR J 156 24.78 -2.06 24.69
C TYR J 156 24.07 -2.25 26.01
N CYS J 157 23.90 -3.50 26.40
CA CYS J 157 23.23 -3.81 27.66
C CYS J 157 24.19 -3.60 28.83
N PRO J 158 23.85 -2.73 29.79
CA PRO J 158 24.75 -2.54 30.94
C PRO J 158 24.88 -3.78 31.82
N VAL J 159 23.95 -4.74 31.72
CA VAL J 159 23.96 -5.94 32.62
C VAL J 159 24.67 -7.11 31.94
N CYS J 160 24.29 -7.46 30.71
CA CYS J 160 24.89 -8.62 30.00
C CYS J 160 25.87 -8.15 28.90
N GLY J 161 25.49 -7.15 28.10
CA GLY J 161 26.36 -6.63 27.02
C GLY J 161 25.84 -7.01 25.65
N ALA J 162 24.57 -7.40 25.54
CA ALA J 162 23.98 -7.71 24.25
C ALA J 162 23.79 -6.43 23.43
N PRO J 163 24.02 -6.50 22.12
CA PRO J 163 23.89 -5.31 21.29
C PRO J 163 22.47 -4.74 21.30
N LYS J 164 22.35 -3.55 20.69
CA LYS J 164 21.08 -2.82 20.75
C LYS J 164 20.02 -3.42 19.84
N GLU J 165 20.43 -4.09 18.76
CA GLU J 165 19.45 -4.63 17.82
C GLU J 165 18.71 -5.84 18.34
N LYS J 166 19.19 -6.47 19.43
CA LYS J 166 18.47 -7.59 20.01
C LYS J 166 17.25 -7.17 20.80
N PHE J 167 17.17 -5.90 21.21
CA PHE J 167 16.07 -5.44 22.03
C PHE J 167 14.74 -5.55 21.28
N VAL J 168 13.69 -5.89 22.02
CA VAL J 168 12.34 -5.95 21.50
C VAL J 168 11.60 -4.70 21.92
N VAL J 169 10.91 -4.09 20.95
CA VAL J 169 10.30 -2.76 21.23
C VAL J 169 8.78 -2.86 21.32
N PHE J 170 8.21 -2.15 22.29
CA PHE J 170 6.77 -2.09 22.52
C PHE J 170 6.33 -0.64 22.36
N GLU J 171 5.60 -0.36 21.29
CA GLU J 171 5.06 0.98 21.07
C GLU J 171 3.55 0.93 20.86
N MET K 1 -6.02 -50.89 51.09
CA MET K 1 -5.09 -50.58 50.01
C MET K 1 -4.65 -49.11 50.04
N VAL K 2 -3.49 -48.83 49.45
CA VAL K 2 -3.00 -47.46 49.39
C VAL K 2 -3.87 -46.67 48.41
N VAL K 3 -4.29 -45.48 48.83
CA VAL K 3 -5.09 -44.62 47.96
C VAL K 3 -4.28 -44.27 46.72
N LYS K 4 -4.92 -44.32 45.56
CA LYS K 4 -4.22 -44.18 44.29
C LYS K 4 -4.45 -42.84 43.62
N ARG K 5 -5.66 -42.29 43.70
CA ARG K 5 -5.96 -41.01 43.07
C ARG K 5 -5.16 -39.90 43.73
N THR K 6 -4.76 -38.92 42.92
CA THR K 6 -3.79 -37.92 43.38
C THR K 6 -4.42 -36.92 44.34
N MET K 7 -5.65 -36.49 44.07
CA MET K 7 -6.26 -35.44 44.89
C MET K 7 -6.49 -35.91 46.32
N THR K 8 -6.95 -37.15 46.49
CA THR K 8 -7.14 -37.66 47.85
C THR K 8 -5.80 -37.87 48.55
N LYS K 9 -4.75 -38.19 47.80
CA LYS K 9 -3.42 -38.29 48.38
C LYS K 9 -2.96 -36.93 48.91
N LYS K 10 -3.17 -35.87 48.12
CA LYS K 10 -2.83 -34.53 48.55
C LYS K 10 -3.62 -34.14 49.80
N PHE K 11 -4.92 -34.45 49.81
CA PHE K 11 -5.75 -34.10 50.95
C PHE K 11 -5.31 -34.84 52.20
N LEU K 12 -4.98 -36.12 52.07
CA LEU K 12 -4.52 -36.89 53.23
C LEU K 12 -3.18 -36.39 53.73
N GLU K 13 -2.27 -36.01 52.83
CA GLU K 13 -1.00 -35.46 53.26
C GLU K 13 -1.18 -34.15 54.01
N GLU K 14 -2.06 -33.27 53.50
CA GLU K 14 -2.33 -32.02 54.19
C GLU K 14 -2.96 -32.27 55.55
N ALA K 15 -3.87 -33.23 55.64
CA ALA K 15 -4.48 -33.57 56.92
C ALA K 15 -3.44 -34.07 57.91
N PHE K 16 -2.53 -34.93 57.46
CA PHE K 16 -1.48 -35.44 58.33
C PHE K 16 -0.60 -34.30 58.85
N ALA K 17 -0.21 -33.38 57.97
CA ALA K 17 0.61 -32.25 58.39
C ALA K 17 -0.13 -31.37 59.39
N GLY K 18 -1.40 -31.10 59.13
CA GLY K 18 -2.18 -30.27 60.05
C GLY K 18 -2.33 -30.90 61.41
N GLU K 19 -2.61 -32.21 61.45
CA GLU K 19 -2.76 -32.89 62.73
C GLU K 19 -1.44 -32.93 63.50
N SER K 20 -0.33 -33.14 62.79
CA SER K 20 0.98 -33.12 63.46
C SER K 20 1.26 -31.75 64.06
N MET K 21 1.00 -30.69 63.30
CA MET K 21 1.20 -29.34 63.81
C MET K 21 0.29 -29.06 65.01
N ALA K 22 -0.96 -29.54 64.95
CA ALA K 22 -1.87 -29.35 66.08
C ALA K 22 -1.37 -30.04 67.33
N HIS K 23 -0.88 -31.28 67.19
CA HIS K 23 -0.34 -31.98 68.35
C HIS K 23 0.87 -31.24 68.92
N MET K 24 1.76 -30.76 68.04
CA MET K 24 2.93 -30.02 68.52
C MET K 24 2.51 -28.76 69.26
N ARG K 25 1.53 -28.02 68.73
CA ARG K 25 1.07 -26.81 69.37
C ARG K 25 0.46 -27.11 70.74
N TYR K 26 -0.34 -28.17 70.83
CA TYR K 26 -0.93 -28.52 72.12
C TYR K 26 0.13 -28.93 73.13
N LEU K 27 1.14 -29.70 72.68
CA LEU K 27 2.21 -30.09 73.59
C LEU K 27 3.00 -28.88 74.08
N ILE K 28 3.25 -27.92 73.18
CA ILE K 28 3.96 -26.70 73.60
C ILE K 28 3.12 -25.91 74.59
N PHE K 29 1.82 -25.79 74.34
CA PHE K 29 0.96 -25.03 75.25
C PHE K 29 0.83 -25.70 76.61
N ALA K 30 0.86 -27.03 76.65
CA ALA K 30 0.62 -27.75 77.90
C ALA K 30 1.70 -27.46 78.93
N GLU K 31 2.98 -27.44 78.50
CA GLU K 31 4.06 -27.25 79.46
C GLU K 31 4.06 -25.84 80.04
N LYS K 32 3.62 -24.84 79.27
CA LYS K 32 3.49 -23.50 79.82
C LYS K 32 2.25 -23.36 80.69
N ALA K 33 1.17 -24.08 80.35
CA ALA K 33 -0.02 -24.07 81.19
C ALA K 33 0.28 -24.68 82.56
N GLU K 34 1.04 -25.77 82.59
CA GLU K 34 1.36 -26.41 83.86
C GLU K 34 2.32 -25.56 84.70
N GLN K 35 3.05 -24.66 84.04
CA GLN K 35 4.04 -23.80 84.74
C GLN K 35 3.28 -22.82 85.66
N GLU K 36 2.29 -22.11 85.12
CA GLU K 36 1.46 -21.22 85.97
C GLU K 36 0.48 -22.10 86.75
N GLY K 37 -0.37 -21.50 87.59
CA GLY K 37 -1.27 -22.30 88.44
C GLY K 37 -2.42 -22.90 87.65
N PHE K 38 -2.13 -23.66 86.59
CA PHE K 38 -3.20 -24.35 85.82
C PHE K 38 -2.84 -25.83 85.65
N PRO K 39 -2.54 -26.59 86.73
CA PRO K 39 -2.06 -28.00 86.58
C PRO K 39 -3.11 -28.86 85.91
N ASN K 40 -4.38 -28.49 86.02
CA ASN K 40 -5.42 -29.34 85.46
C ASN K 40 -5.67 -29.10 83.99
N ILE K 41 -5.32 -27.91 83.47
CA ILE K 41 -5.44 -27.65 82.04
C ILE K 41 -4.46 -28.52 81.26
N ALA K 42 -3.33 -28.88 81.87
CA ALA K 42 -2.34 -29.69 81.18
C ALA K 42 -2.88 -31.07 80.83
N LYS K 43 -3.67 -31.65 81.73
CA LYS K 43 -4.25 -32.97 81.45
C LYS K 43 -5.18 -32.91 80.24
N LEU K 44 -6.04 -31.89 80.19
CA LEU K 44 -6.95 -31.74 79.06
C LEU K 44 -6.18 -31.49 77.77
N PHE K 45 -5.14 -30.64 77.84
CA PHE K 45 -4.33 -30.38 76.65
C PHE K 45 -3.65 -31.65 76.14
N ARG K 46 -3.11 -32.46 77.05
CA ARG K 46 -2.46 -33.70 76.63
C ARG K 46 -3.46 -34.71 76.10
N ALA K 47 -4.67 -34.74 76.65
CA ALA K 47 -5.70 -35.64 76.13
C ALA K 47 -6.09 -35.25 74.70
N ILE K 48 -6.31 -33.96 74.46
CA ILE K 48 -6.61 -33.53 73.09
C ILE K 48 -5.42 -33.76 72.18
N ALA K 49 -4.20 -33.58 72.69
CA ALA K 49 -3.01 -33.84 71.89
C ALA K 49 -2.93 -35.30 71.48
N TYR K 50 -3.22 -36.22 72.40
CA TYR K 50 -3.22 -37.64 72.06
C TYR K 50 -4.33 -37.98 71.09
N ALA K 51 -5.49 -37.33 71.22
CA ALA K 51 -6.56 -37.54 70.24
C ALA K 51 -6.12 -37.11 68.85
N GLU K 52 -5.46 -35.95 68.75
CA GLU K 52 -4.94 -35.51 67.47
C GLU K 52 -3.85 -36.44 66.96
N PHE K 53 -3.07 -37.01 67.86
CA PHE K 53 -2.08 -38.01 67.47
C PHE K 53 -2.76 -39.25 66.87
N VAL K 54 -3.87 -39.66 67.47
CA VAL K 54 -4.63 -40.80 66.93
C VAL K 54 -5.15 -40.47 65.54
N HIS K 55 -5.68 -39.25 65.37
CA HIS K 55 -6.14 -38.84 64.05
C HIS K 55 -5.00 -38.86 63.03
N ALA K 56 -3.83 -38.34 63.42
CA ALA K 56 -2.69 -38.32 62.52
C ALA K 56 -2.22 -39.74 62.18
N LYS K 57 -2.23 -40.63 63.18
CA LYS K 57 -1.84 -42.02 62.92
C LYS K 57 -2.81 -42.68 61.95
N ASN K 58 -4.11 -42.45 62.11
CA ASN K 58 -5.08 -43.00 61.18
C ASN K 58 -4.85 -42.47 59.77
N HIS K 59 -4.57 -41.16 59.66
CA HIS K 59 -4.30 -40.59 58.34
C HIS K 59 -3.03 -41.19 57.73
N PHE K 60 -2.01 -41.42 58.55
CA PHE K 60 -0.75 -41.99 58.06
C PHE K 60 -0.96 -43.43 57.58
N ILE K 61 -1.69 -44.23 58.34
CA ILE K 61 -1.97 -45.60 57.93
C ILE K 61 -2.82 -45.62 56.67
N ALA K 62 -3.74 -44.66 56.54
CA ALA K 62 -4.57 -44.59 55.34
C ALA K 62 -3.72 -44.39 54.09
N LEU K 63 -2.65 -43.59 54.19
CA LEU K 63 -1.75 -43.41 53.07
C LEU K 63 -0.86 -44.62 52.82
N GLY K 64 -0.76 -45.54 53.77
CA GLY K 64 0.00 -46.75 53.57
C GLY K 64 1.49 -46.57 53.50
N LYS K 65 2.04 -45.55 54.13
CA LYS K 65 3.48 -45.34 54.14
C LYS K 65 4.20 -46.21 55.15
N LEU K 66 3.49 -46.84 56.07
CA LEU K 66 4.11 -47.68 57.08
C LEU K 66 4.58 -49.00 56.48
N GLY K 67 5.59 -49.58 57.10
CA GLY K 67 6.14 -50.84 56.66
C GLY K 67 6.85 -51.53 57.80
N LYS K 68 7.78 -52.42 57.45
CA LYS K 68 8.57 -53.10 58.47
C LYS K 68 9.59 -52.16 59.09
N THR K 69 10.17 -52.60 60.20
CA THR K 69 11.13 -51.75 60.92
C THR K 69 12.35 -51.35 60.09
N PRO K 70 12.98 -52.24 59.30
CA PRO K 70 14.09 -51.75 58.46
C PRO K 70 13.69 -50.60 57.53
N GLU K 71 12.50 -50.66 56.93
CA GLU K 71 12.08 -49.59 56.04
C GLU K 71 11.81 -48.31 56.81
N ASN K 72 11.24 -48.43 58.01
CA ASN K 72 11.03 -47.26 58.86
C ASN K 72 12.36 -46.61 59.21
N LEU K 73 13.37 -47.42 59.55
CA LEU K 73 14.69 -46.89 59.85
C LEU K 73 15.33 -46.24 58.64
N GLN K 74 15.12 -46.83 57.45
CA GLN K 74 15.64 -46.22 56.23
C GLN K 74 14.99 -44.86 55.97
N MET K 75 13.68 -44.76 56.16
CA MET K 75 13.00 -43.48 55.97
C MET K 75 13.49 -42.45 56.98
N GLY K 76 13.69 -42.88 58.24
CA GLY K 76 14.25 -41.97 59.23
C GLY K 76 15.66 -41.52 58.87
N ILE K 77 16.47 -42.43 58.34
CA ILE K 77 17.83 -42.09 57.90
C ILE K 77 17.77 -41.04 56.81
N GLU K 78 16.92 -41.25 55.81
CA GLU K 78 16.81 -40.29 54.71
C GLU K 78 16.34 -38.93 55.22
N GLY K 79 15.34 -38.92 56.09
CA GLY K 79 14.86 -37.66 56.64
C GLY K 79 15.92 -36.91 57.42
N GLU K 80 16.66 -37.63 58.28
CA GLU K 80 17.71 -37.00 59.06
C GLU K 80 18.82 -36.47 58.17
N THR K 81 19.20 -37.24 57.14
CA THR K 81 20.24 -36.80 56.22
C THR K 81 19.82 -35.52 55.49
N PHE K 82 18.57 -35.48 55.02
CA PHE K 82 18.10 -34.28 54.34
C PHE K 82 18.05 -33.09 55.30
N GLU K 83 17.60 -33.31 56.53
CA GLU K 83 17.52 -32.23 57.49
C GLU K 83 18.89 -31.67 57.82
N VAL K 84 19.89 -32.54 57.95
CA VAL K 84 21.21 -32.10 58.38
C VAL K 84 21.99 -31.47 57.23
N GLU K 85 22.00 -32.12 56.07
CA GLU K 85 22.92 -31.74 55.00
C GLU K 85 22.53 -30.41 54.36
N GLU K 86 21.24 -30.24 54.03
CA GLU K 86 20.82 -29.19 53.12
C GLU K 86 20.04 -28.07 53.81
N MET K 87 18.95 -28.40 54.49
CA MET K 87 18.01 -27.37 54.94
C MET K 87 18.63 -26.46 55.99
N TYR K 88 19.21 -27.05 57.04
CA TYR K 88 19.66 -26.24 58.17
C TYR K 88 20.83 -25.31 57.82
N PRO K 89 21.87 -25.75 57.09
CA PRO K 89 22.92 -24.79 56.69
C PRO K 89 22.40 -23.64 55.87
N VAL K 90 21.45 -23.89 54.95
CA VAL K 90 20.92 -22.81 54.12
C VAL K 90 20.11 -21.84 54.98
N TYR K 91 19.33 -22.37 55.93
CA TYR K 91 18.60 -21.49 56.83
C TYR K 91 19.55 -20.67 57.69
N ASN K 92 20.64 -21.28 58.14
CA ASN K 92 21.64 -20.54 58.91
C ASN K 92 22.23 -19.40 58.09
N LYS K 93 22.58 -19.68 56.84
CA LYS K 93 23.14 -18.65 55.99
C LYS K 93 22.14 -17.52 55.75
N ALA K 94 20.88 -17.87 55.50
CA ALA K 94 19.87 -16.84 55.27
C ALA K 94 19.64 -15.99 56.51
N ALA K 95 19.58 -16.62 57.69
CA ALA K 95 19.35 -15.87 58.92
C ALA K 95 20.55 -14.99 59.26
N GLU K 96 21.76 -15.47 58.97
CA GLU K 96 22.94 -14.64 59.19
C GLU K 96 22.98 -13.46 58.23
N PHE K 97 22.61 -13.69 56.97
CA PHE K 97 22.60 -12.61 55.98
C PHE K 97 21.56 -11.55 56.34
N GLN K 98 20.37 -11.98 56.78
CA GLN K 98 19.33 -11.03 57.13
C GLN K 98 19.47 -10.47 58.55
N GLY K 99 20.31 -11.08 59.38
CA GLY K 99 20.62 -10.53 60.68
C GLY K 99 19.55 -10.71 61.74
N GLU K 100 19.27 -11.96 62.11
CA GLU K 100 18.31 -12.28 63.17
C GLU K 100 19.05 -13.10 64.24
N LYS K 101 19.05 -12.61 65.48
CA LYS K 101 19.78 -13.31 66.54
C LYS K 101 19.08 -14.60 66.94
N GLU K 102 17.75 -14.55 67.10
CA GLU K 102 17.02 -15.73 67.58
C GLU K 102 17.06 -16.86 66.56
N ALA K 103 16.83 -16.54 65.28
CA ALA K 103 16.83 -17.58 64.25
C ALA K 103 18.22 -18.19 64.11
N VAL K 104 19.26 -17.36 64.11
CA VAL K 104 20.62 -17.87 64.02
C VAL K 104 20.94 -18.76 65.21
N ARG K 105 20.55 -18.34 66.41
CA ARG K 105 20.82 -19.14 67.60
C ARG K 105 20.11 -20.49 67.54
N THR K 106 18.83 -20.48 67.15
CA THR K 106 18.06 -21.73 67.09
C THR K 106 18.63 -22.67 66.04
N THR K 107 18.94 -22.14 64.85
CA THR K 107 19.49 -23.00 63.80
C THR K 107 20.88 -23.51 64.16
N HIS K 108 21.69 -22.68 64.84
CA HIS K 108 22.99 -23.14 65.31
C HIS K 108 22.84 -24.27 66.33
N TYR K 109 21.86 -24.16 67.23
CA TYR K 109 21.57 -25.27 68.13
C TYR K 109 21.18 -26.52 67.35
N ALA K 110 20.36 -26.35 66.31
CA ALA K 110 19.94 -27.50 65.51
C ALA K 110 21.11 -28.15 64.80
N LEU K 111 22.05 -27.35 64.30
CA LEU K 111 23.18 -27.87 63.53
C LEU K 111 24.06 -28.79 64.37
N GLU K 112 24.34 -28.40 65.60
CA GLU K 112 25.29 -29.13 66.44
C GLU K 112 24.65 -30.24 67.26
N ALA K 113 23.36 -30.51 67.06
CA ALA K 113 22.67 -31.54 67.82
C ALA K 113 21.99 -32.59 66.95
N GLU K 114 21.79 -32.33 65.66
CA GLU K 114 21.10 -33.26 64.76
C GLU K 114 22.05 -34.21 64.05
N LYS K 115 23.36 -34.12 64.30
CA LYS K 115 24.32 -34.91 63.53
C LYS K 115 24.34 -36.38 63.93
N ILE K 116 24.11 -36.70 65.20
CA ILE K 116 24.28 -38.06 65.67
C ILE K 116 23.06 -38.94 65.43
N HIS K 117 21.92 -38.35 65.06
CA HIS K 117 20.72 -39.14 64.85
C HIS K 117 20.88 -40.10 63.68
N ALA K 118 21.50 -39.64 62.60
CA ALA K 118 21.74 -40.53 61.46
C ALA K 118 22.66 -41.69 61.84
N GLU K 119 23.69 -41.42 62.64
CA GLU K 119 24.56 -42.49 63.10
C GLU K 119 23.80 -43.49 63.96
N LEU K 120 22.95 -42.99 64.87
CA LEU K 120 22.15 -43.89 65.69
C LEU K 120 21.25 -44.76 64.82
N TYR K 121 20.57 -44.16 63.84
CA TYR K 121 19.66 -44.91 63.00
C TYR K 121 20.40 -45.95 62.16
N ARG K 122 21.55 -45.60 61.61
CA ARG K 122 22.28 -46.57 60.80
C ARG K 122 22.83 -47.72 61.65
N LYS K 123 23.32 -47.42 62.85
CA LYS K 123 23.76 -48.50 63.74
C LYS K 123 22.60 -49.38 64.15
N ALA K 124 21.45 -48.79 64.45
CA ALA K 124 20.28 -49.57 64.83
C ALA K 124 19.80 -50.46 63.69
N LYS K 125 19.81 -49.94 62.46
CA LYS K 125 19.41 -50.77 61.32
C LYS K 125 20.42 -51.89 61.08
N GLU K 126 21.71 -51.60 61.23
CA GLU K 126 22.72 -52.64 61.04
C GLU K 126 22.57 -53.75 62.08
N LYS K 127 22.32 -53.38 63.33
CA LYS K 127 22.16 -54.36 64.40
C LYS K 127 20.75 -54.93 64.49
N ALA K 128 19.81 -54.45 63.66
CA ALA K 128 18.43 -54.90 63.72
C ALA K 128 17.98 -55.66 62.48
N GLU K 129 18.80 -55.67 61.43
CA GLU K 129 18.44 -56.39 60.18
C GLU K 129 18.81 -57.87 60.34
N LYS K 130 18.89 -58.36 61.58
CA LYS K 130 19.29 -59.77 61.83
C LYS K 130 18.43 -60.37 62.95
N GLY K 131 17.12 -60.11 62.95
CA GLY K 131 16.24 -60.71 63.93
C GLY K 131 16.60 -60.42 65.36
N GLU K 132 17.70 -59.71 65.60
CA GLU K 132 18.17 -59.38 66.94
C GLU K 132 17.75 -57.96 67.32
N ASP K 133 18.15 -57.56 68.52
CA ASP K 133 17.86 -56.24 69.05
C ASP K 133 19.15 -55.47 69.31
N ILE K 134 19.00 -54.14 69.27
CA ILE K 134 20.15 -53.23 69.55
C ILE K 134 20.28 -53.11 71.07
N GLU K 135 21.41 -52.58 71.53
CA GLU K 135 21.69 -52.51 72.97
C GLU K 135 22.18 -51.10 73.33
N ILE K 136 21.25 -50.25 73.80
CA ILE K 136 21.60 -48.98 74.42
C ILE K 136 20.73 -48.81 75.66
N LYS K 137 21.33 -48.29 76.73
CA LYS K 137 20.64 -48.01 77.96
C LYS K 137 20.96 -46.60 78.42
N LYS K 138 19.97 -45.96 79.06
CA LYS K 138 20.14 -44.63 79.66
C LYS K 138 20.56 -43.60 78.63
N VAL K 139 19.63 -43.32 77.71
CA VAL K 139 19.85 -42.25 76.75
C VAL K 139 19.54 -40.90 77.41
N TYR K 140 20.48 -39.97 77.35
CA TYR K 140 20.31 -38.65 77.93
C TYR K 140 20.05 -37.64 76.83
N ILE K 141 19.06 -36.77 77.04
CA ILE K 141 18.70 -35.72 76.09
C ILE K 141 18.74 -34.39 76.83
N CYS K 142 19.35 -33.38 76.19
CA CYS K 142 19.35 -32.06 76.79
C CYS K 142 17.97 -31.42 76.65
N PRO K 143 17.57 -30.56 77.60
CA PRO K 143 16.23 -29.96 77.52
C PRO K 143 16.15 -28.69 76.69
N ILE K 144 17.31 -28.10 76.37
CA ILE K 144 17.35 -26.80 75.62
C ILE K 144 17.81 -27.02 74.17
N CYS K 145 18.94 -27.69 73.94
CA CYS K 145 19.48 -27.92 72.56
C CYS K 145 19.18 -29.34 72.08
N GLY K 146 19.00 -30.28 73.01
CA GLY K 146 18.65 -31.66 72.67
C GLY K 146 19.78 -32.36 71.93
N TYR K 147 20.87 -32.68 72.62
CA TYR K 147 21.98 -33.43 71.96
C TYR K 147 21.89 -34.85 72.50
N THR K 148 22.04 -35.86 71.64
CA THR K 148 21.84 -37.24 72.12
C THR K 148 23.08 -37.78 72.79
N ALA K 149 22.99 -38.13 74.07
CA ALA K 149 24.11 -38.73 74.78
C ALA K 149 23.77 -40.20 75.06
N VAL K 150 24.60 -41.10 74.55
CA VAL K 150 24.39 -42.54 74.70
C VAL K 150 25.32 -43.06 75.79
N ASP K 151 24.74 -43.90 76.65
CA ASP K 151 25.53 -44.48 77.77
C ASP K 151 26.12 -43.34 78.61
N GLU K 152 27.42 -43.11 78.49
CA GLU K 152 28.06 -42.07 79.27
C GLU K 152 27.82 -40.71 78.64
N ALA K 153 27.46 -39.74 79.48
CA ALA K 153 27.12 -38.40 79.02
C ALA K 153 28.14 -37.39 79.56
N PRO K 154 28.43 -36.32 78.84
CA PRO K 154 29.36 -35.31 79.37
C PRO K 154 28.80 -34.65 80.61
N GLU K 155 29.71 -34.24 81.51
CA GLU K 155 29.28 -33.57 82.73
C GLU K 155 28.60 -32.24 82.43
N TYR K 156 29.07 -31.53 81.42
CA TYR K 156 28.47 -30.29 80.97
C TYR K 156 28.03 -30.42 79.53
N CYS K 157 27.01 -29.67 79.16
CA CYS K 157 26.50 -29.72 77.79
C CYS K 157 27.54 -29.17 76.82
N PRO K 158 27.94 -29.93 75.80
CA PRO K 158 28.98 -29.43 74.88
C PRO K 158 28.53 -28.25 74.03
N VAL K 159 27.24 -27.95 73.97
CA VAL K 159 26.72 -26.91 73.11
C VAL K 159 26.24 -25.70 73.90
N CYS K 160 25.29 -25.91 74.83
CA CYS K 160 24.72 -24.81 75.59
C CYS K 160 25.32 -24.65 76.98
N GLY K 161 26.16 -25.58 77.42
CA GLY K 161 26.82 -25.42 78.71
C GLY K 161 25.98 -25.75 79.91
N ALA K 162 24.81 -26.36 79.73
CA ALA K 162 23.98 -26.73 80.85
C ALA K 162 24.57 -27.95 81.58
N PRO K 163 24.62 -27.92 82.90
CA PRO K 163 25.20 -29.04 83.66
C PRO K 163 24.32 -30.28 83.56
N LYS K 164 24.77 -31.32 84.28
CA LYS K 164 24.17 -32.64 84.15
C LYS K 164 22.75 -32.70 84.72
N GLU K 165 22.44 -31.85 85.72
CA GLU K 165 21.23 -32.06 86.50
C GLU K 165 19.94 -31.76 85.74
N LYS K 166 19.99 -31.02 84.63
CA LYS K 166 18.78 -30.77 83.86
C LYS K 166 18.59 -31.73 82.68
N PHE K 167 19.50 -32.69 82.48
CA PHE K 167 19.32 -33.66 81.42
C PHE K 167 18.10 -34.53 81.72
N VAL K 168 17.42 -34.96 80.66
CA VAL K 168 16.29 -35.88 80.78
C VAL K 168 16.77 -37.27 80.40
N VAL K 169 16.21 -38.28 81.07
CA VAL K 169 16.73 -39.65 81.03
C VAL K 169 15.70 -40.56 80.38
N PHE K 170 16.20 -41.51 79.57
CA PHE K 170 15.38 -42.55 78.98
C PHE K 170 15.99 -43.89 79.33
N GLU K 171 15.19 -44.76 79.95
CA GLU K 171 15.66 -46.09 80.32
C GLU K 171 14.49 -47.07 80.43
N MET L 1 13.94 -10.69 70.56
CA MET L 1 12.62 -10.27 70.11
C MET L 1 12.04 -11.26 69.11
N VAL L 2 11.05 -10.80 68.35
CA VAL L 2 10.40 -11.66 67.35
C VAL L 2 11.06 -11.46 65.98
N VAL L 3 10.93 -12.46 65.13
CA VAL L 3 11.44 -12.37 63.77
C VAL L 3 10.46 -11.56 62.93
N LYS L 4 10.97 -10.54 62.24
CA LYS L 4 10.13 -9.63 61.48
C LYS L 4 10.30 -9.73 59.97
N ARG L 5 11.48 -10.12 59.49
CA ARG L 5 11.68 -10.28 58.05
C ARG L 5 10.91 -11.47 57.53
N THR L 6 10.46 -11.37 56.27
CA THR L 6 9.55 -12.37 55.72
C THR L 6 10.26 -13.68 55.42
N MET L 7 11.45 -13.62 54.83
CA MET L 7 12.11 -14.84 54.38
C MET L 7 12.51 -15.72 55.56
N THR L 8 13.10 -15.12 56.60
CA THR L 8 13.48 -15.91 57.77
C THR L 8 12.27 -16.47 58.49
N LYS L 9 11.18 -15.70 58.55
CA LYS L 9 9.96 -16.20 59.16
C LYS L 9 9.40 -17.39 58.39
N LYS L 10 9.39 -17.31 57.06
CA LYS L 10 8.92 -18.43 56.26
C LYS L 10 9.80 -19.66 56.45
N PHE L 11 11.11 -19.46 56.49
CA PHE L 11 12.02 -20.58 56.72
C PHE L 11 11.77 -21.23 58.07
N LEU L 12 11.56 -20.41 59.10
CA LEU L 12 11.29 -20.95 60.43
C LEU L 12 9.97 -21.72 60.45
N GLU L 13 8.95 -21.21 59.74
CA GLU L 13 7.68 -21.92 59.67
C GLU L 13 7.84 -23.29 59.00
N GLU L 14 8.59 -23.34 57.89
CA GLU L 14 8.83 -24.62 57.23
C GLU L 14 9.60 -25.57 58.14
N ALA L 15 10.59 -25.05 58.86
CA ALA L 15 11.34 -25.88 59.79
C ALA L 15 10.44 -26.43 60.90
N PHE L 16 9.55 -25.60 61.42
CA PHE L 16 8.61 -26.05 62.45
C PHE L 16 7.70 -27.16 61.91
N ALA L 17 7.18 -26.98 60.70
CA ALA L 17 6.32 -28.00 60.11
C ALA L 17 7.08 -29.31 59.92
N GLY L 18 8.31 -29.22 59.42
CA GLY L 18 9.12 -30.42 59.25
C GLY L 18 9.41 -31.13 60.55
N GLU L 19 9.71 -30.35 61.60
CA GLU L 19 9.99 -30.95 62.91
C GLU L 19 8.75 -31.63 63.49
N SER L 20 7.58 -31.02 63.33
CA SER L 20 6.35 -31.64 63.80
C SER L 20 6.07 -32.95 63.05
N MET L 21 6.26 -32.93 61.73
CA MET L 21 6.06 -34.14 60.94
C MET L 21 7.03 -35.23 61.38
N ALA L 22 8.29 -34.86 61.63
CA ALA L 22 9.28 -35.84 62.08
C ALA L 22 8.90 -36.42 63.44
N HIS L 23 8.38 -35.58 64.34
CA HIS L 23 7.93 -36.07 65.64
C HIS L 23 6.80 -37.08 65.48
N MET L 24 5.82 -36.75 64.63
CA MET L 24 4.72 -37.69 64.38
C MET L 24 5.24 -39.01 63.83
N ARG L 25 6.13 -38.95 62.84
CA ARG L 25 6.64 -40.18 62.23
C ARG L 25 7.41 -41.02 63.24
N TYR L 26 8.23 -40.37 64.07
CA TYR L 26 8.99 -41.12 65.06
C TYR L 26 8.08 -41.75 66.11
N LEU L 27 7.03 -41.03 66.52
CA LEU L 27 6.09 -41.62 67.48
C LEU L 27 5.38 -42.83 66.88
N ILE L 28 4.95 -42.74 65.62
CA ILE L 28 4.29 -43.87 64.97
C ILE L 28 5.25 -45.04 64.85
N PHE L 29 6.50 -44.78 64.46
CA PHE L 29 7.49 -45.84 64.33
C PHE L 29 7.75 -46.51 65.67
N ALA L 30 7.84 -45.72 66.74
CA ALA L 30 8.04 -46.29 68.07
C ALA L 30 6.86 -47.16 68.47
N GLU L 31 5.63 -46.69 68.20
CA GLU L 31 4.45 -47.48 68.53
C GLU L 31 4.44 -48.81 67.78
N LYS L 32 4.81 -48.80 66.49
CA LYS L 32 4.87 -50.04 65.75
C LYS L 32 5.97 -50.95 66.27
N ALA L 33 7.14 -50.39 66.56
CA ALA L 33 8.27 -51.22 67.01
C ALA L 33 8.01 -51.82 68.38
N GLU L 34 7.23 -51.16 69.22
CA GLU L 34 6.88 -51.73 70.52
C GLU L 34 6.09 -53.02 70.36
N GLN L 35 5.37 -53.14 69.24
CA GLN L 35 4.52 -54.33 69.01
C GLN L 35 5.39 -55.50 68.52
N GLU L 36 6.38 -55.25 67.68
CA GLU L 36 7.21 -56.36 67.11
C GLU L 36 8.33 -56.70 68.10
N GLY L 37 9.39 -57.37 67.61
CA GLY L 37 10.46 -57.81 68.52
C GLY L 37 11.56 -56.79 68.71
N PHE L 38 11.23 -55.51 68.90
CA PHE L 38 12.27 -54.46 69.00
C PHE L 38 11.88 -53.44 70.08
N PRO L 39 11.91 -53.78 71.39
CA PRO L 39 11.63 -52.81 72.50
C PRO L 39 12.58 -51.62 72.52
N ASN L 40 13.85 -51.84 72.84
CA ASN L 40 14.83 -50.76 72.97
C ASN L 40 14.73 -49.76 71.83
N ILE L 41 14.40 -50.25 70.62
CA ILE L 41 14.24 -49.36 69.48
C ILE L 41 13.11 -48.36 69.73
N ALA L 42 12.07 -48.78 70.45
CA ALA L 42 11.02 -47.85 70.84
C ALA L 42 11.55 -46.75 71.74
N LYS L 43 12.44 -47.11 72.69
CA LYS L 43 13.03 -46.11 73.56
C LYS L 43 13.88 -45.12 72.76
N LEU L 44 14.68 -45.63 71.82
CA LEU L 44 15.49 -44.75 70.99
C LEU L 44 14.61 -43.81 70.17
N PHE L 45 13.54 -44.35 69.59
CA PHE L 45 12.63 -43.52 68.80
C PHE L 45 11.96 -42.46 69.65
N ARG L 46 11.56 -42.81 70.87
CA ARG L 46 10.92 -41.83 71.75
C ARG L 46 11.89 -40.73 72.16
N ALA L 47 13.14 -41.09 72.46
CA ALA L 47 14.14 -40.08 72.80
C ALA L 47 14.39 -39.14 71.62
N ILE L 48 14.52 -39.69 70.42
CA ILE L 48 14.72 -38.86 69.23
C ILE L 48 13.51 -37.97 69.00
N ALA L 49 12.30 -38.49 69.22
CA ALA L 49 11.09 -37.69 69.08
C ALA L 49 11.07 -36.55 70.07
N TYR L 50 11.50 -36.79 71.31
CA TYR L 50 11.58 -35.72 72.29
C TYR L 50 12.59 -34.66 71.87
N ALA L 51 13.72 -35.09 71.29
CA ALA L 51 14.68 -34.12 70.78
C ALA L 51 14.08 -33.26 69.66
N GLU L 52 13.34 -33.90 68.76
CA GLU L 52 12.67 -33.13 67.70
C GLU L 52 11.62 -32.19 68.28
N PHE L 53 10.95 -32.61 69.36
CA PHE L 53 10.01 -31.72 70.03
C PHE L 53 10.72 -30.52 70.63
N VAL L 54 11.91 -30.73 71.19
CA VAL L 54 12.69 -29.61 71.73
C VAL L 54 13.05 -28.63 70.61
N HIS L 55 13.50 -29.17 69.47
CA HIS L 55 13.83 -28.30 68.34
C HIS L 55 12.60 -27.52 67.87
N ALA L 56 11.45 -28.19 67.78
CA ALA L 56 10.23 -27.52 67.33
C ALA L 56 9.78 -26.46 68.34
N LYS L 57 9.96 -26.73 69.64
CA LYS L 57 9.62 -25.73 70.65
C LYS L 57 10.53 -24.51 70.53
N ASN L 58 11.83 -24.73 70.26
CA ASN L 58 12.72 -23.60 70.04
C ASN L 58 12.29 -22.79 68.81
N HIS L 59 11.91 -23.48 67.73
CA HIS L 59 11.42 -22.78 66.54
C HIS L 59 10.17 -21.98 66.86
N PHE L 60 9.23 -22.55 67.62
CA PHE L 60 8.01 -21.85 67.99
C PHE L 60 8.32 -20.62 68.84
N ILE L 61 9.24 -20.75 69.79
CA ILE L 61 9.63 -19.62 70.64
C ILE L 61 10.24 -18.52 69.79
N ALA L 62 11.11 -18.88 68.84
CA ALA L 62 11.76 -17.88 68.01
C ALA L 62 10.76 -17.08 67.18
N LEU L 63 9.59 -17.66 66.88
CA LEU L 63 8.57 -16.97 66.12
C LEU L 63 7.70 -16.05 66.96
N GLY L 64 7.80 -16.13 68.29
CA GLY L 64 6.99 -15.29 69.16
C GLY L 64 5.50 -15.54 69.08
N LYS L 65 5.08 -16.80 68.98
CA LYS L 65 3.68 -17.17 68.92
C LYS L 65 3.15 -17.70 70.25
N LEU L 66 3.95 -17.62 71.32
CA LEU L 66 3.57 -18.14 72.62
C LEU L 66 3.16 -16.99 73.53
N GLY L 67 1.95 -17.08 74.09
CA GLY L 67 1.47 -16.09 75.02
C GLY L 67 0.89 -16.73 76.26
N LYS L 68 0.09 -15.97 77.02
CA LYS L 68 -0.54 -16.53 78.21
C LYS L 68 -1.63 -17.52 77.81
N THR L 69 -2.10 -18.28 78.81
CA THR L 69 -3.03 -19.37 78.56
C THR L 69 -4.30 -18.96 77.80
N PRO L 70 -4.95 -17.82 78.09
CA PRO L 70 -6.13 -17.46 77.29
C PRO L 70 -5.85 -17.36 75.79
N GLU L 71 -4.68 -16.84 75.41
CA GLU L 71 -4.37 -16.71 73.98
C GLU L 71 -4.19 -18.07 73.32
N ASN L 72 -3.51 -18.99 73.99
CA ASN L 72 -3.36 -20.34 73.44
C ASN L 72 -4.71 -21.04 73.37
N LEU L 73 -5.57 -20.83 74.36
CA LEU L 73 -6.91 -21.41 74.31
C LEU L 73 -7.70 -20.85 73.14
N GLN L 74 -7.59 -19.55 72.89
CA GLN L 74 -8.27 -18.95 71.73
C GLN L 74 -7.73 -19.52 70.43
N MET L 75 -6.41 -19.68 70.33
CA MET L 75 -5.82 -20.27 69.13
C MET L 75 -6.33 -21.69 68.90
N GLY L 76 -6.41 -22.48 69.98
CA GLY L 76 -6.97 -23.81 69.85
C GLY L 76 -8.41 -23.79 69.43
N ILE L 77 -9.19 -22.83 69.95
CA ILE L 77 -10.59 -22.71 69.55
C ILE L 77 -10.71 -22.44 68.06
N GLU L 78 -9.91 -21.49 67.55
CA GLU L 78 -9.95 -21.17 66.14
C GLU L 78 -9.53 -22.36 65.29
N GLY L 79 -8.46 -23.04 65.68
CA GLY L 79 -8.01 -24.20 64.92
C GLY L 79 -9.04 -25.31 64.88
N GLU L 80 -9.65 -25.61 66.03
CA GLU L 80 -10.67 -26.65 66.08
C GLU L 80 -11.89 -26.27 65.26
N THR L 81 -12.31 -25.00 65.33
CA THR L 81 -13.46 -24.58 64.54
C THR L 81 -13.18 -24.69 63.04
N PHE L 82 -12.00 -24.25 62.61
CA PHE L 82 -11.66 -24.37 61.20
C PHE L 82 -11.59 -25.82 60.75
N GLU L 83 -11.02 -26.70 61.59
CA GLU L 83 -10.94 -28.10 61.23
C GLU L 83 -12.32 -28.73 61.13
N VAL L 84 -13.21 -28.44 62.08
CA VAL L 84 -14.52 -29.09 62.10
C VAL L 84 -15.40 -28.57 60.97
N GLU L 85 -15.43 -27.26 60.75
CA GLU L 85 -16.47 -26.66 59.92
C GLU L 85 -16.08 -26.52 58.45
N GLU L 86 -14.80 -26.52 58.13
CA GLU L 86 -14.37 -26.24 56.76
C GLU L 86 -13.61 -27.39 56.11
N MET L 87 -12.65 -27.97 56.83
CA MET L 87 -11.69 -28.90 56.21
C MET L 87 -12.28 -30.30 56.04
N TYR L 88 -12.66 -30.92 57.16
CA TYR L 88 -13.04 -32.33 57.13
C TYR L 88 -14.28 -32.61 56.29
N PRO L 89 -15.37 -31.82 56.34
CA PRO L 89 -16.48 -32.09 55.42
C PRO L 89 -16.09 -32.10 53.95
N VAL L 90 -15.23 -31.15 53.54
CA VAL L 90 -14.84 -31.09 52.13
C VAL L 90 -13.96 -32.27 51.77
N TYR L 91 -13.03 -32.64 52.65
CA TYR L 91 -12.18 -33.79 52.36
C TYR L 91 -13.01 -35.08 52.31
N ASN L 92 -13.99 -35.22 53.19
CA ASN L 92 -14.87 -36.38 53.15
C ASN L 92 -15.68 -36.42 51.86
N LYS L 93 -16.19 -35.27 51.43
CA LYS L 93 -16.95 -35.21 50.18
C LYS L 93 -16.08 -35.60 49.00
N ALA L 94 -14.84 -35.10 48.96
CA ALA L 94 -13.94 -35.43 47.86
C ALA L 94 -13.60 -36.92 47.87
N ALA L 95 -13.32 -37.48 49.05
CA ALA L 95 -12.98 -38.90 49.12
C ALA L 95 -14.16 -39.78 48.73
N GLU L 96 -15.38 -39.34 49.07
CA GLU L 96 -16.57 -40.05 48.61
C GLU L 96 -16.69 -39.97 47.09
N PHE L 97 -16.42 -38.79 46.52
CA PHE L 97 -16.55 -38.62 45.07
C PHE L 97 -15.56 -39.50 44.32
N GLN L 98 -14.31 -39.53 44.77
CA GLN L 98 -13.31 -40.35 44.08
C GLN L 98 -13.44 -41.84 44.37
N GLY L 99 -13.90 -42.21 45.56
CA GLY L 99 -14.18 -43.60 45.85
C GLY L 99 -13.07 -44.36 46.55
N GLU L 100 -12.54 -43.80 47.64
CA GLU L 100 -11.58 -44.50 48.49
C GLU L 100 -12.24 -44.82 49.82
N LYS L 101 -12.21 -46.10 50.19
CA LYS L 101 -12.90 -46.53 51.41
C LYS L 101 -12.18 -46.06 52.66
N GLU L 102 -10.84 -46.21 52.69
CA GLU L 102 -10.10 -45.91 53.91
C GLU L 102 -10.04 -44.41 54.18
N ALA L 103 -9.91 -43.59 53.14
CA ALA L 103 -9.91 -42.15 53.35
C ALA L 103 -11.23 -41.68 53.94
N VAL L 104 -12.34 -42.19 53.40
CA VAL L 104 -13.65 -41.87 53.96
C VAL L 104 -13.77 -42.37 55.39
N ARG L 105 -13.28 -43.58 55.66
CA ARG L 105 -13.38 -44.13 57.01
C ARG L 105 -12.61 -43.27 58.02
N THR L 106 -11.41 -42.83 57.66
CA THR L 106 -10.63 -42.00 58.57
C THR L 106 -11.26 -40.62 58.74
N THR L 107 -11.64 -39.98 57.64
CA THR L 107 -12.23 -38.65 57.72
C THR L 107 -13.56 -38.67 58.49
N HIS L 108 -14.31 -39.78 58.40
CA HIS L 108 -15.58 -39.87 59.11
C HIS L 108 -15.37 -39.80 60.62
N TYR L 109 -14.49 -40.64 61.14
CA TYR L 109 -14.09 -40.53 62.54
C TYR L 109 -13.56 -39.13 62.85
N ALA L 110 -12.86 -38.53 61.88
CA ALA L 110 -12.28 -37.20 62.10
C ALA L 110 -13.36 -36.17 62.39
N LEU L 111 -14.44 -36.16 61.60
CA LEU L 111 -15.49 -35.12 61.77
C LEU L 111 -16.41 -35.52 62.93
N GLU L 112 -16.51 -36.81 63.23
CA GLU L 112 -17.43 -37.24 64.27
C GLU L 112 -16.82 -37.23 65.66
N ALA L 113 -15.49 -37.11 65.78
CA ALA L 113 -14.84 -37.10 67.08
C ALA L 113 -14.17 -35.77 67.42
N GLU L 114 -14.31 -34.77 66.56
CA GLU L 114 -13.68 -33.46 66.78
C GLU L 114 -14.68 -32.39 67.21
N LYS L 115 -15.95 -32.74 67.41
CA LYS L 115 -16.96 -31.73 67.66
C LYS L 115 -16.96 -31.22 69.10
N ILE L 116 -16.26 -31.90 70.01
CA ILE L 116 -16.33 -31.56 71.43
C ILE L 116 -15.09 -30.77 71.89
N HIS L 117 -13.99 -30.82 71.13
CA HIS L 117 -12.78 -30.11 71.53
C HIS L 117 -13.01 -28.61 71.62
N ALA L 118 -13.75 -28.04 70.66
CA ALA L 118 -14.02 -26.62 70.68
C ALA L 118 -14.84 -26.22 71.91
N GLU L 119 -15.85 -27.03 72.26
CA GLU L 119 -16.64 -26.74 73.44
C GLU L 119 -15.80 -26.83 74.71
N LEU L 120 -14.93 -27.85 74.80
CA LEU L 120 -14.07 -27.96 75.97
C LEU L 120 -13.13 -26.77 76.08
N TYR L 121 -12.54 -26.35 74.96
CA TYR L 121 -11.65 -25.19 74.99
C TYR L 121 -12.39 -23.92 75.38
N ARG L 122 -13.61 -23.73 74.87
CA ARG L 122 -14.38 -22.55 75.21
C ARG L 122 -14.74 -22.53 76.70
N LYS L 123 -15.13 -23.69 77.24
CA LYS L 123 -15.42 -23.75 78.68
C LYS L 123 -14.16 -23.47 79.50
N ALA L 124 -13.02 -24.03 79.09
CA ALA L 124 -11.77 -23.77 79.80
C ALA L 124 -11.39 -22.30 79.73
N LYS L 125 -11.62 -21.64 78.59
CA LYS L 125 -11.31 -20.22 78.48
C LYS L 125 -12.24 -19.38 79.35
N GLU L 126 -13.54 -19.69 79.34
CA GLU L 126 -14.47 -18.90 80.13
C GLU L 126 -14.29 -19.12 81.62
N LYS L 127 -13.77 -20.27 82.03
CA LYS L 127 -13.45 -20.52 83.44
C LYS L 127 -11.98 -20.27 83.77
N ALA L 128 -11.19 -19.75 82.83
CA ALA L 128 -9.74 -19.58 83.14
C ALA L 128 -9.41 -18.09 83.31
N GLU L 129 -9.93 -17.24 82.42
CA GLU L 129 -9.61 -15.79 82.48
C GLU L 129 -10.21 -15.18 83.76
N LYS L 130 -9.84 -15.73 84.92
CA LYS L 130 -10.34 -15.20 86.22
C LYS L 130 -9.28 -15.53 87.28
N GLY L 131 -8.19 -16.20 86.90
CA GLY L 131 -7.13 -16.47 87.85
C GLY L 131 -7.24 -17.79 88.57
N GLU L 132 -8.23 -18.62 88.23
CA GLU L 132 -8.43 -19.91 88.88
C GLU L 132 -8.45 -21.03 87.85
N ASP L 133 -8.25 -22.25 88.33
CA ASP L 133 -8.19 -23.43 87.48
C ASP L 133 -9.58 -24.01 87.28
N ILE L 134 -9.83 -24.50 86.06
CA ILE L 134 -11.08 -25.22 85.79
C ILE L 134 -11.05 -26.57 86.49
N GLU L 135 -12.22 -27.20 86.58
CA GLU L 135 -12.36 -28.50 87.22
C GLU L 135 -12.69 -29.54 86.15
N ILE L 136 -11.89 -30.61 86.10
CA ILE L 136 -12.12 -31.72 85.20
C ILE L 136 -11.37 -32.95 85.72
N LYS L 137 -12.04 -34.10 85.74
CA LYS L 137 -11.47 -35.33 86.26
C LYS L 137 -11.76 -36.48 85.29
N LYS L 138 -10.85 -37.46 85.30
CA LYS L 138 -11.05 -38.74 84.62
C LYS L 138 -11.34 -38.55 83.13
N VAL L 139 -10.33 -38.06 82.41
CA VAL L 139 -10.43 -37.85 80.97
C VAL L 139 -10.14 -39.15 80.26
N TYR L 140 -11.06 -39.55 79.37
CA TYR L 140 -10.95 -40.78 78.60
C TYR L 140 -10.73 -40.45 77.14
N ILE L 141 -9.91 -41.26 76.48
CA ILE L 141 -9.66 -41.12 75.04
C ILE L 141 -9.78 -42.49 74.40
N CYS L 142 -10.54 -42.57 73.32
CA CYS L 142 -10.63 -43.82 72.56
C CYS L 142 -9.32 -44.07 71.81
N PRO L 143 -8.84 -45.31 71.80
CA PRO L 143 -7.57 -45.61 71.13
C PRO L 143 -7.65 -45.85 69.63
N ILE L 144 -8.85 -45.69 69.04
CA ILE L 144 -9.06 -45.97 67.59
C ILE L 144 -9.66 -44.76 66.87
N CYS L 145 -10.45 -43.93 67.57
CA CYS L 145 -11.11 -42.74 66.94
C CYS L 145 -10.93 -41.51 67.82
N GLY L 146 -10.48 -41.68 69.07
CA GLY L 146 -10.22 -40.55 69.99
C GLY L 146 -11.40 -39.61 70.17
N TYR L 147 -12.32 -39.91 71.10
CA TYR L 147 -13.42 -39.00 71.39
C TYR L 147 -13.43 -38.76 72.89
N THR L 148 -13.17 -37.52 73.30
CA THR L 148 -12.95 -37.22 74.70
C THR L 148 -14.23 -37.40 75.51
N ALA L 149 -14.12 -38.11 76.62
CA ALA L 149 -15.22 -38.32 77.55
C ALA L 149 -14.92 -37.58 78.85
N VAL L 150 -15.71 -36.58 79.16
CA VAL L 150 -15.36 -35.76 80.36
C VAL L 150 -15.94 -36.49 81.58
N ASP L 151 -15.10 -36.71 82.61
CA ASP L 151 -15.56 -37.42 83.84
C ASP L 151 -16.02 -38.84 83.48
N GLU L 152 -17.31 -39.01 83.17
CA GLU L 152 -17.86 -40.37 82.92
C GLU L 152 -17.50 -40.86 81.51
N ALA L 153 -17.58 -42.17 81.29
CA ALA L 153 -17.31 -42.74 79.99
C ALA L 153 -18.44 -43.67 79.58
N PRO L 154 -18.77 -43.73 78.28
CA PRO L 154 -19.85 -44.63 77.85
C PRO L 154 -19.42 -46.09 77.91
N GLU L 155 -20.41 -46.98 77.95
CA GLU L 155 -20.13 -48.41 77.94
C GLU L 155 -19.44 -48.80 76.64
N TYR L 156 -19.89 -48.26 75.52
CA TYR L 156 -19.28 -48.46 74.22
C TYR L 156 -19.07 -47.13 73.54
N CYS L 157 -18.09 -47.07 72.65
CA CYS L 157 -17.81 -45.84 71.91
C CYS L 157 -18.94 -45.59 70.93
N PRO L 158 -19.60 -44.42 70.95
CA PRO L 158 -20.72 -44.20 70.04
C PRO L 158 -20.32 -44.11 68.57
N VAL L 159 -19.04 -44.01 68.27
CA VAL L 159 -18.57 -43.86 66.89
C VAL L 159 -18.04 -45.17 66.33
N CYS L 160 -17.16 -45.85 67.08
CA CYS L 160 -16.54 -47.09 66.60
C CYS L 160 -16.98 -48.33 67.38
N GLY L 161 -17.63 -48.17 68.53
CA GLY L 161 -18.09 -49.32 69.27
C GLY L 161 -17.00 -50.10 69.98
N ALA L 162 -15.87 -49.47 70.28
CA ALA L 162 -14.81 -50.15 71.01
C ALA L 162 -15.26 -50.42 72.44
N PRO L 163 -14.80 -51.53 73.03
CA PRO L 163 -15.18 -51.86 74.41
C PRO L 163 -14.66 -50.82 75.40
N LYS L 164 -15.28 -50.80 76.57
CA LYS L 164 -15.03 -49.73 77.54
C LYS L 164 -13.59 -49.76 78.03
N GLU L 165 -13.05 -50.94 78.33
CA GLU L 165 -11.73 -51.02 78.95
C GLU L 165 -10.61 -50.61 78.01
N LYS L 166 -10.88 -50.54 76.70
CA LYS L 166 -9.85 -50.13 75.74
C LYS L 166 -9.51 -48.64 75.84
N PHE L 167 -10.35 -47.84 76.49
CA PHE L 167 -10.08 -46.41 76.58
C PHE L 167 -8.83 -46.15 77.42
N VAL L 168 -8.11 -45.09 77.06
CA VAL L 168 -6.94 -44.66 77.82
C VAL L 168 -7.33 -43.49 78.70
N VAL L 169 -6.90 -43.55 79.96
CA VAL L 169 -7.23 -42.54 80.96
C VAL L 169 -6.06 -41.58 81.09
N PHE L 170 -6.36 -40.31 81.33
CA PHE L 170 -5.35 -39.28 81.49
C PHE L 170 -5.40 -38.76 82.92
N GLU L 171 -4.35 -39.03 83.68
CA GLU L 171 -4.26 -38.59 85.07
C GLU L 171 -2.82 -38.22 85.42
N MET M 1 66.22 35.36 -3.91
CA MET M 1 65.89 33.94 -3.83
C MET M 1 64.67 33.71 -2.96
N VAL M 2 64.06 32.53 -3.10
CA VAL M 2 62.90 32.18 -2.28
C VAL M 2 63.34 31.99 -0.83
N VAL M 3 62.53 32.49 0.10
CA VAL M 3 62.84 32.33 1.52
C VAL M 3 62.71 30.86 1.90
N LYS M 4 63.59 30.40 2.78
CA LYS M 4 63.62 29.00 3.19
C LYS M 4 63.31 28.79 4.66
N ARG M 5 63.54 29.80 5.50
CA ARG M 5 63.22 29.66 6.92
C ARG M 5 61.71 29.58 7.12
N THR M 6 61.28 28.67 7.99
CA THR M 6 59.85 28.42 8.16
C THR M 6 59.15 29.57 8.88
N MET M 7 59.82 30.19 9.84
CA MET M 7 59.18 31.25 10.62
C MET M 7 58.78 32.41 9.73
N THR M 8 59.73 32.94 8.95
CA THR M 8 59.41 34.03 8.04
C THR M 8 58.50 33.57 6.90
N LYS M 9 58.56 32.29 6.54
CA LYS M 9 57.65 31.76 5.53
C LYS M 9 56.20 31.89 6.00
N LYS M 10 55.90 31.42 7.20
CA LYS M 10 54.53 31.51 7.70
C LYS M 10 54.15 32.95 7.99
N PHE M 11 55.11 33.78 8.43
CA PHE M 11 54.81 35.18 8.64
C PHE M 11 54.39 35.86 7.33
N LEU M 12 55.09 35.57 6.23
CA LEU M 12 54.74 36.13 4.95
C LEU M 12 53.41 35.56 4.44
N GLU M 13 53.13 34.29 4.71
CA GLU M 13 51.83 33.73 4.34
C GLU M 13 50.70 34.47 5.05
N GLU M 14 50.87 34.71 6.35
CA GLU M 14 49.85 35.44 7.10
C GLU M 14 49.70 36.87 6.59
N ALA M 15 50.81 37.53 6.26
CA ALA M 15 50.73 38.87 5.70
C ALA M 15 49.97 38.88 4.38
N PHE M 16 50.26 37.92 3.51
CA PHE M 16 49.56 37.83 2.23
C PHE M 16 48.06 37.61 2.43
N ALA M 17 47.70 36.70 3.33
CA ALA M 17 46.28 36.46 3.59
C ALA M 17 45.59 37.70 4.13
N GLY M 18 46.23 38.39 5.08
CA GLY M 18 45.63 39.60 5.64
C GLY M 18 45.45 40.70 4.61
N GLU M 19 46.44 40.88 3.74
CA GLU M 19 46.31 41.88 2.69
C GLU M 19 45.21 41.51 1.70
N SER M 20 45.05 40.21 1.44
CA SER M 20 43.95 39.78 0.58
C SER M 20 42.60 40.11 1.20
N MET M 21 42.44 39.84 2.50
CA MET M 21 41.18 40.18 3.17
C MET M 21 40.95 41.68 3.15
N ALA M 22 42.01 42.46 3.37
CA ALA M 22 41.87 43.91 3.32
C ALA M 22 41.40 44.38 1.94
N HIS M 23 41.98 43.82 0.88
CA HIS M 23 41.58 44.20 -0.47
C HIS M 23 40.12 43.84 -0.74
N MET M 24 39.70 42.65 -0.31
CA MET M 24 38.31 42.25 -0.51
C MET M 24 37.35 43.19 0.23
N ARG M 25 37.68 43.50 1.49
CA ARG M 25 36.83 44.39 2.28
C ARG M 25 36.75 45.76 1.65
N TYR M 26 37.88 46.27 1.15
CA TYR M 26 37.89 47.60 0.54
C TYR M 26 37.07 47.62 -0.75
N LEU M 27 37.17 46.55 -1.55
CA LEU M 27 36.36 46.47 -2.77
C LEU M 27 34.87 46.47 -2.45
N ILE M 28 34.46 45.66 -1.46
CA ILE M 28 33.04 45.61 -1.09
C ILE M 28 32.58 46.96 -0.54
N PHE M 29 33.43 47.60 0.28
CA PHE M 29 33.07 48.90 0.83
C PHE M 29 32.93 49.95 -0.26
N ALA M 30 33.81 49.93 -1.26
CA ALA M 30 33.68 50.85 -2.39
C ALA M 30 32.40 50.60 -3.16
N GLU M 31 32.07 49.32 -3.38
CA GLU M 31 30.83 49.01 -4.08
C GLU M 31 29.62 49.53 -3.33
N LYS M 32 29.61 49.39 -2.00
CA LYS M 32 28.52 49.96 -1.21
C LYS M 32 28.51 51.49 -1.29
N ALA M 33 29.70 52.11 -1.24
CA ALA M 33 29.78 53.56 -1.25
C ALA M 33 29.24 54.14 -2.55
N GLU M 34 29.51 53.48 -3.67
CA GLU M 34 28.98 53.97 -4.95
C GLU M 34 27.46 53.95 -4.95
N GLN M 35 26.86 52.96 -4.28
CA GLN M 35 25.41 52.89 -4.20
C GLN M 35 24.81 54.10 -3.48
N GLU M 36 25.53 54.65 -2.51
CA GLU M 36 25.07 55.82 -1.79
C GLU M 36 25.53 57.09 -2.51
N GLY M 37 25.33 58.24 -1.85
CA GLY M 37 25.65 59.53 -2.48
C GLY M 37 27.02 60.03 -2.09
N PHE M 38 28.03 59.17 -2.13
CA PHE M 38 29.41 59.55 -1.85
C PHE M 38 30.31 58.96 -2.93
N PRO M 39 30.43 59.63 -4.07
CA PRO M 39 31.24 59.08 -5.17
C PRO M 39 32.74 59.14 -4.92
N ASN M 40 33.22 60.23 -4.31
CA ASN M 40 34.66 60.42 -4.13
C ASN M 40 35.25 59.37 -3.21
N ILE M 41 34.54 59.05 -2.12
CA ILE M 41 35.07 58.06 -1.18
C ILE M 41 35.18 56.69 -1.85
N ALA M 42 34.37 56.42 -2.86
CA ALA M 42 34.54 55.19 -3.62
C ALA M 42 35.87 55.19 -4.36
N LYS M 43 36.25 56.32 -4.94
CA LYS M 43 37.56 56.43 -5.59
C LYS M 43 38.68 56.26 -4.59
N LEU M 44 38.55 56.87 -3.40
CA LEU M 44 39.55 56.67 -2.37
C LEU M 44 39.65 55.20 -1.96
N PHE M 45 38.51 54.54 -1.81
CA PHE M 45 38.49 53.14 -1.44
C PHE M 45 39.18 52.29 -2.49
N ARG M 46 38.92 52.56 -3.77
CA ARG M 46 39.56 51.81 -4.84
C ARG M 46 41.06 52.05 -4.87
N ALA M 47 41.50 53.29 -4.63
CA ALA M 47 42.93 53.56 -4.57
C ALA M 47 43.60 52.80 -3.43
N ILE M 48 42.97 52.79 -2.26
CA ILE M 48 43.54 52.06 -1.13
C ILE M 48 43.53 50.56 -1.41
N ALA M 49 42.50 50.07 -2.10
CA ALA M 49 42.45 48.67 -2.49
C ALA M 49 43.59 48.32 -3.44
N TYR M 50 43.90 49.23 -4.37
CA TYR M 50 45.03 48.99 -5.26
C TYR M 50 46.35 48.99 -4.49
N ALA M 51 46.46 49.85 -3.48
CA ALA M 51 47.65 49.82 -2.62
C ALA M 51 47.79 48.48 -1.91
N GLU M 52 46.68 47.96 -1.38
CA GLU M 52 46.70 46.64 -0.75
C GLU M 52 47.05 45.56 -1.76
N PHE M 53 46.58 45.71 -3.00
CA PHE M 53 46.97 44.79 -4.06
C PHE M 53 48.47 44.81 -4.29
N VAL M 54 49.07 46.01 -4.31
CA VAL M 54 50.52 46.11 -4.50
C VAL M 54 51.25 45.42 -3.36
N HIS M 55 50.80 45.64 -2.13
CA HIS M 55 51.45 44.99 -0.98
C HIS M 55 51.33 43.47 -1.06
N ALA M 56 50.14 42.98 -1.41
CA ALA M 56 49.94 41.53 -1.51
C ALA M 56 50.79 40.94 -2.63
N LYS M 57 50.91 41.67 -3.75
CA LYS M 57 51.77 41.20 -4.84
C LYS M 57 53.22 41.13 -4.40
N ASN M 58 53.68 42.13 -3.64
CA ASN M 58 55.05 42.09 -3.13
C ASN M 58 55.26 40.90 -2.21
N HIS M 59 54.31 40.64 -1.31
CA HIS M 59 54.42 39.48 -0.43
C HIS M 59 54.44 38.17 -1.21
N PHE M 60 53.58 38.08 -2.23
CA PHE M 60 53.53 36.87 -3.06
C PHE M 60 54.84 36.67 -3.82
N ILE M 61 55.41 37.75 -4.35
CA ILE M 61 56.67 37.67 -5.09
C ILE M 61 57.80 37.25 -4.15
N ALA M 62 57.79 37.77 -2.92
CA ALA M 62 58.85 37.43 -1.98
C ALA M 62 58.89 35.93 -1.69
N LEU M 63 57.72 35.31 -1.55
CA LEU M 63 57.67 33.86 -1.32
C LEU M 63 58.06 33.07 -2.55
N GLY M 64 58.07 33.68 -3.73
CA GLY M 64 58.50 33.00 -4.94
C GLY M 64 57.53 31.98 -5.48
N LYS M 65 56.23 32.13 -5.20
CA LYS M 65 55.24 31.19 -5.71
C LYS M 65 54.90 31.45 -7.17
N LEU M 66 55.22 32.62 -7.71
CA LEU M 66 54.88 32.93 -9.09
C LEU M 66 55.77 32.18 -10.06
N GLY M 67 55.20 31.78 -11.19
CA GLY M 67 55.93 31.08 -12.21
C GLY M 67 55.42 31.35 -13.61
N LYS M 68 55.80 30.52 -14.57
CA LYS M 68 55.35 30.69 -15.95
C LYS M 68 53.87 30.34 -16.07
N THR M 69 53.25 30.88 -17.13
CA THR M 69 51.82 30.66 -17.34
C THR M 69 51.43 29.19 -17.44
N PRO M 70 52.15 28.31 -18.17
CA PRO M 70 51.75 26.90 -18.18
C PRO M 70 51.70 26.27 -16.80
N GLU M 71 52.63 26.62 -15.91
CA GLU M 71 52.59 26.15 -14.53
C GLU M 71 51.76 27.05 -13.64
N ASN M 72 51.45 28.27 -14.07
CA ASN M 72 50.56 29.13 -13.30
C ASN M 72 49.10 28.68 -13.43
N LEU M 73 48.75 28.04 -14.55
CA LEU M 73 47.39 27.54 -14.72
C LEU M 73 47.15 26.29 -13.87
N GLN M 74 48.20 25.54 -13.56
CA GLN M 74 48.05 24.34 -12.74
C GLN M 74 47.57 24.69 -11.33
N MET M 75 48.10 25.77 -10.76
CA MET M 75 47.66 26.19 -9.44
C MET M 75 46.17 26.52 -9.44
N GLY M 76 45.71 27.23 -10.47
CA GLY M 76 44.29 27.52 -10.58
C GLY M 76 43.45 26.27 -10.75
N ILE M 77 43.95 25.31 -11.53
CA ILE M 77 43.22 24.05 -11.72
C ILE M 77 43.07 23.33 -10.39
N GLU M 78 44.15 23.22 -9.63
CA GLU M 78 44.09 22.54 -8.33
C GLU M 78 43.19 23.29 -7.37
N GLY M 79 43.25 24.63 -7.37
CA GLY M 79 42.40 25.40 -6.49
C GLY M 79 40.93 25.22 -6.79
N GLU M 80 40.56 25.28 -8.07
CA GLU M 80 39.17 25.07 -8.44
C GLU M 80 38.71 23.65 -8.12
N THR M 81 39.56 22.66 -8.37
CA THR M 81 39.19 21.28 -8.08
C THR M 81 38.92 21.08 -6.58
N PHE M 82 39.81 21.63 -5.74
CA PHE M 82 39.61 21.51 -4.30
C PHE M 82 38.38 22.29 -3.85
N GLU M 83 38.16 23.47 -4.44
CA GLU M 83 37.04 24.32 -4.02
C GLU M 83 35.70 23.68 -4.37
N VAL M 84 35.62 22.99 -5.50
CA VAL M 84 34.34 22.43 -5.94
C VAL M 84 34.17 20.96 -5.59
N GLU M 85 35.22 20.28 -5.12
CA GLU M 85 35.14 18.86 -4.82
C GLU M 85 34.97 18.54 -3.35
N GLU M 86 35.66 19.26 -2.46
CA GLU M 86 35.68 18.92 -1.04
C GLU M 86 35.06 19.99 -0.15
N MET M 87 35.40 21.26 -0.37
CA MET M 87 35.06 22.30 0.59
C MET M 87 33.56 22.61 0.59
N TYR M 88 33.05 23.08 -0.55
CA TYR M 88 31.68 23.58 -0.60
C TYR M 88 30.62 22.53 -0.31
N PRO M 89 30.69 21.29 -0.83
CA PRO M 89 29.68 20.30 -0.41
C PRO M 89 29.63 20.06 1.08
N VAL M 90 30.79 19.99 1.74
CA VAL M 90 30.81 19.76 3.19
C VAL M 90 30.24 20.95 3.93
N TYR M 91 30.61 22.17 3.51
CA TYR M 91 30.05 23.36 4.16
C TYR M 91 28.55 23.43 3.97
N ASN M 92 28.06 23.09 2.78
CA ASN M 92 26.62 23.11 2.53
C ASN M 92 25.90 22.06 3.40
N LYS M 93 26.49 20.87 3.54
CA LYS M 93 25.89 19.85 4.38
C LYS M 93 25.85 20.31 5.84
N ALA M 94 26.94 20.92 6.32
CA ALA M 94 26.95 21.41 7.69
C ALA M 94 25.91 22.50 7.91
N ALA M 95 25.78 23.42 6.94
CA ALA M 95 24.79 24.48 7.06
C ALA M 95 23.37 23.92 7.04
N GLU M 96 23.13 22.90 6.20
CA GLU M 96 21.83 22.23 6.20
C GLU M 96 21.55 21.59 7.56
N PHE M 97 22.55 20.90 8.12
CA PHE M 97 22.33 20.21 9.39
C PHE M 97 22.09 21.20 10.53
N GLN M 98 22.84 22.30 10.56
CA GLN M 98 22.68 23.27 11.63
C GLN M 98 21.45 24.15 11.48
N GLY M 99 20.84 24.19 10.30
CA GLY M 99 19.62 24.94 10.10
C GLY M 99 19.84 26.43 9.89
N GLU M 100 20.72 26.79 8.96
CA GLU M 100 20.96 28.17 8.58
C GLU M 100 20.51 28.37 7.14
N LYS M 101 19.81 29.48 6.89
CA LYS M 101 19.22 29.68 5.56
C LYS M 101 20.15 30.46 4.64
N GLU M 102 20.68 31.60 5.12
CA GLU M 102 21.53 32.42 4.27
C GLU M 102 22.81 31.68 3.87
N ALA M 103 23.40 30.94 4.80
CA ALA M 103 24.60 30.17 4.49
C ALA M 103 24.30 29.11 3.44
N VAL M 104 23.18 28.42 3.56
CA VAL M 104 22.80 27.41 2.59
C VAL M 104 22.59 28.03 1.22
N ARG M 105 21.90 29.17 1.17
CA ARG M 105 21.65 29.84 -0.11
C ARG M 105 22.96 30.26 -0.77
N THR M 106 23.85 30.88 0.00
CA THR M 106 25.11 31.35 -0.56
C THR M 106 25.98 30.18 -1.03
N THR M 107 26.05 29.11 -0.24
CA THR M 107 26.85 27.96 -0.63
C THR M 107 26.24 27.27 -1.86
N HIS M 108 24.92 27.24 -1.95
CA HIS M 108 24.27 26.65 -3.13
C HIS M 108 24.57 27.47 -4.37
N TYR M 109 24.56 28.79 -4.26
CA TYR M 109 24.97 29.63 -5.38
C TYR M 109 26.43 29.37 -5.77
N ALA M 110 27.32 29.13 -4.81
CA ALA M 110 28.74 29.01 -5.21
C ALA M 110 29.17 27.57 -5.50
N LEU M 111 28.30 26.59 -5.26
CA LEU M 111 28.71 25.18 -5.46
C LEU M 111 28.26 24.81 -6.88
N GLU M 112 27.42 25.65 -7.47
CA GLU M 112 26.87 25.32 -8.78
C GLU M 112 27.40 26.22 -9.88
N ALA M 113 28.40 27.05 -9.60
CA ALA M 113 28.99 27.93 -10.60
C ALA M 113 30.51 27.82 -10.70
N GLU M 114 31.14 27.03 -9.84
CA GLU M 114 32.60 26.88 -9.85
C GLU M 114 33.06 25.64 -10.62
N LYS M 115 32.14 24.91 -11.25
CA LYS M 115 32.52 23.67 -11.92
C LYS M 115 33.25 23.94 -13.22
N ILE M 116 32.80 24.93 -13.98
CA ILE M 116 33.36 25.17 -15.32
C ILE M 116 34.66 25.95 -15.32
N HIS M 117 35.03 26.55 -14.18
CA HIS M 117 36.32 27.24 -14.10
C HIS M 117 37.47 26.27 -14.30
N ALA M 118 37.39 25.08 -13.71
CA ALA M 118 38.44 24.08 -13.88
C ALA M 118 38.54 23.65 -15.34
N GLU M 119 37.40 23.46 -16.01
CA GLU M 119 37.43 23.09 -17.42
C GLU M 119 38.04 24.19 -18.27
N LEU M 120 37.69 25.45 -17.99
CA LEU M 120 38.27 26.57 -18.73
C LEU M 120 39.79 26.63 -18.53
N TYR M 121 40.24 26.46 -17.29
CA TYR M 121 41.67 26.51 -17.02
C TYR M 121 42.40 25.35 -17.69
N ARG M 122 41.82 24.15 -17.67
CA ARG M 122 42.48 23.01 -18.30
C ARG M 122 42.51 23.15 -19.82
N LYS M 123 41.47 23.75 -20.42
CA LYS M 123 41.52 24.05 -21.85
C LYS M 123 42.61 25.07 -22.15
N ALA M 124 42.72 26.11 -21.32
CA ALA M 124 43.76 27.12 -21.52
C ALA M 124 45.14 26.49 -21.40
N LYS M 125 45.31 25.56 -20.46
CA LYS M 125 46.60 24.88 -20.33
C LYS M 125 46.88 23.97 -21.52
N GLU M 126 45.86 23.26 -22.00
CA GLU M 126 46.04 22.38 -23.15
C GLU M 126 46.34 23.15 -24.42
N LYS M 127 45.95 24.42 -24.49
CA LYS M 127 46.23 25.25 -25.65
C LYS M 127 47.48 26.12 -25.49
N ALA M 128 47.90 26.40 -24.26
CA ALA M 128 48.95 27.39 -24.02
C ALA M 128 50.35 26.79 -23.90
N GLU M 129 50.47 25.51 -23.58
CA GLU M 129 51.80 24.90 -23.48
C GLU M 129 52.42 24.64 -24.85
N LYS M 130 51.63 24.70 -25.92
CA LYS M 130 52.15 24.54 -27.27
C LYS M 130 52.86 25.79 -27.78
N GLY M 131 52.78 26.90 -27.06
CA GLY M 131 53.38 28.14 -27.46
C GLY M 131 52.41 29.14 -28.07
N GLU M 132 51.21 28.70 -28.43
CA GLU M 132 50.20 29.57 -29.03
C GLU M 132 49.16 29.97 -28.01
N ASP M 133 48.48 31.09 -28.24
CA ASP M 133 47.51 31.62 -27.25
C ASP M 133 46.13 30.97 -27.43
N ILE M 134 45.15 31.33 -26.59
CA ILE M 134 43.76 30.79 -26.70
C ILE M 134 42.91 31.80 -27.48
N GLU M 135 41.66 31.45 -27.79
CA GLU M 135 40.75 32.36 -28.53
C GLU M 135 39.42 32.45 -27.78
N ILE M 136 39.23 33.53 -27.01
CA ILE M 136 38.02 33.67 -26.19
C ILE M 136 37.57 35.12 -26.21
N LYS M 137 36.29 35.35 -26.49
CA LYS M 137 35.72 36.68 -26.59
C LYS M 137 34.48 36.79 -25.70
N LYS M 138 34.30 37.99 -25.13
CA LYS M 138 33.03 38.43 -24.55
C LYS M 138 32.57 37.46 -23.44
N VAL M 139 33.35 37.42 -22.37
CA VAL M 139 33.02 36.61 -21.22
C VAL M 139 32.03 37.36 -20.33
N TYR M 140 30.90 36.73 -20.02
CA TYR M 140 29.86 37.32 -19.20
C TYR M 140 29.92 36.74 -17.79
N ILE M 141 29.62 37.58 -16.80
CA ILE M 141 29.63 37.16 -15.40
C ILE M 141 28.38 37.69 -14.72
N CYS M 142 27.65 36.81 -14.05
CA CYS M 142 26.47 37.22 -13.31
C CYS M 142 26.88 38.03 -12.08
N PRO M 143 26.14 39.06 -11.70
CA PRO M 143 26.50 39.89 -10.55
C PRO M 143 25.89 39.46 -9.22
N ILE M 144 25.24 38.30 -9.19
CA ILE M 144 24.58 37.78 -7.94
C ILE M 144 25.13 36.39 -7.59
N CYS M 145 25.35 35.54 -8.59
CA CYS M 145 25.81 34.14 -8.34
C CYS M 145 27.03 33.82 -9.21
N GLY M 146 27.73 34.84 -9.70
CA GLY M 146 28.94 34.65 -10.50
C GLY M 146 28.87 33.45 -11.43
N TYR M 147 28.28 33.59 -12.61
CA TYR M 147 28.13 32.44 -13.50
C TYR M 147 28.86 32.74 -14.79
N THR M 148 29.90 31.97 -15.08
CA THR M 148 30.79 32.26 -16.20
C THR M 148 30.10 31.86 -17.50
N ALA M 149 29.80 32.85 -18.33
CA ALA M 149 29.23 32.63 -19.65
C ALA M 149 30.27 32.98 -20.70
N VAL M 150 30.63 32.03 -21.57
CA VAL M 150 31.74 32.32 -22.52
C VAL M 150 31.14 32.64 -23.90
N ASP M 151 31.48 33.79 -24.48
CA ASP M 151 30.98 34.22 -25.82
C ASP M 151 29.46 34.39 -25.80
N GLU M 152 28.71 33.29 -25.76
CA GLU M 152 27.23 33.37 -25.82
C GLU M 152 26.65 33.48 -24.40
N ALA M 153 25.66 34.36 -24.20
CA ALA M 153 25.09 34.58 -22.89
C ALA M 153 23.62 34.20 -22.89
N PRO M 154 23.18 33.29 -22.02
CA PRO M 154 21.76 32.93 -21.99
C PRO M 154 20.90 34.12 -21.61
N GLU M 155 19.66 34.12 -22.12
CA GLU M 155 18.74 35.22 -21.84
C GLU M 155 18.45 35.34 -20.35
N TYR M 156 18.31 34.20 -19.67
CA TYR M 156 18.07 34.18 -18.23
C TYR M 156 19.09 33.29 -17.56
N CYS M 157 19.45 33.65 -16.33
CA CYS M 157 20.48 32.92 -15.60
C CYS M 157 19.92 31.58 -15.11
N PRO M 158 20.54 30.45 -15.46
CA PRO M 158 20.00 29.15 -14.99
C PRO M 158 20.25 28.89 -13.52
N VAL M 159 20.80 29.85 -12.77
CA VAL M 159 21.08 29.64 -11.35
C VAL M 159 20.18 30.52 -10.50
N CYS M 160 20.28 31.84 -10.67
CA CYS M 160 19.49 32.78 -9.90
C CYS M 160 18.32 33.39 -10.67
N GLY M 161 18.12 32.99 -11.93
CA GLY M 161 17.02 33.51 -12.71
C GLY M 161 17.09 35.00 -12.99
N ALA M 162 18.25 35.51 -13.40
CA ALA M 162 18.35 36.92 -13.67
C ALA M 162 18.39 37.20 -15.17
N PRO M 163 17.85 38.33 -15.61
CA PRO M 163 17.87 38.66 -17.04
C PRO M 163 19.28 38.92 -17.53
N LYS M 164 19.47 38.72 -18.84
CA LYS M 164 20.79 38.91 -19.44
C LYS M 164 21.24 40.36 -19.43
N GLU M 165 20.33 41.30 -19.17
CA GLU M 165 20.70 42.71 -19.13
C GLU M 165 21.56 43.05 -17.92
N LYS M 166 21.57 42.19 -16.90
CA LYS M 166 22.33 42.44 -15.68
C LYS M 166 23.72 41.82 -15.71
N PHE M 167 24.03 40.99 -16.70
CA PHE M 167 25.34 40.36 -16.77
C PHE M 167 26.43 41.40 -16.97
N VAL M 168 27.60 41.12 -16.39
CA VAL M 168 28.76 42.01 -16.53
C VAL M 168 29.61 41.51 -17.68
N VAL M 169 30.01 42.43 -18.57
CA VAL M 169 30.71 42.09 -19.81
C VAL M 169 32.20 42.32 -19.61
N PHE M 170 33.00 41.32 -19.96
CA PHE M 170 34.45 41.39 -19.89
C PHE M 170 35.02 41.02 -21.25
N GLU M 171 35.52 42.01 -21.98
CA GLU M 171 36.09 41.77 -23.31
C GLU M 171 37.37 42.56 -23.50
N MET N 1 18.57 36.20 7.84
CA MET N 1 19.13 36.61 9.11
C MET N 1 20.63 36.27 9.17
N VAL N 2 21.37 37.01 10.01
CA VAL N 2 22.79 36.76 10.14
C VAL N 2 23.02 35.37 10.74
N VAL N 3 24.17 34.79 10.37
CA VAL N 3 24.53 33.44 10.91
C VAL N 3 24.80 33.60 12.40
N LYS N 4 24.17 32.77 13.24
CA LYS N 4 24.34 32.82 14.69
C LYS N 4 25.12 31.63 15.23
N ARG N 5 24.97 30.45 14.62
CA ARG N 5 25.70 29.28 15.09
C ARG N 5 27.20 29.45 14.84
N THR N 6 28.00 28.97 15.78
CA THR N 6 29.45 29.21 15.72
C THR N 6 30.11 28.40 14.61
N MET N 7 29.70 27.15 14.43
CA MET N 7 30.36 26.29 13.45
C MET N 7 30.16 26.81 12.03
N THR N 8 28.92 27.18 11.70
CA THR N 8 28.67 27.74 10.37
C THR N 8 29.36 29.08 10.18
N LYS N 9 29.46 29.88 11.24
CA LYS N 9 30.20 31.13 11.16
C LYS N 9 31.66 30.89 10.83
N LYS N 10 32.28 29.91 11.50
CA LYS N 10 33.67 29.57 11.22
C LYS N 10 33.84 29.06 9.79
N PHE N 11 32.91 28.21 9.34
CA PHE N 11 33.01 27.67 7.99
C PHE N 11 32.90 28.78 6.95
N LEU N 12 31.95 29.71 7.14
CA LEU N 12 31.78 30.79 6.18
C LEU N 12 32.96 31.76 6.21
N GLU N 13 33.54 32.00 7.39
CA GLU N 13 34.73 32.84 7.46
C GLU N 13 35.89 32.20 6.70
N GLU N 14 36.09 30.89 6.86
CA GLU N 14 37.14 30.21 6.12
C GLU N 14 36.89 30.28 4.63
N ALA N 15 35.62 30.09 4.21
CA ALA N 15 35.30 30.18 2.79
C ALA N 15 35.57 31.58 2.24
N PHE N 16 35.21 32.61 3.01
CA PHE N 16 35.49 33.98 2.57
C PHE N 16 36.98 34.23 2.42
N ALA N 17 37.78 33.76 3.37
CA ALA N 17 39.22 33.93 3.26
C ALA N 17 39.76 33.22 2.03
N GLY N 18 39.28 31.99 1.77
CA GLY N 18 39.71 31.27 0.59
C GLY N 18 39.36 31.98 -0.69
N GLU N 19 38.14 32.50 -0.79
CA GLU N 19 37.72 33.22 -2.00
C GLU N 19 38.55 34.48 -2.21
N SER N 20 38.82 35.22 -1.13
CA SER N 20 39.61 36.44 -1.27
C SER N 20 41.03 36.13 -1.74
N MET N 21 41.67 35.12 -1.15
CA MET N 21 43.01 34.75 -1.59
C MET N 21 43.00 34.24 -3.02
N ALA N 22 41.95 33.51 -3.41
CA ALA N 22 41.85 33.03 -4.79
C ALA N 22 41.74 34.19 -5.76
N HIS N 23 40.93 35.20 -5.44
CA HIS N 23 40.83 36.37 -6.31
C HIS N 23 42.16 37.09 -6.42
N MET N 24 42.86 37.24 -5.29
CA MET N 24 44.17 37.89 -5.33
C MET N 24 45.15 37.12 -6.21
N ARG N 25 45.18 35.79 -6.07
CA ARG N 25 46.05 34.97 -6.90
C ARG N 25 45.71 35.10 -8.38
N TYR N 26 44.41 35.13 -8.69
CA TYR N 26 43.99 35.26 -10.08
C TYR N 26 44.39 36.61 -10.66
N LEU N 27 44.30 37.68 -9.86
CA LEU N 27 44.76 38.98 -10.32
C LEU N 27 46.26 38.98 -10.60
N ILE N 28 47.04 38.35 -9.71
CA ILE N 28 48.48 38.27 -9.94
C ILE N 28 48.77 37.50 -11.22
N PHE N 29 48.07 36.38 -11.42
CA PHE N 29 48.28 35.58 -12.63
C PHE N 29 47.90 36.36 -13.88
N ALA N 30 46.82 37.16 -13.81
CA ALA N 30 46.43 37.99 -14.94
C ALA N 30 47.51 39.01 -15.26
N GLU N 31 48.05 39.66 -14.23
CA GLU N 31 49.12 40.63 -14.47
C GLU N 31 50.33 39.97 -15.11
N LYS N 32 50.71 38.79 -14.63
CA LYS N 32 51.85 38.09 -15.22
C LYS N 32 51.57 37.69 -16.66
N ALA N 33 50.37 37.19 -16.94
CA ALA N 33 50.05 36.73 -18.29
C ALA N 33 49.99 37.89 -19.29
N GLU N 34 49.46 39.04 -18.87
CA GLU N 34 49.36 40.18 -19.77
C GLU N 34 50.74 40.65 -20.22
N GLN N 35 51.71 40.65 -19.31
CA GLN N 35 53.08 41.14 -19.66
C GLN N 35 53.74 40.15 -20.64
N GLU N 36 53.34 38.87 -20.61
CA GLU N 36 53.91 37.89 -21.52
C GLU N 36 53.21 37.96 -22.87
N GLY N 37 53.45 36.97 -23.73
CA GLY N 37 52.95 36.99 -25.10
C GLY N 37 51.50 36.61 -25.27
N PHE N 38 50.79 36.28 -24.19
CA PHE N 38 49.39 35.90 -24.28
C PHE N 38 48.51 37.02 -23.74
N PRO N 39 47.87 37.81 -24.60
CA PRO N 39 46.94 38.85 -24.12
C PRO N 39 45.48 38.43 -24.09
N ASN N 40 45.18 37.16 -24.34
CA ASN N 40 43.80 36.67 -24.32
C ASN N 40 43.45 35.92 -23.05
N ILE N 41 44.44 35.31 -22.38
CA ILE N 41 44.19 34.62 -21.12
C ILE N 41 43.84 35.60 -20.01
N ALA N 42 44.36 36.84 -20.09
CA ALA N 42 44.07 37.83 -19.05
C ALA N 42 42.57 38.10 -18.95
N LYS N 43 41.84 38.03 -20.06
CA LYS N 43 40.40 38.19 -20.02
C LYS N 43 39.75 37.11 -19.15
N LEU N 44 40.16 35.86 -19.37
CA LEU N 44 39.65 34.76 -18.56
C LEU N 44 40.01 34.93 -17.10
N PHE N 45 41.25 35.33 -16.82
CA PHE N 45 41.67 35.52 -15.44
C PHE N 45 40.86 36.60 -14.75
N ARG N 46 40.62 37.72 -15.43
CA ARG N 46 39.85 38.81 -14.84
C ARG N 46 38.39 38.41 -14.63
N ALA N 47 37.79 37.72 -15.60
CA ALA N 47 36.40 37.29 -15.43
C ALA N 47 36.25 36.32 -14.27
N ILE N 48 37.14 35.34 -14.17
CA ILE N 48 37.08 34.40 -13.06
C ILE N 48 37.38 35.11 -11.74
N ALA N 49 38.25 36.12 -11.78
CA ALA N 49 38.52 36.91 -10.59
C ALA N 49 37.27 37.65 -10.12
N TYR N 50 36.50 38.20 -11.05
CA TYR N 50 35.26 38.86 -10.67
C TYR N 50 34.25 37.85 -10.13
N ALA N 51 34.26 36.63 -10.68
CA ALA N 51 33.38 35.58 -10.13
C ALA N 51 33.75 35.26 -8.68
N GLU N 52 35.05 35.13 -8.40
CA GLU N 52 35.49 34.90 -7.03
C GLU N 52 35.12 36.08 -6.13
N PHE N 53 35.21 37.30 -6.66
CA PHE N 53 34.80 38.48 -5.90
C PHE N 53 33.32 38.42 -5.56
N VAL N 54 32.49 37.99 -6.51
CA VAL N 54 31.05 37.86 -6.25
C VAL N 54 30.79 36.84 -5.16
N HIS N 55 31.48 35.70 -5.21
CA HIS N 55 31.32 34.69 -4.16
C HIS N 55 31.73 35.23 -2.79
N ALA N 56 32.87 35.94 -2.75
CA ALA N 56 33.34 36.49 -1.48
C ALA N 56 32.38 37.56 -0.96
N LYS N 57 31.80 38.36 -1.85
CA LYS N 57 30.82 39.35 -1.43
C LYS N 57 29.57 38.69 -0.87
N ASN N 58 29.13 37.59 -1.49
CA ASN N 58 28.00 36.85 -0.94
C ASN N 58 28.31 36.33 0.46
N HIS N 59 29.50 35.76 0.65
CA HIS N 59 29.88 35.28 1.97
C HIS N 59 29.94 36.42 2.98
N PHE N 60 30.51 37.55 2.58
CA PHE N 60 30.63 38.71 3.47
C PHE N 60 29.25 39.23 3.88
N ILE N 61 28.31 39.28 2.92
CA ILE N 61 26.96 39.74 3.24
C ILE N 61 26.26 38.75 4.15
N ALA N 62 26.53 37.44 3.98
CA ALA N 62 25.90 36.44 4.83
C ALA N 62 26.26 36.66 6.29
N LEU N 63 27.52 36.99 6.58
CA LEU N 63 27.96 37.21 7.95
C LEU N 63 27.41 38.50 8.56
N GLY N 64 26.79 39.37 7.76
CA GLY N 64 26.24 40.60 8.31
C GLY N 64 27.26 41.60 8.75
N LYS N 65 28.47 41.58 8.18
CA LYS N 65 29.51 42.53 8.55
C LYS N 65 29.32 43.90 7.90
N LEU N 66 28.40 44.03 6.95
CA LEU N 66 28.21 45.28 6.23
C LEU N 66 27.11 46.11 6.89
N GLY N 67 27.18 47.41 6.66
CA GLY N 67 26.20 48.34 7.20
C GLY N 67 26.30 49.66 6.49
N LYS N 68 26.00 50.74 7.22
CA LYS N 68 26.11 52.08 6.65
C LYS N 68 27.58 52.47 6.49
N THR N 69 27.82 53.40 5.58
CA THR N 69 29.19 53.84 5.30
C THR N 69 29.88 54.46 6.51
N PRO N 70 29.25 55.35 7.31
CA PRO N 70 29.95 55.87 8.50
C PRO N 70 30.47 54.78 9.42
N GLU N 71 29.68 53.71 9.62
CA GLU N 71 30.14 52.59 10.41
C GLU N 71 31.15 51.73 9.66
N ASN N 72 31.06 51.68 8.33
CA ASN N 72 32.03 50.94 7.54
C ASN N 72 33.41 51.58 7.64
N LEU N 73 33.48 52.89 7.85
CA LEU N 73 34.76 53.56 8.00
C LEU N 73 35.54 53.04 9.21
N GLN N 74 34.85 52.77 10.32
CA GLN N 74 35.52 52.39 11.56
C GLN N 74 36.27 51.08 11.42
N MET N 75 35.67 50.09 10.76
CA MET N 75 36.33 48.79 10.62
C MET N 75 37.61 48.92 9.80
N GLY N 76 37.57 49.68 8.72
CA GLY N 76 38.78 49.93 7.95
C GLY N 76 39.82 50.68 8.76
N ILE N 77 39.38 51.64 9.58
CA ILE N 77 40.32 52.36 10.44
C ILE N 77 41.03 51.41 11.38
N GLU N 78 40.26 50.52 12.02
CA GLU N 78 40.85 49.56 12.95
C GLU N 78 41.81 48.61 12.24
N GLY N 79 41.41 48.13 11.05
CA GLY N 79 42.30 47.25 10.31
C GLY N 79 43.60 47.92 9.93
N GLU N 80 43.53 49.16 9.44
CA GLU N 80 44.75 49.86 9.05
C GLU N 80 45.65 50.12 10.25
N THR N 81 45.08 50.57 11.37
CA THR N 81 45.91 50.89 12.52
C THR N 81 46.53 49.63 13.12
N PHE N 82 45.79 48.52 13.10
CA PHE N 82 46.36 47.25 13.55
C PHE N 82 47.49 46.81 12.63
N GLU N 83 47.32 46.99 11.32
CA GLU N 83 48.35 46.54 10.38
C GLU N 83 49.62 47.38 10.49
N VAL N 84 49.49 48.68 10.77
CA VAL N 84 50.69 49.50 10.84
C VAL N 84 51.37 49.42 12.21
N GLU N 85 50.58 49.44 13.29
CA GLU N 85 51.15 49.58 14.63
C GLU N 85 51.96 48.36 15.06
N GLU N 86 51.40 47.17 14.90
CA GLU N 86 51.94 45.98 15.55
C GLU N 86 52.51 44.94 14.61
N MET N 87 51.71 44.43 13.67
CA MET N 87 52.08 43.21 12.95
C MET N 87 53.34 43.40 12.13
N TYR N 88 53.38 44.45 11.31
CA TYR N 88 54.52 44.62 10.40
C TYR N 88 55.84 44.88 11.11
N PRO N 89 55.93 45.69 12.17
CA PRO N 89 57.22 45.79 12.88
C PRO N 89 57.74 44.45 13.39
N VAL N 90 56.86 43.60 13.93
CA VAL N 90 57.31 42.30 14.42
C VAL N 90 57.76 41.42 13.27
N TYR N 91 57.01 41.44 12.15
CA TYR N 91 57.41 40.64 10.99
C TYR N 91 58.76 41.10 10.46
N ASN N 92 58.98 42.41 10.40
CA ASN N 92 60.26 42.95 9.94
C ASN N 92 61.39 42.55 10.89
N LYS N 93 61.15 42.62 12.20
CA LYS N 93 62.19 42.24 13.15
C LYS N 93 62.52 40.75 13.02
N ALA N 94 61.50 39.91 12.85
CA ALA N 94 61.76 38.48 12.66
C ALA N 94 62.54 38.23 11.38
N ALA N 95 62.17 38.91 10.29
CA ALA N 95 62.89 38.75 9.03
C ALA N 95 64.34 39.19 9.16
N GLU N 96 64.58 40.27 9.90
CA GLU N 96 65.96 40.69 10.16
C GLU N 96 66.71 39.64 10.97
N PHE N 97 66.07 39.11 12.02
CA PHE N 97 66.78 38.17 12.91
C PHE N 97 66.97 36.82 12.20
N GLN N 98 65.94 36.38 11.47
CA GLN N 98 66.04 35.11 10.71
C GLN N 98 67.26 35.20 9.78
N GLY N 99 67.35 36.27 9.00
CA GLY N 99 68.47 36.43 8.04
C GLY N 99 67.95 36.68 6.64
N GLU N 100 66.83 36.05 6.28
CA GLU N 100 66.25 36.20 4.92
C GLU N 100 66.12 37.70 4.58
N LYS N 101 66.95 38.21 3.66
CA LYS N 101 66.95 39.66 3.33
C LYS N 101 65.72 40.03 2.47
N GLU N 102 65.26 39.11 1.61
CA GLU N 102 64.13 39.42 0.70
C GLU N 102 62.96 40.03 1.49
N ALA N 103 62.55 39.38 2.58
CA ALA N 103 61.36 39.83 3.33
C ALA N 103 61.68 41.08 4.15
N VAL N 104 62.96 41.41 4.38
CA VAL N 104 63.25 42.69 5.11
C VAL N 104 62.92 43.85 4.15
N ARG N 105 63.12 43.65 2.85
CA ARG N 105 62.82 44.68 1.86
C ARG N 105 61.31 44.87 1.70
N THR N 106 60.58 43.76 1.57
CA THR N 106 59.13 43.85 1.40
C THR N 106 58.47 44.45 2.63
N THR N 107 58.90 44.05 3.83
CA THR N 107 58.32 44.62 5.04
C THR N 107 58.62 46.11 5.14
N HIS N 108 59.85 46.51 4.85
CA HIS N 108 60.22 47.93 4.91
C HIS N 108 59.39 48.74 3.93
N TYR N 109 59.12 48.19 2.75
CA TYR N 109 58.16 48.81 1.85
C TYR N 109 56.78 48.90 2.49
N ALA N 110 56.39 47.85 3.21
CA ALA N 110 55.02 47.76 3.72
C ALA N 110 54.74 48.79 4.81
N LEU N 111 55.59 48.87 5.83
CA LEU N 111 55.21 49.73 6.97
C LEU N 111 55.45 51.20 6.70
N GLU N 112 56.15 51.56 5.63
CA GLU N 112 56.44 52.96 5.33
C GLU N 112 55.35 53.62 4.50
N ALA N 113 54.29 52.89 4.14
CA ALA N 113 53.24 53.44 3.30
C ALA N 113 51.83 53.29 3.86
N GLU N 114 51.61 52.41 4.82
CA GLU N 114 50.26 52.19 5.35
C GLU N 114 49.87 53.22 6.42
N LYS N 115 50.77 54.14 6.78
CA LYS N 115 50.45 55.10 7.82
C LYS N 115 49.37 56.08 7.37
N ILE N 116 49.43 56.54 6.12
CA ILE N 116 48.51 57.56 5.64
C ILE N 116 47.08 57.03 5.53
N HIS N 117 46.90 55.71 5.45
CA HIS N 117 45.56 55.16 5.28
C HIS N 117 44.66 55.49 6.46
N ALA N 118 45.19 55.35 7.69
CA ALA N 118 44.38 55.65 8.86
C ALA N 118 43.98 57.11 8.90
N GLU N 119 44.92 58.02 8.60
CA GLU N 119 44.60 59.44 8.60
C GLU N 119 43.55 59.77 7.55
N LEU N 120 43.70 59.22 6.35
CA LEU N 120 42.72 59.48 5.29
C LEU N 120 41.35 58.93 5.67
N TYR N 121 41.31 57.73 6.27
CA TYR N 121 40.04 57.14 6.66
C TYR N 121 39.36 57.97 7.74
N ARG N 122 40.13 58.44 8.72
CA ARG N 122 39.56 59.30 9.76
C ARG N 122 39.03 60.60 9.18
N LYS N 123 39.80 61.23 8.28
CA LYS N 123 39.36 62.48 7.67
C LYS N 123 38.08 62.27 6.86
N ALA N 124 38.00 61.15 6.13
CA ALA N 124 36.79 60.85 5.37
C ALA N 124 35.60 60.62 6.30
N LYS N 125 35.80 59.90 7.39
CA LYS N 125 34.71 59.61 8.31
C LYS N 125 34.21 60.88 8.99
N GLU N 126 35.12 61.78 9.36
CA GLU N 126 34.72 63.00 10.04
C GLU N 126 33.82 63.86 9.16
N LYS N 127 34.12 63.95 7.87
CA LYS N 127 33.35 64.75 6.94
C LYS N 127 32.18 63.99 6.33
N ALA N 128 31.99 62.71 6.63
CA ALA N 128 30.88 62.00 5.92
C ALA N 128 29.93 61.32 6.90
N GLU N 129 29.93 61.75 8.16
CA GLU N 129 28.94 61.18 9.12
C GLU N 129 27.63 61.95 8.91
N LYS N 130 27.72 63.27 8.71
CA LYS N 130 26.52 64.13 8.51
C LYS N 130 25.74 63.67 7.27
N GLY N 131 26.29 63.88 6.07
CA GLY N 131 25.63 63.39 4.85
C GLY N 131 26.32 63.89 3.60
N GLU N 132 27.24 64.85 3.74
CA GLU N 132 27.91 65.42 2.58
C GLU N 132 29.14 64.59 2.21
N ASP N 133 29.88 65.07 1.22
CA ASP N 133 31.06 64.39 0.69
C ASP N 133 32.33 65.12 1.10
N ILE N 134 33.46 64.42 0.97
CA ILE N 134 34.78 64.98 1.24
C ILE N 134 35.53 65.11 -0.07
N GLU N 135 36.13 66.28 -0.31
CA GLU N 135 36.80 66.55 -1.57
C GLU N 135 38.16 65.85 -1.60
N ILE N 136 38.34 65.00 -2.62
CA ILE N 136 39.61 64.33 -2.90
C ILE N 136 39.67 64.09 -4.40
N LYS N 137 40.70 64.59 -5.06
CA LYS N 137 40.82 64.52 -6.51
C LYS N 137 42.15 63.93 -6.92
N LYS N 138 42.10 62.98 -7.86
CA LYS N 138 43.28 62.49 -8.59
C LYS N 138 44.32 61.91 -7.64
N VAL N 139 43.93 60.82 -6.98
CA VAL N 139 44.83 60.09 -6.09
C VAL N 139 45.86 59.33 -6.92
N TYR N 140 47.11 59.36 -6.47
CA TYR N 140 48.20 58.67 -7.14
C TYR N 140 48.70 57.53 -6.26
N ILE N 141 49.04 56.41 -6.89
CA ILE N 141 49.56 55.23 -6.22
C ILE N 141 50.86 54.80 -6.89
N CYS N 142 51.85 54.43 -6.08
CA CYS N 142 53.07 53.90 -6.67
C CYS N 142 52.86 52.45 -7.10
N PRO N 143 53.48 52.02 -8.20
CA PRO N 143 53.28 50.63 -8.67
C PRO N 143 54.11 49.59 -7.95
N ILE N 144 55.19 49.98 -7.27
CA ILE N 144 56.12 49.04 -6.65
C ILE N 144 55.89 48.93 -5.14
N CYS N 145 55.85 50.06 -4.46
CA CYS N 145 55.70 50.14 -3.01
C CYS N 145 54.65 51.17 -2.65
N GLY N 146 53.46 51.01 -3.24
CA GLY N 146 52.44 52.04 -3.32
C GLY N 146 52.27 52.96 -2.14
N TYR N 147 52.41 54.26 -2.39
CA TYR N 147 52.32 55.30 -1.38
C TYR N 147 51.14 56.19 -1.73
N THR N 148 50.24 56.40 -0.77
CA THR N 148 48.99 57.10 -1.01
C THR N 148 49.26 58.59 -1.16
N ALA N 149 49.41 59.03 -2.40
CA ALA N 149 49.58 60.44 -2.72
C ALA N 149 48.22 61.03 -3.11
N VAL N 150 47.81 62.07 -2.40
CA VAL N 150 46.50 62.69 -2.58
C VAL N 150 46.68 64.03 -3.28
N ASP N 151 45.84 64.24 -4.30
CA ASP N 151 45.89 65.50 -5.11
C ASP N 151 47.28 65.59 -5.76
N GLU N 152 48.10 66.55 -5.31
CA GLU N 152 49.48 66.68 -5.85
C GLU N 152 50.29 65.43 -5.47
N ALA N 153 51.26 65.04 -6.30
CA ALA N 153 52.14 63.92 -5.92
C ALA N 153 53.59 64.36 -6.08
N PRO N 154 54.52 63.93 -5.20
CA PRO N 154 55.94 64.28 -5.35
C PRO N 154 56.47 63.86 -6.71
N GLU N 155 57.49 64.59 -7.17
CA GLU N 155 58.10 64.29 -8.46
C GLU N 155 58.76 62.91 -8.46
N TYR N 156 59.17 62.41 -7.30
CA TYR N 156 59.70 61.07 -7.16
C TYR N 156 59.10 60.42 -5.91
N CYS N 157 59.03 59.09 -5.93
CA CYS N 157 58.50 58.36 -4.79
C CYS N 157 59.45 58.48 -3.61
N PRO N 158 58.99 58.92 -2.45
CA PRO N 158 59.90 59.08 -1.30
C PRO N 158 60.48 57.77 -0.80
N VAL N 159 59.86 56.64 -1.10
CA VAL N 159 60.31 55.35 -0.56
C VAL N 159 61.35 54.69 -1.46
N CYS N 160 61.04 54.54 -2.75
CA CYS N 160 61.92 53.84 -3.67
C CYS N 160 62.52 54.74 -4.75
N GLY N 161 62.13 56.01 -4.79
CA GLY N 161 62.65 56.90 -5.82
C GLY N 161 62.19 56.56 -7.23
N ALA N 162 60.94 56.14 -7.39
CA ALA N 162 60.43 55.81 -8.71
C ALA N 162 60.15 57.09 -9.50
N PRO N 163 60.32 57.05 -10.82
CA PRO N 163 60.00 58.22 -11.65
C PRO N 163 58.50 58.50 -11.65
N LYS N 164 58.16 59.77 -11.90
CA LYS N 164 56.78 60.22 -11.79
C LYS N 164 55.86 59.53 -12.79
N GLU N 165 56.31 59.35 -14.03
CA GLU N 165 55.42 58.85 -15.07
C GLU N 165 54.95 57.42 -14.82
N LYS N 166 55.63 56.67 -13.95
CA LYS N 166 55.19 55.30 -13.65
C LYS N 166 53.93 55.27 -12.80
N PHE N 167 53.59 56.37 -12.13
CA PHE N 167 52.47 56.37 -11.20
C PHE N 167 51.16 56.05 -11.93
N VAL N 168 50.29 55.30 -11.26
CA VAL N 168 48.96 54.99 -11.79
C VAL N 168 47.98 56.02 -11.25
N VAL N 169 47.30 56.71 -12.17
CA VAL N 169 46.39 57.79 -11.83
C VAL N 169 45.01 57.20 -11.56
N PHE N 170 44.29 57.80 -10.61
CA PHE N 170 42.94 57.39 -10.25
C PHE N 170 42.02 58.59 -10.42
N GLU N 171 41.43 58.73 -11.59
CA GLU N 171 40.52 59.83 -11.87
C GLU N 171 39.07 59.38 -11.85
N MET O 1 40.47 2.06 8.38
CA MET O 1 41.63 2.46 7.60
C MET O 1 41.96 3.93 7.81
N VAL O 2 43.14 4.34 7.35
CA VAL O 2 43.55 5.73 7.48
C VAL O 2 42.61 6.62 6.67
N VAL O 3 42.24 7.76 7.24
CA VAL O 3 41.37 8.70 6.54
C VAL O 3 42.13 9.31 5.38
N LYS O 4 41.51 9.31 4.19
CA LYS O 4 42.13 9.84 2.99
C LYS O 4 41.56 11.16 2.53
N ARG O 5 40.28 11.43 2.80
CA ARG O 5 39.68 12.69 2.40
C ARG O 5 40.29 13.84 3.18
N THR O 6 40.47 14.98 2.50
CA THR O 6 41.17 16.11 3.11
C THR O 6 40.33 16.79 4.17
N MET O 7 39.04 17.00 3.91
CA MET O 7 38.19 17.72 4.85
C MET O 7 38.05 16.97 6.16
N THR O 8 37.83 15.65 6.10
CA THR O 8 37.73 14.85 7.31
C THR O 8 39.05 14.81 8.05
N LYS O 9 40.18 14.77 7.32
CA LYS O 9 41.48 14.82 7.96
C LYS O 9 41.67 16.13 8.72
N LYS O 10 41.30 17.25 8.11
CA LYS O 10 41.39 18.54 8.78
C LYS O 10 40.51 18.57 10.03
N PHE O 11 39.27 18.06 9.91
CA PHE O 11 38.36 18.06 11.04
C PHE O 11 38.91 17.22 12.20
N LEU O 12 39.46 16.04 11.89
CA LEU O 12 39.98 15.18 12.94
C LEU O 12 41.24 15.77 13.56
N GLU O 13 42.07 16.44 12.77
CA GLU O 13 43.24 17.11 13.33
C GLU O 13 42.83 18.23 14.28
N GLU O 14 41.83 19.02 13.90
CA GLU O 14 41.34 20.08 14.78
C GLU O 14 40.76 19.49 16.06
N ALA O 15 40.00 18.40 15.95
CA ALA O 15 39.43 17.75 17.13
C ALA O 15 40.53 17.23 18.05
N PHE O 16 41.57 16.63 17.48
CA PHE O 16 42.68 16.15 18.29
C PHE O 16 43.37 17.30 19.02
N ALA O 17 43.59 18.41 18.33
CA ALA O 17 44.22 19.57 18.97
C ALA O 17 43.35 20.08 20.11
N GLY O 18 42.04 20.18 19.89
CA GLY O 18 41.15 20.64 20.95
C GLY O 18 41.14 19.72 22.15
N GLU O 19 41.09 18.41 21.92
CA GLU O 19 41.09 17.46 23.03
C GLU O 19 42.40 17.53 23.80
N SER O 20 43.53 17.65 23.11
CA SER O 20 44.81 17.73 23.78
C SER O 20 44.90 18.99 24.65
N MET O 21 44.47 20.13 24.11
CA MET O 21 44.49 21.36 24.90
C MET O 21 43.54 21.27 26.09
N ALA O 22 42.38 20.65 25.90
CA ALA O 22 41.44 20.49 27.02
C ALA O 22 42.02 19.61 28.12
N HIS O 23 42.67 18.51 27.74
CA HIS O 23 43.29 17.65 28.74
C HIS O 23 44.39 18.39 29.49
N MET O 24 45.22 19.14 28.78
CA MET O 24 46.27 19.91 29.44
C MET O 24 45.67 20.95 30.39
N ARG O 25 44.59 21.61 29.97
CA ARG O 25 43.94 22.60 30.82
C ARG O 25 43.38 21.97 32.09
N TYR O 26 42.77 20.79 31.98
CA TYR O 26 42.25 20.12 33.16
C TYR O 26 43.39 19.67 34.09
N LEU O 27 44.50 19.20 33.52
CA LEU O 27 45.66 18.87 34.35
C LEU O 27 46.19 20.10 35.07
N ILE O 28 46.16 21.26 34.41
CA ILE O 28 46.58 22.50 35.06
C ILE O 28 45.63 22.83 36.21
N PHE O 29 44.32 22.73 35.97
CA PHE O 29 43.35 23.06 37.01
C PHE O 29 43.45 22.12 38.20
N ALA O 30 43.93 20.90 37.99
CA ALA O 30 43.95 19.93 39.10
C ALA O 30 44.85 20.44 40.23
N GLU O 31 46.10 20.77 39.92
CA GLU O 31 47.04 21.18 41.00
C GLU O 31 46.46 22.36 41.77
N LYS O 32 46.02 23.42 41.09
CA LYS O 32 45.36 24.53 41.80
C LYS O 32 44.28 23.94 42.72
N ALA O 33 43.42 23.07 42.19
CA ALA O 33 42.37 22.53 43.05
C ALA O 33 42.96 21.82 44.26
N GLU O 34 43.98 20.99 44.06
CA GLU O 34 44.57 20.24 45.16
C GLU O 34 45.27 21.18 46.15
N GLN O 35 46.00 22.17 45.64
CA GLN O 35 46.71 23.09 46.54
C GLN O 35 45.74 23.90 47.40
N GLU O 36 44.56 24.15 46.86
CA GLU O 36 43.54 24.90 47.63
C GLU O 36 42.92 23.99 48.69
N GLY O 37 41.79 24.41 49.26
CA GLY O 37 41.14 23.67 50.32
C GLY O 37 40.19 22.60 49.85
N PHE O 38 40.27 22.24 48.56
CA PHE O 38 39.39 21.24 47.96
C PHE O 38 40.24 20.09 47.43
N PRO O 39 40.52 19.08 48.25
CA PRO O 39 41.33 17.94 47.81
C PRO O 39 40.53 16.81 47.16
N ASN O 40 39.24 17.02 46.86
CA ASN O 40 38.42 16.00 46.24
C ASN O 40 38.09 16.29 44.78
N ILE O 41 38.06 17.58 44.39
CA ILE O 41 37.79 17.94 43.00
C ILE O 41 38.93 17.51 42.08
N ALA O 42 40.14 17.37 42.62
CA ALA O 42 41.26 16.91 41.82
C ALA O 42 41.01 15.52 41.23
N LYS O 43 40.27 14.67 41.95
CA LYS O 43 39.91 13.37 41.43
C LYS O 43 39.09 13.50 40.15
N LEU O 44 38.07 14.37 40.19
CA LEU O 44 37.27 14.62 39.00
C LEU O 44 38.11 15.17 37.87
N PHE O 45 38.99 16.13 38.18
CA PHE O 45 39.83 16.71 37.14
C PHE O 45 40.71 15.67 36.48
N ARG O 46 41.35 14.80 37.27
CA ARG O 46 42.23 13.80 36.71
C ARG O 46 41.46 12.75 35.91
N ALA O 47 40.28 12.33 36.40
CA ALA O 47 39.49 11.35 35.67
C ALA O 47 39.03 11.90 34.32
N ILE O 48 38.55 13.15 34.31
CA ILE O 48 38.12 13.74 33.05
C ILE O 48 39.31 13.98 32.13
N ALA O 49 40.47 14.31 32.68
CA ALA O 49 41.67 14.44 31.86
C ALA O 49 42.03 13.12 31.20
N TYR O 50 41.91 12.02 31.93
CA TYR O 50 42.19 10.72 31.31
C TYR O 50 41.15 10.37 30.26
N ALA O 51 39.89 10.74 30.49
CA ALA O 51 38.86 10.51 29.48
C ALA O 51 39.16 11.26 28.19
N GLU O 52 39.56 12.52 28.30
CA GLU O 52 39.89 13.27 27.10
C GLU O 52 41.20 12.80 26.49
N PHE O 53 42.10 12.24 27.30
CA PHE O 53 43.29 11.58 26.74
C PHE O 53 42.88 10.38 25.90
N VAL O 54 41.90 9.60 26.37
CA VAL O 54 41.40 8.48 25.57
C VAL O 54 40.81 8.98 24.26
N HIS O 55 40.03 10.07 24.32
CA HIS O 55 39.47 10.63 23.09
C HIS O 55 40.57 11.08 22.13
N ALA O 56 41.59 11.76 22.65
CA ALA O 56 42.70 12.21 21.80
C ALA O 56 43.46 11.04 21.21
N LYS O 57 43.63 9.96 21.99
CA LYS O 57 44.29 8.77 21.47
C LYS O 57 43.47 8.13 20.35
N ASN O 58 42.15 8.10 20.50
CA ASN O 58 41.31 7.58 19.44
C ASN O 58 41.46 8.41 18.17
N HIS O 59 41.45 9.74 18.31
CA HIS O 59 41.64 10.60 17.14
C HIS O 59 43.01 10.38 16.51
N PHE O 60 44.05 10.26 17.33
CA PHE O 60 45.41 10.04 16.83
C PHE O 60 45.50 8.73 16.07
N ILE O 61 44.88 7.67 16.59
CA ILE O 61 44.88 6.39 15.90
C ILE O 61 44.10 6.46 14.60
N ALA O 62 43.02 7.25 14.57
CA ALA O 62 42.23 7.40 13.36
C ALA O 62 43.07 7.97 12.22
N LEU O 63 43.91 8.97 12.51
CA LEU O 63 44.76 9.57 11.49
C LEU O 63 45.90 8.64 11.05
N GLY O 64 46.12 7.54 11.76
CA GLY O 64 47.19 6.63 11.38
C GLY O 64 48.59 7.17 11.54
N LYS O 65 48.82 7.99 12.56
CA LYS O 65 50.16 8.54 12.81
C LYS O 65 51.04 7.62 13.66
N LEU O 66 50.49 6.54 14.20
CA LEU O 66 51.24 5.66 15.09
C LEU O 66 51.82 4.48 14.33
N GLY O 67 53.00 4.06 14.74
CA GLY O 67 53.68 2.92 14.14
C GLY O 67 54.63 2.30 15.14
N LYS O 68 55.64 1.61 14.62
CA LYS O 68 56.63 1.00 15.49
C LYS O 68 57.47 2.06 16.19
N THR O 69 58.12 1.66 17.27
CA THR O 69 58.85 2.60 18.13
C THR O 69 59.88 3.46 17.41
N PRO O 70 60.72 2.95 16.49
CA PRO O 70 61.67 3.85 15.82
C PRO O 70 61.00 4.99 15.07
N GLU O 71 59.84 4.76 14.45
CA GLU O 71 59.16 5.83 13.74
C GLU O 71 58.71 6.92 14.70
N ASN O 72 58.15 6.54 15.85
CA ASN O 72 57.76 7.52 16.86
C ASN O 72 58.98 8.27 17.39
N LEU O 73 60.09 7.56 17.55
CA LEU O 73 61.33 8.22 17.99
C LEU O 73 61.77 9.27 16.98
N GLN O 74 61.72 8.94 15.69
CA GLN O 74 62.10 9.89 14.65
C GLN O 74 61.16 11.10 14.64
N MET O 75 59.86 10.85 14.78
CA MET O 75 58.88 11.94 14.80
C MET O 75 59.13 12.86 15.98
N GLY O 76 59.39 12.29 17.17
CA GLY O 76 59.71 13.11 18.32
C GLY O 76 61.00 13.90 18.13
N ILE O 77 61.98 13.28 17.47
CA ILE O 77 63.23 13.98 17.17
C ILE O 77 62.96 15.20 16.32
N GLU O 78 62.18 15.02 15.25
CA GLU O 78 61.86 16.13 14.36
C GLU O 78 61.11 17.23 15.09
N GLY O 79 60.11 16.85 15.88
CA GLY O 79 59.34 17.84 16.62
C GLY O 79 60.20 18.63 17.60
N GLU O 80 61.05 17.94 18.36
CA GLU O 80 61.89 18.61 19.35
C GLU O 80 62.90 19.53 18.68
N THR O 81 63.54 19.07 17.59
CA THR O 81 64.53 19.92 16.94
C THR O 81 63.88 21.14 16.31
N PHE O 82 62.67 20.98 15.75
CA PHE O 82 61.94 22.14 15.24
C PHE O 82 61.60 23.10 16.36
N GLU O 83 61.19 22.58 17.53
CA GLU O 83 60.81 23.45 18.63
C GLU O 83 62.01 24.22 19.19
N VAL O 84 63.19 23.60 19.25
CA VAL O 84 64.33 24.30 19.85
C VAL O 84 64.97 25.25 18.86
N GLU O 85 65.15 24.81 17.60
CA GLU O 85 65.96 25.58 16.66
C GLU O 85 65.28 26.87 16.22
N GLU O 86 63.98 26.83 15.93
CA GLU O 86 63.34 27.90 15.17
C GLU O 86 62.34 28.71 15.98
N MET O 87 61.31 28.07 16.54
CA MET O 87 60.16 28.81 17.06
C MET O 87 60.52 29.65 18.28
N TYR O 88 61.19 29.03 19.26
CA TYR O 88 61.44 29.72 20.52
C TYR O 88 62.38 30.92 20.41
N PRO O 89 63.49 30.86 19.66
CA PRO O 89 64.30 32.09 19.51
C PRO O 89 63.53 33.26 18.95
N VAL O 90 62.68 33.02 17.94
CA VAL O 90 61.90 34.11 17.35
C VAL O 90 60.86 34.62 18.34
N TYR O 91 60.22 33.70 19.08
CA TYR O 91 59.25 34.15 20.08
C TYR O 91 59.92 34.98 21.17
N ASN O 92 61.11 34.57 21.60
CA ASN O 92 61.85 35.33 22.60
C ASN O 92 62.24 36.70 22.07
N LYS O 93 62.70 36.78 20.82
CA LYS O 93 63.05 38.06 20.24
C LYS O 93 61.84 38.98 20.13
N ALA O 94 60.70 38.43 19.72
CA ALA O 94 59.48 39.24 19.65
C ALA O 94 59.07 39.73 21.03
N ALA O 95 59.13 38.86 22.03
CA ALA O 95 58.75 39.25 23.38
C ALA O 95 59.67 40.34 23.93
N GLU O 96 60.98 40.23 23.63
CA GLU O 96 61.90 41.29 24.01
C GLU O 96 61.57 42.60 23.29
N PHE O 97 61.18 42.50 22.01
CA PHE O 97 60.84 43.71 21.25
C PHE O 97 59.63 44.41 21.84
N GLN O 98 58.57 43.66 22.16
CA GLN O 98 57.40 44.29 22.76
C GLN O 98 57.67 44.84 24.15
N GLY O 99 58.44 44.12 24.96
CA GLY O 99 58.70 44.57 26.32
C GLY O 99 57.74 44.00 27.34
N GLU O 100 57.62 42.67 27.38
CA GLU O 100 56.82 41.97 28.38
C GLU O 100 57.75 41.04 29.15
N LYS O 101 57.93 41.31 30.45
CA LYS O 101 58.90 40.55 31.24
C LYS O 101 58.53 39.07 31.32
N GLU O 102 57.26 38.77 31.54
CA GLU O 102 56.86 37.38 31.77
C GLU O 102 57.10 36.51 30.54
N ALA O 103 56.77 37.02 29.36
CA ALA O 103 56.99 36.24 28.14
C ALA O 103 58.47 35.98 27.90
N VAL O 104 59.31 37.00 28.14
CA VAL O 104 60.74 36.83 27.97
C VAL O 104 61.28 35.80 28.95
N ARG O 105 60.84 35.87 30.21
CA ARG O 105 61.30 34.91 31.21
C ARG O 105 60.88 33.49 30.85
N THR O 106 59.61 33.31 30.43
CA THR O 106 59.14 31.98 30.09
C THR O 106 59.87 31.42 28.87
N THR O 107 60.09 32.25 27.86
CA THR O 107 60.82 31.79 26.68
C THR O 107 62.26 31.44 27.03
N HIS O 108 62.90 32.25 27.89
CA HIS O 108 64.27 31.95 28.31
C HIS O 108 64.33 30.64 29.06
N TYR O 109 63.34 30.37 29.91
CA TYR O 109 63.26 29.06 30.56
C TYR O 109 63.09 27.95 29.53
N ALA O 110 62.29 28.18 28.50
CA ALA O 110 61.95 27.12 27.56
C ALA O 110 63.12 26.75 26.66
N LEU O 111 63.82 27.75 26.10
CA LEU O 111 64.79 27.43 25.07
C LEU O 111 66.05 26.76 25.62
N GLU O 112 66.38 26.98 26.89
CA GLU O 112 67.61 26.45 27.46
C GLU O 112 67.45 25.03 28.00
N ALA O 113 66.25 24.46 27.95
CA ALA O 113 66.01 23.13 28.49
C ALA O 113 65.54 22.12 27.45
N GLU O 114 65.03 22.57 26.31
CA GLU O 114 64.49 21.66 25.29
C GLU O 114 65.56 21.02 24.44
N LYS O 115 66.83 21.37 24.64
CA LYS O 115 67.89 20.88 23.74
C LYS O 115 68.23 19.42 24.01
N ILE O 116 68.21 19.00 25.27
CA ILE O 116 68.67 17.65 25.62
C ILE O 116 67.74 16.59 25.05
N HIS O 117 66.48 16.96 24.76
CA HIS O 117 65.51 15.98 24.29
C HIS O 117 65.93 15.38 22.95
N ALA O 118 66.43 16.21 22.04
CA ALA O 118 66.84 15.71 20.73
C ALA O 118 67.95 14.68 20.86
N GLU O 119 68.97 14.96 21.67
CA GLU O 119 70.05 14.02 21.87
C GLU O 119 69.57 12.75 22.55
N LEU O 120 68.70 12.88 23.55
CA LEU O 120 68.20 11.70 24.25
C LEU O 120 67.42 10.79 23.31
N TYR O 121 66.54 11.38 22.50
CA TYR O 121 65.76 10.58 21.57
C TYR O 121 66.62 9.99 20.46
N ARG O 122 67.66 10.72 20.03
CA ARG O 122 68.57 10.16 19.04
C ARG O 122 69.30 8.95 19.59
N LYS O 123 69.79 9.04 20.83
CA LYS O 123 70.46 7.89 21.44
C LYS O 123 69.49 6.73 21.63
N ALA O 124 68.25 7.02 22.05
CA ALA O 124 67.27 5.97 22.24
C ALA O 124 66.93 5.28 20.92
N LYS O 125 66.80 6.06 19.83
CA LYS O 125 66.55 5.48 18.53
C LYS O 125 67.73 4.63 18.06
N GLU O 126 68.96 5.11 18.28
CA GLU O 126 70.14 4.36 17.85
C GLU O 126 70.24 3.04 18.60
N LYS O 127 69.98 3.05 19.91
CA LYS O 127 70.06 1.81 20.69
C LYS O 127 68.76 1.01 20.66
N ALA O 128 67.72 1.49 19.98
CA ALA O 128 66.43 0.81 19.97
C ALA O 128 66.13 0.11 18.65
N GLU O 129 66.82 0.45 17.57
CA GLU O 129 66.66 -0.29 16.32
C GLU O 129 67.64 -1.46 16.25
N LYS O 130 67.71 -2.21 17.34
CA LYS O 130 68.56 -3.39 17.41
C LYS O 130 67.90 -4.57 18.10
N GLY O 131 66.78 -4.37 18.79
CA GLY O 131 66.12 -5.43 19.54
C GLY O 131 66.11 -5.25 21.05
N GLU O 132 66.94 -4.37 21.60
CA GLU O 132 67.03 -4.14 23.03
C GLU O 132 66.68 -2.70 23.36
N ASP O 133 66.55 -2.43 24.65
CA ASP O 133 66.21 -1.11 25.17
C ASP O 133 67.47 -0.36 25.61
N ILE O 134 67.28 0.91 25.93
CA ILE O 134 68.37 1.77 26.38
C ILE O 134 68.28 1.94 27.89
N GLU O 135 69.39 1.69 28.57
CA GLU O 135 69.43 1.76 30.04
C GLU O 135 69.38 3.20 30.51
N ILE O 136 68.56 3.45 31.54
CA ILE O 136 68.51 4.76 32.21
C ILE O 136 67.87 4.56 33.58
N LYS O 137 68.39 5.25 34.59
CA LYS O 137 67.94 5.10 35.98
C LYS O 137 67.58 6.46 36.56
N LYS O 138 66.38 6.55 37.14
CA LYS O 138 66.01 7.62 38.07
C LYS O 138 66.20 9.01 37.45
N VAL O 139 65.37 9.29 36.46
CA VAL O 139 65.41 10.59 35.80
C VAL O 139 64.92 11.67 36.74
N TYR O 140 65.61 12.81 36.76
CA TYR O 140 65.23 13.96 37.57
C TYR O 140 64.73 15.08 36.68
N ILE O 141 63.76 15.85 37.20
CA ILE O 141 63.13 16.91 36.42
C ILE O 141 62.85 18.11 37.33
N CYS O 142 63.20 19.30 36.88
CA CYS O 142 62.90 20.51 37.65
C CYS O 142 61.39 20.77 37.61
N PRO O 143 60.79 21.24 38.71
CA PRO O 143 59.33 21.41 38.75
C PRO O 143 58.79 22.74 38.26
N ILE O 144 59.64 23.72 37.96
CA ILE O 144 59.20 25.03 37.51
C ILE O 144 59.70 25.36 36.10
N CYS O 145 60.95 25.02 35.80
CA CYS O 145 61.55 25.28 34.50
C CYS O 145 62.24 24.01 34.00
N GLY O 146 61.49 22.91 33.99
CA GLY O 146 62.03 21.56 33.90
C GLY O 146 63.24 21.33 33.02
N TYR O 147 64.29 20.80 33.64
CA TYR O 147 65.54 20.49 32.96
C TYR O 147 65.72 18.98 32.97
N THR O 148 65.92 18.40 31.79
CA THR O 148 65.97 16.94 31.65
C THR O 148 67.31 16.42 32.16
N ALA O 149 67.40 16.30 33.49
CA ALA O 149 68.55 15.66 34.09
C ALA O 149 68.58 14.17 33.74
N VAL O 150 69.77 13.63 33.59
CA VAL O 150 69.96 12.25 33.18
C VAL O 150 70.67 11.51 34.31
N ASP O 151 70.03 10.44 34.80
CA ASP O 151 70.50 9.70 35.97
C ASP O 151 70.70 10.64 37.16
N GLU O 152 71.94 11.00 37.45
CA GLU O 152 72.21 11.96 38.51
C GLU O 152 71.83 13.36 38.06
N ALA O 153 71.65 14.25 39.02
CA ALA O 153 71.29 15.64 38.76
C ALA O 153 72.17 16.56 39.59
N PRO O 154 72.43 17.77 39.10
CA PRO O 154 73.21 18.72 39.90
C PRO O 154 72.48 19.08 41.19
N GLU O 155 73.27 19.42 42.21
CA GLU O 155 72.70 19.75 43.52
C GLU O 155 71.78 20.97 43.43
N TYR O 156 72.00 21.84 42.45
CA TYR O 156 71.11 22.95 42.17
C TYR O 156 70.82 23.00 40.68
N CYS O 157 69.63 23.50 40.34
CA CYS O 157 69.25 23.60 38.93
C CYS O 157 70.08 24.67 38.24
N PRO O 158 70.75 24.34 37.13
CA PRO O 158 71.60 25.34 36.47
C PRO O 158 70.84 26.53 35.92
N VAL O 159 69.55 26.40 35.66
CA VAL O 159 68.78 27.48 35.03
C VAL O 159 68.23 28.45 36.07
N CYS O 160 67.60 27.95 37.13
CA CYS O 160 66.95 28.79 38.12
C CYS O 160 67.55 28.68 39.52
N GLY O 161 68.39 27.68 39.79
CA GLY O 161 68.94 27.52 41.12
C GLY O 161 68.00 26.90 42.13
N ALA O 162 67.09 26.03 41.68
CA ALA O 162 66.19 25.36 42.60
C ALA O 162 66.95 24.36 43.46
N PRO O 163 66.53 24.16 44.71
CA PRO O 163 67.21 23.17 45.57
C PRO O 163 66.94 21.74 45.14
N LYS O 164 67.53 20.79 45.86
CA LYS O 164 67.45 19.38 45.44
C LYS O 164 66.07 18.78 45.72
N GLU O 165 65.49 19.08 46.88
CA GLU O 165 64.29 18.38 47.31
C GLU O 165 63.05 18.75 46.50
N LYS O 166 63.11 19.80 45.68
CA LYS O 166 61.97 20.14 44.83
C LYS O 166 61.91 19.30 43.55
N PHE O 167 62.95 18.55 43.25
CA PHE O 167 63.00 17.82 41.98
C PHE O 167 61.95 16.71 41.94
N VAL O 168 61.44 16.45 40.74
CA VAL O 168 60.50 15.37 40.49
C VAL O 168 61.28 14.18 39.97
N VAL O 169 61.03 13.01 40.54
CA VAL O 169 61.82 11.81 40.29
C VAL O 169 60.97 10.81 39.52
N PHE O 170 61.57 10.22 38.47
CA PHE O 170 60.97 9.13 37.71
C PHE O 170 61.89 7.92 37.89
N GLU O 171 61.46 6.97 38.72
CA GLU O 171 62.27 5.80 39.05
C GLU O 171 61.58 4.51 38.61
N MET P 1 52.37 40.66 35.51
CA MET P 1 51.04 41.02 35.03
C MET P 1 50.72 40.28 33.74
N VAL P 2 49.43 40.23 33.38
CA VAL P 2 49.01 39.53 32.18
C VAL P 2 49.53 40.25 30.94
N VAL P 3 49.73 39.49 29.87
CA VAL P 3 50.25 40.05 28.62
C VAL P 3 49.10 40.74 27.90
N LYS P 4 49.30 42.01 27.54
CA LYS P 4 48.28 42.79 26.86
C LYS P 4 48.54 42.97 25.37
N ARG P 5 49.79 42.92 24.93
CA ARG P 5 50.09 43.08 23.51
C ARG P 5 49.56 41.89 22.73
N THR P 6 49.04 42.16 21.52
CA THR P 6 48.37 41.13 20.76
C THR P 6 49.35 40.13 20.15
N MET P 7 50.50 40.61 19.67
CA MET P 7 51.45 39.72 19.02
C MET P 7 52.03 38.71 20.00
N THR P 8 52.45 39.19 21.18
CA THR P 8 52.97 38.29 22.21
C THR P 8 51.89 37.33 22.68
N LYS P 9 50.65 37.81 22.82
CA LYS P 9 49.54 36.95 23.20
C LYS P 9 49.37 35.81 22.20
N LYS P 10 49.34 36.15 20.90
CA LYS P 10 49.18 35.13 19.88
C LYS P 10 50.33 34.14 19.89
N PHE P 11 51.56 34.64 20.01
CA PHE P 11 52.72 33.76 20.01
C PHE P 11 52.69 32.79 21.19
N LEU P 12 52.34 33.29 22.38
CA LEU P 12 52.28 32.43 23.55
C LEU P 12 51.12 31.43 23.46
N GLU P 13 50.00 31.83 22.87
CA GLU P 13 48.90 30.88 22.66
C GLU P 13 49.33 29.75 21.74
N GLU P 14 50.04 30.09 20.65
CA GLU P 14 50.51 29.06 19.74
C GLU P 14 51.52 28.15 20.43
N ALA P 15 52.40 28.71 21.25
CA ALA P 15 53.36 27.90 21.99
C ALA P 15 52.66 26.94 22.95
N PHE P 16 51.63 27.44 23.65
CA PHE P 16 50.86 26.59 24.56
C PHE P 16 50.19 25.45 23.81
N ALA P 17 49.58 25.75 22.66
CA ALA P 17 48.94 24.70 21.87
C ALA P 17 49.96 23.66 21.42
N GLY P 18 51.12 24.11 20.93
CA GLY P 18 52.13 23.17 20.49
C GLY P 18 52.65 22.29 21.61
N GLU P 19 52.85 22.88 22.79
CA GLU P 19 53.30 22.08 23.93
C GLU P 19 52.24 21.05 24.34
N SER P 20 50.95 21.43 24.25
CA SER P 20 49.90 20.46 24.53
C SER P 20 49.94 19.30 23.54
N MET P 21 50.10 19.60 22.25
CA MET P 21 50.21 18.53 21.27
C MET P 21 51.41 17.63 21.56
N ALA P 22 52.54 18.23 21.92
CA ALA P 22 53.72 17.45 22.24
C ALA P 22 53.49 16.53 23.42
N HIS P 23 52.83 17.05 24.47
CA HIS P 23 52.54 16.23 25.64
C HIS P 23 51.64 15.04 25.29
N MET P 24 50.59 15.30 24.50
CA MET P 24 49.71 14.20 24.12
C MET P 24 50.43 13.17 23.26
N ARG P 25 51.23 13.63 22.30
CA ARG P 25 52.00 12.70 21.47
C ARG P 25 52.91 11.85 22.32
N TYR P 26 53.58 12.45 23.30
CA TYR P 26 54.54 11.71 24.11
C TYR P 26 53.84 10.73 25.04
N LEU P 27 52.66 11.10 25.56
CA LEU P 27 51.89 10.15 26.35
C LEU P 27 51.47 8.95 25.52
N ILE P 28 51.00 9.17 24.30
CA ILE P 28 50.62 8.05 23.45
C ILE P 28 51.84 7.21 23.10
N PHE P 29 52.97 7.86 22.85
CA PHE P 29 54.20 7.11 22.54
C PHE P 29 54.63 6.24 23.71
N ALA P 30 54.54 6.77 24.94
CA ALA P 30 54.87 5.97 26.12
C ALA P 30 53.92 4.79 26.26
N GLU P 31 52.61 5.02 26.03
CA GLU P 31 51.65 3.93 26.14
C GLU P 31 51.96 2.83 25.13
N LYS P 32 52.31 3.21 23.90
CA LYS P 32 52.71 2.21 22.91
C LYS P 32 54.00 1.51 23.31
N ALA P 33 54.97 2.25 23.84
CA ALA P 33 56.26 1.67 24.21
C ALA P 33 56.09 0.64 25.32
N GLU P 34 55.13 0.85 26.22
CA GLU P 34 54.86 -0.15 27.25
C GLU P 34 54.38 -1.47 26.65
N GLN P 35 53.84 -1.44 25.44
CA GLN P 35 53.35 -2.65 24.77
C GLN P 35 54.45 -3.37 23.98
N GLU P 36 55.72 -3.12 24.31
CA GLU P 36 56.84 -3.73 23.61
C GLU P 36 57.87 -4.16 24.65
N GLY P 37 59.07 -4.49 24.17
CA GLY P 37 60.11 -5.00 25.02
C GLY P 37 61.06 -3.94 25.55
N PHE P 38 60.64 -2.67 25.51
CA PHE P 38 61.46 -1.55 25.97
C PHE P 38 60.80 -0.93 27.19
N PRO P 39 61.23 -1.29 28.41
CA PRO P 39 60.60 -0.70 29.61
C PRO P 39 61.09 0.70 29.94
N ASN P 40 62.37 1.00 29.72
CA ASN P 40 62.92 2.29 30.11
C ASN P 40 62.54 3.42 29.17
N ILE P 41 62.39 3.13 27.87
CA ILE P 41 62.06 4.19 26.93
C ILE P 41 60.69 4.78 27.22
N ALA P 42 59.76 3.97 27.75
CA ALA P 42 58.48 4.50 28.18
C ALA P 42 58.65 5.46 29.34
N LYS P 43 59.56 5.14 30.27
CA LYS P 43 59.85 6.06 31.38
C LYS P 43 60.43 7.36 30.88
N LEU P 44 61.35 7.29 29.91
CA LEU P 44 61.89 8.51 29.32
C LEU P 44 60.81 9.32 28.61
N PHE P 45 59.92 8.63 27.89
CA PHE P 45 58.80 9.30 27.25
C PHE P 45 57.95 10.05 28.27
N ARG P 46 57.64 9.40 29.39
CA ARG P 46 56.82 10.04 30.42
C ARG P 46 57.55 11.23 31.03
N ALA P 47 58.86 11.11 31.24
CA ALA P 47 59.62 12.22 31.78
C ALA P 47 59.60 13.43 30.84
N ILE P 48 59.82 13.21 29.55
CA ILE P 48 59.78 14.32 28.61
C ILE P 48 58.37 14.88 28.50
N ALA P 49 57.35 14.02 28.65
CA ALA P 49 55.98 14.50 28.68
C ALA P 49 55.74 15.42 29.86
N TYR P 50 56.30 15.08 31.02
CA TYR P 50 56.19 15.97 32.18
C TYR P 50 56.92 17.29 31.94
N ALA P 51 58.06 17.23 31.25
CA ALA P 51 58.76 18.47 30.89
C ALA P 51 57.90 19.35 30.00
N GLU P 52 57.26 18.75 28.99
CA GLU P 52 56.34 19.51 28.15
C GLU P 52 55.19 20.07 28.98
N PHE P 53 54.73 19.29 29.97
CA PHE P 53 53.64 19.77 30.82
C PHE P 53 54.03 21.00 31.61
N VAL P 54 55.23 21.00 32.20
CA VAL P 54 55.63 22.18 32.98
C VAL P 54 55.86 23.37 32.06
N HIS P 55 56.40 23.14 30.86
CA HIS P 55 56.54 24.25 29.92
C HIS P 55 55.18 24.85 29.55
N ALA P 56 54.21 23.98 29.28
CA ALA P 56 52.86 24.47 28.95
C ALA P 56 52.22 25.18 30.14
N LYS P 57 52.50 24.70 31.35
CA LYS P 57 51.98 25.37 32.54
C LYS P 57 52.57 26.77 32.67
N ASN P 58 53.87 26.91 32.39
CA ASN P 58 54.48 28.24 32.42
C ASN P 58 53.86 29.16 31.37
N HIS P 59 53.64 28.64 30.16
CA HIS P 59 53.01 29.44 29.11
C HIS P 59 51.59 29.86 29.51
N PHE P 60 50.84 28.93 30.10
CA PHE P 60 49.47 29.23 30.54
C PHE P 60 49.47 30.27 31.65
N ILE P 61 50.40 30.16 32.59
CA ILE P 61 50.49 31.13 33.69
C ILE P 61 50.84 32.51 33.16
N ALA P 62 51.74 32.58 32.17
CA ALA P 62 52.16 33.87 31.63
C ALA P 62 50.95 34.63 31.06
N LEU P 63 49.98 33.92 30.51
CA LEU P 63 48.78 34.56 29.96
C LEU P 63 47.82 35.03 31.04
N GLY P 64 47.99 34.59 32.28
CA GLY P 64 47.08 34.97 33.34
C GLY P 64 45.67 34.44 33.17
N LYS P 65 45.52 33.24 32.62
CA LYS P 65 44.22 32.60 32.45
C LYS P 65 43.81 31.78 33.66
N LEU P 66 44.70 31.57 34.63
CA LEU P 66 44.40 30.76 35.80
C LEU P 66 43.77 31.63 36.88
N GLY P 67 42.60 31.22 37.36
CA GLY P 67 41.91 31.94 38.42
C GLY P 67 41.51 31.03 39.56
N LYS P 68 40.45 31.43 40.28
CA LYS P 68 39.97 30.62 41.39
C LYS P 68 39.26 29.38 40.87
N THR P 69 38.97 28.46 41.80
CA THR P 69 38.31 27.21 41.42
C THR P 69 36.95 27.41 40.75
N PRO P 70 36.06 28.28 41.23
CA PRO P 70 34.81 28.49 40.46
C PRO P 70 35.03 28.97 39.04
N GLU P 71 36.03 29.84 38.82
CA GLU P 71 36.31 30.31 37.47
C GLU P 71 36.79 29.17 36.58
N ASN P 72 37.67 28.31 37.11
CA ASN P 72 38.14 27.16 36.34
C ASN P 72 36.98 26.21 36.02
N LEU P 73 36.10 26.00 36.99
CA LEU P 73 34.93 25.15 36.76
C LEU P 73 34.03 25.74 35.69
N GLN P 74 33.82 27.06 35.71
CA GLN P 74 33.00 27.70 34.69
C GLN P 74 33.64 27.56 33.31
N MET P 75 34.96 27.74 33.23
CA MET P 75 35.64 27.57 31.95
C MET P 75 35.50 26.14 31.44
N GLY P 76 35.62 25.16 32.34
CA GLY P 76 35.39 23.78 31.95
C GLY P 76 33.97 23.53 31.48
N ILE P 77 32.99 24.16 32.13
CA ILE P 77 31.60 24.02 31.71
C ILE P 77 31.42 24.54 30.30
N GLU P 78 31.97 25.73 30.02
CA GLU P 78 31.87 26.30 28.67
C GLU P 78 32.55 25.41 27.64
N GLY P 79 33.74 24.90 27.98
CA GLY P 79 34.45 24.02 27.06
C GLY P 79 33.68 22.76 26.74
N GLU P 80 33.14 22.10 27.78
CA GLU P 80 32.36 20.88 27.55
C GLU P 80 31.10 21.16 26.76
N THR P 81 30.41 22.27 27.06
CA THR P 81 29.21 22.61 26.32
C THR P 81 29.50 22.84 24.84
N PHE P 82 30.57 23.58 24.54
CA PHE P 82 30.93 23.80 23.14
C PHE P 82 31.35 22.49 22.47
N GLU P 83 32.08 21.64 23.19
CA GLU P 83 32.56 20.39 22.60
C GLU P 83 31.42 19.44 22.28
N VAL P 84 30.39 19.40 23.13
CA VAL P 84 29.32 18.42 22.95
C VAL P 84 28.11 18.99 22.23
N GLU P 85 28.02 20.30 22.03
CA GLU P 85 26.85 20.90 21.42
C GLU P 85 27.03 21.26 19.94
N GLU P 86 28.21 21.75 19.55
CA GLU P 86 28.42 22.24 18.19
C GLU P 86 29.44 21.43 17.41
N MET P 87 30.59 21.12 18.01
CA MET P 87 31.71 20.59 17.23
C MET P 87 31.46 19.15 16.80
N TYR P 88 31.29 18.24 17.75
CA TYR P 88 31.25 16.81 17.43
C TYR P 88 30.09 16.41 16.53
N PRO P 89 28.84 16.89 16.72
CA PRO P 89 27.79 16.51 15.76
C PRO P 89 28.11 16.92 14.33
N VAL P 90 28.68 18.12 14.13
CA VAL P 90 28.99 18.57 12.79
C VAL P 90 30.13 17.75 12.20
N TYR P 91 31.15 17.44 13.00
CA TYR P 91 32.24 16.61 12.50
C TYR P 91 31.75 15.22 12.14
N ASN P 92 30.86 14.64 12.95
CA ASN P 92 30.30 13.33 12.65
C ASN P 92 29.47 13.37 11.37
N LYS P 93 28.66 14.42 11.19
CA LYS P 93 27.86 14.54 9.98
C LYS P 93 28.74 14.65 8.75
N ALA P 94 29.80 15.46 8.83
CA ALA P 94 30.72 15.59 7.70
C ALA P 94 31.42 14.27 7.39
N ALA P 95 31.87 13.57 8.43
CA ALA P 95 32.55 12.29 8.21
C ALA P 95 31.61 11.26 7.59
N GLU P 96 30.35 11.24 8.02
CA GLU P 96 29.39 10.31 7.42
C GLU P 96 29.07 10.70 5.99
N PHE P 97 28.97 12.00 5.70
CA PHE P 97 28.70 12.43 4.33
C PHE P 97 29.85 12.06 3.39
N GLN P 98 31.09 12.23 3.85
CA GLN P 98 32.24 11.86 3.03
C GLN P 98 32.48 10.36 3.00
N GLY P 99 31.88 9.60 3.92
CA GLY P 99 32.04 8.16 3.93
C GLY P 99 33.35 7.69 4.52
N GLU P 100 33.59 7.98 5.79
CA GLU P 100 34.78 7.54 6.50
C GLU P 100 34.34 6.81 7.76
N LYS P 101 34.64 5.51 7.82
CA LYS P 101 34.12 4.67 8.90
C LYS P 101 34.82 4.96 10.22
N GLU P 102 36.15 5.07 10.19
CA GLU P 102 36.89 5.27 11.43
C GLU P 102 36.56 6.60 12.08
N ALA P 103 36.48 7.67 11.28
CA ALA P 103 36.11 8.98 11.83
C ALA P 103 34.71 8.96 12.42
N VAL P 104 33.77 8.30 11.73
CA VAL P 104 32.41 8.20 12.24
C VAL P 104 32.37 7.47 13.58
N ARG P 105 33.10 6.34 13.67
CA ARG P 105 33.11 5.57 14.90
C ARG P 105 33.71 6.36 16.05
N THR P 106 34.87 7.00 15.81
CA THR P 106 35.54 7.76 16.86
C THR P 106 34.69 8.94 17.31
N THR P 107 34.09 9.67 16.35
CA THR P 107 33.23 10.79 16.71
C THR P 107 31.99 10.33 17.43
N HIS P 108 31.46 9.15 17.08
CA HIS P 108 30.31 8.61 17.79
C HIS P 108 30.65 8.35 19.25
N TYR P 109 31.79 7.68 19.50
CA TYR P 109 32.23 7.48 20.87
C TYR P 109 32.37 8.80 21.61
N ALA P 110 33.02 9.78 20.96
CA ALA P 110 33.27 11.06 21.63
C ALA P 110 31.98 11.80 21.94
N LEU P 111 31.02 11.76 21.02
CA LEU P 111 29.77 12.56 21.21
C LEU P 111 28.83 11.83 22.17
N GLU P 112 29.00 10.51 22.32
CA GLU P 112 28.15 9.79 23.26
C GLU P 112 28.75 9.70 24.66
N ALA P 113 30.05 9.96 24.81
CA ALA P 113 30.70 9.85 26.12
C ALA P 113 31.02 11.19 26.78
N GLU P 114 30.68 12.32 26.14
CA GLU P 114 31.09 13.63 26.64
C GLU P 114 29.95 14.41 27.29
N LYS P 115 28.77 13.80 27.46
CA LYS P 115 27.64 14.54 27.99
C LYS P 115 27.71 14.73 29.51
N ILE P 116 28.24 13.74 30.24
CA ILE P 116 28.20 13.79 31.70
C ILE P 116 29.19 14.81 32.29
N HIS P 117 30.24 15.16 31.55
CA HIS P 117 31.27 16.05 32.10
C HIS P 117 30.70 17.43 32.41
N ALA P 118 29.85 17.96 31.54
CA ALA P 118 29.29 19.29 31.76
C ALA P 118 28.46 19.32 33.04
N GLU P 119 27.61 18.31 33.24
CA GLU P 119 26.77 18.29 34.43
C GLU P 119 27.60 18.05 35.68
N LEU P 120 28.65 17.23 35.58
CA LEU P 120 29.53 17.03 36.73
C LEU P 120 30.22 18.34 37.12
N TYR P 121 30.73 19.07 36.13
CA TYR P 121 31.39 20.34 36.42
C TYR P 121 30.39 21.35 36.99
N ARG P 122 29.16 21.36 36.49
CA ARG P 122 28.18 22.31 37.02
C ARG P 122 27.78 21.95 38.44
N LYS P 123 27.69 20.65 38.77
CA LYS P 123 27.42 20.26 40.15
C LYS P 123 28.57 20.69 41.07
N ALA P 124 29.81 20.47 40.61
CA ALA P 124 30.97 20.88 41.40
C ALA P 124 30.99 22.39 41.60
N LYS P 125 30.66 23.15 40.56
CA LYS P 125 30.63 24.61 40.67
C LYS P 125 29.54 25.07 41.61
N GLU P 126 28.37 24.43 41.55
CA GLU P 126 27.28 24.78 42.46
C GLU P 126 27.66 24.50 43.91
N LYS P 127 28.40 23.42 44.14
CA LYS P 127 28.89 23.12 45.49
C LYS P 127 30.17 23.88 45.83
N ALA P 128 30.72 24.65 44.89
CA ALA P 128 32.03 25.25 45.09
C ALA P 128 31.96 26.56 45.89
N GLU P 129 31.03 27.45 45.54
CA GLU P 129 31.00 28.78 46.17
C GLU P 129 30.23 28.75 47.49
N LYS P 130 30.62 27.80 48.35
CA LYS P 130 30.02 27.66 49.67
C LYS P 130 31.04 27.44 50.77
N GLY P 131 32.32 27.25 50.43
CA GLY P 131 33.34 26.98 51.41
C GLY P 131 33.51 25.51 51.75
N GLU P 132 32.70 24.62 51.17
CA GLU P 132 32.76 23.20 51.43
C GLU P 132 33.11 22.44 50.15
N ASP P 133 33.58 21.20 50.27
CA ASP P 133 34.04 20.48 49.04
C ASP P 133 32.92 19.59 48.49
N ILE P 134 33.22 18.80 47.45
CA ILE P 134 32.21 17.87 46.87
C ILE P 134 32.47 16.46 47.44
N GLU P 135 31.50 15.56 47.28
CA GLU P 135 31.64 14.19 47.84
C GLU P 135 31.61 13.16 46.70
N ILE P 136 32.77 12.68 46.27
CA ILE P 136 32.87 11.73 45.17
C ILE P 136 34.05 10.80 45.40
N LYS P 137 33.82 9.49 45.33
CA LYS P 137 34.86 8.48 45.49
C LYS P 137 34.88 7.56 44.28
N LYS P 138 36.09 7.14 43.92
CA LYS P 138 36.32 5.99 43.03
C LYS P 138 35.64 6.20 41.66
N VAL P 139 36.15 7.18 40.93
CA VAL P 139 35.65 7.46 39.59
C VAL P 139 36.15 6.39 38.63
N TYR P 140 35.30 5.99 37.69
CA TYR P 140 35.64 4.98 36.70
C TYR P 140 35.69 5.58 35.31
N ILE P 141 36.68 5.18 34.52
CA ILE P 141 36.89 5.68 33.17
C ILE P 141 37.14 4.50 32.24
N CYS P 142 36.37 4.42 31.16
CA CYS P 142 36.59 3.37 30.17
C CYS P 142 37.91 3.62 29.43
N PRO P 143 38.64 2.57 29.08
CA PRO P 143 39.92 2.74 28.38
C PRO P 143 39.86 2.69 26.87
N ILE P 144 38.66 2.64 26.27
CA ILE P 144 38.51 2.56 24.82
C ILE P 144 37.75 3.76 24.28
N CYS P 145 36.63 4.11 24.91
CA CYS P 145 35.75 5.20 24.50
C CYS P 145 35.38 6.03 25.71
N GLY P 146 36.39 6.50 26.43
CA GLY P 146 36.30 6.82 27.85
C GLY P 146 34.98 7.37 28.34
N TYR P 147 34.40 6.67 29.31
CA TYR P 147 33.02 6.87 29.74
C TYR P 147 33.03 7.06 31.25
N THR P 148 32.66 8.26 31.70
CA THR P 148 32.78 8.62 33.11
C THR P 148 31.69 7.93 33.91
N ALA P 149 32.09 7.10 34.87
CA ALA P 149 31.19 6.44 35.79
C ALA P 149 31.49 6.91 37.20
N VAL P 150 30.46 7.40 37.89
CA VAL P 150 30.60 7.94 39.24
C VAL P 150 30.23 6.86 40.24
N ASP P 151 31.10 6.63 41.23
CA ASP P 151 30.86 5.63 42.27
C ASP P 151 30.67 4.25 41.67
N GLU P 152 29.41 3.86 41.46
CA GLU P 152 29.11 2.57 40.87
C GLU P 152 29.68 2.47 39.47
N ALA P 153 30.07 1.25 39.09
CA ALA P 153 30.60 0.98 37.76
C ALA P 153 29.74 -0.11 37.13
N PRO P 154 29.12 0.15 35.98
CA PRO P 154 28.28 -0.88 35.36
C PRO P 154 29.07 -2.12 34.99
N GLU P 155 28.39 -3.27 35.02
CA GLU P 155 29.04 -4.53 34.69
C GLU P 155 29.56 -4.53 33.26
N TYR P 156 28.86 -3.85 32.35
CA TYR P 156 29.28 -3.74 30.96
C TYR P 156 29.15 -2.29 30.51
N CYS P 157 29.96 -1.92 29.53
CA CYS P 157 29.97 -0.54 29.04
C CYS P 157 28.79 -0.32 28.09
N PRO P 158 27.91 0.64 28.36
CA PRO P 158 26.79 0.89 27.46
C PRO P 158 27.17 1.61 26.17
N VAL P 159 28.48 1.74 25.88
CA VAL P 159 28.93 2.49 24.67
C VAL P 159 29.73 1.53 23.76
N CYS P 160 30.78 0.91 24.28
CA CYS P 160 31.58 -0.02 23.49
C CYS P 160 31.43 -1.47 23.92
N GLY P 161 30.60 -1.76 24.93
CA GLY P 161 30.38 -3.14 25.35
C GLY P 161 31.60 -3.80 25.97
N ALA P 162 32.33 -3.08 26.81
CA ALA P 162 33.51 -3.65 27.44
C ALA P 162 33.18 -4.15 28.86
N PRO P 163 33.86 -5.19 29.31
CA PRO P 163 33.62 -5.68 30.67
C PRO P 163 34.08 -4.68 31.72
N LYS P 164 33.46 -4.77 32.90
CA LYS P 164 33.77 -3.85 33.99
C LYS P 164 35.21 -3.99 34.46
N GLU P 165 35.82 -5.17 34.26
CA GLU P 165 37.18 -5.39 34.74
C GLU P 165 38.20 -4.56 33.97
N LYS P 166 37.83 -4.01 32.81
CA LYS P 166 38.75 -3.19 32.03
C LYS P 166 38.73 -1.72 32.43
N PHE P 167 37.76 -1.29 33.24
CA PHE P 167 37.68 0.10 33.63
C PHE P 167 38.88 0.53 34.46
N VAL P 168 39.26 1.80 34.31
CA VAL P 168 40.38 2.35 35.14
C VAL P 168 39.75 3.10 36.32
N VAL P 169 40.27 2.91 37.53
CA VAL P 169 39.64 3.52 38.72
C VAL P 169 40.52 4.67 39.23
N PHE P 170 39.91 5.83 39.51
CA PHE P 170 40.67 7.01 40.01
C PHE P 170 40.20 7.32 41.41
N GLU P 171 41.09 7.17 42.40
CA GLU P 171 40.68 7.38 43.78
C GLU P 171 41.84 7.92 44.61
FE FE Q . -18.75 23.65 -77.90
FE FE R . -5.83 21.86 -71.93
FE FE S . -5.50 21.96 -69.59
FE FE T . 10.33 49.18 -67.11
FE FE U . -1.99 45.04 -60.38
FE FE V . -0.29 41.75 -58.91
FE FE W . 10.77 28.35 -20.35
FE FE X . 9.55 21.10 -33.59
FE FE Y . 9.73 18.08 -32.90
FE FE Z . -13.74 -1.07 -33.64
FE FE AA . -13.87 14.10 -35.15
FE FE BA . -12.49 14.21 -36.72
FE FE CA . -60.06 -30.82 -40.59
FE FE DA . -48.10 -34.97 -33.28
FE FE EA . -48.58 -34.00 -31.53
FE FE FA . -25.32 -11.95 -32.56
FE FE GA . -38.83 -12.66 -25.25
FE FE HA . -37.75 -15.21 -23.74
FE FE IA . -31.38 -24.73 17.75
FE FE JA . -33.52 -32.64 5.43
FE FE KA . -56.60 -35.44 1.86
FE FE LA . -34.73 -35.18 7.32
FE FE MA . -62.13 -47.64 7.86
FE FE NA . -58.61 -33.85 3.80
FE FE OA . -17.84 -19.26 25.25
FE FE PA . -5.41 -26.38 30.20
FE FE QA . -4.11 -25.53 32.38
FE FE RA . 20.98 -7.95 28.80
FE FE SA . 9.11 -6.97 38.17
FE FE TA . 9.55 -9.14 38.48
FE FE UA . 22.06 -28.28 75.59
FE FE VA . 16.27 -33.84 63.39
FE FE WA . -7.45 -32.25 64.43
FE FE XA . 16.84 -35.06 65.12
FE FE YA . -13.98 -44.72 69.18
FE FE ZA . -8.71 -31.56 67.21
FE FE AB . 23.04 34.18 -11.61
FE FE BB . 38.18 29.06 -7.58
FE FE CB . 36.57 29.05 -6.82
FE FE DB . 47.62 46.35 4.36
FE FE EB . 57.64 53.68 -4.74
FE FE FB . 46.07 49.89 4.06
FE FE GB . 65.03 24.99 37.49
FE FE HB . 58.44 21.63 23.92
FE FE IB . 59.92 16.41 23.30
FE FE JB . 33.38 1.98 26.66
FE FE KB . 35.76 16.32 27.29
FE FE LB . 36.75 16.67 24.66
#